data_7SUD
#
_entry.id   7SUD
#
_cell.length_a   1.00
_cell.length_b   1.00
_cell.length_c   1.00
_cell.angle_alpha   90.00
_cell.angle_beta   90.00
_cell.angle_gamma   90.00
#
_symmetry.space_group_name_H-M   'P 1'
#
loop_
_entity.id
_entity.type
_entity.pdbx_description
1 polymer 'DNA-dependent protein kinase catalytic subunit'
2 polymer 'X-ray repair cross-complementing protein 5'
3 non-polymer 'MAGNESIUM ION'
4 non-polymer "ADENOSINE-5'-TRIPHOSPHATE"
#
loop_
_entity_poly.entity_id
_entity_poly.type
_entity_poly.pdbx_seq_one_letter_code
_entity_poly.pdbx_strand_id
1 'polypeptide(L)'
;MAGSGAGVRCSLLRLQETLSAADRCGAALAGHQLIRGLGQECVLSSSPAVLALQTSLVFSRDFGLLVFVRKSLNSIEFRE
CREEILKFLCIFLEKMGQKIAPYSVEIKNTCTSVYTKDRAAKCKIPALDLLIKLLQTFRSSRLMDEFKIGELFSKFYGEL
ALKKKIPDTVLEKVYELLGLLGEVHPSEMINNAENLFRAFLGELKTQMTSAVREPKLPVLAGCLKGLSSLLCNFTKSMEE
DPQTSREIFNFVLKAIRPQIDLKRYAVPSAGLRLFALHASQFSTCLLDNYVSLFEVLLKWCAHTNVELKKAALSALESFL
KQVSNMVAKNAEMHKNKLQYFMEQFYGIIRNVDSNNKELSIAIRGYGLFAGPCKVINAKDVDFMYVELIQRCKQMFLTQT
DTGDDRVYQMPSFLQSVASVLLYLDTVPEVYTPVLEHLVVMQIDSFPQYSPKMQLVCCRAIVKVFLALAAKGPVLRNCIS
TVVHQGLIRICSKPVVLPKGPESESEDHRASGEVRTGKWKVPTYKDYVDLFRHLLSSDQMMDSILADEAFFSVNSSSESL
NHLLYDEFVKSVLKIVEKLDLTLEIQTVGEQENGDEAPGVWMIPTSDPAANLHPAKPKDFSAFINLVEFCREILPEKQAE
FFEPWVYSFSYELILQSTRLPLISGFYKLLSITVRNAKKIKYFEGVSPKSLKHSPEDPEKYSCFALFVKFGKEVAVKMKQ
YKDELLASCLTFLLSLPHNIIELDVRAYVPALQMAFKLGLSYTPLAEVGLNALEEWSIYIDRHVMQPYYKDILPCLDGYL
KTSALSDETKNNWEVSALSRAAQKGFNKVVLKHLKKTKNLSSNEAISLEEIRIRVVQMLGSLGGQINKNLLTVTSSDEMM
KSYVAWDREKRLSFAVPFREMKPVIFLDVFLPRVTELALTASDRQTKVAACELLHSMVMFMLGKATQMPEGGQGAPPMYQ
LYKRTFPVLLRLACDVDQVTRQLYEPLVMQLIHWFTNNKKFESQDTVALLEAILDGIVDPVDSTLRDFCGRCIREFLKWS
IKQITPQQQEKSPVNTKSLFKRLYSLALHPNAFKRLGASLAFNNIYREFREEESLVEQFVFEALVIYMESLALAHADEKS
LGTIQQCCDAIDHLCRIIEKKHVSLNKAKKRRLPRGFPPSASLCLLDLVKWLLAHCGRPQTECRHKSIELFYKFVPLLPG
NRSPNLWLKDVLKEEGVSFLINTFEGGGCGQPSGILAQPTLLYLRGPFSLQATLCWLDLLLAALECYNTFIGERTVGALQ
VLGTEAQSSLLKAVAFFLESIAMHDIIAAEKCFGTGAAGNRTSPQEGERYNYSKCTVVVRIMEFTTTLLNTSPEGWKLLK
KDLCNTHLMRVLVQTLCEPASIGFNIGDVQVMAHLPDVCVNLMKALKMSPYKDILETHLREKITAQSIEELCAVNLYGPD
AQVDRSRLAAVVSACKQLHRAGLLHNILPSQSTDLHHSVGTELLSLVYKGIAPGDERQCLPSLDLSCKQLASGLLELAFA
FGGLCERLVSLLLNPAVLSTASLGSSQGSVIHFSHGEYFYSLFSETINTELLKNLDLAVLELMQSSVDNTKMVSAVLNGM
LDQSFRERANQKHQGLKLATTILQHWKKCDSWWAKDSPLETKMAVLALLAKILQIDSSVSFNTSHGSFPEVFTTYISLLA
DTKLDLHLKGQAVTLLPFFTSLTGGSLEELRRVLEQLIVAHFPMQSREFPPGTPRFNNYVDCMKKFLDALELSQSPMLLE
LMTEVLCREQQHVMEELFQSSFRRIARRGSCVTQVGLLESVYEMFRKDDPRLSFTRQSFVDRSLLTLLWHCSLDALREFF
STIVVDAIDVLKSRFTKLNESTFDTQITKKMGYYKILDVMYSRLPKDDVHAKESKINQVFHGSCITEGNELTKTLIKLCY
DAFTENMAGENQLLERRRLYHCAAYNCAISVICCVFNELKFYQGFLFSEKPEKNLLIFENLIDLKRRYNFPVEVEVPMER
KKKYIEIRKEAREAANGDSDGPSYMSSLSYLADSTLSEEMSQFDFSTGVQSYSYSSQDPRPATGRFRRREQRDPTVHDDV
LELEMDELNRHECMAPLTALVKHMHRSLGPPQGEEDSVPRDLPSWMKFLHGKLGNPIVPLNIRLFLAKLVINTEEVFRPY
AKHWLSPLLQLAASENNGGEGIHYMVVEIVATILSWTGLATPTGVPKDEVLANRLLNFLMKHVFHPKRAVFRHNLEIIKT
LVECWKDCLSIPYRLIFEKFSGKDPNSKDNSVGIQLLGIVMANDLPPYDPQCGIQSSEYFQALVNNMSFVRYKEVYAAAA
EVLGLILRYVMERKNILEESLCELVAKQLKQHQNTMEDKFIVCLNKVTKSFPPLADRFMNAVFFLLPKFHGVLKTLCLEV
VLCRVEGMTELYFQLKSKDFVQVMRHRDDERQKVCLDIIYKMMPKLKPVELRELLNPVVEFVSHPSTTCREQMYNILMWI
HDNYRDPESETDNDSQEIFKLAKDVLIQGLIDENPGLQLIIRNFWSHETRLPSNTLDRLLALNSLYSPKIEVHFLSLATN
FLLEMTSMSPDYPNPMFEHPLSECEFQEYTIDSDWRFRSTVLTPMFVE(TPO)QASQGTLQTRTQEGSLSARWPVAGQIR
A(TPO)QQQHDF(TPO)L(TPO)QTADGRSSFDWLTGSSTDPLVDHTSPSSDSLLFAHKRSERLQRAPLKSVGPDFGKKR
LGLPGDEVDNKVKGAAGRTDLLRLRRRFMRDQEKLSLMYARKGVAEQKREKEIKSELKMKQDAQVVLYRSYRHGDLPDIQ
IKHSSLITPLQAVAQRDPIIAKQLFSSLFSGILKEMDKFKTLSEKNNITQKLLQDFNRFLNTTFSFFPPFVSCIQDISCQ
HAALLSLDPAAVSAGCLASLQQPVGIRLLEEALLRLLPAELPAKRVRGKARLPPDVLRWVELAKLYRSIGEYDVLRGIFT
SEIGTKQITQSALLAEARSDYSEAAKQYDEALNKQDWVDGEPTEAEKDFWELASLDCYNHLAEWKSLEYCSTASIDSENP
PDLNKIWSEPFYQETYLPYMIRSKLKLLLQGEADQSLLTFIDKAMHGELQKAILELHYSQELSLLYLLQDDVDRAKYYIQ
NGIQSFMQNYSSIDVLLHQSRLTKLQSVQALTEIQEFISFISKQGNLSSQVPLKRLLNTWTNRYPDAKMDPMNIWDDIIT
NRCFFLSKIEEKLTPLPEDNSMNVDQDGDPSDRMEVQEQEEDISSLIRSCKFSMKMKMIDSARKQNNFSLAMKLLKELHK
ESKTRDDWLVSWVQSYCRLSHCRSRSQGCSEQVLTVLKTVSLLDENNVSSYLSKNILAFRDQNILLGTTYRIIANALSSE
PACLAEIEEDKARRILELSGSSSEDSEKVIAGLYQRAFQHLSEAVQAAEEEAQPPSWSCGPAAGVIDAYMTLADFCDQQL
RKEEENASVIDSAELQAYPALVVEKMLKALKLNSNEARLKFPRLLQIIERYPEETLSLMTKEISSVPCWQFISWISHMVA
LLDKDQAVAVQHSVEEITDNYPQAIVYPFIISSESYSFKDTSTGHKNKEFVARIKSKLDQGGVIQDFINALDQLSNPELL
FKDWSNDVRAELAKTPVNKKNIEKMYERMYAALGDPKAPGLGAFRRKFIQTFGKEFDKHFGKGGSKLLRMKLSDFNDITN
MLLLKMNKDSKPPGNLKECSPWMSDFKVEFLRNELEIPGQYDGRGKPLPEYHVRIAGFDERVTVMASLRRPKRIIIRGHD
EREHPFLVKGGEDLRQDQRVEQLFQVMNGILAQDSACSQRALQLRTYSVVPMTSRLGLIEWLENTVTLKDLLLNTMSQEE
KAAYLSDPRAPPCEYKDWLTKMSGKHDVGAYMLMYKGANRTETVTSFRKRESKVPADLLKRAFVRMSTSPEAFLALRSHF
ASSHALICISHWILGIGDRHLNNFMVAMETGGVIGIDFGHAFGSATQFLPVPELMPFRLTRQFINLMLPMKETGLMYSIM
VHALRAFRSDPGLLTNTMDVFVKEPSFDWKNFEQKMLKKGGSWIQEINVAEKNWYPRQKICYAKRKLAGANPAVITCDEL
LLGHEKAPAFRDYVAVARGSKDHNIRAQEPESGLSEETQVKCLMDQATDPNILGRTWEGWEPWM
;
A
2 'polypeptide(L)'
;MVRSGNKAAVVLCMDVGFTMSNSIPGIESPFEQAKKVITMFVQRQVFAENKDEIALVLFGTDGTDNPLSGGDQYQNITVH
RHLMLPDFDLLEDIESKIQPGSQQADFLDALIVSMDVIQHETIGKKFEKRHIEIFTDLSSRFSKSQLDIIIHSLKKCDIS
LQFFLPFSLGKEDGSGDRGDGPFRLGGHGPSFPLKGITEQQKEGLEIVKMVMISLEGEDGLDEIYSFSESLRKLCVFKKI
ERHSIHWPCRLTIGSNLSIRIAAYKSILQERVKKTWTVVDAKTLKKEDIQKETVYCLNDDDETEVLKEDIIQGFRYGSDI
VPFSKVDEEQMKYKSEGKCFSVLGFCKSSQVQRRFFMGNQVLKVFAARDDEAAAVALSSLIHALDDLDMVAIVRYAYDKR
ANPQVGVAFPHIKHNYECLVYVQLPFMEDLRQYMFSSLKNSKKYAPTEAQLNAVDALIDSMSLAKKDEKTDTLEDLFPTT
KIPNPRFQRLFQCLLHRALHPREPLPPIQQHIWNMLNPPAEVTTKSQIPLSKIKTLFPLIEAKKKDQVTAQEIFQDNHED
GPTAKKLKTEQGGAHFSVSSLAEGSVTSVGSVNPAENFRVLVKQKKASFEEASNQLINHIEQFLDTNETPYFMKSIDCIR
AFREEAIKFSEEQRFNNFLKALQEKVEIKQLNHFWEIVVQDGITLITKEEASGSSVTAEEAKKFLAPKDKPSGDTAAVFE
EGGDVDDLLDMI
;
C
#
# COMPACT_ATOMS: atom_id res chain seq x y z
N GLY A 7 5.37 -14.88 -49.74
CA GLY A 7 5.44 -15.56 -51.02
C GLY A 7 6.53 -16.61 -51.05
N VAL A 8 7.06 -16.95 -49.88
CA VAL A 8 8.19 -17.87 -49.78
C VAL A 8 7.74 -19.28 -50.13
N ARG A 9 8.71 -20.06 -50.67
CA ARG A 9 8.67 -21.40 -51.27
C ARG A 9 7.98 -21.41 -52.63
N CYS A 10 7.12 -20.42 -52.89
CA CYS A 10 6.56 -20.27 -54.22
C CYS A 10 7.42 -19.34 -55.04
N SER A 11 8.22 -18.49 -54.37
CA SER A 11 9.29 -17.77 -55.05
C SER A 11 10.29 -18.75 -55.68
N LEU A 12 10.71 -19.75 -54.90
CA LEU A 12 11.60 -20.77 -55.43
C LEU A 12 10.89 -21.73 -56.38
N LEU A 13 9.58 -21.93 -56.21
CA LEU A 13 8.82 -22.70 -57.19
C LEU A 13 8.77 -22.01 -58.56
N ARG A 14 8.47 -20.70 -58.57
CA ARG A 14 8.49 -19.95 -59.83
C ARG A 14 9.91 -19.85 -60.39
N LEU A 15 10.90 -19.79 -59.50
CA LEU A 15 12.31 -19.88 -59.91
C LEU A 15 12.60 -21.18 -60.63
N GLN A 16 12.02 -22.29 -60.14
CA GLN A 16 12.30 -23.58 -60.74
C GLN A 16 11.47 -23.79 -62.01
N GLU A 17 10.36 -23.07 -62.15
CA GLU A 17 9.64 -23.10 -63.42
C GLU A 17 10.40 -22.34 -64.50
N THR A 18 10.86 -21.13 -64.19
CA THR A 18 11.43 -20.25 -65.23
C THR A 18 12.93 -20.47 -65.44
N LEU A 19 13.27 -21.68 -65.89
CA LEU A 19 14.56 -21.94 -66.51
C LEU A 19 14.46 -22.60 -67.88
N SER A 20 13.28 -23.06 -68.29
CA SER A 20 13.13 -23.66 -69.61
C SER A 20 12.30 -22.77 -70.52
N ALA A 21 12.61 -21.48 -70.52
CA ALA A 21 11.78 -20.50 -71.21
C ALA A 21 11.84 -20.65 -72.74
N ALA A 22 10.71 -20.36 -73.38
CA ALA A 22 10.60 -20.37 -74.82
C ALA A 22 11.37 -19.21 -75.45
N ASP A 23 11.28 -18.01 -74.85
CA ASP A 23 12.05 -16.84 -75.28
C ASP A 23 13.23 -16.72 -74.31
N ARG A 24 14.43 -16.86 -74.84
CA ARG A 24 15.62 -16.89 -74.00
C ARG A 24 15.92 -15.50 -73.44
N CYS A 25 16.25 -15.48 -72.14
CA CYS A 25 16.36 -14.28 -71.31
C CYS A 25 15.08 -13.45 -71.39
N GLY A 26 13.93 -14.13 -71.34
CA GLY A 26 12.65 -13.47 -71.23
C GLY A 26 12.13 -13.59 -69.82
N ALA A 27 12.43 -14.72 -69.19
CA ALA A 27 12.15 -14.93 -67.78
C ALA A 27 13.36 -14.68 -66.89
N ALA A 28 14.50 -14.30 -67.46
CA ALA A 28 15.70 -14.04 -66.66
C ALA A 28 15.55 -12.79 -65.81
N LEU A 29 14.97 -11.72 -66.37
CA LEU A 29 14.80 -10.50 -65.60
C LEU A 29 13.75 -10.67 -64.50
N ALA A 30 12.66 -11.40 -64.80
CA ALA A 30 11.67 -11.71 -63.79
C ALA A 30 12.22 -12.64 -62.72
N GLY A 31 13.13 -13.54 -63.11
CA GLY A 31 13.80 -14.36 -62.12
C GLY A 31 14.75 -13.56 -61.26
N HIS A 32 15.38 -12.54 -61.84
CA HIS A 32 16.21 -11.62 -61.06
C HIS A 32 15.36 -10.86 -60.05
N GLN A 33 14.13 -10.52 -60.42
CA GLN A 33 13.24 -9.86 -59.48
CA GLN A 33 13.20 -9.86 -59.50
C GLN A 33 12.75 -10.82 -58.40
N LEU A 34 12.56 -12.10 -58.76
CA LEU A 34 12.27 -13.13 -57.75
C LEU A 34 13.43 -13.25 -56.77
N ILE A 35 14.67 -13.19 -57.29
CA ILE A 35 15.88 -13.24 -56.47
C ILE A 35 15.96 -12.03 -55.55
N ARG A 36 15.62 -10.84 -56.06
CA ARG A 36 15.59 -9.65 -55.20
C ARG A 36 14.44 -9.73 -54.19
N GLY A 37 13.35 -10.41 -54.54
CA GLY A 37 12.25 -10.56 -53.58
C GLY A 37 12.63 -11.42 -52.41
N LEU A 38 13.22 -12.59 -52.69
CA LEU A 38 13.73 -13.44 -51.62
C LEU A 38 14.94 -12.81 -50.93
N GLY A 39 15.67 -11.94 -51.63
CA GLY A 39 16.79 -11.25 -51.01
C GLY A 39 16.33 -10.22 -49.99
N GLN A 40 15.30 -9.44 -50.34
CA GLN A 40 14.68 -8.52 -49.40
C GLN A 40 13.99 -9.28 -48.27
N GLU A 41 13.52 -10.50 -48.52
CA GLU A 41 12.90 -11.26 -47.44
C GLU A 41 13.95 -11.78 -46.44
N CYS A 42 15.10 -12.27 -46.93
CA CYS A 42 16.01 -12.98 -46.04
C CYS A 42 17.16 -12.14 -45.51
N VAL A 43 17.54 -11.03 -46.16
CA VAL A 43 18.76 -10.33 -45.74
C VAL A 43 18.53 -9.57 -44.44
N LEU A 44 17.52 -8.70 -44.43
CA LEU A 44 17.22 -7.87 -43.26
C LEU A 44 16.09 -8.50 -42.44
N SER A 45 16.33 -9.74 -42.04
CA SER A 45 15.31 -10.63 -41.50
C SER A 45 15.55 -10.92 -40.03
N SER A 46 14.44 -11.12 -39.31
CA SER A 46 14.51 -11.50 -37.91
C SER A 46 13.51 -12.60 -37.56
N SER A 47 12.77 -13.13 -38.54
CA SER A 47 11.79 -14.18 -38.31
C SER A 47 12.50 -15.48 -37.99
N PRO A 48 12.44 -16.00 -36.76
CA PRO A 48 13.36 -17.07 -36.35
C PRO A 48 12.97 -18.45 -36.87
N ALA A 49 11.68 -18.67 -37.09
CA ALA A 49 11.18 -19.99 -37.46
C ALA A 49 11.49 -20.34 -38.91
N VAL A 50 11.28 -19.38 -39.81
CA VAL A 50 11.29 -19.65 -41.25
C VAL A 50 12.73 -19.75 -41.77
N LEU A 51 13.71 -19.37 -40.93
CA LEU A 51 15.12 -19.36 -41.33
C LEU A 51 15.63 -20.74 -41.69
N ALA A 52 15.26 -21.76 -40.91
CA ALA A 52 15.70 -23.13 -41.19
C ALA A 52 15.08 -23.67 -42.48
N LEU A 53 13.82 -23.35 -42.76
CA LEU A 53 13.20 -23.92 -43.96
C LEU A 53 13.72 -23.21 -45.21
N GLN A 54 13.91 -21.88 -45.14
CA GLN A 54 14.46 -21.17 -46.28
C GLN A 54 15.90 -21.57 -46.55
N THR A 55 16.66 -21.86 -45.47
CA THR A 55 18.03 -22.35 -45.62
C THR A 55 18.05 -23.74 -46.24
N SER A 56 17.10 -24.60 -45.84
CA SER A 56 17.04 -25.95 -46.42
C SER A 56 16.70 -25.90 -47.90
N LEU A 57 15.87 -24.94 -48.30
CA LEU A 57 15.52 -24.84 -49.72
C LEU A 57 16.67 -24.26 -50.54
N VAL A 58 17.37 -23.27 -50.00
CA VAL A 58 18.54 -22.71 -50.68
C VAL A 58 19.66 -23.74 -50.79
N PHE A 59 19.81 -24.62 -49.80
CA PHE A 59 20.89 -25.61 -49.78
C PHE A 59 20.37 -27.03 -50.00
N SER A 60 19.44 -27.21 -50.93
CA SER A 60 18.79 -28.48 -51.24
C SER A 60 19.44 -29.16 -52.43
N ARG A 61 18.77 -30.20 -52.93
CA ARG A 61 19.01 -30.78 -54.24
C ARG A 61 17.83 -30.57 -55.20
N ASP A 62 16.63 -30.40 -54.65
CA ASP A 62 15.43 -30.36 -55.50
C ASP A 62 15.30 -29.02 -56.22
N PHE A 63 15.03 -27.94 -55.48
CA PHE A 63 14.83 -26.65 -56.11
C PHE A 63 15.25 -25.52 -55.17
N GLY A 64 16.02 -24.60 -55.72
CA GLY A 64 16.59 -23.51 -54.95
C GLY A 64 17.78 -22.90 -55.64
N LEU A 65 18.63 -22.26 -54.83
CA LEU A 65 19.70 -21.42 -55.36
C LEU A 65 20.86 -22.26 -55.89
N LEU A 66 21.13 -23.39 -55.25
CA LEU A 66 22.30 -24.19 -55.61
C LEU A 66 22.06 -24.95 -56.92
N VAL A 67 20.87 -25.50 -57.11
CA VAL A 67 20.57 -26.10 -58.42
C VAL A 67 20.18 -25.03 -59.44
N PHE A 68 19.80 -23.84 -58.98
CA PHE A 68 19.54 -22.73 -59.89
C PHE A 68 20.85 -22.17 -60.44
N VAL A 69 21.94 -22.33 -59.70
CA VAL A 69 23.25 -21.87 -60.18
C VAL A 69 24.03 -23.03 -60.81
N ARG A 70 23.66 -24.28 -60.50
N ARG A 70 23.66 -24.28 -60.50
CA ARG A 70 24.30 -25.39 -61.19
CA ARG A 70 24.26 -25.42 -61.16
C ARG A 70 23.71 -25.61 -62.58
C ARG A 70 23.71 -25.61 -62.57
N LYS A 71 22.39 -25.59 -62.71
CA LYS A 71 21.74 -25.87 -64.00
C LYS A 71 21.54 -24.62 -64.86
N SER A 72 22.41 -23.61 -64.69
CA SER A 72 22.44 -22.43 -65.52
C SER A 72 23.81 -22.18 -66.14
N LEU A 73 24.68 -23.19 -66.20
CA LEU A 73 25.99 -23.03 -66.83
C LEU A 73 25.87 -23.08 -68.35
N ASN A 74 24.84 -23.77 -68.86
CA ASN A 74 24.68 -23.97 -70.30
C ASN A 74 23.82 -22.86 -70.92
N SER A 75 24.14 -21.62 -70.53
CA SER A 75 23.41 -20.42 -70.92
C SER A 75 24.20 -19.19 -70.53
N ILE A 76 24.43 -18.29 -71.49
CA ILE A 76 25.06 -17.01 -71.16
C ILE A 76 24.00 -16.04 -70.63
N GLU A 77 22.71 -16.32 -70.91
CA GLU A 77 21.63 -15.44 -70.48
C GLU A 77 21.36 -15.49 -68.98
N PHE A 78 21.89 -16.50 -68.27
CA PHE A 78 21.76 -16.62 -66.83
C PHE A 78 23.09 -16.45 -66.11
N ARG A 79 24.08 -15.82 -66.76
CA ARG A 79 25.36 -15.42 -66.16
C ARG A 79 25.20 -14.57 -64.91
N GLU A 80 24.51 -13.44 -65.06
CA GLU A 80 24.41 -12.50 -63.97
C GLU A 80 23.46 -13.01 -62.91
N CYS A 81 22.61 -14.00 -63.25
CA CYS A 81 21.86 -14.73 -62.23
C CYS A 81 22.80 -15.42 -61.26
N ARG A 82 23.82 -16.11 -61.81
CA ARG A 82 24.87 -16.72 -60.99
C ARG A 82 25.58 -15.66 -60.16
N GLU A 83 25.87 -14.50 -60.76
CA GLU A 83 26.59 -13.45 -60.02
C GLU A 83 25.75 -12.91 -58.85
N GLU A 84 24.47 -12.64 -59.09
CA GLU A 84 23.63 -12.02 -58.06
C GLU A 84 23.33 -12.98 -56.92
N ILE A 85 23.13 -14.28 -57.21
CA ILE A 85 22.92 -15.16 -56.06
C ILE A 85 24.23 -15.56 -55.43
N LEU A 86 25.35 -15.36 -56.13
CA LEU A 86 26.64 -15.53 -55.47
C LEU A 86 26.86 -14.46 -54.41
N LYS A 87 26.57 -13.20 -54.74
CA LYS A 87 26.69 -12.14 -53.74
C LYS A 87 25.65 -12.29 -52.62
N PHE A 88 24.40 -12.66 -52.98
CA PHE A 88 23.37 -12.87 -51.98
C PHE A 88 23.69 -14.05 -51.06
N LEU A 89 24.32 -15.10 -51.59
CA LEU A 89 24.65 -16.24 -50.75
C LEU A 89 25.91 -15.99 -49.93
N CYS A 90 26.79 -15.10 -50.37
CA CYS A 90 27.84 -14.60 -49.48
C CYS A 90 27.24 -13.87 -48.29
N ILE A 91 26.28 -12.97 -48.52
CA ILE A 91 25.63 -12.27 -47.39
C ILE A 91 24.82 -13.24 -46.54
N PHE A 92 24.24 -14.28 -47.17
CA PHE A 92 23.42 -15.25 -46.45
C PHE A 92 24.27 -16.19 -45.59
N LEU A 93 25.42 -16.65 -46.10
CA LEU A 93 26.32 -17.46 -45.29
C LEU A 93 27.07 -16.61 -44.27
N GLU A 94 27.17 -15.30 -44.51
CA GLU A 94 27.70 -14.41 -43.50
C GLU A 94 26.66 -14.13 -42.41
N LYS A 95 25.37 -14.30 -42.75
CA LYS A 95 24.30 -14.04 -41.79
C LYS A 95 24.32 -15.06 -40.64
N MET A 96 24.20 -16.34 -40.95
CA MET A 96 24.32 -17.34 -39.90
C MET A 96 25.73 -17.91 -39.84
N GLY A 97 26.16 -18.26 -38.63
CA GLY A 97 27.55 -18.53 -38.35
C GLY A 97 27.96 -19.98 -38.59
N GLN A 98 28.29 -20.70 -37.52
CA GLN A 98 28.75 -22.08 -37.59
C GLN A 98 27.59 -23.08 -37.71
N LYS A 99 26.37 -22.61 -37.95
CA LYS A 99 25.19 -23.45 -37.99
C LYS A 99 24.61 -23.55 -39.39
N ILE A 100 25.47 -23.41 -40.40
CA ILE A 100 25.14 -23.79 -41.78
C ILE A 100 26.18 -24.87 -42.11
N ALA A 101 26.47 -25.71 -41.11
CA ALA A 101 27.57 -26.66 -41.22
C ALA A 101 27.43 -27.72 -42.33
N PRO A 102 26.34 -28.51 -42.45
CA PRO A 102 26.40 -29.63 -43.40
C PRO A 102 26.15 -29.29 -44.87
N TYR A 103 26.10 -28.00 -45.22
CA TYR A 103 25.70 -27.56 -46.55
C TYR A 103 26.83 -26.88 -47.31
N SER A 104 28.05 -27.43 -47.28
CA SER A 104 29.19 -26.72 -47.88
C SER A 104 29.87 -27.52 -49.00
N VAL A 105 29.63 -28.83 -49.08
CA VAL A 105 30.18 -29.60 -50.20
C VAL A 105 29.47 -29.24 -51.50
N GLU A 106 28.18 -28.91 -51.40
CA GLU A 106 27.39 -28.44 -52.54
C GLU A 106 27.93 -27.11 -53.05
N ILE A 107 28.14 -26.17 -52.12
CA ILE A 107 28.78 -24.88 -52.39
C ILE A 107 30.16 -25.08 -52.99
N LYS A 108 30.92 -26.06 -52.50
CA LYS A 108 32.28 -26.34 -52.93
C LYS A 108 32.33 -26.71 -54.41
N ASN A 109 31.59 -27.76 -54.76
CA ASN A 109 31.61 -28.23 -56.15
C ASN A 109 30.89 -27.25 -57.07
N THR A 110 29.92 -26.50 -56.53
CA THR A 110 29.33 -25.35 -57.21
C THR A 110 30.38 -24.34 -57.61
N CYS A 111 31.27 -23.99 -56.67
CA CYS A 111 32.32 -23.01 -56.92
C CYS A 111 33.29 -23.47 -57.99
N THR A 112 33.76 -24.73 -57.89
CA THR A 112 34.74 -25.20 -58.88
C THR A 112 34.09 -25.36 -60.25
N SER A 113 32.79 -25.63 -60.31
CA SER A 113 32.16 -25.78 -61.61
C SER A 113 31.87 -24.41 -62.24
N VAL A 114 31.44 -23.42 -61.43
CA VAL A 114 31.14 -22.10 -61.98
C VAL A 114 32.44 -21.36 -62.31
N TYR A 115 33.56 -21.81 -61.74
CA TYR A 115 34.84 -21.27 -62.21
C TYR A 115 35.35 -22.01 -63.44
N THR A 116 35.27 -23.35 -63.46
CA THR A 116 35.87 -24.15 -64.51
C THR A 116 35.14 -24.04 -65.84
N LYS A 117 33.81 -23.93 -65.83
CA LYS A 117 33.06 -23.98 -67.08
C LYS A 117 32.48 -22.62 -67.42
N ASP A 118 33.27 -21.56 -67.24
CA ASP A 118 32.81 -20.20 -67.51
C ASP A 118 33.95 -19.37 -68.07
N ARG A 119 33.61 -18.15 -68.49
CA ARG A 119 34.50 -17.31 -69.29
C ARG A 119 34.58 -15.86 -68.78
N ALA A 120 33.50 -15.36 -68.16
CA ALA A 120 33.43 -13.97 -67.70
C ALA A 120 34.01 -13.81 -66.29
N ALA A 121 34.73 -12.71 -66.10
CA ALA A 121 35.43 -12.41 -64.85
C ALA A 121 34.51 -12.12 -63.69
N LYS A 122 33.35 -11.51 -63.97
CA LYS A 122 32.45 -10.97 -62.97
C LYS A 122 31.81 -12.04 -62.08
N CYS A 123 31.65 -13.26 -62.58
CA CYS A 123 31.09 -14.32 -61.75
C CYS A 123 32.16 -15.05 -60.95
N LYS A 124 33.40 -15.02 -61.43
CA LYS A 124 34.45 -15.82 -60.81
C LYS A 124 35.20 -15.04 -59.73
N ILE A 125 35.04 -13.72 -59.67
CA ILE A 125 35.50 -13.00 -58.48
C ILE A 125 34.76 -13.44 -57.20
N PRO A 126 33.42 -13.31 -57.08
CA PRO A 126 32.83 -13.51 -55.74
C PRO A 126 32.68 -14.96 -55.34
N ALA A 127 32.59 -15.89 -56.29
CA ALA A 127 32.51 -17.31 -55.95
C ALA A 127 33.78 -17.78 -55.27
N LEU A 128 34.92 -17.41 -55.84
CA LEU A 128 36.21 -17.78 -55.25
C LEU A 128 36.41 -17.05 -53.93
N ASP A 129 35.96 -15.78 -53.87
CA ASP A 129 35.87 -15.05 -52.59
C ASP A 129 35.06 -15.82 -51.56
N LEU A 130 33.94 -16.40 -51.97
CA LEU A 130 33.07 -17.18 -51.10
C LEU A 130 33.73 -18.47 -50.62
N LEU A 131 34.51 -19.11 -51.49
CA LEU A 131 35.17 -20.36 -51.09
C LEU A 131 36.25 -20.08 -50.04
N ILE A 132 37.06 -19.05 -50.25
CA ILE A 132 38.01 -18.60 -49.21
C ILE A 132 37.26 -18.17 -47.94
N LYS A 133 36.10 -17.54 -48.10
CA LYS A 133 35.35 -17.05 -46.94
C LYS A 133 34.74 -18.20 -46.14
N LEU A 134 34.27 -19.24 -46.80
CA LEU A 134 33.70 -20.35 -46.04
C LEU A 134 34.80 -21.18 -45.39
N LEU A 135 35.98 -21.26 -46.02
CA LEU A 135 37.10 -21.93 -45.38
C LEU A 135 37.64 -21.12 -44.22
N GLN A 136 37.42 -19.80 -44.23
CA GLN A 136 37.69 -18.98 -43.04
C GLN A 136 36.57 -19.12 -42.01
N THR A 137 35.33 -19.28 -42.48
CA THR A 137 34.17 -19.39 -41.61
C THR A 137 34.25 -20.65 -40.76
N PHE A 138 34.77 -21.71 -41.34
CA PHE A 138 35.04 -22.94 -40.62
C PHE A 138 36.55 -23.14 -40.53
N ARG A 139 37.17 -22.55 -39.52
CA ARG A 139 38.52 -22.93 -39.17
C ARG A 139 38.52 -24.07 -38.16
N SER A 140 37.36 -24.35 -37.57
CA SER A 140 37.21 -25.53 -36.71
C SER A 140 35.92 -26.23 -37.14
N SER A 141 36.05 -27.22 -38.02
CA SER A 141 34.92 -28.02 -38.46
C SER A 141 35.40 -29.42 -38.79
N ARG A 142 34.49 -30.22 -39.36
CA ARG A 142 34.81 -31.56 -39.82
C ARG A 142 34.53 -31.78 -41.31
N LEU A 143 33.82 -30.85 -41.96
CA LEU A 143 33.50 -31.04 -43.39
C LEU A 143 34.64 -30.66 -44.31
N MET A 144 35.78 -30.21 -43.77
CA MET A 144 36.94 -29.98 -44.62
C MET A 144 37.58 -31.29 -45.06
N ASP A 145 37.22 -32.41 -44.42
CA ASP A 145 37.54 -33.75 -44.91
C ASP A 145 36.61 -34.14 -46.06
N GLU A 146 35.33 -33.75 -46.00
CA GLU A 146 34.43 -33.91 -47.14
C GLU A 146 34.81 -32.99 -48.29
N PHE A 147 35.59 -31.95 -48.00
CA PHE A 147 36.28 -31.18 -49.03
C PHE A 147 37.53 -31.96 -49.45
N LYS A 148 37.69 -32.16 -50.76
CA LYS A 148 38.86 -32.85 -51.30
C LYS A 148 40.02 -31.86 -51.44
N ILE A 149 40.57 -31.50 -50.28
CA ILE A 149 41.40 -30.30 -50.15
C ILE A 149 42.74 -30.44 -50.89
N GLY A 150 43.45 -31.55 -50.70
CA GLY A 150 44.75 -31.72 -51.35
C GLY A 150 44.65 -31.86 -52.86
N GLU A 151 43.48 -32.26 -53.37
CA GLU A 151 43.28 -32.36 -54.81
C GLU A 151 42.93 -31.01 -55.42
N LEU A 152 42.29 -30.13 -54.64
CA LEU A 152 41.90 -28.83 -55.16
C LEU A 152 43.09 -27.89 -55.31
N PHE A 153 44.13 -28.04 -54.49
CA PHE A 153 45.37 -27.31 -54.73
C PHE A 153 46.01 -27.73 -56.05
N SER A 154 45.97 -29.03 -56.36
CA SER A 154 46.44 -29.52 -57.65
C SER A 154 45.58 -29.00 -58.79
N LYS A 155 44.28 -28.85 -58.56
CA LYS A 155 43.39 -28.35 -59.61
C LYS A 155 43.60 -26.87 -59.88
N PHE A 156 43.80 -26.06 -58.84
CA PHE A 156 44.10 -24.66 -59.04
C PHE A 156 45.56 -24.39 -59.39
N TYR A 157 46.40 -25.42 -59.31
CA TYR A 157 47.74 -25.34 -59.91
C TYR A 157 47.71 -25.82 -61.37
N GLY A 158 46.70 -26.61 -61.74
CA GLY A 158 46.52 -26.93 -63.15
C GLY A 158 46.09 -25.73 -63.97
N GLU A 159 45.36 -24.80 -63.35
CA GLU A 159 45.02 -23.55 -64.03
C GLU A 159 46.27 -22.69 -64.18
N LEU A 160 47.22 -22.83 -63.26
CA LEU A 160 48.53 -22.21 -63.43
C LEU A 160 49.30 -22.86 -64.58
N ALA A 161 49.08 -24.16 -64.79
CA ALA A 161 49.71 -24.85 -65.92
C ALA A 161 49.08 -24.43 -67.25
N LEU A 162 47.80 -24.05 -67.26
CA LEU A 162 47.13 -23.60 -68.49
C LEU A 162 46.75 -22.11 -68.36
N LYS A 163 47.69 -21.28 -67.90
CA LYS A 163 47.44 -19.89 -67.56
C LYS A 163 47.37 -19.05 -68.84
N LYS A 164 46.16 -18.91 -69.38
CA LYS A 164 45.92 -17.99 -70.49
C LYS A 164 45.24 -16.70 -70.01
N LYS A 165 45.94 -16.00 -69.11
CA LYS A 165 45.87 -14.55 -68.93
C LYS A 165 44.48 -14.06 -68.52
N ILE A 166 43.96 -14.60 -67.41
CA ILE A 166 42.68 -14.10 -66.89
C ILE A 166 42.97 -12.86 -66.03
N PRO A 167 42.32 -11.69 -66.32
CA PRO A 167 43.03 -10.40 -66.21
C PRO A 167 43.61 -9.97 -64.87
N ASP A 168 42.79 -9.67 -63.86
CA ASP A 168 43.39 -9.25 -62.60
C ASP A 168 42.74 -9.81 -61.35
N THR A 169 41.41 -9.76 -61.29
CA THR A 169 40.74 -9.90 -60.00
C THR A 169 40.34 -11.35 -59.73
N VAL A 170 39.98 -12.07 -60.80
CA VAL A 170 39.85 -13.51 -60.74
C VAL A 170 41.16 -14.14 -60.29
N LEU A 171 42.27 -13.64 -60.82
CA LEU A 171 43.58 -14.18 -60.47
C LEU A 171 43.96 -13.75 -59.05
N GLU A 172 43.45 -12.59 -58.60
CA GLU A 172 43.62 -12.18 -57.21
C GLU A 172 42.95 -13.16 -56.25
N LYS A 173 41.70 -13.53 -56.54
CA LYS A 173 41.02 -14.50 -55.68
C LYS A 173 41.63 -15.89 -55.81
N VAL A 174 42.17 -16.22 -57.00
CA VAL A 174 42.96 -17.45 -57.19
C VAL A 174 44.13 -17.48 -56.22
N TYR A 175 44.86 -16.37 -56.11
CA TYR A 175 46.09 -16.37 -55.33
C TYR A 175 45.79 -16.32 -53.83
N GLU A 176 44.67 -15.70 -53.45
CA GLU A 176 44.25 -15.79 -52.05
C GLU A 176 43.79 -17.20 -51.68
N LEU A 177 43.13 -17.93 -52.60
CA LEU A 177 42.76 -19.30 -52.29
C LEU A 177 43.98 -20.22 -52.28
N LEU A 178 44.95 -19.98 -53.17
CA LEU A 178 46.23 -20.67 -53.14
C LEU A 178 46.98 -20.40 -51.84
N GLY A 179 46.82 -19.21 -51.27
CA GLY A 179 47.34 -18.99 -49.94
C GLY A 179 46.56 -19.77 -48.89
N LEU A 180 45.24 -19.75 -48.97
CA LEU A 180 44.48 -20.12 -47.76
C LEU A 180 44.17 -21.61 -47.71
N LEU A 181 44.34 -22.33 -48.82
CA LEU A 181 44.40 -23.78 -48.71
C LEU A 181 45.65 -24.23 -47.96
N GLY A 182 46.75 -23.49 -48.08
CA GLY A 182 47.91 -23.77 -47.26
C GLY A 182 47.73 -23.25 -45.85
N GLU A 183 46.98 -22.15 -45.72
CA GLU A 183 46.72 -21.56 -44.39
C GLU A 183 45.91 -22.48 -43.49
N VAL A 184 44.67 -22.79 -43.86
CA VAL A 184 43.83 -23.59 -42.99
C VAL A 184 43.79 -25.00 -43.58
N HIS A 185 43.67 -26.01 -42.68
CA HIS A 185 43.65 -27.44 -42.93
C HIS A 185 44.99 -27.70 -43.62
N PRO A 186 46.10 -27.60 -42.89
CA PRO A 186 47.38 -27.28 -43.54
C PRO A 186 48.23 -28.49 -43.94
N SER A 187 47.83 -29.71 -43.58
CA SER A 187 48.69 -30.87 -43.72
C SER A 187 48.72 -31.46 -45.13
N GLU A 188 48.08 -30.81 -46.11
CA GLU A 188 47.89 -31.38 -47.44
C GLU A 188 48.58 -30.60 -48.55
N MET A 189 49.61 -29.79 -48.25
CA MET A 189 50.35 -29.16 -49.34
C MET A 189 51.86 -29.07 -49.08
N ILE A 190 52.36 -29.73 -48.04
CA ILE A 190 53.72 -29.46 -47.55
C ILE A 190 54.76 -30.10 -48.47
N ASN A 191 54.34 -30.96 -49.40
CA ASN A 191 55.28 -31.55 -50.35
C ASN A 191 55.53 -30.65 -51.56
N ASN A 192 54.82 -29.53 -51.67
CA ASN A 192 55.06 -28.53 -52.69
C ASN A 192 55.33 -27.16 -52.08
N ALA A 193 55.93 -27.14 -50.88
CA ALA A 193 56.04 -25.89 -50.13
C ALA A 193 57.03 -24.93 -50.77
N GLU A 194 58.25 -25.42 -51.05
CA GLU A 194 59.29 -24.55 -51.62
C GLU A 194 58.95 -24.18 -53.06
N ASN A 195 58.16 -24.99 -53.74
CA ASN A 195 57.83 -24.67 -55.13
C ASN A 195 56.77 -23.57 -55.22
N LEU A 196 55.80 -23.55 -54.30
CA LEU A 196 54.85 -22.45 -54.26
C LEU A 196 55.47 -21.19 -53.67
N PHE A 197 56.38 -21.36 -52.71
CA PHE A 197 57.26 -20.27 -52.27
C PHE A 197 57.99 -19.64 -53.45
N ARG A 198 58.63 -20.47 -54.28
CA ARG A 198 59.36 -20.00 -55.47
C ARG A 198 58.42 -19.36 -56.49
N ALA A 199 57.24 -19.96 -56.69
CA ALA A 199 56.30 -19.47 -57.68
C ALA A 199 55.79 -18.09 -57.32
N PHE A 200 55.43 -17.88 -56.06
CA PHE A 200 54.90 -16.58 -55.65
C PHE A 200 56.02 -15.54 -55.53
N LEU A 201 57.24 -15.95 -55.14
CA LEU A 201 58.31 -14.96 -55.06
C LEU A 201 58.79 -14.54 -56.44
N GLY A 202 58.99 -15.49 -57.36
CA GLY A 202 59.37 -15.13 -58.72
C GLY A 202 58.25 -14.40 -59.45
N GLU A 203 56.99 -14.68 -59.07
CA GLU A 203 55.87 -13.95 -59.61
C GLU A 203 55.86 -12.50 -59.14
N LEU A 204 56.01 -12.25 -57.83
CA LEU A 204 56.05 -10.86 -57.37
C LEU A 204 57.30 -10.14 -57.88
N LYS A 205 58.40 -10.87 -58.05
CA LYS A 205 59.62 -10.25 -58.55
C LYS A 205 59.46 -9.82 -60.01
N THR A 206 58.91 -10.70 -60.86
CA THR A 206 58.73 -10.36 -62.27
C THR A 206 57.62 -9.33 -62.45
N GLN A 207 56.57 -9.41 -61.62
CA GLN A 207 55.45 -8.48 -61.71
C GLN A 207 55.66 -7.21 -60.89
N MET A 208 56.83 -7.05 -60.25
CA MET A 208 57.13 -5.86 -59.47
C MET A 208 58.35 -5.10 -60.00
N THR A 209 59.42 -5.80 -60.38
CA THR A 209 60.66 -5.15 -60.79
C THR A 209 60.76 -4.93 -62.30
N SER A 210 59.65 -5.07 -63.04
CA SER A 210 59.68 -5.01 -64.50
C SER A 210 59.86 -3.57 -64.94
N ALA A 211 61.08 -3.22 -65.37
CA ALA A 211 61.40 -1.84 -65.74
C ALA A 211 61.20 -1.60 -67.23
N VAL A 212 60.04 -1.97 -67.77
CA VAL A 212 59.62 -1.58 -69.10
C VAL A 212 58.23 -0.98 -68.95
N ARG A 213 57.50 -1.44 -67.93
CA ARG A 213 56.10 -1.08 -67.75
C ARG A 213 55.91 -0.56 -66.33
N GLU A 214 54.70 -0.10 -66.02
CA GLU A 214 54.34 0.36 -64.67
C GLU A 214 53.84 -0.84 -63.86
N PRO A 215 53.78 -0.76 -62.53
CA PRO A 215 53.22 -1.89 -61.77
C PRO A 215 51.71 -1.96 -61.86
N LYS A 216 51.21 -3.15 -62.20
CA LYS A 216 49.78 -3.45 -62.10
C LYS A 216 49.44 -3.78 -60.66
N LEU A 217 48.84 -2.82 -59.95
CA LEU A 217 48.73 -2.94 -58.50
C LEU A 217 47.69 -3.94 -57.95
N PRO A 218 46.53 -4.20 -58.59
CA PRO A 218 45.66 -5.27 -58.04
C PRO A 218 46.26 -6.68 -58.07
N VAL A 219 47.04 -7.07 -59.08
CA VAL A 219 47.70 -8.39 -59.02
C VAL A 219 48.85 -8.35 -58.02
N LEU A 220 49.40 -7.15 -57.77
CA LEU A 220 50.34 -7.00 -56.66
C LEU A 220 49.66 -7.27 -55.32
N ALA A 221 48.46 -6.70 -55.10
CA ALA A 221 47.74 -6.93 -53.85
C ALA A 221 47.29 -8.37 -53.73
N GLY A 222 46.98 -9.00 -54.87
CA GLY A 222 46.60 -10.41 -54.85
C GLY A 222 47.76 -11.32 -54.49
N CYS A 223 48.94 -11.07 -55.08
CA CYS A 223 50.10 -11.87 -54.72
C CYS A 223 50.61 -11.52 -53.31
N LEU A 224 50.38 -10.30 -52.86
CA LEU A 224 50.73 -9.92 -51.49
C LEU A 224 49.87 -10.64 -50.46
N LYS A 225 48.55 -10.64 -50.64
CA LYS A 225 47.67 -11.39 -49.76
C LYS A 225 47.88 -12.91 -49.91
N GLY A 226 48.25 -13.35 -51.12
CA GLY A 226 48.53 -14.77 -51.33
C GLY A 226 49.80 -15.25 -50.63
N LEU A 227 50.87 -14.46 -50.68
CA LEU A 227 52.06 -14.79 -49.90
C LEU A 227 51.81 -14.66 -48.40
N SER A 228 50.97 -13.69 -47.99
CA SER A 228 50.59 -13.57 -46.59
C SER A 228 49.93 -14.85 -46.09
N SER A 229 48.89 -15.27 -46.80
CA SER A 229 48.13 -16.41 -46.34
C SER A 229 48.84 -17.72 -46.66
N LEU A 230 49.88 -17.69 -47.50
CA LEU A 230 50.76 -18.82 -47.73
C LEU A 230 51.76 -18.99 -46.60
N LEU A 231 52.31 -17.88 -46.10
CA LEU A 231 53.28 -17.95 -45.02
C LEU A 231 52.65 -17.87 -43.63
N CYS A 232 51.32 -17.92 -43.53
CA CYS A 232 50.70 -18.26 -42.25
C CYS A 232 51.02 -19.70 -41.84
N ASN A 233 51.57 -19.85 -40.63
CA ASN A 233 51.96 -21.09 -39.94
C ASN A 233 53.06 -21.78 -40.74
N PHE A 234 53.96 -21.01 -41.38
CA PHE A 234 54.95 -21.54 -42.32
C PHE A 234 56.32 -20.92 -42.04
N THR A 235 56.76 -21.03 -40.78
CA THR A 235 58.03 -20.48 -40.32
C THR A 235 59.22 -21.05 -41.09
N LYS A 236 60.03 -20.15 -41.67
CA LYS A 236 61.32 -20.47 -42.30
C LYS A 236 62.28 -19.34 -41.96
N SER A 237 63.03 -19.51 -40.87
CA SER A 237 63.71 -18.41 -40.19
C SER A 237 64.95 -17.94 -40.96
N MET A 238 65.68 -16.99 -40.38
CA MET A 238 66.96 -16.60 -40.93
C MET A 238 68.05 -17.62 -40.58
N GLU A 239 67.80 -18.45 -39.56
CA GLU A 239 68.72 -19.52 -39.23
C GLU A 239 68.59 -20.68 -40.20
N GLU A 240 67.35 -21.11 -40.48
CA GLU A 240 67.10 -22.23 -41.39
C GLU A 240 67.48 -21.87 -42.82
N ASP A 241 66.94 -20.77 -43.34
CA ASP A 241 67.08 -20.34 -44.73
C ASP A 241 66.85 -18.84 -44.81
N PRO A 242 67.90 -18.02 -44.78
CA PRO A 242 67.69 -16.57 -44.83
C PRO A 242 67.50 -16.00 -46.23
N GLN A 243 67.64 -16.82 -47.29
CA GLN A 243 67.47 -16.31 -48.65
C GLN A 243 66.02 -15.93 -48.91
N THR A 244 65.10 -16.82 -48.57
CA THR A 244 63.68 -16.50 -48.63
C THR A 244 63.34 -15.36 -47.67
N SER A 245 64.04 -15.30 -46.54
CA SER A 245 63.83 -14.25 -45.55
C SER A 245 64.21 -12.87 -46.09
N ARG A 246 65.40 -12.74 -46.69
CA ARG A 246 65.81 -11.44 -47.21
C ARG A 246 65.02 -11.07 -48.45
N GLU A 247 64.59 -12.08 -49.22
CA GLU A 247 63.69 -11.86 -50.36
C GLU A 247 62.38 -11.21 -49.91
N ILE A 248 61.69 -11.83 -48.96
CA ILE A 248 60.38 -11.30 -48.55
C ILE A 248 60.55 -10.01 -47.74
N PHE A 249 61.69 -9.83 -47.07
CA PHE A 249 61.96 -8.55 -46.41
C PHE A 249 62.08 -7.42 -47.41
N ASN A 250 62.92 -7.58 -48.44
CA ASN A 250 63.09 -6.47 -49.37
C ASN A 250 61.86 -6.28 -50.24
N PHE A 251 61.05 -7.34 -50.42
CA PHE A 251 59.79 -7.16 -51.13
C PHE A 251 58.80 -6.35 -50.30
N VAL A 252 58.67 -6.65 -49.00
CA VAL A 252 57.74 -5.90 -48.16
C VAL A 252 58.25 -4.51 -47.83
N LEU A 253 59.55 -4.28 -47.86
CA LEU A 253 60.06 -2.94 -47.61
C LEU A 253 60.40 -2.17 -48.88
N LYS A 254 60.15 -2.74 -50.06
CA LYS A 254 60.02 -1.92 -51.26
C LYS A 254 58.56 -1.69 -51.64
N ALA A 255 57.63 -2.45 -51.06
CA ALA A 255 56.21 -2.22 -51.30
C ALA A 255 55.70 -0.92 -50.69
N ILE A 256 56.39 -0.33 -49.72
CA ILE A 256 55.90 0.84 -49.00
C ILE A 256 56.72 2.09 -49.35
N ARG A 257 57.13 2.19 -50.61
N ARG A 257 57.14 2.20 -50.61
CA ARG A 257 57.79 3.40 -51.08
CA ARG A 257 57.79 3.40 -51.08
C ARG A 257 56.78 4.52 -51.22
C ARG A 257 56.78 4.52 -51.22
N PRO A 258 57.06 5.73 -50.71
CA PRO A 258 56.10 6.83 -50.86
C PRO A 258 56.18 7.44 -52.26
N GLN A 259 55.21 7.10 -53.10
CA GLN A 259 55.08 7.68 -54.43
C GLN A 259 53.95 8.69 -54.40
N ILE A 260 54.16 9.85 -54.98
CA ILE A 260 53.10 10.82 -55.09
C ILE A 260 52.18 10.38 -56.23
N ASP A 261 50.92 10.83 -56.15
CA ASP A 261 49.81 10.42 -57.01
C ASP A 261 49.65 8.89 -57.01
N LEU A 262 49.51 8.37 -55.79
CA LEU A 262 49.35 6.95 -55.54
C LEU A 262 47.93 6.71 -55.07
N LYS A 263 47.21 5.86 -55.81
CA LYS A 263 45.83 5.57 -55.43
C LYS A 263 45.69 4.12 -55.02
N ARG A 264 44.44 3.67 -54.79
CA ARG A 264 44.10 2.28 -54.45
C ARG A 264 44.79 1.84 -53.16
N TYR A 265 44.29 2.41 -52.05
CA TYR A 265 44.95 2.37 -50.75
C TYR A 265 44.74 1.03 -50.05
N ALA A 266 45.10 -0.05 -50.76
CA ALA A 266 44.93 -1.42 -50.28
C ALA A 266 46.16 -2.28 -50.50
N VAL A 267 46.99 -1.96 -51.50
CA VAL A 267 48.17 -2.79 -51.79
C VAL A 267 49.29 -2.61 -50.78
N PRO A 268 49.69 -1.37 -50.39
CA PRO A 268 50.63 -1.30 -49.26
C PRO A 268 50.03 -1.72 -47.93
N SER A 269 48.69 -1.73 -47.78
CA SER A 269 48.11 -2.32 -46.58
C SER A 269 48.20 -3.83 -46.60
N ALA A 270 48.20 -4.42 -47.80
CA ALA A 270 48.51 -5.85 -47.92
C ALA A 270 49.96 -6.10 -47.52
N GLY A 271 50.86 -5.18 -47.89
CA GLY A 271 52.23 -5.26 -47.40
C GLY A 271 52.36 -5.11 -45.90
N LEU A 272 51.60 -4.20 -45.30
CA LEU A 272 51.74 -3.99 -43.87
C LEU A 272 50.94 -5.01 -43.05
N ARG A 273 49.92 -5.63 -43.64
CA ARG A 273 49.31 -6.78 -43.00
C ARG A 273 50.24 -7.99 -43.08
N LEU A 274 50.95 -8.15 -44.21
CA LEU A 274 52.02 -9.14 -44.32
C LEU A 274 53.05 -8.96 -43.22
N PHE A 275 53.50 -7.73 -43.00
CA PHE A 275 54.51 -7.50 -41.98
C PHE A 275 53.94 -7.56 -40.56
N ALA A 276 52.68 -7.15 -40.35
CA ALA A 276 52.08 -7.20 -39.03
C ALA A 276 51.74 -8.61 -38.62
N LEU A 277 51.59 -9.50 -39.58
CA LEU A 277 51.51 -10.92 -39.34
C LEU A 277 52.88 -11.58 -39.24
N HIS A 278 53.88 -11.03 -39.93
CA HIS A 278 55.20 -11.63 -40.04
C HIS A 278 56.28 -10.68 -39.50
N ALA A 279 56.03 -10.07 -38.34
CA ALA A 279 57.03 -9.18 -37.78
C ALA A 279 58.16 -9.96 -37.13
N SER A 280 57.81 -11.02 -36.40
CA SER A 280 58.80 -11.88 -35.75
C SER A 280 59.31 -12.98 -36.65
N GLN A 281 59.03 -12.92 -37.95
CA GLN A 281 59.47 -13.97 -38.87
C GLN A 281 60.84 -13.64 -39.47
N PHE A 282 61.03 -12.41 -39.95
CA PHE A 282 62.27 -11.98 -40.61
C PHE A 282 62.69 -10.59 -40.11
N SER A 283 63.82 -10.52 -39.42
CA SER A 283 64.20 -9.29 -38.73
C SER A 283 65.67 -8.86 -38.90
N THR A 284 66.56 -9.76 -39.28
CA THR A 284 67.99 -9.45 -39.28
C THR A 284 68.33 -8.43 -40.37
N CYS A 285 67.79 -8.64 -41.57
CA CYS A 285 67.86 -7.61 -42.59
C CYS A 285 66.88 -6.47 -42.33
N LEU A 286 65.92 -6.65 -41.42
CA LEU A 286 65.02 -5.56 -41.07
C LEU A 286 65.70 -4.55 -40.17
N LEU A 287 66.80 -4.92 -39.51
CA LEU A 287 67.48 -3.96 -38.65
C LEU A 287 68.60 -3.21 -39.38
N ASP A 288 68.70 -3.33 -40.71
CA ASP A 288 69.66 -2.48 -41.42
C ASP A 288 68.99 -1.23 -41.98
N ASN A 289 67.70 -1.31 -42.28
CA ASN A 289 66.96 -0.10 -42.68
C ASN A 289 66.18 0.48 -41.51
N TYR A 290 66.88 0.81 -40.41
CA TYR A 290 66.21 1.29 -39.21
C TYR A 290 65.60 2.67 -39.41
N VAL A 291 66.41 3.65 -39.84
CA VAL A 291 65.93 5.01 -40.06
C VAL A 291 64.96 5.05 -41.24
N SER A 292 65.17 4.16 -42.23
CA SER A 292 64.32 4.15 -43.41
C SER A 292 62.94 3.59 -43.10
N LEU A 293 62.87 2.47 -42.38
CA LEU A 293 61.61 1.92 -41.93
C LEU A 293 60.88 2.90 -41.01
N PHE A 294 61.64 3.55 -40.12
CA PHE A 294 61.02 4.46 -39.15
C PHE A 294 60.39 5.67 -39.83
N GLU A 295 61.12 6.33 -40.72
CA GLU A 295 60.56 7.51 -41.36
C GLU A 295 59.54 7.17 -42.45
N VAL A 296 59.71 6.04 -43.16
CA VAL A 296 58.71 5.62 -44.13
C VAL A 296 57.38 5.30 -43.45
N LEU A 297 57.40 4.57 -42.33
CA LEU A 297 56.14 4.28 -41.66
C LEU A 297 55.64 5.49 -40.88
N LEU A 298 56.53 6.40 -40.47
CA LEU A 298 56.12 7.62 -39.79
C LEU A 298 55.42 8.57 -40.76
N LYS A 299 55.79 8.52 -42.03
CA LYS A 299 55.06 9.26 -43.05
C LYS A 299 53.87 8.47 -43.57
N TRP A 300 53.86 7.14 -43.41
CA TRP A 300 52.86 6.31 -44.09
C TRP A 300 51.68 5.94 -43.20
N CYS A 301 51.81 6.07 -41.87
CA CYS A 301 50.60 6.03 -41.04
C CYS A 301 49.90 7.38 -40.99
N ALA A 302 50.37 8.36 -41.79
CA ALA A 302 49.96 9.75 -41.65
C ALA A 302 48.99 10.21 -42.74
N HIS A 303 48.63 9.36 -43.69
CA HIS A 303 47.72 9.76 -44.77
C HIS A 303 46.27 9.54 -44.33
N THR A 304 45.35 9.67 -45.29
CA THR A 304 43.95 9.90 -44.91
C THR A 304 43.06 8.66 -45.00
N ASN A 305 43.61 7.48 -45.31
CA ASN A 305 42.77 6.28 -45.34
C ASN A 305 42.61 5.69 -43.93
N VAL A 306 42.16 4.44 -43.87
CA VAL A 306 41.84 3.82 -42.59
C VAL A 306 42.60 2.52 -42.30
N GLU A 307 42.37 1.48 -43.11
CA GLU A 307 42.86 0.14 -42.76
C GLU A 307 44.38 0.04 -42.91
N LEU A 308 44.93 0.80 -43.86
CA LEU A 308 46.39 0.87 -44.01
C LEU A 308 47.04 1.54 -42.81
N LYS A 309 46.34 2.52 -42.22
CA LYS A 309 46.82 3.13 -40.99
C LYS A 309 46.80 2.14 -39.83
N LYS A 310 45.73 1.34 -39.68
CA LYS A 310 45.69 0.35 -38.62
C LYS A 310 46.79 -0.70 -38.78
N ALA A 311 46.96 -1.20 -40.02
CA ALA A 311 47.93 -2.26 -40.27
C ALA A 311 49.36 -1.76 -40.11
N ALA A 312 49.62 -0.53 -40.58
CA ALA A 312 50.96 0.03 -40.47
C ALA A 312 51.31 0.39 -39.02
N LEU A 313 50.31 0.81 -38.25
CA LEU A 313 50.55 1.10 -36.84
C LEU A 313 50.84 -0.16 -36.03
N SER A 314 50.04 -1.21 -36.22
CA SER A 314 50.26 -2.46 -35.48
C SER A 314 51.58 -3.12 -35.89
N ALA A 315 51.91 -3.04 -37.18
CA ALA A 315 53.20 -3.55 -37.64
C ALA A 315 54.36 -2.74 -37.06
N LEU A 316 54.18 -1.41 -36.94
CA LEU A 316 55.21 -0.56 -36.36
C LEU A 316 55.47 -0.91 -34.90
N GLU A 317 54.39 -1.07 -34.12
CA GLU A 317 54.60 -1.39 -32.71
C GLU A 317 55.18 -2.79 -32.50
N SER A 318 54.80 -3.79 -33.32
CA SER A 318 55.35 -5.12 -33.10
C SER A 318 56.79 -5.21 -33.61
N PHE A 319 57.11 -4.44 -34.65
CA PHE A 319 58.49 -4.17 -35.03
C PHE A 319 59.31 -3.66 -33.85
N LEU A 320 58.79 -2.62 -33.17
CA LEU A 320 59.47 -2.07 -31.99
C LEU A 320 59.59 -3.10 -30.87
N LYS A 321 58.57 -3.96 -30.72
CA LYS A 321 58.60 -4.99 -29.68
C LYS A 321 59.71 -6.01 -29.95
N GLN A 322 59.84 -6.44 -31.19
CA GLN A 322 60.86 -7.43 -31.50
C GLN A 322 62.26 -6.84 -31.47
N VAL A 323 62.40 -5.55 -31.86
CA VAL A 323 63.70 -4.89 -31.74
C VAL A 323 64.08 -4.73 -30.27
N SER A 324 63.12 -4.33 -29.43
CA SER A 324 63.37 -4.21 -27.99
C SER A 324 63.73 -5.55 -27.37
N ASN A 325 63.12 -6.63 -27.86
CA ASN A 325 63.48 -7.96 -27.36
C ASN A 325 64.89 -8.34 -27.77
N MET A 326 65.27 -8.08 -29.02
CA MET A 326 66.60 -8.50 -29.46
C MET A 326 67.71 -7.60 -28.91
N VAL A 327 67.38 -6.40 -28.40
CA VAL A 327 68.31 -5.65 -27.57
C VAL A 327 68.27 -6.08 -26.09
N ALA A 328 67.10 -6.43 -25.56
CA ALA A 328 66.97 -6.88 -24.18
C ALA A 328 67.30 -8.35 -23.99
N LYS A 329 67.91 -8.98 -24.98
CA LYS A 329 68.63 -10.23 -24.75
C LYS A 329 69.80 -10.04 -23.77
N ASN A 330 70.58 -8.97 -23.95
CA ASN A 330 71.85 -8.81 -23.23
C ASN A 330 71.97 -7.37 -22.73
N ALA A 331 73.22 -6.96 -22.46
CA ALA A 331 73.51 -5.72 -21.75
C ALA A 331 74.10 -4.60 -22.61
N GLU A 332 75.24 -4.79 -23.26
CA GLU A 332 75.95 -3.70 -23.91
C GLU A 332 76.40 -4.00 -25.33
N MET A 333 75.79 -4.97 -26.01
CA MET A 333 76.29 -5.29 -27.34
C MET A 333 75.37 -4.81 -28.44
N HIS A 334 74.15 -4.41 -28.10
CA HIS A 334 73.26 -3.74 -29.04
C HIS A 334 73.14 -2.25 -28.74
N LYS A 335 74.29 -1.68 -28.37
CA LYS A 335 74.38 -0.26 -28.06
C LYS A 335 74.07 0.60 -29.28
N ASN A 336 74.31 0.06 -30.49
CA ASN A 336 73.92 0.73 -31.74
C ASN A 336 72.41 0.98 -31.79
N LYS A 337 71.63 -0.10 -31.64
CA LYS A 337 70.17 0.02 -31.68
C LYS A 337 69.65 0.87 -30.54
N LEU A 338 70.26 0.74 -29.35
CA LEU A 338 69.85 1.54 -28.20
C LEU A 338 70.09 3.03 -28.44
N GLN A 339 71.27 3.40 -28.96
CA GLN A 339 71.60 4.82 -29.10
C GLN A 339 70.78 5.45 -30.21
N TYR A 340 70.52 4.71 -31.30
CA TYR A 340 69.69 5.28 -32.35
C TYR A 340 68.25 5.43 -31.89
N PHE A 341 67.74 4.49 -31.09
CA PHE A 341 66.35 4.61 -30.68
C PHE A 341 66.19 5.71 -29.63
N MET A 342 67.24 5.96 -28.84
CA MET A 342 67.23 7.12 -27.94
C MET A 342 67.23 8.44 -28.71
N GLU A 343 68.12 8.57 -29.71
CA GLU A 343 68.21 9.83 -30.45
C GLU A 343 67.04 9.99 -31.43
N GLN A 344 66.34 8.90 -31.77
CA GLN A 344 65.16 9.01 -32.60
C GLN A 344 63.90 9.28 -31.80
N PHE A 345 63.88 8.92 -30.50
CA PHE A 345 62.73 9.27 -29.68
C PHE A 345 63.04 10.48 -28.80
N TYR A 346 64.16 11.13 -29.08
CA TYR A 346 64.27 12.57 -28.87
C TYR A 346 63.44 13.35 -29.89
N GLY A 347 63.02 12.69 -30.98
CA GLY A 347 62.51 13.41 -32.13
C GLY A 347 61.09 13.93 -31.96
N ILE A 348 60.16 13.07 -31.56
CA ILE A 348 58.73 13.41 -31.65
C ILE A 348 58.22 14.05 -30.36
N ILE A 349 58.94 13.88 -29.25
CA ILE A 349 58.41 14.28 -27.95
C ILE A 349 58.47 15.79 -27.77
N ARG A 350 59.30 16.45 -28.56
CA ARG A 350 59.49 17.90 -28.45
C ARG A 350 58.62 18.69 -29.43
N ASN A 351 57.93 18.02 -30.35
CA ASN A 351 57.33 18.68 -31.50
C ASN A 351 55.83 18.79 -31.35
N VAL A 352 55.19 19.31 -32.41
CA VAL A 352 53.80 19.75 -32.37
C VAL A 352 52.90 18.96 -33.31
N ASP A 353 53.43 18.04 -34.10
CA ASP A 353 52.60 17.15 -34.91
C ASP A 353 52.23 15.93 -34.06
N SER A 354 51.33 16.17 -33.10
CA SER A 354 50.99 15.11 -32.17
C SER A 354 50.10 14.07 -32.83
N ASN A 355 48.87 14.46 -33.21
CA ASN A 355 47.78 13.67 -33.77
C ASN A 355 47.33 12.55 -32.83
N ASN A 356 47.87 12.53 -31.61
CA ASN A 356 47.71 11.53 -30.55
C ASN A 356 48.01 10.10 -31.01
N LYS A 357 48.74 9.91 -32.12
CA LYS A 357 49.17 8.58 -32.52
C LYS A 357 50.68 8.46 -32.63
N GLU A 358 51.36 9.43 -33.24
CA GLU A 358 52.81 9.28 -33.35
C GLU A 358 53.49 9.70 -32.05
N LEU A 359 52.91 10.66 -31.34
CA LEU A 359 53.33 10.87 -29.97
C LEU A 359 52.92 9.70 -29.07
N SER A 360 51.82 9.02 -29.40
CA SER A 360 51.38 7.87 -28.61
C SER A 360 52.35 6.71 -28.73
N ILE A 361 52.82 6.43 -29.95
CA ILE A 361 53.78 5.36 -30.11
C ILE A 361 55.16 5.80 -29.63
N ALA A 362 55.48 7.10 -29.72
CA ALA A 362 56.79 7.55 -29.27
C ALA A 362 56.92 7.48 -27.76
N ILE A 363 55.88 7.93 -27.03
CA ILE A 363 55.89 7.86 -25.57
C ILE A 363 55.87 6.42 -25.11
N ARG A 364 55.13 5.56 -25.82
CA ARG A 364 55.05 4.13 -25.47
C ARG A 364 56.38 3.43 -25.63
N GLY A 365 57.02 3.57 -26.80
CA GLY A 365 58.31 2.94 -27.00
C GLY A 365 59.41 3.53 -26.14
N TYR A 366 59.40 4.86 -25.96
CA TYR A 366 60.52 5.49 -25.27
C TYR A 366 60.32 5.43 -23.75
N GLY A 367 59.12 5.03 -23.32
CA GLY A 367 58.97 4.61 -21.94
C GLY A 367 59.33 3.14 -21.77
N LEU A 368 59.11 2.34 -22.82
CA LEU A 368 59.45 0.92 -22.75
C LEU A 368 60.96 0.70 -22.72
N PHE A 369 61.71 1.62 -23.34
CA PHE A 369 63.17 1.45 -23.44
C PHE A 369 63.88 1.86 -22.16
N ALA A 370 63.65 1.09 -21.10
CA ALA A 370 64.23 1.36 -19.80
C ALA A 370 64.97 0.18 -19.20
N GLY A 371 64.61 -1.05 -19.59
CA GLY A 371 65.38 -2.23 -19.26
C GLY A 371 66.79 -2.19 -19.81
N PRO A 372 66.95 -2.04 -21.12
CA PRO A 372 68.30 -1.82 -21.69
C PRO A 372 68.94 -0.48 -21.35
N CYS A 373 68.28 0.40 -20.59
CA CYS A 373 68.78 1.74 -20.32
C CYS A 373 69.25 1.93 -18.87
N LYS A 374 68.74 1.12 -17.94
CA LYS A 374 68.73 1.47 -16.52
C LYS A 374 70.14 1.46 -15.91
N VAL A 375 70.99 0.56 -16.37
CA VAL A 375 72.31 0.41 -15.77
C VAL A 375 73.38 1.08 -16.66
N ILE A 376 73.02 1.41 -17.90
CA ILE A 376 73.99 1.97 -18.83
C ILE A 376 73.93 3.50 -18.80
N ASN A 377 72.76 4.07 -18.51
CA ASN A 377 72.69 5.53 -18.42
C ASN A 377 72.37 6.01 -17.00
N ALA A 378 71.21 5.60 -16.46
CA ALA A 378 70.69 5.98 -15.15
C ALA A 378 70.69 7.49 -14.87
N LYS A 379 70.58 8.33 -15.91
CA LYS A 379 70.56 9.78 -15.74
C LYS A 379 69.34 10.42 -16.38
N ASP A 380 69.00 10.00 -17.61
CA ASP A 380 67.78 10.40 -18.29
C ASP A 380 66.60 9.55 -17.88
N VAL A 381 66.82 8.59 -16.98
CA VAL A 381 65.78 7.65 -16.55
C VAL A 381 64.76 8.37 -15.68
N ASP A 382 65.21 9.18 -14.73
CA ASP A 382 64.29 10.00 -13.96
C ASP A 382 63.74 11.16 -14.77
N PHE A 383 64.42 11.56 -15.85
CA PHE A 383 63.89 12.56 -16.76
C PHE A 383 62.68 12.02 -17.50
N MET A 384 62.74 10.76 -17.92
CA MET A 384 61.57 10.00 -18.29
C MET A 384 60.64 9.90 -17.09
N TYR A 385 59.36 10.14 -17.32
CA TYR A 385 58.36 10.46 -16.28
C TYR A 385 58.78 11.67 -15.44
N VAL A 386 59.10 12.77 -16.12
CA VAL A 386 58.75 14.11 -15.71
C VAL A 386 57.98 14.84 -16.80
N GLU A 387 58.48 14.78 -18.03
CA GLU A 387 57.89 15.47 -19.16
C GLU A 387 56.55 14.88 -19.56
N LEU A 388 56.30 13.62 -19.23
CA LEU A 388 55.17 12.88 -19.78
C LEU A 388 53.85 13.44 -19.25
N ILE A 389 53.65 13.36 -17.93
CA ILE A 389 52.41 13.92 -17.40
C ILE A 389 52.45 15.44 -17.29
N GLN A 390 53.63 16.07 -17.44
CA GLN A 390 53.69 17.51 -17.67
C GLN A 390 52.99 17.88 -18.96
N ARG A 391 53.27 17.14 -20.03
CA ARG A 391 52.56 17.33 -21.29
C ARG A 391 51.09 16.99 -21.16
N CYS A 392 50.76 15.96 -20.37
CA CYS A 392 49.35 15.67 -20.11
C CYS A 392 48.63 16.81 -19.40
N LYS A 393 49.28 17.48 -18.45
CA LYS A 393 48.73 18.68 -17.83
C LYS A 393 48.45 19.78 -18.83
N GLN A 394 49.34 19.99 -19.79
CA GLN A 394 49.26 21.11 -20.71
C GLN A 394 48.32 20.88 -21.88
N MET A 395 48.10 19.63 -22.27
CA MET A 395 47.31 19.37 -23.47
C MET A 395 45.83 19.09 -23.21
N PHE A 396 45.42 18.58 -22.04
CA PHE A 396 44.00 18.31 -21.89
C PHE A 396 43.45 18.56 -20.48
N LEU A 397 44.25 19.08 -19.56
CA LEU A 397 43.67 19.38 -18.26
C LEU A 397 42.95 20.72 -18.22
N THR A 398 43.66 21.83 -18.45
CA THR A 398 42.99 23.13 -18.47
C THR A 398 42.42 23.47 -19.85
N GLN A 399 43.05 22.98 -20.92
CA GLN A 399 42.53 23.13 -22.29
C GLN A 399 41.49 22.05 -22.52
N THR A 400 40.24 22.37 -22.14
CA THR A 400 39.14 21.40 -22.17
C THR A 400 38.68 21.20 -23.61
N ASP A 401 38.92 19.99 -24.12
CA ASP A 401 38.46 19.59 -25.45
C ASP A 401 37.61 18.34 -25.40
N THR A 402 37.20 17.91 -24.21
CA THR A 402 36.31 16.77 -24.05
C THR A 402 34.88 17.14 -24.41
N GLY A 403 34.20 16.22 -25.07
CA GLY A 403 33.00 16.51 -25.82
C GLY A 403 33.20 16.47 -27.32
N ASP A 404 34.37 16.02 -27.77
CA ASP A 404 34.70 15.84 -29.18
C ASP A 404 35.50 14.54 -29.28
N ASP A 405 36.26 14.39 -30.37
CA ASP A 405 37.08 13.21 -30.65
C ASP A 405 38.52 13.45 -30.18
N ARG A 406 38.73 13.48 -28.85
CA ARG A 406 40.09 13.47 -28.30
C ARG A 406 40.20 12.67 -27.00
N VAL A 407 39.40 11.63 -26.82
CA VAL A 407 39.30 10.94 -25.54
C VAL A 407 39.95 9.57 -25.65
N TYR A 408 40.05 9.07 -26.88
CA TYR A 408 40.08 7.64 -27.15
C TYR A 408 41.48 7.05 -27.08
N GLN A 409 42.37 7.64 -26.27
CA GLN A 409 43.79 7.31 -26.24
C GLN A 409 44.35 7.12 -24.84
N MET A 410 43.66 7.61 -23.81
CA MET A 410 44.18 7.56 -22.44
C MET A 410 44.36 6.16 -21.84
N PRO A 411 43.64 5.10 -22.24
CA PRO A 411 44.08 3.74 -21.83
C PRO A 411 45.49 3.35 -22.24
N SER A 412 45.83 3.50 -23.52
CA SER A 412 47.19 3.21 -23.96
C SER A 412 48.18 4.20 -23.39
N PHE A 413 47.75 5.44 -23.14
CA PHE A 413 48.62 6.43 -22.49
C PHE A 413 48.98 6.01 -21.07
N LEU A 414 47.98 5.58 -20.30
CA LEU A 414 48.23 5.11 -18.94
C LEU A 414 49.06 3.83 -18.93
N GLN A 415 48.83 2.92 -19.88
CA GLN A 415 49.62 1.70 -19.90
C GLN A 415 51.07 1.98 -20.30
N SER A 416 51.30 3.01 -21.12
CA SER A 416 52.67 3.39 -21.45
C SER A 416 53.38 4.02 -20.25
N VAL A 417 52.69 4.89 -19.52
CA VAL A 417 53.37 5.50 -18.37
C VAL A 417 53.52 4.48 -17.24
N ALA A 418 52.64 3.49 -17.15
CA ALA A 418 52.86 2.42 -16.18
C ALA A 418 54.00 1.52 -16.62
N SER A 419 54.18 1.36 -17.93
CA SER A 419 55.25 0.55 -18.48
C SER A 419 56.62 1.22 -18.29
N VAL A 420 56.66 2.54 -18.19
CA VAL A 420 57.90 3.16 -17.73
C VAL A 420 57.93 3.22 -16.20
N LEU A 421 56.80 3.04 -15.54
CA LEU A 421 56.72 3.32 -14.12
C LEU A 421 57.02 2.12 -13.21
N LEU A 422 56.88 0.88 -13.71
CA LEU A 422 57.00 -0.29 -12.83
C LEU A 422 58.34 -0.41 -12.12
N TYR A 423 59.42 -0.64 -12.87
CA TYR A 423 60.75 -0.84 -12.29
C TYR A 423 61.53 0.47 -12.36
N LEU A 424 61.13 1.39 -11.49
CA LEU A 424 61.65 2.74 -11.46
C LEU A 424 61.99 3.11 -10.02
N ASP A 425 62.57 4.29 -9.84
CA ASP A 425 62.73 4.85 -8.49
C ASP A 425 61.64 5.85 -8.18
N THR A 426 61.76 6.54 -7.05
CA THR A 426 60.68 7.36 -6.53
C THR A 426 60.54 8.66 -7.33
N VAL A 427 59.35 9.25 -7.23
CA VAL A 427 59.08 10.61 -7.69
C VAL A 427 58.68 11.42 -6.46
N PRO A 428 59.58 12.29 -5.96
CA PRO A 428 59.50 12.75 -4.56
C PRO A 428 58.26 13.49 -4.10
N GLU A 429 57.94 14.67 -4.64
CA GLU A 429 56.81 15.42 -4.06
C GLU A 429 55.87 16.09 -5.05
N VAL A 430 56.29 16.43 -6.27
CA VAL A 430 55.53 17.39 -7.07
C VAL A 430 54.43 16.77 -7.94
N TYR A 431 54.78 15.93 -8.91
CA TYR A 431 53.84 15.48 -9.91
C TYR A 431 52.96 14.33 -9.45
N THR A 432 53.05 13.89 -8.21
CA THR A 432 52.29 12.71 -7.81
C THR A 432 50.80 12.97 -7.50
N PRO A 433 50.36 14.07 -6.86
CA PRO A 433 48.90 14.29 -6.83
C PRO A 433 48.35 14.71 -8.19
N VAL A 434 49.22 15.25 -9.04
CA VAL A 434 48.85 15.47 -10.44
C VAL A 434 48.66 14.13 -11.16
N LEU A 435 49.49 13.14 -10.80
CA LEU A 435 49.37 11.82 -11.39
C LEU A 435 48.10 11.12 -10.96
N GLU A 436 47.82 11.12 -9.66
CA GLU A 436 46.59 10.54 -9.14
C GLU A 436 45.37 11.27 -9.70
N HIS A 437 45.52 12.59 -9.89
CA HIS A 437 44.48 13.40 -10.50
CA HIS A 437 44.48 13.40 -10.50
C HIS A 437 44.16 12.89 -11.90
N LEU A 438 45.17 12.76 -12.77
CA LEU A 438 44.91 12.34 -14.14
C LEU A 438 44.48 10.88 -14.27
N VAL A 439 44.89 10.01 -13.35
CA VAL A 439 44.35 8.64 -13.36
C VAL A 439 42.86 8.64 -13.01
N VAL A 440 42.42 9.46 -12.06
CA VAL A 440 40.98 9.47 -11.78
C VAL A 440 40.23 10.22 -12.88
N MET A 441 40.90 11.11 -13.63
CA MET A 441 40.24 11.67 -14.82
C MET A 441 39.99 10.61 -15.88
N GLN A 442 40.96 9.70 -16.09
CA GLN A 442 40.73 8.60 -17.02
C GLN A 442 39.63 7.67 -16.50
N ILE A 443 39.52 7.53 -15.18
CA ILE A 443 38.40 6.78 -14.62
C ILE A 443 37.09 7.47 -14.95
N ASP A 444 37.02 8.78 -14.75
CA ASP A 444 35.75 9.49 -14.77
C ASP A 444 35.22 9.69 -16.19
N SER A 445 36.11 9.87 -17.16
CA SER A 445 35.64 9.99 -18.54
C SER A 445 35.40 8.64 -19.20
N PHE A 446 34.73 7.73 -18.48
CA PHE A 446 34.38 6.39 -18.93
C PHE A 446 33.15 6.22 -19.84
N PRO A 447 31.92 6.63 -19.46
CA PRO A 447 30.74 5.99 -20.10
C PRO A 447 30.44 6.46 -21.52
N GLN A 448 31.32 7.26 -22.13
CA GLN A 448 31.19 7.75 -23.49
C GLN A 448 31.72 6.76 -24.53
N TYR A 449 32.05 5.54 -24.11
CA TYR A 449 32.88 4.61 -24.88
C TYR A 449 32.03 3.72 -25.80
N SER A 450 32.67 2.70 -26.34
CA SER A 450 32.08 1.57 -27.03
C SER A 450 32.26 0.35 -26.15
N PRO A 451 31.43 -0.67 -26.30
CA PRO A 451 31.65 -1.92 -25.55
C PRO A 451 32.96 -2.60 -25.95
N LYS A 452 33.53 -3.34 -24.98
CA LYS A 452 34.77 -4.11 -25.14
C LYS A 452 35.99 -3.24 -25.45
N MET A 453 36.23 -2.25 -24.59
CA MET A 453 37.54 -1.64 -24.43
C MET A 453 37.84 -1.42 -22.96
N GLN A 454 36.85 -1.67 -22.10
CA GLN A 454 36.97 -1.54 -20.66
C GLN A 454 37.99 -2.50 -20.10
N LEU A 455 38.18 -3.63 -20.77
CA LEU A 455 39.21 -4.59 -20.39
C LEU A 455 40.62 -4.08 -20.66
N VAL A 456 40.77 -3.00 -21.41
CA VAL A 456 42.05 -2.32 -21.55
C VAL A 456 42.14 -1.11 -20.62
N CYS A 457 40.99 -0.45 -20.38
CA CYS A 457 40.96 0.65 -19.42
C CYS A 457 41.25 0.18 -17.99
N CYS A 458 40.54 -0.85 -17.53
CA CYS A 458 40.81 -1.38 -16.19
C CYS A 458 42.17 -2.07 -16.13
N ARG A 459 42.66 -2.60 -17.26
CA ARG A 459 44.05 -3.07 -17.32
C ARG A 459 45.03 -1.94 -17.08
N ALA A 460 44.73 -0.76 -17.63
CA ALA A 460 45.58 0.42 -17.38
C ALA A 460 45.53 0.83 -15.93
N ILE A 461 44.36 0.71 -15.30
CA ILE A 461 44.24 1.08 -13.90
C ILE A 461 44.98 0.10 -12.99
N VAL A 462 44.88 -1.21 -13.28
CA VAL A 462 45.61 -2.16 -12.43
C VAL A 462 47.10 -2.11 -12.73
N LYS A 463 47.49 -1.69 -13.94
CA LYS A 463 48.90 -1.52 -14.24
C LYS A 463 49.49 -0.34 -13.48
N VAL A 464 48.79 0.78 -13.43
CA VAL A 464 49.31 1.95 -12.72
C VAL A 464 49.22 1.71 -11.21
N PHE A 465 48.27 0.89 -10.77
CA PHE A 465 48.21 0.57 -9.35
C PHE A 465 49.34 -0.36 -8.94
N LEU A 466 49.71 -1.31 -9.82
CA LEU A 466 50.90 -2.11 -9.57
C LEU A 466 52.16 -1.27 -9.61
N ALA A 467 52.18 -0.23 -10.45
CA ALA A 467 53.35 0.63 -10.52
C ALA A 467 53.45 1.52 -9.29
N LEU A 468 52.33 1.86 -8.68
CA LEU A 468 52.37 2.74 -7.51
C LEU A 468 52.56 1.95 -6.21
N ALA A 469 52.04 0.72 -6.15
CA ALA A 469 52.11 -0.06 -4.92
C ALA A 469 53.51 -0.56 -4.61
N ALA A 470 54.35 -0.75 -5.62
CA ALA A 470 55.69 -1.28 -5.46
C ALA A 470 56.70 -0.23 -5.01
N LYS A 471 56.26 1.01 -4.77
CA LYS A 471 57.14 2.17 -4.68
C LYS A 471 57.03 2.82 -3.31
N GLY A 472 57.06 2.01 -2.27
CA GLY A 472 57.17 2.51 -0.93
C GLY A 472 55.90 2.36 -0.13
N PRO A 473 56.04 2.17 1.17
CA PRO A 473 54.86 2.18 2.04
C PRO A 473 54.25 3.58 2.14
N VAL A 474 55.08 4.60 1.94
CA VAL A 474 54.59 5.98 1.97
C VAL A 474 53.70 6.26 0.76
N LEU A 475 53.98 5.61 -0.37
CA LEU A 475 53.26 5.94 -1.59
C LEU A 475 52.03 5.03 -1.74
N ARG A 476 51.92 3.99 -0.91
CA ARG A 476 50.71 3.18 -0.86
C ARG A 476 49.51 3.95 -0.30
N ASN A 477 49.77 5.02 0.46
CA ASN A 477 48.70 5.94 0.86
C ASN A 477 48.03 6.57 -0.35
N CYS A 478 48.79 6.81 -1.41
CA CYS A 478 48.30 7.58 -2.55
C CYS A 478 47.23 6.84 -3.34
N ILE A 479 47.29 5.50 -3.38
CA ILE A 479 46.27 4.70 -4.05
C ILE A 479 44.91 4.86 -3.35
N SER A 480 44.94 5.02 -2.03
CA SER A 480 43.71 5.26 -1.28
C SER A 480 43.07 6.58 -1.68
N THR A 481 43.90 7.60 -1.91
CA THR A 481 43.39 8.86 -2.42
C THR A 481 42.85 8.71 -3.83
N VAL A 482 43.47 7.86 -4.65
CA VAL A 482 42.96 7.58 -6.01
C VAL A 482 41.54 7.04 -5.95
N VAL A 483 41.35 5.97 -5.18
CA VAL A 483 40.04 5.30 -5.17
C VAL A 483 39.00 6.15 -4.43
N HIS A 484 39.45 6.98 -3.47
CA HIS A 484 38.51 7.81 -2.74
C HIS A 484 38.03 8.98 -3.59
N GLN A 485 38.95 9.62 -4.31
CA GLN A 485 38.56 10.67 -5.25
C GLN A 485 37.71 10.11 -6.38
N GLY A 486 37.97 8.87 -6.78
CA GLY A 486 37.11 8.23 -7.77
C GLY A 486 35.70 8.03 -7.25
N LEU A 487 35.55 7.59 -6.00
CA LEU A 487 34.22 7.39 -5.44
C LEU A 487 33.49 8.72 -5.25
N ILE A 488 34.19 9.76 -4.79
CA ILE A 488 33.51 11.04 -4.60
C ILE A 488 33.27 11.75 -5.93
N ARG A 489 33.96 11.32 -6.99
CA ARG A 489 33.60 11.77 -8.33
C ARG A 489 32.36 11.03 -8.84
N ILE A 490 32.27 9.73 -8.59
CA ILE A 490 31.17 8.97 -9.18
C ILE A 490 29.87 9.13 -8.42
N CYS A 491 29.86 9.73 -7.23
CA CYS A 491 28.58 9.92 -6.57
C CYS A 491 27.86 11.21 -6.97
N SER A 492 28.31 11.90 -8.02
CA SER A 492 27.84 13.24 -8.33
C SER A 492 26.79 13.27 -9.44
N LYS A 493 25.88 12.29 -9.43
CA LYS A 493 25.12 11.96 -10.62
C LYS A 493 23.62 12.13 -10.40
N PRO A 494 22.80 12.19 -11.46
CA PRO A 494 21.36 12.33 -11.28
C PRO A 494 20.70 11.11 -10.66
N VAL A 495 19.50 11.32 -10.15
CA VAL A 495 18.67 10.27 -9.58
C VAL A 495 17.65 9.81 -10.62
N VAL A 496 17.58 8.49 -10.83
CA VAL A 496 16.67 7.85 -11.77
C VAL A 496 15.21 8.12 -11.41
N TRP A 519 27.42 11.12 -25.32
CA TRP A 519 26.76 12.43 -25.20
C TRP A 519 25.69 12.46 -24.11
N LYS A 520 25.28 11.29 -23.63
CA LYS A 520 24.22 11.22 -22.64
C LYS A 520 24.78 11.37 -21.22
N VAL A 521 23.97 11.00 -20.25
CA VAL A 521 24.26 11.22 -18.84
C VAL A 521 24.56 9.88 -18.16
N PRO A 522 25.42 9.85 -17.13
CA PRO A 522 25.68 8.59 -16.42
C PRO A 522 24.89 8.45 -15.12
N THR A 523 24.97 7.27 -14.51
CA THR A 523 24.67 7.08 -13.10
C THR A 523 25.57 6.00 -12.52
N TYR A 524 25.23 5.48 -11.34
CA TYR A 524 26.08 4.51 -10.67
C TYR A 524 26.02 3.12 -11.32
N LYS A 525 25.07 2.90 -12.23
CA LYS A 525 24.90 1.62 -12.93
C LYS A 525 26.03 1.34 -13.93
N ASP A 526 26.93 2.28 -14.21
CA ASP A 526 27.84 2.13 -15.34
C ASP A 526 29.22 1.60 -14.95
N TYR A 527 29.76 2.05 -13.82
CA TYR A 527 31.09 1.65 -13.37
C TYR A 527 31.10 0.34 -12.61
N VAL A 528 29.97 -0.37 -12.60
CA VAL A 528 29.87 -1.62 -11.87
C VAL A 528 30.74 -2.68 -12.51
N ASP A 529 30.89 -2.66 -13.84
CA ASP A 529 31.77 -3.61 -14.51
C ASP A 529 33.22 -3.27 -14.28
N LEU A 530 33.55 -1.99 -14.16
CA LEU A 530 34.91 -1.59 -13.82
C LEU A 530 35.27 -2.06 -12.42
N PHE A 531 34.36 -1.89 -11.47
CA PHE A 531 34.64 -2.34 -10.11
C PHE A 531 34.62 -3.85 -9.99
N ARG A 532 33.85 -4.55 -10.84
CA ARG A 532 33.87 -6.01 -10.85
C ARG A 532 35.15 -6.54 -11.51
N HIS A 533 35.60 -5.89 -12.57
CA HIS A 533 36.85 -6.27 -13.21
C HIS A 533 38.07 -5.85 -12.39
N LEU A 534 37.92 -4.92 -11.46
CA LEU A 534 38.97 -4.72 -10.47
C LEU A 534 38.93 -5.82 -9.43
N LEU A 535 37.78 -6.01 -8.76
CA LEU A 535 37.77 -6.79 -7.54
C LEU A 535 37.51 -8.27 -7.79
N SER A 536 37.40 -8.72 -9.04
CA SER A 536 37.18 -10.12 -9.30
C SER A 536 37.99 -10.63 -10.51
N SER A 537 38.90 -9.81 -11.04
CA SER A 537 39.59 -10.13 -12.29
C SER A 537 41.07 -9.78 -12.20
N ASP A 538 41.77 -10.34 -11.23
CA ASP A 538 43.20 -10.10 -11.08
C ASP A 538 44.08 -11.22 -11.63
N GLN A 539 43.63 -12.48 -11.54
CA GLN A 539 44.45 -13.64 -11.91
C GLN A 539 44.72 -13.74 -13.41
N MET A 540 44.09 -12.87 -14.21
CA MET A 540 44.42 -12.64 -15.61
C MET A 540 45.29 -11.41 -15.82
N MET A 541 45.65 -10.71 -14.74
CA MET A 541 46.37 -9.45 -14.88
C MET A 541 47.65 -9.43 -14.07
N ASP A 542 47.94 -10.52 -13.33
CA ASP A 542 49.22 -10.58 -12.64
C ASP A 542 50.12 -11.72 -13.12
N SER A 543 49.56 -12.70 -13.83
CA SER A 543 50.39 -13.76 -14.40
C SER A 543 51.07 -13.34 -15.69
N ILE A 544 50.81 -12.14 -16.18
CA ILE A 544 51.55 -11.60 -17.32
C ILE A 544 52.40 -10.40 -16.95
N LEU A 545 52.09 -9.70 -15.86
CA LEU A 545 52.90 -8.60 -15.37
C LEU A 545 53.96 -9.13 -14.40
N ALA A 546 54.99 -9.74 -15.01
CA ALA A 546 56.00 -10.57 -14.35
C ALA A 546 55.35 -11.64 -13.48
N GLU A 558 46.01 -11.80 -6.19
CA GLU A 558 45.34 -12.21 -4.96
C GLU A 558 45.61 -11.21 -3.85
N SER A 559 46.86 -10.74 -3.78
CA SER A 559 47.27 -9.75 -2.80
C SER A 559 47.12 -8.32 -3.30
N LEU A 560 46.22 -8.10 -4.24
CA LEU A 560 45.94 -6.78 -4.81
C LEU A 560 44.52 -6.34 -4.53
N ASN A 561 43.53 -7.23 -4.72
CA ASN A 561 42.15 -6.88 -4.41
C ASN A 561 41.88 -6.95 -2.92
N HIS A 562 42.77 -7.61 -2.17
CA HIS A 562 42.80 -7.46 -0.72
C HIS A 562 42.97 -5.99 -0.32
N LEU A 563 44.00 -5.36 -0.89
CA LEU A 563 44.24 -3.94 -0.65
C LEU A 563 43.13 -3.09 -1.24
N LEU A 564 42.67 -3.42 -2.46
CA LEU A 564 41.60 -2.64 -3.08
C LEU A 564 40.28 -2.75 -2.31
N TYR A 565 40.05 -3.89 -1.67
CA TYR A 565 38.88 -4.10 -0.83
C TYR A 565 38.95 -3.27 0.45
N ASP A 566 40.12 -3.28 1.10
CA ASP A 566 40.32 -2.42 2.26
C ASP A 566 40.18 -0.95 1.91
N GLU A 567 40.68 -0.57 0.73
CA GLU A 567 40.51 0.80 0.24
C GLU A 567 39.05 1.13 -0.04
N PHE A 568 38.28 0.16 -0.55
CA PHE A 568 36.88 0.41 -0.82
C PHE A 568 36.08 0.57 0.47
N VAL A 569 36.37 -0.28 1.45
CA VAL A 569 35.65 -0.21 2.73
C VAL A 569 36.04 1.07 3.49
N LYS A 570 37.33 1.44 3.44
CA LYS A 570 37.77 2.68 4.05
C LYS A 570 37.18 3.88 3.36
N SER A 571 37.01 3.83 2.04
CA SER A 571 36.45 4.97 1.32
C SER A 571 34.98 5.13 1.64
N VAL A 572 34.24 4.03 1.61
CA VAL A 572 32.81 4.09 1.91
C VAL A 572 32.59 4.53 3.35
N LEU A 573 33.43 4.06 4.28
CA LEU A 573 33.31 4.49 5.67
C LEU A 573 33.65 5.97 5.85
N LYS A 574 34.72 6.47 5.22
CA LYS A 574 35.10 7.87 5.38
C LYS A 574 34.15 8.79 4.62
N ILE A 575 33.36 8.23 3.71
CA ILE A 575 32.32 9.01 3.05
C ILE A 575 31.05 9.02 3.92
N VAL A 576 30.76 7.91 4.61
CA VAL A 576 29.68 7.88 5.61
C VAL A 576 29.95 8.90 6.71
N GLU A 577 31.22 9.05 7.12
CA GLU A 577 31.52 9.97 8.22
C GLU A 577 31.41 11.44 7.80
N LYS A 578 31.24 11.73 6.51
CA LYS A 578 31.24 13.13 6.08
C LYS A 578 29.85 13.69 5.91
N LEU A 579 28.96 12.96 5.23
CA LEU A 579 27.73 13.54 4.70
C LEU A 579 26.74 13.87 5.80
N ASP A 580 26.46 15.16 5.95
CA ASP A 580 25.70 15.70 7.09
C ASP A 580 24.22 15.64 6.74
N LEU A 581 23.67 14.45 6.82
CA LEU A 581 22.34 14.16 6.27
C LEU A 581 21.23 14.44 7.26
N THR A 582 21.18 15.65 7.80
CA THR A 582 20.03 16.09 8.56
C THR A 582 19.10 16.80 7.59
N LEU A 583 17.92 16.24 7.38
CA LEU A 583 16.97 16.75 6.41
C LEU A 583 16.29 17.98 7.00
N GLU A 584 16.33 19.08 6.26
CA GLU A 584 15.74 20.33 6.73
C GLU A 584 14.22 20.26 6.68
N ILE A 585 13.58 20.90 7.64
CA ILE A 585 12.12 20.88 7.75
C ILE A 585 11.52 21.95 6.83
N GLN A 586 10.68 21.51 5.91
CA GLN A 586 9.85 22.43 5.17
C GLN A 586 8.42 21.95 5.34
N ALA A 609 8.00 12.80 8.83
CA ALA A 609 8.27 13.18 7.46
C ALA A 609 7.18 14.07 6.92
N ALA A 610 7.19 15.33 7.34
CA ALA A 610 6.18 16.27 6.86
C ALA A 610 6.47 16.70 5.43
N ASN A 611 7.49 17.54 5.26
CA ASN A 611 7.96 17.92 3.93
C ASN A 611 9.48 17.98 3.94
N LEU A 612 10.11 16.97 4.53
CA LEU A 612 11.55 17.00 4.76
C LEU A 612 12.33 16.87 3.46
N HIS A 613 13.20 17.85 3.23
CA HIS A 613 14.11 17.88 2.10
C HIS A 613 15.48 18.16 2.68
N PRO A 614 16.54 17.54 2.15
CA PRO A 614 17.86 17.66 2.78
C PRO A 614 18.49 19.02 2.54
N ALA A 615 19.27 19.47 3.53
CA ALA A 615 19.92 20.77 3.47
C ALA A 615 20.92 20.82 2.32
N LYS A 616 21.80 19.82 2.25
CA LYS A 616 22.59 19.56 1.05
C LYS A 616 21.90 18.42 0.32
N PRO A 617 21.07 18.71 -0.68
CA PRO A 617 20.41 17.61 -1.41
C PRO A 617 21.38 16.89 -2.31
N LYS A 618 22.51 17.54 -2.60
CA LYS A 618 23.62 16.89 -3.27
C LYS A 618 24.22 15.80 -2.39
N ASP A 619 24.13 15.95 -1.07
CA ASP A 619 24.63 14.91 -0.15
C ASP A 619 23.77 13.66 -0.21
N PHE A 620 22.44 13.83 -0.28
CA PHE A 620 21.54 12.70 -0.17
C PHE A 620 21.55 11.82 -1.42
N SER A 621 21.61 12.45 -2.60
CA SER A 621 21.68 11.68 -3.83
C SER A 621 23.00 10.94 -3.93
N ALA A 622 24.08 11.56 -3.46
CA ALA A 622 25.38 10.89 -3.40
C ALA A 622 25.35 9.72 -2.43
N PHE A 623 24.64 9.89 -1.31
CA PHE A 623 24.50 8.83 -0.31
C PHE A 623 23.75 7.63 -0.89
N ILE A 624 22.64 7.89 -1.57
CA ILE A 624 21.82 6.78 -2.04
C ILE A 624 22.47 6.14 -3.26
N ASN A 625 23.27 6.91 -4.01
CA ASN A 625 24.09 6.31 -5.05
C ASN A 625 25.16 5.40 -4.46
N LEU A 626 25.73 5.82 -3.32
CA LEU A 626 26.69 4.99 -2.59
C LEU A 626 26.07 3.69 -2.13
N VAL A 627 24.90 3.75 -1.49
CA VAL A 627 24.34 2.55 -0.87
C VAL A 627 23.79 1.61 -1.95
N GLU A 628 23.20 2.17 -3.01
CA GLU A 628 22.68 1.34 -4.11
C GLU A 628 23.82 0.75 -4.92
N PHE A 629 24.99 1.40 -4.92
CA PHE A 629 26.15 0.80 -5.57
C PHE A 629 26.75 -0.31 -4.72
N CYS A 630 26.86 -0.06 -3.41
CA CYS A 630 27.44 -1.03 -2.49
C CYS A 630 26.61 -2.30 -2.43
N ARG A 631 25.29 -2.17 -2.68
CA ARG A 631 24.39 -3.29 -2.92
C ARG A 631 24.95 -4.33 -3.88
N GLU A 632 25.17 -3.93 -5.14
CA GLU A 632 25.66 -4.88 -6.13
C GLU A 632 27.14 -5.15 -6.01
N ILE A 633 27.93 -4.23 -5.45
CA ILE A 633 29.36 -4.42 -5.62
C ILE A 633 29.99 -5.13 -4.41
N LEU A 634 29.34 -5.11 -3.24
CA LEU A 634 30.03 -5.64 -2.07
C LEU A 634 30.18 -7.17 -2.01
N PRO A 635 29.13 -8.00 -2.07
CA PRO A 635 29.29 -9.40 -1.61
C PRO A 635 30.09 -10.30 -2.53
N GLU A 636 30.47 -9.83 -3.72
CA GLU A 636 31.27 -10.64 -4.63
C GLU A 636 32.73 -10.62 -4.21
N LYS A 637 33.35 -11.81 -4.18
CA LYS A 637 34.64 -12.10 -3.55
C LYS A 637 34.69 -11.52 -2.15
N GLN A 638 33.73 -11.88 -1.32
CA GLN A 638 33.73 -11.49 0.08
C GLN A 638 33.85 -12.78 0.89
N ALA A 639 35.08 -13.28 1.01
CA ALA A 639 35.34 -14.52 1.73
C ALA A 639 36.26 -14.30 2.92
N GLU A 640 37.46 -13.78 2.72
CA GLU A 640 38.35 -13.54 3.85
C GLU A 640 38.85 -12.10 3.92
N PHE A 641 38.25 -11.18 3.17
CA PHE A 641 38.70 -9.80 3.22
C PHE A 641 37.67 -8.90 3.91
N PHE A 642 36.38 -9.16 3.71
CA PHE A 642 35.37 -8.40 4.44
C PHE A 642 35.24 -8.82 5.88
N GLU A 643 35.41 -10.11 6.17
CA GLU A 643 35.18 -10.62 7.52
C GLU A 643 36.04 -10.08 8.67
N PRO A 644 37.30 -9.63 8.51
CA PRO A 644 37.96 -9.08 9.71
C PRO A 644 37.53 -7.68 10.07
N TRP A 645 36.65 -7.07 9.28
CA TRP A 645 36.21 -5.71 9.55
C TRP A 645 34.72 -5.57 9.70
N VAL A 646 33.98 -6.64 9.99
CA VAL A 646 32.54 -6.50 10.16
C VAL A 646 32.24 -5.77 11.47
N TYR A 647 33.12 -5.92 12.46
CA TYR A 647 32.90 -5.26 13.74
C TYR A 647 33.01 -3.75 13.60
N SER A 648 34.08 -3.27 12.95
CA SER A 648 34.30 -1.83 12.85
C SER A 648 33.28 -1.17 11.92
N PHE A 649 33.05 -1.78 10.75
CA PHE A 649 32.10 -1.25 9.78
C PHE A 649 30.68 -1.25 10.34
N SER A 650 30.27 -2.38 10.92
CA SER A 650 28.94 -2.51 11.49
C SER A 650 28.77 -1.59 12.69
N TYR A 651 29.83 -1.42 13.49
CA TYR A 651 29.80 -0.53 14.64
C TYR A 651 29.58 0.91 14.21
N GLU A 652 30.30 1.35 13.18
CA GLU A 652 30.15 2.72 12.73
C GLU A 652 28.80 2.95 12.09
N LEU A 653 28.26 1.92 11.44
CA LEU A 653 26.95 2.11 10.81
C LEU A 653 25.84 2.11 11.84
N ILE A 654 25.98 1.33 12.91
CA ILE A 654 25.03 1.39 14.01
C ILE A 654 25.12 2.73 14.72
N LEU A 655 26.35 3.24 14.87
CA LEU A 655 26.58 4.51 15.54
C LEU A 655 25.97 5.66 14.75
N GLN A 656 26.06 5.61 13.44
CA GLN A 656 25.46 6.68 12.65
C GLN A 656 23.95 6.50 12.56
N SER A 657 23.47 5.26 12.57
CA SER A 657 22.05 5.01 12.47
C SER A 657 21.32 5.38 13.74
N THR A 658 22.02 5.33 14.88
CA THR A 658 21.47 5.81 16.13
C THR A 658 21.11 7.30 16.04
N ARG A 659 21.99 8.08 15.45
CA ARG A 659 21.71 9.51 15.31
C ARG A 659 20.85 9.82 14.09
N LEU A 660 20.79 8.92 13.12
CA LEU A 660 19.97 9.11 11.92
C LEU A 660 19.07 7.89 11.75
N PRO A 661 17.93 7.86 12.45
CA PRO A 661 17.01 6.72 12.29
C PRO A 661 16.28 6.72 10.96
N LEU A 662 15.70 7.87 10.60
CA LEU A 662 14.74 7.94 9.49
C LEU A 662 15.43 8.36 8.19
N ILE A 663 16.29 7.47 7.72
CA ILE A 663 17.10 7.73 6.53
C ILE A 663 16.86 6.63 5.50
N SER A 664 16.48 5.44 5.98
CA SER A 664 16.25 4.21 5.20
C SER A 664 17.40 3.85 4.26
N GLY A 665 18.63 4.20 4.62
CA GLY A 665 19.74 3.78 3.81
C GLY A 665 20.74 2.96 4.58
N PHE A 666 20.82 3.21 5.89
CA PHE A 666 21.84 2.55 6.69
C PHE A 666 21.43 1.12 7.04
N TYR A 667 20.12 0.88 7.16
CA TYR A 667 19.64 -0.46 7.43
C TYR A 667 19.91 -1.39 6.26
N LYS A 668 19.85 -0.87 5.04
CA LYS A 668 20.18 -1.67 3.88
C LYS A 668 21.67 -2.03 3.87
N LEU A 669 22.50 -1.08 4.32
CA LEU A 669 23.91 -1.36 4.49
C LEU A 669 24.15 -2.46 5.51
N LEU A 670 23.50 -2.34 6.68
CA LEU A 670 23.67 -3.32 7.74
C LEU A 670 23.15 -4.68 7.32
N SER A 671 22.10 -4.68 6.49
CA SER A 671 21.58 -5.92 5.92
C SER A 671 22.63 -6.60 5.06
N ILE A 672 23.31 -5.83 4.21
CA ILE A 672 24.32 -6.41 3.33
C ILE A 672 25.53 -6.91 4.13
N THR A 673 25.88 -6.18 5.19
CA THR A 673 27.04 -6.58 6.00
C THR A 673 26.76 -7.85 6.78
N VAL A 674 25.64 -7.92 7.50
CA VAL A 674 25.39 -9.11 8.30
C VAL A 674 24.94 -10.25 7.39
N ARG A 675 24.51 -9.96 6.16
CA ARG A 675 24.32 -11.02 5.18
C ARG A 675 25.65 -11.64 4.77
N ASN A 676 26.68 -10.82 4.59
CA ASN A 676 27.99 -11.39 4.28
C ASN A 676 28.61 -12.08 5.49
N ALA A 677 28.27 -11.63 6.69
CA ALA A 677 28.71 -12.33 7.88
C ALA A 677 28.05 -13.70 8.00
N LYS A 678 26.77 -13.79 7.66
CA LYS A 678 26.11 -15.09 7.62
C LYS A 678 26.63 -15.95 6.47
N LYS A 679 27.12 -15.30 5.42
CA LYS A 679 27.82 -16.06 4.39
C LYS A 679 29.11 -16.64 4.92
N ILE A 680 29.78 -15.92 5.83
CA ILE A 680 31.10 -16.36 6.26
C ILE A 680 31.04 -16.82 7.71
N LYS A 681 29.82 -17.10 8.18
CA LYS A 681 29.51 -17.85 9.41
C LYS A 681 30.22 -17.28 10.64
N TYR A 682 30.33 -15.95 10.65
CA TYR A 682 31.00 -15.17 11.67
C TYR A 682 30.42 -15.39 13.06
N PHE A 683 29.13 -15.69 13.14
CA PHE A 683 28.48 -16.00 14.41
C PHE A 683 28.37 -17.52 14.60
N GLU A 684 29.50 -18.20 14.53
CA GLU A 684 29.53 -19.63 14.87
C GLU A 684 30.47 -19.98 16.00
N GLY A 685 31.33 -19.05 16.43
CA GLY A 685 32.14 -19.27 17.61
C GLY A 685 31.36 -18.95 18.87
N VAL A 686 30.16 -18.42 18.68
CA VAL A 686 29.26 -18.07 19.74
C VAL A 686 28.14 -19.09 19.80
N PRO A 698 37.61 -11.20 22.33
CA PRO A 698 37.88 -10.88 20.93
C PRO A 698 36.91 -9.85 20.35
N GLU A 699 37.08 -9.56 19.05
CA GLU A 699 36.21 -8.62 18.35
C GLU A 699 34.96 -9.28 17.79
N LYS A 700 34.79 -10.58 18.01
CA LYS A 700 33.64 -11.29 17.47
C LYS A 700 32.45 -11.21 18.41
N TYR A 701 32.70 -11.41 19.71
CA TYR A 701 31.62 -11.32 20.70
C TYR A 701 31.14 -9.89 20.86
N SER A 702 32.01 -8.93 20.59
CA SER A 702 31.57 -7.53 20.60
C SER A 702 30.60 -7.28 19.46
N CYS A 703 30.86 -7.90 18.29
CA CYS A 703 29.95 -7.78 17.16
C CYS A 703 28.61 -8.46 17.44
N PHE A 704 28.66 -9.64 18.06
CA PHE A 704 27.45 -10.39 18.43
C PHE A 704 26.60 -9.60 19.42
N ALA A 705 27.17 -9.22 20.56
CA ALA A 705 26.42 -8.51 21.58
C ALA A 705 26.08 -7.08 21.17
N LEU A 706 26.78 -6.53 20.18
CA LEU A 706 26.37 -5.27 19.60
C LEU A 706 25.10 -5.42 18.78
N PHE A 707 25.07 -6.43 17.91
CA PHE A 707 23.92 -6.57 17.03
C PHE A 707 22.68 -7.01 17.77
N VAL A 708 22.85 -7.73 18.88
CA VAL A 708 21.71 -8.11 19.72
C VAL A 708 20.98 -6.87 20.23
N LYS A 709 21.74 -5.94 20.82
CA LYS A 709 21.15 -4.74 21.38
C LYS A 709 20.64 -3.81 20.29
N PHE A 710 21.32 -3.80 19.13
CA PHE A 710 20.85 -2.92 18.06
C PHE A 710 19.55 -3.42 17.44
N GLY A 711 19.41 -4.73 17.28
CA GLY A 711 18.16 -5.26 16.78
C GLY A 711 17.02 -5.08 17.76
N LYS A 712 17.31 -5.27 19.04
CA LYS A 712 16.27 -5.11 20.05
C LYS A 712 15.91 -3.64 20.24
N GLU A 713 16.76 -2.71 19.81
CA GLU A 713 16.35 -1.32 19.86
C GLU A 713 15.75 -0.83 18.55
N VAL A 714 16.01 -1.49 17.43
CA VAL A 714 15.41 -1.02 16.19
C VAL A 714 14.02 -1.64 16.04
N ALA A 715 13.74 -2.73 16.74
CA ALA A 715 12.40 -3.27 16.64
C ALA A 715 11.41 -2.54 17.49
N VAL A 716 11.79 -1.53 18.24
CA VAL A 716 10.86 -0.83 19.12
C VAL A 716 10.66 0.60 18.65
N LYS A 717 11.47 1.03 17.69
CA LYS A 717 11.28 2.34 17.09
C LYS A 717 10.70 2.26 15.70
N MET A 718 10.12 1.12 15.34
CA MET A 718 9.59 0.92 13.99
C MET A 718 8.09 0.67 14.01
N LYS A 719 7.42 0.99 15.11
CA LYS A 719 5.98 1.23 15.02
C LYS A 719 5.71 2.55 14.33
N GLN A 720 6.70 3.44 14.32
CA GLN A 720 6.49 4.79 13.81
C GLN A 720 6.61 4.84 12.29
N TYR A 721 7.40 3.95 11.70
CA TYR A 721 7.73 4.08 10.29
C TYR A 721 6.64 3.47 9.44
N LYS A 722 6.43 4.00 8.24
CA LYS A 722 5.37 3.48 7.37
C LYS A 722 5.71 3.40 5.89
N ASP A 723 6.75 4.05 5.40
CA ASP A 723 7.12 4.03 4.00
C ASP A 723 8.12 2.89 3.78
N GLU A 724 8.94 3.00 2.74
CA GLU A 724 10.05 2.09 2.50
C GLU A 724 11.06 2.05 3.67
N LEU A 725 11.05 3.07 4.52
CA LEU A 725 11.74 3.03 5.79
C LEU A 725 11.32 1.81 6.63
N LEU A 726 10.01 1.60 6.73
CA LEU A 726 9.47 0.43 7.43
C LEU A 726 9.93 -0.87 6.80
N ALA A 727 9.93 -0.94 5.47
CA ALA A 727 10.35 -2.14 4.78
C ALA A 727 11.84 -2.38 4.93
N SER A 728 12.61 -1.31 5.06
CA SER A 728 14.07 -1.48 5.17
C SER A 728 14.47 -1.93 6.56
N CYS A 729 13.80 -1.40 7.60
CA CYS A 729 14.01 -1.96 8.93
C CYS A 729 13.54 -3.41 9.02
N LEU A 730 12.49 -3.76 8.27
CA LEU A 730 12.05 -5.15 8.26
C LEU A 730 13.05 -6.04 7.54
N THR A 731 13.61 -5.58 6.42
CA THR A 731 14.61 -6.39 5.73
C THR A 731 15.89 -6.48 6.51
N PHE A 732 16.16 -5.52 7.38
CA PHE A 732 17.31 -5.69 8.27
C PHE A 732 17.01 -6.68 9.38
N LEU A 733 15.83 -6.57 10.00
CA LEU A 733 15.52 -7.42 11.16
C LEU A 733 15.35 -8.87 10.76
N LEU A 734 14.82 -9.11 9.59
CA LEU A 734 14.69 -10.51 9.28
C LEU A 734 15.91 -11.08 8.67
N SER A 735 16.91 -10.26 8.37
CA SER A 735 18.20 -10.74 7.92
C SER A 735 19.19 -10.89 9.06
N LEU A 736 18.71 -10.99 10.29
CA LEU A 736 19.57 -11.27 11.41
C LEU A 736 19.94 -12.76 11.42
N PRO A 737 21.06 -13.11 12.06
CA PRO A 737 21.37 -14.53 12.23
C PRO A 737 20.52 -15.15 13.32
N HIS A 738 20.31 -16.46 13.18
CA HIS A 738 19.35 -17.17 14.01
C HIS A 738 19.80 -17.25 15.46
N ASN A 739 21.10 -17.24 15.70
CA ASN A 739 21.57 -17.25 17.08
C ASN A 739 21.40 -15.90 17.75
N ILE A 740 21.12 -14.83 16.99
CA ILE A 740 20.60 -13.62 17.61
C ILE A 740 19.12 -13.77 17.85
N ILE A 741 18.44 -14.49 16.95
CA ILE A 741 16.99 -14.55 16.99
C ILE A 741 16.52 -15.53 18.05
N GLU A 742 17.23 -16.65 18.20
CA GLU A 742 16.73 -17.75 19.02
C GLU A 742 16.78 -17.47 20.51
N LEU A 743 17.44 -16.40 20.94
CA LEU A 743 17.45 -16.11 22.35
C LEU A 743 16.31 -15.19 22.78
N ASP A 744 15.74 -14.43 21.85
CA ASP A 744 14.45 -13.78 22.12
C ASP A 744 13.73 -13.66 20.77
N VAL A 745 12.94 -14.68 20.45
CA VAL A 745 12.20 -14.68 19.19
C VAL A 745 10.89 -13.90 19.34
N ARG A 746 10.39 -13.77 20.57
CA ARG A 746 9.21 -12.97 20.87
C ARG A 746 9.37 -11.51 20.49
N ALA A 747 10.60 -11.01 20.44
CA ALA A 747 10.84 -9.63 20.05
C ALA A 747 10.91 -9.43 18.54
N TYR A 748 10.97 -10.49 17.75
CA TYR A 748 11.00 -10.33 16.31
C TYR A 748 9.79 -10.92 15.63
N VAL A 749 8.97 -11.68 16.36
CA VAL A 749 7.71 -12.17 15.80
C VAL A 749 6.77 -11.05 15.36
N PRO A 750 6.69 -9.88 16.04
CA PRO A 750 6.03 -8.73 15.40
C PRO A 750 6.64 -8.28 14.08
N ALA A 751 7.94 -8.50 13.85
CA ALA A 751 8.51 -8.13 12.56
C ALA A 751 8.05 -9.10 11.48
N LEU A 752 7.98 -10.39 11.80
CA LEU A 752 7.49 -11.38 10.84
C LEU A 752 6.00 -11.20 10.57
N GLN A 753 5.24 -10.81 11.60
CA GLN A 753 3.82 -10.50 11.44
C GLN A 753 3.61 -9.29 10.54
N MET A 754 4.33 -8.20 10.80
CA MET A 754 4.20 -7.01 9.98
C MET A 754 4.73 -7.25 8.58
N ALA A 755 5.74 -8.11 8.43
CA ALA A 755 6.27 -8.39 7.11
C ALA A 755 5.31 -9.22 6.29
N PHE A 756 4.51 -10.06 6.97
CA PHE A 756 3.54 -10.86 6.24
C PHE A 756 2.29 -10.05 5.93
N LYS A 757 1.94 -9.11 6.79
CA LYS A 757 0.80 -8.26 6.49
C LYS A 757 1.14 -7.25 5.40
N LEU A 758 2.39 -6.79 5.37
CA LEU A 758 2.85 -5.93 4.28
C LEU A 758 3.22 -6.73 3.04
N GLY A 759 3.50 -8.00 3.18
CA GLY A 759 3.96 -8.78 2.05
C GLY A 759 2.91 -9.20 1.06
N LEU A 760 1.65 -8.81 1.27
CA LEU A 760 0.64 -9.09 0.25
C LEU A 760 0.90 -8.27 -1.00
N SER A 761 0.83 -6.94 -0.88
CA SER A 761 1.13 -6.06 -1.99
C SER A 761 2.62 -6.00 -2.28
N TYR A 762 3.40 -5.52 -1.32
CA TYR A 762 4.85 -5.41 -1.49
C TYR A 762 5.44 -6.81 -1.42
N THR A 763 5.78 -7.33 -2.59
CA THR A 763 6.17 -8.74 -2.68
C THR A 763 7.57 -9.07 -2.15
N PRO A 764 8.64 -8.26 -2.32
CA PRO A 764 9.92 -8.66 -1.70
C PRO A 764 9.93 -8.66 -0.19
N LEU A 765 8.98 -7.97 0.45
CA LEU A 765 8.83 -8.09 1.90
C LEU A 765 8.40 -9.50 2.28
N ALA A 766 7.45 -10.06 1.53
CA ALA A 766 7.08 -11.46 1.73
C ALA A 766 8.23 -12.38 1.35
N GLU A 767 9.04 -11.99 0.38
CA GLU A 767 10.18 -12.81 -0.03
C GLU A 767 11.22 -12.94 1.10
N VAL A 768 11.56 -11.82 1.72
CA VAL A 768 12.52 -11.90 2.82
C VAL A 768 11.87 -12.52 4.05
N GLY A 769 10.55 -12.42 4.19
CA GLY A 769 9.86 -13.13 5.26
C GLY A 769 9.94 -14.64 5.09
N LEU A 770 9.78 -15.10 3.86
CA LEU A 770 9.81 -16.55 3.62
C LEU A 770 11.22 -17.10 3.74
N ASN A 771 12.23 -16.32 3.31
CA ASN A 771 13.62 -16.71 3.56
C ASN A 771 13.93 -16.77 5.05
N ALA A 772 13.39 -15.81 5.82
CA ALA A 772 13.59 -15.82 7.26
C ALA A 772 12.92 -17.02 7.91
N LEU A 773 11.73 -17.39 7.44
CA LEU A 773 11.04 -18.50 8.07
C LEU A 773 11.73 -19.83 7.75
N GLU A 774 12.28 -19.96 6.54
CA GLU A 774 13.09 -21.14 6.28
C GLU A 774 14.45 -21.09 6.96
N GLU A 775 14.90 -19.94 7.44
CA GLU A 775 16.08 -19.94 8.31
C GLU A 775 15.73 -20.40 9.73
N TRP A 776 14.66 -19.83 10.29
CA TRP A 776 14.33 -20.05 11.70
C TRP A 776 13.90 -21.49 11.92
N SER A 777 13.00 -22.00 11.07
CA SER A 777 12.49 -23.34 11.24
C SER A 777 13.52 -24.42 10.97
N ILE A 778 14.64 -24.10 10.35
CA ILE A 778 15.71 -25.06 10.17
C ILE A 778 16.71 -25.00 11.32
N TYR A 779 17.21 -23.83 11.66
CA TYR A 779 18.35 -23.77 12.56
C TYR A 779 17.97 -23.52 14.02
N ILE A 780 16.85 -22.87 14.30
CA ILE A 780 16.43 -22.72 15.68
C ILE A 780 15.95 -24.06 16.20
N ASP A 781 16.32 -24.37 17.45
CA ASP A 781 15.92 -25.60 18.13
C ASP A 781 14.40 -25.75 18.19
N ARG A 782 13.94 -27.00 18.12
CA ARG A 782 12.53 -27.28 17.92
C ARG A 782 11.68 -26.86 19.11
N HIS A 783 12.15 -27.13 20.31
CA HIS A 783 11.33 -26.95 21.50
C HIS A 783 11.32 -25.52 22.01
N VAL A 784 12.03 -24.62 21.36
CA VAL A 784 12.01 -23.20 21.72
C VAL A 784 11.24 -22.37 20.70
N MET A 785 11.20 -22.80 19.43
CA MET A 785 10.48 -22.08 18.38
C MET A 785 8.99 -22.27 18.48
N GLN A 786 8.56 -23.37 19.13
CA GLN A 786 7.20 -23.90 19.05
C GLN A 786 6.09 -22.95 19.49
N PRO A 787 6.12 -22.27 20.68
CA PRO A 787 4.92 -21.53 21.10
C PRO A 787 4.68 -20.20 20.40
N TYR A 788 5.46 -19.91 19.37
CA TYR A 788 5.26 -18.72 18.54
C TYR A 788 4.78 -19.08 17.15
N TYR A 789 4.44 -20.36 16.90
CA TYR A 789 3.97 -20.72 15.57
C TYR A 789 2.49 -20.41 15.40
N LYS A 790 1.82 -20.09 16.47
CA LYS A 790 0.41 -19.89 16.35
C LYS A 790 0.04 -18.47 16.19
N ASP A 791 1.01 -17.61 15.87
CA ASP A 791 0.69 -16.30 15.33
C ASP A 791 1.58 -15.92 14.16
N ILE A 792 2.64 -16.69 13.87
CA ILE A 792 3.35 -16.54 12.61
C ILE A 792 2.56 -17.14 11.48
N LEU A 793 2.19 -18.41 11.60
CA LEU A 793 1.46 -19.13 10.56
C LEU A 793 0.03 -18.68 10.28
N PRO A 794 -0.79 -18.18 11.25
CA PRO A 794 -2.10 -17.64 10.87
C PRO A 794 -2.11 -16.46 9.92
N CYS A 795 -1.11 -15.58 9.96
CA CYS A 795 -1.11 -14.47 9.01
C CYS A 795 -0.47 -14.84 7.69
N LEU A 796 -0.13 -16.10 7.49
CA LEU A 796 0.35 -16.67 6.24
C LEU A 796 -0.80 -17.15 5.36
N ASP A 797 -2.01 -16.66 5.62
CA ASP A 797 -3.23 -17.27 5.13
C ASP A 797 -3.83 -16.53 3.94
N GLY A 798 -3.70 -15.20 3.91
CA GLY A 798 -4.25 -14.42 2.82
C GLY A 798 -3.53 -14.63 1.51
N TYR A 799 -2.36 -15.23 1.55
CA TYR A 799 -1.62 -15.58 0.34
C TYR A 799 -2.28 -16.75 -0.38
N LEU A 800 -2.91 -17.65 0.37
CA LEU A 800 -3.64 -18.75 -0.28
C LEU A 800 -5.02 -18.35 -0.76
N LYS A 801 -5.63 -17.31 -0.18
CA LYS A 801 -7.05 -17.07 -0.38
C LYS A 801 -7.36 -16.21 -1.59
N THR A 802 -6.39 -15.48 -2.14
CA THR A 802 -6.64 -14.51 -3.20
C THR A 802 -7.09 -15.15 -4.52
N THR A 809 -15.58 -13.98 -12.89
CA THR A 809 -16.53 -15.01 -12.44
C THR A 809 -16.27 -15.41 -10.99
N LYS A 810 -17.05 -16.40 -10.52
CA LYS A 810 -16.94 -16.86 -9.14
C LYS A 810 -15.73 -17.75 -8.87
N ASN A 811 -15.70 -18.96 -9.45
CA ASN A 811 -14.68 -19.96 -9.14
C ASN A 811 -14.73 -21.08 -10.18
N ASN A 812 -14.01 -22.16 -9.91
CA ASN A 812 -13.88 -23.29 -10.82
C ASN A 812 -14.94 -24.37 -10.55
N TRP A 813 -14.88 -25.43 -11.37
CA TRP A 813 -15.81 -26.53 -11.39
C TRP A 813 -15.18 -27.77 -10.75
N GLU A 814 -16.01 -28.63 -10.16
CA GLU A 814 -15.48 -29.77 -9.42
C GLU A 814 -16.30 -31.02 -9.71
N VAL A 815 -15.95 -32.12 -9.03
CA VAL A 815 -16.35 -33.48 -9.40
C VAL A 815 -17.86 -33.68 -9.31
N SER A 816 -18.53 -33.01 -8.38
CA SER A 816 -19.97 -33.22 -8.25
C SER A 816 -20.75 -32.43 -9.29
N ALA A 817 -20.10 -31.44 -9.91
CA ALA A 817 -20.71 -30.75 -11.04
C ALA A 817 -20.39 -31.47 -12.34
N LEU A 818 -19.21 -32.07 -12.45
CA LEU A 818 -18.84 -32.75 -13.69
C LEU A 818 -19.53 -34.09 -13.82
N SER A 819 -19.80 -34.73 -12.67
CA SER A 819 -20.56 -35.98 -12.64
C SER A 819 -21.95 -35.82 -13.23
N ARG A 820 -22.70 -34.83 -12.76
CA ARG A 820 -24.01 -34.54 -13.32
C ARG A 820 -23.91 -33.79 -14.63
N ALA A 821 -22.76 -33.17 -14.93
CA ALA A 821 -22.63 -32.31 -16.09
C ALA A 821 -22.30 -33.08 -17.35
N ALA A 822 -21.61 -34.21 -17.24
CA ALA A 822 -21.22 -34.96 -18.44
C ALA A 822 -22.39 -35.76 -19.02
N GLN A 823 -23.56 -35.72 -18.38
CA GLN A 823 -24.77 -36.30 -18.94
C GLN A 823 -25.75 -35.24 -19.44
N LYS A 824 -25.32 -33.98 -19.46
CA LYS A 824 -26.08 -32.93 -20.12
C LYS A 824 -25.11 -31.86 -20.64
N GLY A 825 -24.55 -32.12 -21.82
CA GLY A 825 -23.58 -31.20 -22.41
C GLY A 825 -22.16 -31.72 -22.34
N ALA A 845 11.59 -8.15 -9.69
CA ALA A 845 10.96 -8.70 -8.49
C ALA A 845 10.25 -10.00 -8.81
N ILE A 846 9.81 -10.70 -7.77
CA ILE A 846 9.12 -11.97 -7.90
C ILE A 846 7.62 -11.68 -7.88
N SER A 847 6.83 -12.54 -8.52
CA SER A 847 5.40 -12.32 -8.63
C SER A 847 4.67 -12.88 -7.42
N LEU A 848 3.36 -12.65 -7.38
CA LEU A 848 2.55 -13.25 -6.34
C LEU A 848 2.46 -14.76 -6.54
N GLU A 849 2.45 -15.20 -7.80
CA GLU A 849 2.25 -16.57 -8.20
C GLU A 849 3.44 -17.42 -8.03
N GLU A 850 4.53 -16.90 -7.48
CA GLU A 850 5.57 -17.73 -6.91
C GLU A 850 5.65 -17.62 -5.40
N ILE A 851 5.14 -16.52 -4.83
CA ILE A 851 4.99 -16.42 -3.39
C ILE A 851 3.99 -17.46 -2.89
N ARG A 852 2.91 -17.68 -3.64
CA ARG A 852 1.95 -18.72 -3.29
C ARG A 852 2.58 -20.12 -3.33
N ILE A 853 3.39 -20.41 -4.35
CA ILE A 853 4.05 -21.70 -4.43
C ILE A 853 5.08 -21.85 -3.34
N ARG A 854 5.77 -20.77 -2.98
CA ARG A 854 6.76 -20.85 -1.92
C ARG A 854 6.10 -21.01 -0.55
N VAL A 855 4.91 -20.43 -0.39
CA VAL A 855 4.18 -20.59 0.87
C VAL A 855 3.68 -22.02 1.01
N VAL A 856 3.16 -22.59 -0.09
CA VAL A 856 2.71 -23.98 -0.02
C VAL A 856 3.89 -24.92 0.20
N GLN A 857 5.04 -24.61 -0.41
CA GLN A 857 6.22 -25.45 -0.22
C GLN A 857 6.74 -25.36 1.22
N MET A 858 6.59 -24.20 1.83
CA MET A 858 7.02 -24.04 3.20
C MET A 858 6.06 -24.72 4.17
N LEU A 859 4.76 -24.71 3.85
CA LEU A 859 3.80 -25.44 4.65
C LEU A 859 4.03 -26.94 4.52
N GLY A 860 4.50 -27.38 3.36
CA GLY A 860 4.77 -28.80 3.19
C GLY A 860 6.04 -29.23 3.89
N SER A 861 7.08 -28.41 3.82
CA SER A 861 8.34 -28.76 4.44
C SER A 861 8.43 -28.32 5.89
N LEU A 862 7.42 -27.64 6.41
CA LEU A 862 7.41 -27.23 7.80
C LEU A 862 7.03 -28.35 8.73
N GLY A 863 6.42 -29.40 8.21
CA GLY A 863 6.02 -30.50 9.02
C GLY A 863 4.53 -30.74 8.92
N GLY A 864 4.05 -31.58 9.82
CA GLY A 864 2.63 -31.72 10.02
C GLY A 864 2.34 -31.41 11.47
N GLN A 865 3.34 -31.59 12.32
CA GLN A 865 3.21 -31.26 13.72
C GLN A 865 3.53 -29.81 14.00
N ILE A 866 3.78 -29.02 12.96
CA ILE A 866 4.02 -27.59 13.08
C ILE A 866 2.95 -26.91 12.23
N ASN A 867 2.47 -27.64 11.25
CA ASN A 867 1.74 -27.07 10.12
C ASN A 867 0.37 -26.56 10.51
N LYS A 868 -0.29 -27.23 11.45
CA LYS A 868 -1.72 -27.03 11.66
C LYS A 868 -2.05 -25.76 12.41
N ASN A 869 -1.06 -24.94 12.76
CA ASN A 869 -1.38 -23.69 13.43
C ASN A 869 -1.88 -22.63 12.46
N LEU A 870 -1.95 -22.93 11.17
CA LEU A 870 -2.45 -21.94 10.21
C LEU A 870 -3.95 -21.73 10.35
N LEU A 871 -4.65 -22.69 10.90
CA LEU A 871 -6.08 -22.55 11.13
C LEU A 871 -6.40 -21.94 12.48
N THR A 872 -5.42 -21.90 13.38
CA THR A 872 -5.61 -21.44 14.75
C THR A 872 -5.99 -19.98 14.74
N VAL A 873 -7.14 -19.67 15.33
CA VAL A 873 -7.71 -18.34 15.20
C VAL A 873 -6.91 -17.37 16.05
N THR A 874 -6.60 -16.21 15.47
CA THR A 874 -5.86 -15.17 16.19
C THR A 874 -6.71 -14.57 17.30
N SER A 875 -7.86 -14.00 16.96
CA SER A 875 -8.68 -13.33 17.95
C SER A 875 -10.13 -13.77 17.91
N SER A 876 -10.65 -14.00 16.70
CA SER A 876 -12.01 -14.29 16.26
C SER A 876 -12.93 -13.07 16.32
N ASP A 877 -12.48 -11.96 16.89
CA ASP A 877 -13.31 -10.76 16.90
C ASP A 877 -13.31 -10.08 15.54
N GLU A 878 -12.26 -10.31 14.74
CA GLU A 878 -12.28 -9.88 13.36
C GLU A 878 -12.58 -11.03 12.40
N MET A 879 -12.67 -12.25 12.90
CA MET A 879 -13.20 -13.34 12.10
C MET A 879 -14.72 -13.27 12.02
N MET A 880 -15.38 -13.19 13.18
CA MET A 880 -16.83 -13.28 13.23
C MET A 880 -17.51 -11.94 13.13
N LYS A 881 -16.80 -10.89 12.73
CA LYS A 881 -17.38 -9.56 12.65
C LYS A 881 -18.39 -9.44 11.52
N SER A 882 -18.28 -10.30 10.51
CA SER A 882 -19.26 -10.38 9.45
C SER A 882 -20.30 -11.47 9.71
N TYR A 883 -20.19 -12.18 10.82
CA TYR A 883 -21.07 -13.29 11.10
C TYR A 883 -21.94 -13.08 12.33
N VAL A 884 -21.64 -12.07 13.15
CA VAL A 884 -22.58 -11.63 14.17
C VAL A 884 -23.66 -10.80 13.48
N ALA A 885 -24.87 -10.87 14.01
CA ALA A 885 -26.05 -10.51 13.24
C ALA A 885 -26.40 -9.04 13.30
N TRP A 886 -25.66 -8.22 14.05
CA TRP A 886 -25.86 -6.78 14.28
C TRP A 886 -27.11 -6.43 15.07
N ASP A 887 -27.96 -7.42 15.36
CA ASP A 887 -29.23 -7.28 16.06
C ASP A 887 -29.74 -8.64 16.49
N ARG A 888 -30.79 -8.58 17.30
CA ARG A 888 -31.63 -9.72 17.59
C ARG A 888 -33.00 -9.55 16.96
N GLU A 889 -33.68 -8.45 17.24
CA GLU A 889 -34.91 -8.12 16.57
C GLU A 889 -34.61 -7.32 15.31
N LYS A 890 -35.35 -7.59 14.26
CA LYS A 890 -35.14 -6.94 12.97
C LYS A 890 -35.89 -5.62 12.94
N ARG A 891 -35.21 -4.57 12.57
CA ARG A 891 -35.80 -3.26 12.45
C ARG A 891 -35.99 -2.96 10.97
N LEU A 892 -36.43 -1.74 10.66
CA LEU A 892 -36.52 -1.21 9.31
C LEU A 892 -37.46 -2.03 8.42
N SER A 893 -38.67 -2.23 8.90
CA SER A 893 -39.66 -3.02 8.17
C SER A 893 -40.25 -2.19 7.04
N PHE A 894 -39.52 -2.11 5.94
CA PHE A 894 -39.95 -1.36 4.77
C PHE A 894 -41.03 -2.16 4.05
N ALA A 895 -42.07 -1.47 3.62
CA ALA A 895 -43.21 -2.09 2.94
C ALA A 895 -43.20 -1.66 1.49
N VAL A 896 -42.99 -2.61 0.59
CA VAL A 896 -42.81 -2.35 -0.83
C VAL A 896 -44.16 -2.13 -1.48
N PRO A 897 -44.55 -0.93 -1.87
CA PRO A 897 -45.92 -0.73 -2.35
C PRO A 897 -46.12 -1.10 -3.82
N PHE A 898 -47.09 -1.95 -4.16
CA PHE A 898 -47.27 -2.11 -5.59
C PHE A 898 -48.61 -1.58 -6.09
N ARG A 899 -49.67 -2.37 -5.92
CA ARG A 899 -51.03 -1.90 -6.14
C ARG A 899 -51.93 -2.53 -5.09
N GLU A 900 -51.68 -3.81 -4.86
CA GLU A 900 -52.59 -4.65 -4.11
C GLU A 900 -51.90 -5.63 -3.18
N MET A 901 -50.60 -5.87 -3.34
CA MET A 901 -49.88 -6.80 -2.49
C MET A 901 -49.28 -6.07 -1.29
N LYS A 902 -48.36 -5.15 -1.56
CA LYS A 902 -47.59 -4.43 -0.54
C LYS A 902 -46.95 -5.32 0.53
N PRO A 903 -45.95 -6.12 0.17
CA PRO A 903 -45.29 -6.96 1.16
C PRO A 903 -44.32 -6.14 2.00
N VAL A 904 -43.81 -6.79 3.05
CA VAL A 904 -42.90 -6.18 4.02
C VAL A 904 -41.51 -6.73 3.76
N ILE A 905 -40.53 -5.84 3.71
CA ILE A 905 -39.14 -6.22 3.51
C ILE A 905 -38.35 -5.65 4.67
N PHE A 906 -37.22 -6.26 4.97
CA PHE A 906 -36.39 -5.85 6.09
C PHE A 906 -35.03 -5.43 5.56
N LEU A 907 -34.68 -4.16 5.77
CA LEU A 907 -33.42 -3.67 5.23
C LEU A 907 -32.22 -3.99 6.10
N ASP A 908 -32.40 -4.70 7.22
CA ASP A 908 -31.26 -5.04 8.06
C ASP A 908 -30.40 -6.10 7.41
N VAL A 909 -30.97 -6.85 6.48
CA VAL A 909 -30.21 -7.87 5.79
C VAL A 909 -29.21 -7.24 4.84
N PHE A 910 -29.47 -6.03 4.36
CA PHE A 910 -28.62 -5.40 3.38
C PHE A 910 -27.50 -4.57 3.97
N LEU A 911 -27.58 -4.21 5.24
CA LEU A 911 -26.68 -3.21 5.81
C LEU A 911 -25.21 -3.60 5.84
N PRO A 912 -24.79 -4.81 6.25
CA PRO A 912 -23.35 -5.12 6.17
C PRO A 912 -22.82 -5.15 4.75
N ARG A 913 -23.58 -5.72 3.82
CA ARG A 913 -23.19 -5.75 2.42
C ARG A 913 -23.13 -4.36 1.82
N VAL A 914 -24.09 -3.49 2.15
CA VAL A 914 -24.10 -2.14 1.60
C VAL A 914 -22.95 -1.32 2.15
N THR A 915 -22.68 -1.41 3.45
CA THR A 915 -21.61 -0.60 4.02
C THR A 915 -20.25 -1.08 3.54
N GLU A 916 -20.07 -2.39 3.45
CA GLU A 916 -18.81 -2.91 2.95
C GLU A 916 -18.68 -2.67 1.44
N LEU A 917 -19.80 -2.49 0.74
CA LEU A 917 -19.74 -2.25 -0.69
C LEU A 917 -19.59 -0.78 -1.01
N ALA A 918 -19.92 0.11 -0.08
CA ALA A 918 -19.77 1.54 -0.26
C ALA A 918 -18.42 2.02 0.20
N LEU A 919 -17.83 1.39 1.22
CA LEU A 919 -16.48 1.78 1.59
C LEU A 919 -15.45 1.11 0.70
N THR A 920 -15.54 -0.20 0.54
CA THR A 920 -14.58 -0.97 -0.25
C THR A 920 -15.29 -1.46 -1.49
N ALA A 921 -15.18 -0.72 -2.58
CA ALA A 921 -15.86 -1.06 -3.82
C ALA A 921 -14.93 -1.44 -4.95
N SER A 922 -13.97 -0.56 -5.28
CA SER A 922 -13.09 -0.66 -6.44
C SER A 922 -13.85 -0.79 -7.75
N ASP A 923 -15.02 -0.15 -7.82
CA ASP A 923 -15.80 -0.08 -9.05
C ASP A 923 -16.71 1.13 -8.95
N ARG A 924 -16.71 1.94 -10.01
CA ARG A 924 -17.35 3.26 -9.98
C ARG A 924 -18.86 3.15 -9.81
N GLN A 925 -19.49 2.35 -10.67
CA GLN A 925 -20.95 2.31 -10.69
C GLN A 925 -21.48 1.59 -9.45
N THR A 926 -20.81 0.54 -9.02
CA THR A 926 -21.23 -0.19 -7.83
C THR A 926 -21.05 0.69 -6.60
N LYS A 927 -20.00 1.51 -6.59
CA LYS A 927 -19.79 2.43 -5.47
C LYS A 927 -20.86 3.50 -5.41
N VAL A 928 -21.21 4.10 -6.55
CA VAL A 928 -22.15 5.21 -6.49
C VAL A 928 -23.55 4.70 -6.18
N ALA A 929 -23.89 3.49 -6.64
CA ALA A 929 -25.18 2.90 -6.30
C ALA A 929 -25.23 2.52 -4.82
N ALA A 930 -24.13 2.01 -4.27
CA ALA A 930 -24.09 1.65 -2.87
C ALA A 930 -24.16 2.89 -1.98
N CYS A 931 -23.52 3.98 -2.41
CA CYS A 931 -23.55 5.21 -1.62
C CYS A 931 -24.94 5.83 -1.61
N GLU A 932 -25.62 5.80 -2.75
CA GLU A 932 -26.99 6.31 -2.82
C GLU A 932 -27.93 5.48 -1.98
N LEU A 933 -27.77 4.15 -2.02
CA LEU A 933 -28.62 3.27 -1.23
C LEU A 933 -28.39 3.48 0.26
N LEU A 934 -27.14 3.66 0.69
CA LEU A 934 -26.86 3.86 2.09
C LEU A 934 -27.38 5.20 2.57
N HIS A 935 -27.35 6.23 1.70
CA HIS A 935 -27.91 7.52 2.07
C HIS A 935 -29.41 7.42 2.33
N SER A 936 -30.13 6.74 1.43
CA SER A 936 -31.56 6.51 1.64
C SER A 936 -31.81 5.64 2.86
N MET A 937 -30.92 4.69 3.14
CA MET A 937 -31.11 3.78 4.26
C MET A 937 -30.94 4.50 5.58
N VAL A 938 -29.99 5.43 5.66
CA VAL A 938 -29.81 6.19 6.89
C VAL A 938 -30.98 7.13 7.09
N MET A 939 -31.52 7.68 6.00
CA MET A 939 -32.77 8.44 6.11
C MET A 939 -33.91 7.56 6.61
N PHE A 940 -33.94 6.31 6.17
CA PHE A 940 -34.97 5.37 6.62
C PHE A 940 -34.79 5.02 8.08
N MET A 941 -33.55 4.90 8.54
CA MET A 941 -33.27 4.58 9.92
C MET A 941 -33.66 5.73 10.83
N LEU A 942 -33.43 6.96 10.38
CA LEU A 942 -33.81 8.13 11.18
C LEU A 942 -35.31 8.34 11.18
N GLY A 943 -35.98 8.00 10.08
CA GLY A 943 -37.42 8.19 10.03
C GLY A 943 -38.15 7.16 10.86
N LYS A 944 -37.76 5.88 10.73
CA LYS A 944 -38.40 4.81 11.46
C LYS A 944 -38.21 4.94 12.97
N ALA A 945 -37.09 5.49 13.41
CA ALA A 945 -36.82 5.62 14.83
C ALA A 945 -37.68 6.67 15.52
N THR A 946 -38.29 7.57 14.76
CA THR A 946 -39.14 8.60 15.35
C THR A 946 -40.61 8.45 14.98
N GLN A 947 -40.95 7.47 14.14
CA GLN A 947 -42.34 7.08 13.94
C GLN A 947 -42.93 6.63 15.26
N MET A 948 -44.22 6.90 15.45
CA MET A 948 -44.82 6.58 16.74
C MET A 948 -45.82 5.46 16.56
N PRO A 949 -45.48 4.22 16.91
CA PRO A 949 -46.50 3.17 16.92
C PRO A 949 -47.32 3.25 18.19
N GLU A 950 -48.48 2.59 18.14
CA GLU A 950 -49.42 2.53 19.25
C GLU A 950 -49.59 1.11 19.79
N GLY A 951 -49.16 0.10 19.04
CA GLY A 951 -49.45 -1.28 19.36
C GLY A 951 -48.50 -1.91 20.37
N GLY A 952 -47.25 -1.48 20.36
CA GLY A 952 -46.33 -1.90 21.40
C GLY A 952 -46.32 -0.86 22.49
N GLN A 953 -45.18 -0.19 22.66
CA GLN A 953 -45.15 1.06 23.39
C GLN A 953 -44.27 2.12 22.74
N GLY A 954 -43.46 1.79 21.74
CA GLY A 954 -42.54 2.77 21.19
C GLY A 954 -41.84 2.27 19.96
N ALA A 955 -41.06 3.18 19.37
CA ALA A 955 -40.27 2.86 18.19
C ALA A 955 -39.10 1.97 18.58
N PRO A 956 -38.59 1.13 17.68
CA PRO A 956 -37.51 0.21 18.07
C PRO A 956 -36.18 0.93 18.17
N PRO A 957 -35.39 0.62 19.19
CA PRO A 957 -34.12 1.33 19.36
C PRO A 957 -33.06 0.92 18.35
N MET A 958 -32.63 1.86 17.52
CA MET A 958 -31.68 1.56 16.46
C MET A 958 -30.24 1.61 16.92
N TYR A 959 -29.98 1.45 18.22
CA TYR A 959 -28.67 1.77 18.77
C TYR A 959 -27.62 0.77 18.31
N GLN A 960 -27.98 -0.51 18.28
CA GLN A 960 -27.03 -1.53 17.87
C GLN A 960 -26.67 -1.44 16.39
N LEU A 961 -27.57 -0.91 15.56
CA LEU A 961 -27.23 -0.63 14.17
C LEU A 961 -26.44 0.64 14.03
N TYR A 962 -26.75 1.65 14.86
CA TYR A 962 -26.05 2.93 14.84
C TYR A 962 -24.58 2.75 15.18
N LYS A 963 -24.30 1.90 16.16
CA LYS A 963 -22.93 1.70 16.60
C LYS A 963 -22.08 1.03 15.55
N ARG A 964 -22.68 0.34 14.60
CA ARG A 964 -21.92 -0.26 13.52
C ARG A 964 -22.10 0.44 12.20
N THR A 965 -22.97 1.44 12.11
CA THR A 965 -23.07 2.20 10.87
C THR A 965 -22.48 3.58 10.96
N PHE A 966 -22.21 4.09 12.16
CA PHE A 966 -21.57 5.39 12.26
C PHE A 966 -20.08 5.42 11.92
N PRO A 967 -19.26 4.40 12.23
CA PRO A 967 -17.89 4.43 11.68
C PRO A 967 -17.82 4.35 10.18
N VAL A 968 -18.74 3.63 9.55
CA VAL A 968 -18.84 3.64 8.10
C VAL A 968 -19.21 5.03 7.61
N LEU A 969 -20.14 5.67 8.30
CA LEU A 969 -20.65 6.94 7.83
C LEU A 969 -19.68 8.08 8.11
N LEU A 970 -18.72 7.87 9.00
CA LEU A 970 -17.64 8.83 9.18
C LEU A 970 -16.48 8.56 8.24
N ARG A 971 -16.20 7.30 7.94
CA ARG A 971 -15.16 6.99 6.96
C ARG A 971 -15.58 7.28 5.53
N LEU A 972 -16.88 7.44 5.28
CA LEU A 972 -17.35 7.81 3.95
C LEU A 972 -17.45 9.31 3.74
N ALA A 973 -17.44 10.10 4.79
CA ALA A 973 -17.43 11.54 4.64
C ALA A 973 -16.04 12.11 4.55
N CYS A 974 -15.02 11.27 4.41
CA CYS A 974 -13.65 11.72 4.34
C CYS A 974 -12.92 10.91 3.28
N ASP A 975 -13.69 10.29 2.40
CA ASP A 975 -13.13 9.46 1.34
C ASP A 975 -12.41 10.34 0.33
N VAL A 976 -11.51 9.73 -0.42
CA VAL A 976 -10.72 10.49 -1.38
C VAL A 976 -11.54 10.85 -2.61
N ASP A 977 -12.66 10.16 -2.82
CA ASP A 977 -13.57 10.50 -3.92
C ASP A 977 -14.43 11.70 -3.53
N GLN A 978 -14.54 12.67 -4.44
CA GLN A 978 -15.19 13.92 -4.09
C GLN A 978 -16.70 13.81 -4.01
N VAL A 979 -17.31 12.91 -4.78
CA VAL A 979 -18.77 12.87 -4.84
C VAL A 979 -19.34 12.21 -3.58
N THR A 980 -18.66 11.16 -3.10
CA THR A 980 -19.08 10.51 -1.87
C THR A 980 -18.91 11.45 -0.68
N ARG A 981 -17.78 12.13 -0.62
CA ARG A 981 -17.57 13.19 0.35
C ARG A 981 -18.52 14.35 0.17
N GLN A 982 -18.98 14.61 -1.04
CA GLN A 982 -19.99 15.63 -1.26
C GLN A 982 -21.33 15.27 -0.64
N LEU A 983 -21.81 14.05 -0.82
CA LEU A 983 -23.13 13.78 -0.25
C LEU A 983 -23.08 13.20 1.16
N TYR A 984 -21.90 12.90 1.69
CA TYR A 984 -21.85 12.29 3.01
C TYR A 984 -21.30 13.20 4.08
N GLU A 985 -20.75 14.35 3.72
CA GLU A 985 -20.28 15.28 4.75
C GLU A 985 -21.41 16.13 5.35
N PRO A 986 -22.32 16.76 4.58
CA PRO A 986 -23.42 17.45 5.26
C PRO A 986 -24.39 16.51 5.92
N LEU A 987 -24.44 15.24 5.49
CA LEU A 987 -25.20 14.25 6.22
C LEU A 987 -24.64 14.05 7.62
N VAL A 988 -23.31 13.97 7.73
CA VAL A 988 -22.65 13.82 9.02
C VAL A 988 -22.97 15.02 9.90
N MET A 989 -22.88 16.22 9.33
CA MET A 989 -23.12 17.41 10.14
C MET A 989 -24.58 17.50 10.57
N GLN A 990 -25.51 17.11 9.69
CA GLN A 990 -26.92 17.09 10.07
C GLN A 990 -27.21 16.05 11.13
N LEU A 991 -26.51 14.92 11.09
CA LEU A 991 -26.69 13.91 12.12
C LEU A 991 -26.17 14.40 13.47
N ILE A 992 -25.08 15.16 13.46
CA ILE A 992 -24.57 15.72 14.70
C ILE A 992 -25.53 16.79 15.22
N HIS A 993 -26.22 17.48 14.31
CA HIS A 993 -27.24 18.43 14.74
C HIS A 993 -28.46 17.72 15.30
N TRP A 994 -28.78 16.54 14.78
CA TRP A 994 -29.99 15.88 15.24
C TRP A 994 -29.78 15.12 16.53
N PHE A 995 -28.71 14.33 16.62
CA PHE A 995 -28.56 13.45 17.77
C PHE A 995 -28.06 14.14 19.02
N THR A 996 -28.01 15.46 19.03
CA THR A 996 -27.53 16.19 20.17
C THR A 996 -28.68 16.88 20.89
N ASN A 997 -29.92 16.42 20.66
CA ASN A 997 -31.11 16.95 21.28
C ASN A 997 -31.48 16.22 22.56
N ASN A 998 -30.65 15.32 23.07
CA ASN A 998 -31.06 14.53 24.21
C ASN A 998 -31.05 15.37 25.47
N LYS A 999 -31.79 14.91 26.48
CA LYS A 999 -31.79 15.57 27.77
C LYS A 999 -31.58 14.61 28.94
N LYS A 1000 -31.65 13.31 28.72
CA LYS A 1000 -31.10 12.37 29.68
C LYS A 1000 -29.59 12.39 29.55
N PHE A 1001 -28.90 11.81 30.54
CA PHE A 1001 -27.46 11.93 30.60
C PHE A 1001 -26.75 11.20 29.46
N GLU A 1002 -26.87 9.90 29.38
CA GLU A 1002 -26.26 9.14 28.30
C GLU A 1002 -27.37 8.50 27.50
N SER A 1003 -27.94 9.24 26.55
CA SER A 1003 -28.77 8.61 25.54
C SER A 1003 -27.86 7.74 24.70
N GLN A 1004 -28.24 6.48 24.49
CA GLN A 1004 -27.34 5.54 23.86
C GLN A 1004 -27.08 5.87 22.41
N ASP A 1005 -28.03 6.53 21.74
CA ASP A 1005 -27.84 6.90 20.34
C ASP A 1005 -26.81 8.02 20.21
N THR A 1006 -26.84 8.97 21.14
CA THR A 1006 -25.87 10.06 21.14
C THR A 1006 -24.48 9.54 21.49
N VAL A 1007 -24.41 8.63 22.45
CA VAL A 1007 -23.14 8.08 22.90
C VAL A 1007 -22.52 7.20 21.82
N ALA A 1008 -23.37 6.54 21.02
CA ALA A 1008 -22.87 5.79 19.87
C ALA A 1008 -22.18 6.69 18.86
N LEU A 1009 -22.80 7.83 18.57
CA LEU A 1009 -22.21 8.81 17.66
C LEU A 1009 -20.91 9.38 18.22
N LEU A 1010 -20.94 9.80 19.48
CA LEU A 1010 -19.79 10.42 20.12
C LEU A 1010 -18.60 9.47 20.18
N GLU A 1011 -18.86 8.21 20.53
CA GLU A 1011 -17.77 7.24 20.57
C GLU A 1011 -17.32 6.87 19.18
N ALA A 1012 -18.17 7.01 18.16
CA ALA A 1012 -17.70 6.80 16.80
C ALA A 1012 -16.76 7.92 16.37
N ILE A 1013 -17.04 9.15 16.79
CA ILE A 1013 -16.13 10.26 16.51
C ILE A 1013 -14.82 10.08 17.28
N LEU A 1014 -14.90 9.61 18.51
CA LEU A 1014 -13.69 9.47 19.30
C LEU A 1014 -12.86 8.24 18.94
N ASP A 1015 -13.45 7.20 18.36
CA ASP A 1015 -12.59 6.25 17.66
C ASP A 1015 -12.18 6.74 16.29
N GLY A 1016 -12.78 7.82 15.80
CA GLY A 1016 -12.23 8.46 14.62
C GLY A 1016 -10.95 9.20 14.90
N ILE A 1017 -10.91 9.97 16.00
CA ILE A 1017 -9.73 10.81 16.25
C ILE A 1017 -8.53 9.97 16.61
N VAL A 1018 -8.70 8.95 17.44
CA VAL A 1018 -7.57 8.22 17.98
C VAL A 1018 -7.03 7.19 16.98
N ASP A 1019 -7.54 7.17 15.75
CA ASP A 1019 -7.08 6.19 14.77
C ASP A 1019 -5.67 6.52 14.32
N PRO A 1020 -4.73 5.63 14.54
CA PRO A 1020 -3.33 5.94 14.21
C PRO A 1020 -2.91 5.56 12.81
N VAL A 1021 -3.72 5.82 11.79
CA VAL A 1021 -3.26 5.64 10.42
C VAL A 1021 -3.58 6.90 9.65
N ASP A 1022 -4.85 7.30 9.66
CA ASP A 1022 -5.36 8.37 8.83
C ASP A 1022 -4.89 9.71 9.37
N SER A 1023 -4.94 10.71 8.49
CA SER A 1023 -4.91 12.11 8.87
C SER A 1023 -6.22 12.81 8.57
N THR A 1024 -6.83 12.43 7.45
CA THR A 1024 -8.10 13.00 7.03
C THR A 1024 -9.20 12.68 8.03
N LEU A 1025 -9.23 11.44 8.50
CA LEU A 1025 -10.22 11.06 9.49
C LEU A 1025 -9.92 11.73 10.82
N ARG A 1026 -8.65 11.94 11.12
CA ARG A 1026 -8.29 12.56 12.39
C ARG A 1026 -8.76 14.01 12.45
N ASP A 1027 -8.43 14.80 11.43
CA ASP A 1027 -8.88 16.18 11.53
C ASP A 1027 -10.35 16.34 11.15
N PHE A 1028 -10.94 15.38 10.43
CA PHE A 1028 -12.37 15.46 10.17
C PHE A 1028 -13.16 15.15 11.41
N CYS A 1029 -12.69 14.24 12.25
CA CYS A 1029 -13.37 14.06 13.52
C CYS A 1029 -13.04 15.18 14.49
N GLY A 1030 -11.94 15.90 14.28
CA GLY A 1030 -11.78 17.18 14.98
C GLY A 1030 -12.87 18.18 14.61
N ARG A 1031 -13.16 18.29 13.32
CA ARG A 1031 -14.31 19.07 12.85
C ARG A 1031 -15.61 18.61 13.49
N CYS A 1032 -15.79 17.29 13.56
CA CYS A 1032 -17.02 16.72 14.09
C CYS A 1032 -17.18 17.01 15.58
N ILE A 1033 -16.09 17.01 16.33
CA ILE A 1033 -16.17 17.32 17.75
C ILE A 1033 -16.47 18.80 17.97
N ARG A 1034 -15.94 19.67 17.09
CA ARG A 1034 -16.31 21.08 17.17
C ARG A 1034 -17.80 21.28 16.90
N GLU A 1035 -18.32 20.57 15.90
CA GLU A 1035 -19.74 20.59 15.61
C GLU A 1035 -20.56 20.07 16.78
N PHE A 1036 -20.06 19.02 17.44
CA PHE A 1036 -20.75 18.40 18.57
C PHE A 1036 -20.90 19.38 19.71
N LEU A 1037 -19.85 20.14 20.02
CA LEU A 1037 -20.00 21.06 21.15
C LEU A 1037 -20.81 22.29 20.76
N LYS A 1038 -20.67 22.75 19.51
CA LYS A 1038 -21.42 23.93 19.07
C LYS A 1038 -22.91 23.65 19.03
N TRP A 1039 -23.28 22.43 18.66
CA TRP A 1039 -24.69 22.11 18.58
C TRP A 1039 -25.20 21.41 19.82
N SER A 1040 -24.33 21.08 20.76
CA SER A 1040 -24.81 20.78 22.10
C SER A 1040 -25.09 22.04 22.87
N ILE A 1041 -24.30 23.08 22.64
CA ILE A 1041 -24.53 24.35 23.31
C ILE A 1041 -25.58 25.17 22.59
N LYS A 1042 -25.90 24.84 21.35
CA LYS A 1042 -26.94 25.57 20.65
C LYS A 1042 -28.32 25.02 20.96
N GLN A 1043 -28.49 23.70 20.95
CA GLN A 1043 -29.81 23.09 21.06
C GLN A 1043 -30.26 22.94 22.50
N ILE A 1044 -30.13 24.01 23.28
CA ILE A 1044 -30.47 23.99 24.70
C ILE A 1044 -30.52 25.44 25.15
N THR A 1045 -31.20 25.70 26.26
CA THR A 1045 -31.28 27.04 26.81
C THR A 1045 -30.05 27.32 27.67
N PRO A 1046 -29.74 28.56 28.04
CA PRO A 1046 -28.65 28.79 28.99
C PRO A 1046 -28.83 28.27 30.41
N GLN A 1047 -30.04 28.30 30.98
CA GLN A 1047 -30.13 28.00 32.40
C GLN A 1047 -30.19 26.49 32.66
N GLN A 1048 -30.76 25.71 31.76
CA GLN A 1048 -30.75 24.26 31.96
C GLN A 1048 -29.37 23.71 31.63
N GLN A 1049 -28.65 24.38 30.74
CA GLN A 1049 -27.24 24.05 30.56
C GLN A 1049 -26.40 24.57 31.72
N GLU A 1050 -26.92 25.54 32.46
CA GLU A 1050 -26.30 25.95 33.72
C GLU A 1050 -26.73 25.04 34.85
N LYS A 1051 -27.89 24.41 34.73
CA LYS A 1051 -28.38 23.49 35.74
C LYS A 1051 -27.77 22.11 35.61
N SER A 1052 -27.73 21.58 34.41
CA SER A 1052 -27.20 20.24 34.16
C SER A 1052 -26.75 20.11 32.71
N PRO A 1053 -25.48 20.32 32.41
CA PRO A 1053 -25.00 20.06 31.06
C PRO A 1053 -24.76 18.57 30.86
N VAL A 1054 -25.37 18.03 29.80
CA VAL A 1054 -25.45 16.57 29.68
C VAL A 1054 -24.77 16.03 28.44
N ASN A 1055 -24.52 16.81 27.40
CA ASN A 1055 -23.65 16.33 26.33
C ASN A 1055 -22.23 16.83 26.49
N THR A 1056 -22.05 18.00 27.08
CA THR A 1056 -20.72 18.50 27.33
C THR A 1056 -20.03 17.67 28.40
N LYS A 1057 -20.77 17.25 29.42
CA LYS A 1057 -20.15 16.51 30.52
C LYS A 1057 -19.82 15.09 30.09
N SER A 1058 -20.66 14.49 29.25
CA SER A 1058 -20.31 13.19 28.67
C SER A 1058 -19.18 13.29 27.67
N LEU A 1059 -18.96 14.45 27.07
CA LEU A 1059 -17.80 14.67 26.22
C LEU A 1059 -16.53 14.79 27.04
N PHE A 1060 -16.58 15.58 28.10
CA PHE A 1060 -15.39 15.82 28.88
C PHE A 1060 -14.98 14.61 29.68
N LYS A 1061 -15.95 13.80 30.13
CA LYS A 1061 -15.61 12.57 30.83
C LYS A 1061 -14.88 11.59 29.92
N ARG A 1062 -15.15 11.65 28.62
CA ARG A 1062 -14.45 10.80 27.67
C ARG A 1062 -13.12 11.38 27.24
N LEU A 1063 -13.03 12.70 27.14
CA LEU A 1063 -11.75 13.33 26.84
C LEU A 1063 -10.75 13.13 27.97
N TYR A 1064 -11.24 13.04 29.21
CA TYR A 1064 -10.33 12.87 30.32
C TYR A 1064 -9.73 11.47 30.33
N SER A 1065 -10.55 10.45 30.08
CA SER A 1065 -10.02 9.10 30.04
C SER A 1065 -9.21 8.86 28.78
N LEU A 1066 -9.44 9.65 27.73
CA LEU A 1066 -8.53 9.61 26.61
C LEU A 1066 -7.21 10.29 26.89
N ALA A 1067 -7.20 11.32 27.72
CA ALA A 1067 -5.97 12.01 28.07
C ALA A 1067 -5.11 11.22 29.02
N LEU A 1068 -5.70 10.36 29.84
CA LEU A 1068 -4.88 9.59 30.77
C LEU A 1068 -4.53 8.20 30.26
N HIS A 1069 -4.59 7.97 28.96
CA HIS A 1069 -4.38 6.63 28.44
C HIS A 1069 -2.89 6.37 28.20
N PRO A 1070 -2.44 5.13 28.35
CA PRO A 1070 -1.04 4.81 28.03
C PRO A 1070 -0.75 4.77 26.55
N ASN A 1071 -1.74 4.47 25.72
CA ASN A 1071 -1.57 4.52 24.28
C ASN A 1071 -1.32 5.97 23.86
N ALA A 1072 -0.31 6.17 23.04
CA ALA A 1072 0.14 7.52 22.72
C ALA A 1072 -0.83 8.23 21.80
N PHE A 1073 -1.46 7.49 20.89
CA PHE A 1073 -2.38 8.13 19.97
C PHE A 1073 -3.69 8.49 20.66
N LYS A 1074 -4.00 7.85 21.77
CA LYS A 1074 -5.19 8.26 22.52
C LYS A 1074 -4.94 9.59 23.23
N ARG A 1075 -3.74 9.80 23.74
CA ARG A 1075 -3.41 11.09 24.33
C ARG A 1075 -3.28 12.16 23.26
N LEU A 1076 -2.87 11.77 22.06
CA LEU A 1076 -2.86 12.73 20.97
C LEU A 1076 -4.28 13.10 20.56
N GLY A 1077 -5.18 12.13 20.55
CA GLY A 1077 -6.56 12.41 20.18
C GLY A 1077 -7.29 13.25 21.22
N ALA A 1078 -6.96 13.07 22.48
CA ALA A 1078 -7.61 13.87 23.53
C ALA A 1078 -7.22 15.32 23.48
N SER A 1079 -6.03 15.61 22.96
CA SER A 1079 -5.60 16.99 22.78
C SER A 1079 -6.06 17.57 21.46
N LEU A 1080 -6.14 16.76 20.42
CA LEU A 1080 -6.72 17.21 19.16
C LEU A 1080 -8.18 17.59 19.35
N ALA A 1081 -8.88 16.87 20.21
CA ALA A 1081 -10.27 17.21 20.45
C ALA A 1081 -10.46 18.43 21.34
N PHE A 1082 -9.43 18.92 22.03
CA PHE A 1082 -9.61 20.18 22.74
C PHE A 1082 -9.13 21.35 21.92
N ASN A 1083 -8.12 21.14 21.09
CA ASN A 1083 -7.63 22.22 20.24
C ASN A 1083 -8.59 22.57 19.13
N ASN A 1084 -9.66 21.81 18.93
CA ASN A 1084 -10.73 22.19 18.03
C ASN A 1084 -11.89 22.86 18.73
N ILE A 1085 -12.09 22.65 20.04
CA ILE A 1085 -13.31 23.11 20.70
C ILE A 1085 -13.09 24.18 21.74
N TYR A 1086 -11.85 24.63 21.97
CA TYR A 1086 -11.60 25.72 22.91
C TYR A 1086 -12.37 26.98 22.54
N ARG A 1087 -12.56 27.23 21.24
CA ARG A 1087 -13.26 28.41 20.72
C ARG A 1087 -14.69 28.49 21.18
N GLU A 1088 -15.34 27.36 21.38
CA GLU A 1088 -16.70 27.35 21.87
C GLU A 1088 -16.77 27.14 23.37
N PHE A 1089 -15.86 26.33 23.92
CA PHE A 1089 -15.91 26.04 25.33
C PHE A 1089 -15.55 27.26 26.17
N ARG A 1090 -14.75 28.17 25.61
CA ARG A 1090 -14.50 29.43 26.27
C ARG A 1090 -15.65 30.41 26.14
N GLU A 1091 -16.64 30.11 25.30
CA GLU A 1091 -17.74 31.02 25.05
C GLU A 1091 -19.00 30.67 25.81
N GLU A 1092 -18.88 30.15 27.03
CA GLU A 1092 -20.02 30.02 27.92
C GLU A 1092 -19.52 30.03 29.37
N GLU A 1093 -20.21 30.82 30.20
CA GLU A 1093 -19.75 31.03 31.57
C GLU A 1093 -19.91 29.78 32.41
N SER A 1094 -21.11 29.20 32.43
CA SER A 1094 -21.37 28.04 33.28
C SER A 1094 -20.64 26.80 32.81
N LEU A 1095 -20.29 26.74 31.53
CA LEU A 1095 -19.43 25.69 31.04
C LEU A 1095 -17.97 25.92 31.38
N VAL A 1096 -17.57 27.16 31.64
CA VAL A 1096 -16.18 27.45 31.97
C VAL A 1096 -16.00 27.74 33.45
N GLU A 1097 -17.06 27.98 34.19
CA GLU A 1097 -16.90 28.13 35.62
C GLU A 1097 -17.19 26.83 36.36
N GLN A 1098 -17.14 25.71 35.66
CA GLN A 1098 -17.20 24.39 36.28
C GLN A 1098 -16.11 23.47 35.82
N PHE A 1099 -15.63 23.62 34.60
CA PHE A 1099 -14.82 22.60 33.96
C PHE A 1099 -13.37 22.99 33.75
N VAL A 1100 -13.01 24.27 33.96
CA VAL A 1100 -11.73 24.75 33.44
C VAL A 1100 -10.57 24.24 34.30
N PHE A 1101 -10.79 24.06 35.60
CA PHE A 1101 -9.72 23.62 36.47
C PHE A 1101 -9.48 22.14 36.30
N GLU A 1102 -10.57 21.37 36.23
CA GLU A 1102 -10.49 19.95 35.96
C GLU A 1102 -9.89 19.67 34.59
N ALA A 1103 -10.11 20.56 33.62
CA ALA A 1103 -9.49 20.39 32.33
C ALA A 1103 -7.99 20.66 32.37
N LEU A 1104 -7.60 21.76 33.01
CA LEU A 1104 -6.20 22.18 33.05
C LEU A 1104 -5.34 21.16 33.77
N VAL A 1105 -5.84 20.64 34.89
CA VAL A 1105 -5.04 19.75 35.72
C VAL A 1105 -4.71 18.47 34.99
N ILE A 1106 -5.68 17.87 34.31
CA ILE A 1106 -5.30 16.62 33.67
C ILE A 1106 -4.62 16.88 32.34
N TYR A 1107 -4.73 18.08 31.79
CA TYR A 1107 -3.94 18.28 30.58
C TYR A 1107 -2.48 18.45 30.92
N MET A 1108 -2.20 19.06 32.09
CA MET A 1108 -0.86 19.01 32.67
C MET A 1108 -0.42 17.58 32.91
N GLU A 1109 -1.32 16.75 33.43
CA GLU A 1109 -0.97 15.37 33.73
C GLU A 1109 -0.70 14.55 32.47
N SER A 1110 -1.45 14.79 31.41
CA SER A 1110 -1.23 14.06 30.16
C SER A 1110 0.08 14.50 29.51
N LEU A 1111 0.40 15.79 29.61
CA LEU A 1111 1.69 16.25 29.11
C LEU A 1111 2.84 15.65 29.92
N ALA A 1112 2.62 15.45 31.22
CA ALA A 1112 3.61 14.77 32.04
C ALA A 1112 3.75 13.31 31.64
N LEU A 1113 2.67 12.69 31.20
CA LEU A 1113 2.77 11.33 30.69
C LEU A 1113 3.43 11.28 29.33
N ALA A 1114 3.37 12.38 28.58
CA ALA A 1114 3.96 12.41 27.24
C ALA A 1114 5.47 12.61 27.24
N HIS A 1115 6.07 12.69 28.43
CA HIS A 1115 7.52 12.74 28.57
C HIS A 1115 8.19 11.49 28.03
N ALA A 1116 7.50 10.36 28.09
CA ALA A 1116 8.12 9.09 27.75
C ALA A 1116 8.29 8.89 26.24
N ASP A 1117 7.34 9.34 25.42
CA ASP A 1117 7.30 8.93 24.03
C ASP A 1117 8.33 9.67 23.20
N GLU A 1118 8.29 9.45 21.89
CA GLU A 1118 9.32 9.93 20.99
C GLU A 1118 8.92 11.29 20.43
N LYS A 1119 9.91 12.15 20.21
CA LYS A 1119 9.67 13.54 19.81
C LYS A 1119 9.52 13.62 18.29
N SER A 1120 8.51 12.90 17.81
CA SER A 1120 8.06 13.06 16.44
C SER A 1120 6.55 12.98 16.33
N LEU A 1121 5.87 12.50 17.37
CA LEU A 1121 4.43 12.30 17.33
C LEU A 1121 3.68 13.61 17.56
N GLY A 1122 4.35 14.59 18.13
CA GLY A 1122 3.75 15.88 18.36
C GLY A 1122 2.74 15.92 19.48
N THR A 1123 2.65 14.86 20.29
CA THR A 1123 1.68 14.86 21.37
C THR A 1123 2.06 15.87 22.45
N ILE A 1124 3.36 16.09 22.67
CA ILE A 1124 3.80 17.13 23.57
C ILE A 1124 3.40 18.49 23.04
N GLN A 1125 3.56 18.69 21.73
CA GLN A 1125 3.20 19.96 21.09
C GLN A 1125 1.71 20.26 21.23
N GLN A 1126 0.87 19.24 21.06
CA GLN A 1126 -0.57 19.44 21.15
C GLN A 1126 -1.02 19.66 22.58
N CYS A 1127 -0.38 18.98 23.56
CA CYS A 1127 -0.73 19.28 24.94
C CYS A 1127 -0.27 20.67 25.38
N CYS A 1128 0.89 21.15 24.92
CA CYS A 1128 1.27 22.52 25.24
C CYS A 1128 0.35 23.53 24.57
N ASP A 1129 -0.13 23.21 23.37
CA ASP A 1129 -1.11 24.08 22.72
C ASP A 1129 -2.41 24.15 23.53
N ALA A 1130 -2.88 23.00 24.02
CA ALA A 1130 -4.11 22.96 24.79
C ALA A 1130 -3.97 23.68 26.12
N ILE A 1131 -2.81 23.54 26.76
CA ILE A 1131 -2.58 24.20 28.03
C ILE A 1131 -2.51 25.71 27.85
N ASP A 1132 -1.93 26.17 26.73
CA ASP A 1132 -1.89 27.61 26.49
C ASP A 1132 -3.28 28.16 26.18
N HIS A 1133 -4.12 27.38 25.49
CA HIS A 1133 -5.48 27.82 25.24
C HIS A 1133 -6.27 27.94 26.53
N LEU A 1134 -6.15 26.94 27.41
CA LEU A 1134 -6.80 27.01 28.72
C LEU A 1134 -6.22 28.13 29.57
N CYS A 1135 -4.94 28.44 29.38
CA CYS A 1135 -4.31 29.49 30.16
C CYS A 1135 -4.81 30.86 29.74
N ARG A 1136 -4.99 31.07 28.44
CA ARG A 1136 -5.57 32.33 27.97
C ARG A 1136 -7.03 32.46 28.43
N ILE A 1137 -7.74 31.33 28.50
CA ILE A 1137 -9.10 31.33 29.04
C ILE A 1137 -9.11 31.76 30.50
N ILE A 1138 -8.17 31.23 31.29
CA ILE A 1138 -8.06 31.62 32.69
C ILE A 1138 -7.66 33.07 32.83
N GLU A 1139 -6.80 33.54 31.92
CA GLU A 1139 -6.32 34.92 31.98
C GLU A 1139 -7.43 35.91 31.70
N LYS A 1140 -8.39 35.53 30.86
CA LYS A 1140 -9.50 36.43 30.60
C LYS A 1140 -10.40 36.54 31.82
N LYS A 1141 -10.93 35.42 32.28
CA LYS A 1141 -11.97 35.39 33.31
C LYS A 1141 -11.35 35.21 34.70
N HIS A 1142 -10.37 36.05 35.02
CA HIS A 1142 -9.62 35.88 36.25
C HIS A 1142 -10.33 36.44 37.46
N VAL A 1143 -11.35 37.27 37.27
CA VAL A 1143 -12.08 37.82 38.40
C VAL A 1143 -13.08 36.81 38.96
N SER A 1144 -13.65 35.94 38.13
CA SER A 1144 -14.68 35.03 38.58
C SER A 1144 -14.12 33.68 38.99
N LEU A 1145 -12.90 33.37 38.58
CA LEU A 1145 -12.35 32.06 38.87
C LEU A 1145 -11.91 31.91 40.32
N ASN A 1146 -11.26 32.91 40.90
CA ASN A 1146 -10.78 32.77 42.27
C ASN A 1146 -11.85 33.01 43.32
N LYS A 1147 -13.06 33.39 42.91
CA LYS A 1147 -14.16 33.45 43.84
C LYS A 1147 -14.53 32.04 44.29
N ALA A 1148 -14.75 31.86 45.58
CA ALA A 1148 -14.96 30.53 46.14
C ALA A 1148 -16.33 30.00 45.73
N LYS A 1149 -16.35 29.04 44.82
CA LYS A 1149 -17.58 28.48 44.29
C LYS A 1149 -17.47 26.97 44.21
N LYS A 1150 -18.61 26.31 44.24
CA LYS A 1150 -18.66 24.85 44.22
C LYS A 1150 -18.42 24.41 42.80
N ARG A 1151 -17.18 24.04 42.49
CA ARG A 1151 -16.79 23.64 41.16
C ARG A 1151 -16.54 22.14 41.12
N ARG A 1152 -16.15 21.64 39.96
CA ARG A 1152 -15.88 20.22 39.79
C ARG A 1152 -14.41 19.97 40.04
N LEU A 1153 -14.12 19.08 40.98
CA LEU A 1153 -12.76 18.92 41.49
C LEU A 1153 -11.90 18.17 40.49
N PRO A 1154 -10.65 18.58 40.32
CA PRO A 1154 -9.71 17.79 39.53
C PRO A 1154 -9.25 16.58 40.30
N ARG A 1155 -8.55 15.68 39.60
CA ARG A 1155 -8.08 14.47 40.24
C ARG A 1155 -6.92 14.81 41.18
N GLY A 1156 -6.86 14.07 42.28
CA GLY A 1156 -5.85 14.30 43.30
C GLY A 1156 -6.16 15.44 44.26
N PHE A 1157 -7.26 16.14 44.07
CA PHE A 1157 -7.60 17.27 44.90
C PHE A 1157 -8.37 16.84 46.15
N PRO A 1158 -8.24 17.56 47.26
CA PRO A 1158 -8.99 17.20 48.46
C PRO A 1158 -10.44 17.63 48.34
N PRO A 1159 -11.34 17.03 49.10
CA PRO A 1159 -12.73 17.52 49.12
C PRO A 1159 -12.82 18.84 49.84
N SER A 1160 -13.47 19.81 49.21
CA SER A 1160 -13.55 21.15 49.77
C SER A 1160 -14.98 21.65 49.65
N ALA A 1161 -15.25 22.75 50.35
CA ALA A 1161 -16.56 23.37 50.22
C ALA A 1161 -16.64 24.25 48.98
N SER A 1162 -15.53 24.50 48.32
CA SER A 1162 -15.49 25.36 47.15
C SER A 1162 -14.29 24.98 46.31
N LEU A 1163 -13.94 25.87 45.39
CA LEU A 1163 -12.66 25.86 44.69
C LEU A 1163 -12.39 27.27 44.18
N CYS A 1164 -11.14 27.68 44.24
CA CYS A 1164 -10.70 28.98 43.77
C CYS A 1164 -9.51 28.82 42.84
N LEU A 1165 -8.94 29.95 42.43
CA LEU A 1165 -7.72 29.89 41.64
C LEU A 1165 -6.51 29.70 42.53
N LEU A 1166 -6.62 30.11 43.80
CA LEU A 1166 -5.47 30.07 44.69
C LEU A 1166 -5.07 28.64 45.02
N ASP A 1167 -6.05 27.74 45.09
CA ASP A 1167 -5.74 26.33 45.25
C ASP A 1167 -5.05 25.77 44.01
N LEU A 1168 -5.41 26.27 42.84
CA LEU A 1168 -4.75 25.84 41.62
C LEU A 1168 -3.32 26.34 41.55
N VAL A 1169 -3.08 27.57 42.02
CA VAL A 1169 -1.73 28.12 42.14
C VAL A 1169 -0.90 27.29 43.11
N LYS A 1170 -1.50 26.86 44.21
CA LYS A 1170 -0.79 26.01 45.16
C LYS A 1170 -0.51 24.63 44.58
N TRP A 1171 -1.41 24.13 43.73
CA TRP A 1171 -1.17 22.86 43.05
C TRP A 1171 -0.02 22.98 42.06
N LEU A 1172 0.06 24.12 41.37
CA LEU A 1172 1.14 24.36 40.41
C LEU A 1172 2.47 24.49 41.12
N LEU A 1173 2.47 25.23 42.24
CA LEU A 1173 3.68 25.40 43.03
C LEU A 1173 4.14 24.09 43.65
N ALA A 1174 3.20 23.24 44.06
CA ALA A 1174 3.60 21.96 44.62
C ALA A 1174 4.09 21.02 43.54
N HIS A 1175 3.54 21.14 42.33
CA HIS A 1175 4.05 20.36 41.21
C HIS A 1175 5.06 21.18 40.41
N CYS A 1176 6.11 21.59 41.10
CA CYS A 1176 7.14 22.40 40.45
C CYS A 1176 8.35 21.58 40.07
N GLY A 1177 8.91 20.82 40.99
CA GLY A 1177 10.09 20.05 40.68
C GLY A 1177 9.77 18.65 40.23
N ARG A 1178 8.86 18.51 39.29
CA ARG A 1178 8.57 17.16 38.85
C ARG A 1178 9.52 16.75 37.74
N PRO A 1179 9.89 15.47 37.66
CA PRO A 1179 10.99 15.06 36.77
C PRO A 1179 10.71 15.18 35.29
N GLN A 1180 9.45 15.15 34.89
CA GLN A 1180 9.13 15.22 33.47
C GLN A 1180 9.36 16.64 32.97
N THR A 1181 10.10 16.76 31.86
CA THR A 1181 10.72 18.02 31.47
C THR A 1181 9.68 19.08 31.14
N GLU A 1182 8.85 18.81 30.12
CA GLU A 1182 8.03 19.85 29.55
C GLU A 1182 6.88 20.22 30.47
N CYS A 1183 6.42 19.25 31.26
CA CYS A 1183 5.36 19.55 32.20
C CYS A 1183 5.88 20.39 33.35
N ARG A 1184 7.14 20.18 33.74
CA ARG A 1184 7.78 21.06 34.72
C ARG A 1184 7.90 22.48 34.18
N HIS A 1185 8.31 22.61 32.93
CA HIS A 1185 8.44 23.92 32.29
C HIS A 1185 7.11 24.66 32.29
N LYS A 1186 6.06 23.98 31.85
CA LYS A 1186 4.75 24.60 31.77
C LYS A 1186 4.20 24.91 33.14
N SER A 1187 4.52 24.09 34.14
CA SER A 1187 4.04 24.33 35.49
C SER A 1187 4.69 25.56 36.10
N ILE A 1188 6.00 25.73 35.87
CA ILE A 1188 6.70 26.91 36.36
C ILE A 1188 6.15 28.17 35.71
N GLU A 1189 6.01 28.17 34.39
CA GLU A 1189 5.57 29.40 33.75
C GLU A 1189 4.10 29.67 34.02
N LEU A 1190 3.30 28.64 34.29
CA LEU A 1190 1.91 28.85 34.64
C LEU A 1190 1.79 29.43 36.04
N PHE A 1191 2.66 28.99 36.96
CA PHE A 1191 2.73 29.60 38.28
C PHE A 1191 3.08 31.07 38.17
N TYR A 1192 4.05 31.39 37.33
CA TYR A 1192 4.48 32.78 37.18
C TYR A 1192 3.39 33.63 36.54
N LYS A 1193 2.63 33.06 35.61
CA LYS A 1193 1.49 33.77 35.08
C LYS A 1193 0.32 33.83 36.05
N PHE A 1194 0.34 33.03 37.13
CA PHE A 1194 -0.82 32.95 38.00
C PHE A 1194 -0.61 33.47 39.42
N VAL A 1195 0.58 33.94 39.81
CA VAL A 1195 0.68 34.69 41.08
C VAL A 1195 0.13 36.10 40.90
N PRO A 1196 0.22 36.74 39.72
CA PRO A 1196 -0.79 37.75 39.40
C PRO A 1196 -2.19 37.15 39.26
N LEU A 1197 -3.19 38.00 39.00
CA LEU A 1197 -4.57 37.60 38.78
C LEU A 1197 -5.19 36.99 40.03
N LEU A 1198 -4.63 37.24 41.20
CA LEU A 1198 -5.08 36.80 42.51
C LEU A 1198 -5.50 38.02 43.32
N PRO A 1199 -6.44 37.86 44.32
CA PRO A 1199 -7.16 39.03 44.84
C PRO A 1199 -6.33 39.94 45.71
N GLY A 1200 -5.63 40.87 45.08
CA GLY A 1200 -4.73 41.77 45.77
C GLY A 1200 -3.56 42.14 44.88
N ASN A 1201 -3.37 41.36 43.81
CA ASN A 1201 -2.54 41.71 42.66
C ASN A 1201 -1.07 41.95 43.00
N ARG A 1202 -0.58 41.35 44.09
CA ARG A 1202 0.80 41.56 44.48
C ARG A 1202 1.75 40.82 43.54
N SER A 1203 3.01 41.15 43.62
CA SER A 1203 4.05 40.55 42.82
C SER A 1203 4.44 39.19 43.42
N PRO A 1204 5.01 38.28 42.60
CA PRO A 1204 5.42 36.96 43.14
C PRO A 1204 6.50 37.02 44.20
N ASN A 1205 7.21 38.15 44.31
CA ASN A 1205 8.08 38.37 45.45
C ASN A 1205 7.28 38.40 46.74
N LEU A 1206 6.18 39.13 46.75
CA LEU A 1206 5.45 39.41 47.98
C LEU A 1206 4.65 38.19 48.45
N TRP A 1207 4.01 37.49 47.51
CA TRP A 1207 3.10 36.41 47.88
C TRP A 1207 3.88 35.19 48.37
N LEU A 1208 4.98 34.86 47.71
CA LEU A 1208 5.79 33.76 48.19
C LEU A 1208 6.49 34.12 49.49
N LYS A 1209 6.81 35.40 49.69
CA LYS A 1209 7.37 35.81 50.98
C LYS A 1209 6.33 35.65 52.09
N ASP A 1210 5.06 35.94 51.79
CA ASP A 1210 3.97 35.67 52.73
C ASP A 1210 3.87 34.19 53.07
N VAL A 1211 3.85 33.34 52.04
CA VAL A 1211 3.64 31.91 52.30
C VAL A 1211 4.90 31.28 52.90
N LEU A 1212 6.05 31.93 52.73
CA LEU A 1212 7.26 31.42 53.35
C LEU A 1212 7.40 31.96 54.76
N LYS A 1213 6.68 33.04 55.05
CA LYS A 1213 6.54 33.48 56.43
C LYS A 1213 5.59 32.56 57.20
N GLU A 1214 4.61 31.98 56.52
CA GLU A 1214 3.61 31.21 57.25
C GLU A 1214 3.58 29.71 56.92
N GLU A 1215 4.58 29.18 56.22
CA GLU A 1215 4.66 27.72 56.06
C GLU A 1215 6.06 27.16 56.22
N GLY A 1216 7.03 27.95 56.64
CA GLY A 1216 8.38 27.48 56.76
C GLY A 1216 9.13 27.55 55.44
N VAL A 1217 10.44 27.75 55.53
CA VAL A 1217 11.25 27.83 54.33
C VAL A 1217 11.53 26.43 53.80
N SER A 1218 11.49 25.43 54.66
CA SER A 1218 11.84 24.07 54.25
C SER A 1218 10.65 23.39 53.57
N PHE A 1219 9.47 24.01 53.65
CA PHE A 1219 8.36 23.58 52.81
C PHE A 1219 8.71 23.79 51.34
N LEU A 1220 9.18 24.98 51.00
CA LEU A 1220 9.60 25.33 49.65
C LEU A 1220 10.76 24.48 49.17
N ILE A 1221 11.68 24.14 50.08
CA ILE A 1221 12.77 23.24 49.74
C ILE A 1221 12.23 21.83 49.53
N ASN A 1222 11.15 21.48 50.21
CA ASN A 1222 10.56 20.17 49.96
C ASN A 1222 9.68 20.18 48.70
N THR A 1223 9.37 21.35 48.17
CA THR A 1223 8.69 21.39 46.87
C THR A 1223 9.69 21.36 45.74
N PHE A 1224 10.72 22.21 45.83
CA PHE A 1224 11.80 22.24 44.85
C PHE A 1224 12.52 20.90 44.79
N GLU A 1225 13.05 20.47 45.92
CA GLU A 1225 13.85 19.27 46.01
C GLU A 1225 12.98 18.03 45.88
N GLY A 1226 11.83 18.02 46.54
CA GLY A 1226 10.94 16.87 46.50
C GLY A 1226 10.29 16.67 45.15
N GLY A 1227 10.62 15.56 44.50
CA GLY A 1227 10.18 15.37 43.12
C GLY A 1227 8.69 15.10 43.03
N GLY A 1228 8.04 15.86 42.17
CA GLY A 1228 6.60 15.84 42.10
C GLY A 1228 6.02 16.41 43.36
N CYS A 1229 5.02 15.71 43.90
CA CYS A 1229 4.68 15.85 45.30
C CYS A 1229 4.38 14.53 46.00
N GLY A 1230 3.99 13.49 45.26
CA GLY A 1230 3.42 12.30 45.84
C GLY A 1230 4.36 11.43 46.63
N GLN A 1231 5.30 10.83 45.97
CA GLN A 1231 6.25 10.07 46.77
C GLN A 1231 7.28 11.00 47.37
N PRO A 1232 7.66 10.80 48.64
CA PRO A 1232 8.68 11.67 49.25
C PRO A 1232 10.06 11.40 48.68
N SER A 1233 10.27 11.78 47.43
CA SER A 1233 11.46 11.40 46.68
C SER A 1233 12.05 12.64 46.03
N GLY A 1234 13.03 12.42 45.16
CA GLY A 1234 13.86 13.49 44.67
C GLY A 1234 15.24 13.41 45.28
N ILE A 1235 16.04 14.42 44.94
CA ILE A 1235 17.39 14.49 45.50
C ILE A 1235 17.41 14.87 46.97
N LEU A 1236 16.31 15.34 47.53
CA LEU A 1236 16.22 15.45 48.98
C LEU A 1236 16.16 14.06 49.59
N ALA A 1237 15.51 13.12 48.92
CA ALA A 1237 15.59 11.74 49.36
C ALA A 1237 16.86 11.06 48.85
N GLN A 1238 17.24 11.31 47.61
CA GLN A 1238 18.38 10.63 46.98
C GLN A 1238 19.43 11.63 46.52
N PRO A 1239 20.30 12.09 47.41
CA PRO A 1239 21.33 13.06 47.00
C PRO A 1239 22.40 12.48 46.09
N THR A 1240 22.79 11.23 46.28
CA THR A 1240 23.82 10.64 45.44
C THR A 1240 23.24 9.43 44.73
N LEU A 1241 23.95 8.97 43.70
CA LEU A 1241 23.49 7.82 42.96
C LEU A 1241 23.76 6.53 43.71
N LEU A 1242 24.59 6.60 44.76
CA LEU A 1242 24.87 5.43 45.59
C LEU A 1242 23.66 5.03 46.39
N TYR A 1243 22.80 5.99 46.73
CA TYR A 1243 21.61 5.69 47.51
C TYR A 1243 20.51 5.12 46.63
N LEU A 1244 20.65 5.30 45.32
CA LEU A 1244 19.78 4.68 44.35
C LEU A 1244 20.50 3.47 43.77
N ARG A 1245 20.60 2.40 44.53
CA ARG A 1245 21.45 1.29 44.14
C ARG A 1245 20.61 0.01 44.00
N GLY A 1246 21.05 -0.83 43.06
CA GLY A 1246 20.53 -2.17 42.89
C GLY A 1246 21.44 -2.90 41.92
N PRO A 1247 20.90 -3.90 41.22
CA PRO A 1247 21.55 -4.33 39.98
C PRO A 1247 21.49 -3.18 38.98
N PHE A 1248 22.56 -3.02 38.21
CA PHE A 1248 22.73 -1.82 37.41
C PHE A 1248 21.72 -1.77 36.27
N SER A 1249 20.79 -0.82 36.37
CA SER A 1249 19.87 -0.50 35.29
C SER A 1249 20.22 0.90 34.83
N LEU A 1250 20.33 1.06 33.51
CA LEU A 1250 20.77 2.34 32.96
C LEU A 1250 19.69 3.40 33.13
N GLN A 1251 18.43 3.01 32.94
CA GLN A 1251 17.32 3.95 32.99
C GLN A 1251 17.15 4.56 34.38
N ALA A 1252 17.60 3.87 35.43
CA ALA A 1252 17.47 4.38 36.79
C ALA A 1252 18.39 5.56 37.03
N THR A 1253 19.59 5.53 36.44
CA THR A 1253 20.49 6.68 36.49
C THR A 1253 19.87 7.87 35.76
N LEU A 1254 19.11 7.61 34.70
CA LEU A 1254 18.40 8.68 34.01
C LEU A 1254 17.33 9.29 34.91
N CYS A 1255 16.66 8.45 35.72
CA CYS A 1255 15.69 8.97 36.68
C CYS A 1255 16.36 9.89 37.70
N TRP A 1256 17.54 9.49 38.18
CA TRP A 1256 18.24 10.35 39.13
C TRP A 1256 18.69 11.65 38.50
N LEU A 1257 19.21 11.59 37.28
CA LEU A 1257 19.66 12.80 36.59
C LEU A 1257 18.51 13.75 36.34
N ASP A 1258 17.33 13.21 36.00
CA ASP A 1258 16.18 14.07 35.74
C ASP A 1258 15.64 14.68 37.02
N LEU A 1259 15.75 13.97 38.14
CA LEU A 1259 15.36 14.57 39.42
C LEU A 1259 16.27 15.74 39.78
N LEU A 1260 17.57 15.53 39.63
CA LEU A 1260 18.53 16.61 39.88
C LEU A 1260 18.33 17.77 38.93
N LEU A 1261 18.02 17.46 37.67
CA LEU A 1261 17.82 18.49 36.66
C LEU A 1261 16.56 19.29 36.94
N ALA A 1262 15.55 18.64 37.51
CA ALA A 1262 14.32 19.34 37.85
C ALA A 1262 14.55 20.32 38.99
N ALA A 1263 15.30 19.88 40.01
CA ALA A 1263 15.61 20.77 41.13
C ALA A 1263 16.48 21.93 40.68
N LEU A 1264 17.40 21.66 39.76
CA LEU A 1264 18.24 22.72 39.19
C LEU A 1264 17.39 23.75 38.45
N GLU A 1265 16.46 23.28 37.63
CA GLU A 1265 15.64 24.18 36.83
C GLU A 1265 14.74 25.05 37.70
N CYS A 1266 14.12 24.47 38.73
CA CYS A 1266 13.23 25.27 39.57
C CYS A 1266 13.99 26.22 40.48
N TYR A 1267 15.14 25.78 41.04
CA TYR A 1267 16.00 26.69 41.79
C TYR A 1267 16.49 27.82 40.92
N ASN A 1268 16.94 27.49 39.71
CA ASN A 1268 17.52 28.46 38.78
C ASN A 1268 16.48 29.47 38.35
N THR A 1269 15.26 29.02 38.08
CA THR A 1269 14.22 29.93 37.66
C THR A 1269 13.77 30.82 38.82
N PHE A 1270 13.60 30.24 40.01
CA PHE A 1270 13.12 31.03 41.14
C PHE A 1270 14.16 32.02 41.63
N ILE A 1271 15.44 31.74 41.44
CA ILE A 1271 16.47 32.70 41.81
C ILE A 1271 16.67 33.74 40.71
N GLY A 1272 16.54 33.34 39.44
CA GLY A 1272 16.68 34.28 38.35
C GLY A 1272 15.57 35.31 38.30
N GLU A 1273 14.33 34.89 38.03
CA GLU A 1273 13.17 35.75 38.22
C GLU A 1273 13.04 35.91 39.73
N ARG A 1274 13.32 37.11 40.23
CA ARG A 1274 13.90 37.35 41.56
C ARG A 1274 13.26 36.60 42.73
N THR A 1275 12.04 36.98 43.15
CA THR A 1275 11.01 36.16 43.79
C THR A 1275 11.41 35.32 45.01
N VAL A 1276 12.67 35.34 45.41
CA VAL A 1276 13.20 34.55 46.52
C VAL A 1276 14.57 35.17 46.82
N GLY A 1277 15.06 34.97 48.04
CA GLY A 1277 16.41 35.36 48.38
C GLY A 1277 17.36 34.22 48.09
N ALA A 1278 18.51 34.54 47.50
CA ALA A 1278 19.48 33.51 47.13
C ALA A 1278 20.18 32.95 48.35
N LEU A 1279 20.64 33.82 49.25
CA LEU A 1279 21.38 33.41 50.44
C LEU A 1279 20.49 32.81 51.50
N GLN A 1280 19.17 32.99 51.40
CA GLN A 1280 18.24 32.51 52.42
C GLN A 1280 17.40 31.34 51.93
N VAL A 1281 17.88 30.62 50.92
CA VAL A 1281 17.31 29.33 50.59
C VAL A 1281 18.30 28.18 50.76
N LEU A 1282 19.58 28.37 50.48
CA LEU A 1282 20.60 27.34 50.50
C LEU A 1282 21.57 27.57 51.66
N GLY A 1283 21.05 28.00 52.80
CA GLY A 1283 21.90 28.56 53.83
C GLY A 1283 21.95 27.87 55.17
N THR A 1284 21.40 28.56 56.18
CA THR A 1284 21.76 28.37 57.59
C THR A 1284 21.44 26.98 58.15
N GLU A 1285 20.16 26.65 58.24
CA GLU A 1285 19.77 25.36 58.81
C GLU A 1285 18.68 24.77 57.91
N ALA A 1286 19.12 24.04 56.89
CA ALA A 1286 18.20 23.55 55.89
C ALA A 1286 18.86 22.38 55.18
N GLN A 1287 18.09 21.30 55.01
CA GLN A 1287 18.56 20.13 54.31
C GLN A 1287 18.41 20.29 52.79
N SER A 1288 18.83 21.44 52.28
CA SER A 1288 18.79 21.73 50.85
C SER A 1288 19.86 20.89 50.18
N SER A 1289 19.46 19.68 49.78
CA SER A 1289 20.43 18.77 49.18
C SER A 1289 20.57 19.00 47.68
N LEU A 1290 20.76 20.26 47.28
CA LEU A 1290 21.14 20.57 45.92
C LEU A 1290 22.65 20.62 45.78
N LEU A 1291 23.32 21.19 46.78
CA LEU A 1291 24.75 21.40 46.69
C LEU A 1291 25.51 20.11 46.91
N LYS A 1292 24.99 19.24 47.77
CA LYS A 1292 25.53 17.88 47.91
C LYS A 1292 25.40 17.11 46.60
N ALA A 1293 24.25 17.25 45.93
CA ALA A 1293 24.02 16.54 44.68
C ALA A 1293 24.90 17.08 43.56
N VAL A 1294 25.06 18.39 43.48
CA VAL A 1294 25.87 18.96 42.40
C VAL A 1294 27.35 18.71 42.67
N ALA A 1295 27.74 18.61 43.95
CA ALA A 1295 29.11 18.28 44.28
C ALA A 1295 29.43 16.86 43.91
N PHE A 1296 28.51 15.92 44.21
CA PHE A 1296 28.69 14.54 43.78
C PHE A 1296 28.67 14.42 42.26
N PHE A 1297 27.91 15.29 41.61
CA PHE A 1297 27.79 15.26 40.15
C PHE A 1297 29.11 15.67 39.50
N LEU A 1298 29.69 16.78 39.97
CA LEU A 1298 30.92 17.27 39.38
C LEU A 1298 32.13 16.48 39.84
N GLU A 1299 32.04 15.82 40.99
CA GLU A 1299 33.17 15.10 41.56
C GLU A 1299 33.54 13.88 40.74
N SER A 1300 32.53 13.11 40.32
CA SER A 1300 32.78 11.86 39.64
C SER A 1300 31.95 11.64 38.38
N ILE A 1301 30.81 12.32 38.24
CA ILE A 1301 29.85 11.99 37.20
C ILE A 1301 29.94 12.91 35.99
N ALA A 1302 30.22 14.19 36.18
CA ALA A 1302 30.18 15.20 35.13
C ALA A 1302 31.25 15.03 34.06
N MET A 1303 32.49 14.75 34.47
CA MET A 1303 33.62 14.87 33.54
C MET A 1303 33.69 13.73 32.55
N HIS A 1304 33.69 12.50 33.05
CA HIS A 1304 34.26 11.41 32.28
C HIS A 1304 33.19 10.40 31.94
N ASP A 1305 32.14 10.85 31.24
CA ASP A 1305 31.02 10.00 30.87
C ASP A 1305 31.52 8.96 29.87
N ILE A 1306 32.12 7.92 30.42
CA ILE A 1306 32.80 6.82 29.75
C ILE A 1306 31.98 5.59 30.10
N ILE A 1307 30.66 5.73 29.96
CA ILE A 1307 29.55 5.45 30.88
C ILE A 1307 29.77 4.48 32.05
N ALA A 1308 30.80 3.64 32.00
CA ALA A 1308 31.34 2.94 33.18
C ALA A 1308 31.54 3.80 34.43
N ALA A 1309 31.73 5.12 34.27
CA ALA A 1309 31.81 6.07 35.38
C ALA A 1309 30.55 6.13 36.23
N GLU A 1310 29.41 5.66 35.73
CA GLU A 1310 28.20 5.59 36.53
C GLU A 1310 27.72 4.17 36.80
N LYS A 1311 28.37 3.16 36.22
CA LYS A 1311 28.05 1.79 36.58
C LYS A 1311 28.54 1.47 37.99
N CYS A 1312 29.76 1.89 38.30
CA CYS A 1312 30.33 1.62 39.61
C CYS A 1312 30.10 2.80 40.54
N ASN A 1320 29.26 -3.81 32.47
CA ASN A 1320 28.77 -4.78 31.48
C ASN A 1320 29.23 -4.43 30.07
N ARG A 1321 28.31 -3.97 29.24
CA ARG A 1321 28.61 -3.70 27.84
C ARG A 1321 27.62 -2.68 27.29
N THR A 1322 28.14 -1.69 26.58
CA THR A 1322 27.34 -0.54 26.18
C THR A 1322 27.04 -0.57 24.69
N SER A 1323 25.91 0.04 24.36
CA SER A 1323 25.49 0.27 22.99
C SER A 1323 25.73 1.73 22.71
N PRO A 1324 25.75 2.14 21.44
CA PRO A 1324 25.73 3.57 21.16
C PRO A 1324 24.48 4.27 21.64
N GLN A 1325 23.30 3.66 21.47
CA GLN A 1325 22.06 4.37 21.79
C GLN A 1325 21.83 4.46 23.27
N GLU A 1326 22.28 3.46 24.04
CA GLU A 1326 22.25 3.58 25.49
C GLU A 1326 23.25 4.62 25.95
N GLY A 1327 24.35 4.77 25.21
CA GLY A 1327 25.33 5.77 25.58
C GLY A 1327 25.02 7.16 25.07
N GLU A 1328 24.42 7.25 23.87
CA GLU A 1328 24.11 8.54 23.28
C GLU A 1328 23.07 9.29 24.09
N ARG A 1329 22.05 8.58 24.56
CA ARG A 1329 21.04 9.18 25.44
C ARG A 1329 21.66 9.65 26.74
N TYR A 1330 22.63 8.86 27.25
CA TYR A 1330 23.33 9.21 28.47
C TYR A 1330 24.15 10.47 28.29
N ASN A 1331 24.84 10.58 27.16
CA ASN A 1331 25.66 11.77 26.91
C ASN A 1331 24.80 13.00 26.68
N TYR A 1332 23.65 12.83 26.04
CA TYR A 1332 22.74 13.96 25.85
C TYR A 1332 22.19 14.45 27.17
N SER A 1333 21.73 13.52 28.01
CA SER A 1333 21.22 13.91 29.33
C SER A 1333 22.31 14.46 30.22
N LYS A 1334 23.53 13.95 30.11
CA LYS A 1334 24.66 14.42 30.88
C LYS A 1334 25.10 15.81 30.43
N CYS A 1335 25.02 16.10 29.15
CA CYS A 1335 25.38 17.43 28.70
C CYS A 1335 24.34 18.45 29.09
N THR A 1336 23.06 18.09 29.02
CA THR A 1336 22.08 19.11 29.30
C THR A 1336 21.85 19.32 30.80
N VAL A 1337 22.55 18.61 31.67
CA VAL A 1337 22.54 18.98 33.08
C VAL A 1337 23.79 19.78 33.44
N VAL A 1338 24.89 19.53 32.72
CA VAL A 1338 26.08 20.37 32.86
C VAL A 1338 25.78 21.80 32.42
N VAL A 1339 24.99 21.94 31.35
CA VAL A 1339 24.61 23.26 30.85
C VAL A 1339 23.77 24.02 31.87
N ARG A 1340 22.81 23.33 32.49
CA ARG A 1340 21.94 23.99 33.45
C ARG A 1340 22.67 24.31 34.75
N ILE A 1341 23.69 23.52 35.09
CA ILE A 1341 24.50 23.84 36.26
C ILE A 1341 25.34 25.08 35.99
N MET A 1342 25.85 25.22 34.77
CA MET A 1342 26.60 26.41 34.42
C MET A 1342 25.71 27.66 34.48
N GLU A 1343 24.48 27.55 33.99
CA GLU A 1343 23.57 28.69 34.11
C GLU A 1343 23.14 28.93 35.55
N PHE A 1344 23.08 27.88 36.38
CA PHE A 1344 22.71 28.06 37.77
C PHE A 1344 23.78 28.81 38.53
N THR A 1345 25.05 28.43 38.33
CA THR A 1345 26.13 29.16 38.98
C THR A 1345 26.25 30.58 38.45
N THR A 1346 25.91 30.79 37.16
CA THR A 1346 25.85 32.14 36.62
C THR A 1346 24.84 33.00 37.35
N THR A 1347 23.62 32.48 37.53
CA THR A 1347 22.60 33.21 38.28
C THR A 1347 22.93 33.38 39.75
N LEU A 1348 23.61 32.39 40.35
CA LEU A 1348 23.99 32.49 41.74
C LEU A 1348 25.05 33.55 41.96
N LEU A 1349 25.92 33.75 40.97
CA LEU A 1349 26.90 34.82 41.08
C LEU A 1349 26.26 36.17 40.84
N ASN A 1350 25.43 36.29 39.79
CA ASN A 1350 24.87 37.58 39.45
C ASN A 1350 23.77 38.04 40.40
N THR A 1351 23.24 37.15 41.24
CA THR A 1351 22.16 37.56 42.14
C THR A 1351 22.65 38.04 43.50
N SER A 1352 23.33 37.19 44.27
CA SER A 1352 23.77 37.59 45.60
C SER A 1352 25.27 37.84 45.57
N PRO A 1353 25.72 39.08 45.79
CA PRO A 1353 27.14 39.38 45.68
C PRO A 1353 27.99 38.79 46.80
N GLU A 1354 27.50 38.84 48.03
CA GLU A 1354 28.22 38.22 49.14
C GLU A 1354 27.91 36.74 49.28
N GLY A 1355 27.00 36.21 48.45
CA GLY A 1355 26.71 34.80 48.46
C GLY A 1355 27.61 34.02 47.53
N TRP A 1356 28.73 34.61 47.12
CA TRP A 1356 29.81 33.87 46.51
C TRP A 1356 30.38 32.81 47.44
N LYS A 1357 30.31 33.02 48.75
CA LYS A 1357 31.00 32.17 49.70
C LYS A 1357 30.31 30.82 49.85
N LEU A 1358 29.07 30.71 49.36
CA LEU A 1358 28.38 29.43 49.34
C LEU A 1358 29.05 28.47 48.37
N LEU A 1359 29.31 28.93 47.15
CA LEU A 1359 29.97 28.15 46.12
C LEU A 1359 31.49 28.21 46.24
N LYS A 1360 31.98 27.97 47.44
CA LYS A 1360 33.41 27.96 47.69
C LYS A 1360 33.93 26.62 48.17
N LYS A 1361 33.24 26.00 49.11
CA LYS A 1361 33.66 24.71 49.64
C LYS A 1361 33.51 23.58 48.64
N ASP A 1362 32.62 23.74 47.65
CA ASP A 1362 32.29 22.65 46.73
C ASP A 1362 32.62 23.01 45.29
N LEU A 1363 32.17 24.18 44.82
CA LEU A 1363 32.08 24.38 43.38
C LEU A 1363 33.37 24.94 42.79
N CYS A 1364 33.82 26.10 43.26
CA CYS A 1364 34.98 26.73 42.64
C CYS A 1364 36.24 26.04 43.17
N ASN A 1365 36.53 24.89 42.59
CA ASN A 1365 37.75 24.14 42.81
C ASN A 1365 38.03 23.38 41.52
N THR A 1366 38.77 22.28 41.65
CA THR A 1366 39.16 21.48 40.49
C THR A 1366 37.96 20.92 39.71
N HIS A 1367 36.82 20.66 40.37
CA HIS A 1367 35.72 19.98 39.70
C HIS A 1367 35.04 20.85 38.64
N LEU A 1368 34.37 21.91 39.09
CA LEU A 1368 33.59 22.74 38.17
C LEU A 1368 34.49 23.47 37.18
N MET A 1369 35.64 23.94 37.64
CA MET A 1369 36.55 24.62 36.73
C MET A 1369 37.17 23.66 35.73
N ARG A 1370 37.40 22.41 36.13
CA ARG A 1370 37.90 21.42 35.19
C ARG A 1370 36.90 21.13 34.10
N VAL A 1371 35.63 20.97 34.49
CA VAL A 1371 34.54 20.80 33.52
C VAL A 1371 34.43 22.01 32.60
N LEU A 1372 34.58 23.21 33.15
CA LEU A 1372 34.40 24.43 32.36
C LEU A 1372 35.54 24.63 31.36
N VAL A 1373 36.79 24.41 31.79
CA VAL A 1373 37.90 24.57 30.86
C VAL A 1373 37.92 23.41 29.86
N GLN A 1374 37.38 22.25 30.26
CA GLN A 1374 37.23 21.16 29.31
C GLN A 1374 36.20 21.51 28.25
N THR A 1375 35.07 22.10 28.66
CA THR A 1375 34.02 22.45 27.71
C THR A 1375 34.47 23.59 26.81
N LEU A 1376 35.34 24.46 27.32
CA LEU A 1376 35.88 25.54 26.50
C LEU A 1376 36.89 25.01 25.50
N CYS A 1377 37.84 24.21 25.95
CA CYS A 1377 38.95 23.82 25.07
C CYS A 1377 38.54 22.71 24.11
N GLU A 1378 37.79 21.71 24.58
CA GLU A 1378 37.17 20.73 23.69
C GLU A 1378 35.92 20.13 24.31
N PRO A 1379 34.74 20.57 23.91
CA PRO A 1379 33.53 20.04 24.56
C PRO A 1379 33.20 18.62 24.15
N ALA A 1380 33.57 18.21 22.94
CA ALA A 1380 33.18 16.90 22.44
C ALA A 1380 33.88 15.76 23.16
N SER A 1381 35.00 16.03 23.84
CA SER A 1381 35.63 15.03 24.68
C SER A 1381 34.80 14.73 25.92
N ILE A 1382 34.01 15.70 26.38
CA ILE A 1382 33.21 15.51 27.58
C ILE A 1382 31.90 14.79 27.27
N GLY A 1383 31.47 14.78 26.01
CA GLY A 1383 30.28 14.05 25.65
C GLY A 1383 29.28 14.76 24.77
N PHE A 1384 29.60 15.94 24.23
CA PHE A 1384 28.64 16.62 23.38
C PHE A 1384 28.61 15.98 21.99
N ASN A 1385 27.89 16.62 21.08
CA ASN A 1385 27.85 16.18 19.69
C ASN A 1385 27.99 17.39 18.79
N ILE A 1386 28.67 17.19 17.66
CA ILE A 1386 28.94 18.29 16.73
C ILE A 1386 27.76 18.49 15.80
N GLY A 1387 27.00 17.42 15.55
CA GLY A 1387 25.90 17.50 14.60
C GLY A 1387 24.75 18.38 15.06
N ASP A 1388 24.50 18.41 16.37
CA ASP A 1388 23.44 19.29 16.83
C ASP A 1388 23.94 20.72 16.88
N VAL A 1389 23.67 21.48 15.82
CA VAL A 1389 24.15 22.85 15.74
C VAL A 1389 23.42 23.77 16.71
N GLN A 1390 22.25 23.35 17.21
CA GLN A 1390 21.51 24.19 18.14
C GLN A 1390 22.20 24.29 19.50
N VAL A 1391 22.57 23.14 20.08
CA VAL A 1391 23.26 23.18 21.37
C VAL A 1391 24.67 23.73 21.18
N MET A 1392 25.24 23.56 19.98
CA MET A 1392 26.47 24.26 19.64
C MET A 1392 26.24 25.75 19.37
N ALA A 1393 25.00 26.20 19.31
CA ALA A 1393 24.67 27.61 19.29
C ALA A 1393 24.20 28.11 20.65
N HIS A 1394 24.04 27.22 21.62
CA HIS A 1394 23.72 27.61 22.99
C HIS A 1394 24.92 27.54 23.92
N LEU A 1395 25.86 26.64 23.64
CA LEU A 1395 27.07 26.50 24.46
C LEU A 1395 27.98 27.73 24.47
N PRO A 1396 28.19 28.48 23.35
CA PRO A 1396 28.91 29.76 23.46
C PRO A 1396 28.36 30.72 24.49
N ASP A 1397 27.08 31.05 24.47
CA ASP A 1397 26.61 32.12 25.34
C ASP A 1397 26.58 31.69 26.80
N VAL A 1398 26.38 30.39 27.07
CA VAL A 1398 26.37 29.97 28.47
C VAL A 1398 27.77 30.00 29.05
N CYS A 1399 28.78 29.55 28.30
CA CYS A 1399 30.12 29.63 28.87
C CYS A 1399 30.64 31.07 28.85
N VAL A 1400 30.17 31.90 27.91
CA VAL A 1400 30.53 33.31 27.90
C VAL A 1400 29.98 34.02 29.13
N ASN A 1401 28.70 33.83 29.45
CA ASN A 1401 28.13 34.49 30.61
C ASN A 1401 28.66 33.90 31.89
N LEU A 1402 29.10 32.64 31.87
CA LEU A 1402 29.72 32.08 33.07
C LEU A 1402 31.09 32.67 33.30
N MET A 1403 31.90 32.79 32.24
CA MET A 1403 33.23 33.38 32.39
C MET A 1403 33.15 34.88 32.65
N LYS A 1404 32.10 35.53 32.15
CA LYS A 1404 31.89 36.93 32.45
C LYS A 1404 31.38 37.13 33.87
N ALA A 1405 30.67 36.13 34.40
CA ALA A 1405 30.01 36.31 35.68
C ALA A 1405 31.00 36.24 36.82
N LEU A 1406 31.92 35.28 36.79
CA LEU A 1406 32.98 35.22 37.77
C LEU A 1406 34.19 36.04 37.39
N LYS A 1407 34.10 36.84 36.33
CA LYS A 1407 35.12 37.84 36.08
C LYS A 1407 35.11 38.89 37.18
N MET A 1408 33.91 39.27 37.62
CA MET A 1408 33.74 40.19 38.74
C MET A 1408 33.47 39.40 40.02
N SER A 1409 34.52 38.76 40.53
CA SER A 1409 34.38 37.82 41.63
C SER A 1409 35.73 37.67 42.30
N PRO A 1410 35.78 37.03 43.48
CA PRO A 1410 37.07 36.52 43.99
C PRO A 1410 37.59 35.28 43.26
N TYR A 1411 36.81 34.75 42.32
CA TYR A 1411 37.21 33.58 41.55
C TYR A 1411 37.88 33.94 40.24
N LYS A 1412 38.36 35.18 40.08
CA LYS A 1412 39.04 35.53 38.85
C LYS A 1412 40.37 34.79 38.73
N ASP A 1413 41.03 34.56 39.87
CA ASP A 1413 42.35 33.97 39.83
C ASP A 1413 42.28 32.45 39.71
N ILE A 1414 41.20 31.84 40.18
CA ILE A 1414 41.00 30.42 39.94
C ILE A 1414 40.67 30.16 38.48
N LEU A 1415 39.87 31.06 37.89
CA LEU A 1415 39.66 31.08 36.45
C LEU A 1415 40.98 31.20 35.69
N GLU A 1416 41.83 32.12 36.14
CA GLU A 1416 43.11 32.34 35.46
C GLU A 1416 44.03 31.15 35.60
N THR A 1417 44.03 30.51 36.77
CA THR A 1417 44.96 29.40 36.98
C THR A 1417 44.47 28.13 36.29
N HIS A 1418 43.16 28.06 35.97
CA HIS A 1418 42.68 26.90 35.25
C HIS A 1418 42.60 27.16 33.75
N LEU A 1419 42.72 28.42 33.34
CA LEU A 1419 42.77 28.73 31.92
C LEU A 1419 44.20 28.81 31.41
N ARG A 1420 45.12 29.27 32.25
CA ARG A 1420 46.48 29.52 31.82
C ARG A 1420 47.39 28.31 32.01
N GLU A 1421 46.82 27.12 31.90
CA GLU A 1421 47.58 25.89 31.72
C GLU A 1421 47.20 25.13 30.46
N LYS A 1422 45.99 25.35 29.94
CA LYS A 1422 45.61 24.82 28.64
C LYS A 1422 45.64 25.88 27.56
N ILE A 1423 45.55 27.14 27.92
CA ILE A 1423 45.70 28.27 27.01
C ILE A 1423 46.96 29.02 27.44
N THR A 1424 48.09 28.67 26.82
CA THR A 1424 49.33 29.39 27.01
C THR A 1424 49.81 29.87 25.65
N ALA A 1425 51.01 30.48 25.64
CA ALA A 1425 51.58 30.93 24.38
C ALA A 1425 52.06 29.77 23.53
N GLN A 1426 52.86 28.87 24.10
CA GLN A 1426 53.39 27.76 23.32
C GLN A 1426 52.30 26.79 22.95
N SER A 1427 51.17 26.81 23.66
CA SER A 1427 49.94 26.13 23.25
C SER A 1427 49.44 26.56 21.88
N ILE A 1428 49.76 27.77 21.40
CA ILE A 1428 49.44 28.13 20.03
C ILE A 1428 50.67 28.12 19.11
N GLU A 1429 51.89 28.29 19.63
CA GLU A 1429 53.04 28.04 18.75
C GLU A 1429 53.25 26.55 18.47
N GLU A 1430 52.61 25.66 19.25
CA GLU A 1430 52.61 24.23 18.91
C GLU A 1430 51.83 23.98 17.65
N LEU A 1431 50.60 24.46 17.62
CA LEU A 1431 49.64 24.08 16.59
C LEU A 1431 49.83 24.89 15.31
N CYS A 1432 50.64 25.95 15.38
CA CYS A 1432 50.94 26.81 14.23
C CYS A 1432 52.02 26.21 13.33
N ALA A 1433 52.50 25.01 13.65
CA ALA A 1433 53.60 24.38 12.93
C ALA A 1433 53.20 23.11 12.20
N VAL A 1434 51.91 22.90 11.93
CA VAL A 1434 51.51 21.72 11.18
C VAL A 1434 51.51 22.05 9.68
N ASN A 1435 51.61 21.01 8.86
CA ASN A 1435 51.41 21.12 7.40
C ASN A 1435 49.94 21.16 7.00
N LEU A 1436 49.44 22.36 6.73
CA LEU A 1436 48.00 22.59 6.60
C LEU A 1436 47.42 22.13 5.28
N TYR A 1437 48.16 22.24 4.19
CA TYR A 1437 47.59 22.07 2.86
C TYR A 1437 48.14 20.78 2.26
N GLY A 1438 47.51 19.68 2.65
CA GLY A 1438 47.72 18.39 2.05
C GLY A 1438 46.36 17.73 1.92
N PRO A 1439 46.20 16.80 0.97
CA PRO A 1439 44.88 16.23 0.71
C PRO A 1439 44.40 15.21 1.74
N ASP A 1440 45.20 14.94 2.78
CA ASP A 1440 44.80 14.09 3.89
C ASP A 1440 45.10 14.72 5.25
N ALA A 1441 45.54 15.98 5.30
CA ALA A 1441 46.21 16.55 6.46
C ALA A 1441 45.22 17.07 7.51
N GLN A 1442 44.39 16.16 8.00
CA GLN A 1442 43.65 16.36 9.24
C GLN A 1442 44.31 15.62 10.38
N VAL A 1443 45.55 15.96 10.69
CA VAL A 1443 46.32 15.26 11.72
C VAL A 1443 46.36 16.11 12.98
N ASP A 1444 46.36 17.43 12.82
CA ASP A 1444 46.02 18.33 13.91
C ASP A 1444 44.98 19.36 13.47
N ARG A 1445 44.58 19.31 12.20
CA ARG A 1445 43.59 20.25 11.70
C ARG A 1445 42.19 19.90 12.20
N SER A 1446 41.99 18.69 12.69
CA SER A 1446 40.75 18.36 13.39
C SER A 1446 40.69 19.04 14.76
N ARG A 1447 41.82 19.14 15.45
CA ARG A 1447 41.88 19.61 16.82
C ARG A 1447 42.28 21.07 16.91
N LEU A 1448 42.56 21.69 15.77
CA LEU A 1448 42.72 23.13 15.67
C LEU A 1448 41.42 23.90 15.81
N ALA A 1449 40.31 23.36 15.29
CA ALA A 1449 39.06 24.11 15.29
C ALA A 1449 38.52 24.29 16.70
N ALA A 1450 38.82 23.35 17.60
CA ALA A 1450 38.43 23.48 18.99
C ALA A 1450 39.17 24.62 19.67
N VAL A 1451 40.48 24.77 19.40
CA VAL A 1451 41.22 25.87 19.99
C VAL A 1451 40.85 27.19 19.32
N VAL A 1452 40.48 27.14 18.04
CA VAL A 1452 40.04 28.33 17.32
C VAL A 1452 38.73 28.86 17.89
N SER A 1453 37.74 27.97 18.06
CA SER A 1453 36.47 28.36 18.67
C SER A 1453 36.67 28.74 20.12
N ALA A 1454 37.66 28.14 20.78
CA ALA A 1454 37.96 28.50 22.15
C ALA A 1454 38.49 29.93 22.26
N CYS A 1455 39.38 30.33 21.36
CA CYS A 1455 39.87 31.70 21.41
C CYS A 1455 38.82 32.70 20.91
N LYS A 1456 37.94 32.29 19.98
CA LYS A 1456 36.81 33.14 19.60
C LYS A 1456 35.90 33.42 20.79
N GLN A 1457 35.55 32.38 21.52
CA GLN A 1457 34.68 32.52 22.68
C GLN A 1457 35.37 33.26 23.82
N LEU A 1458 36.67 33.04 24.00
CA LEU A 1458 37.42 33.79 25.02
C LEU A 1458 37.48 35.27 24.68
N HIS A 1459 37.63 35.58 23.39
CA HIS A 1459 37.59 36.98 22.97
C HIS A 1459 36.21 37.59 23.15
N ARG A 1460 35.15 36.80 22.92
CA ARG A 1460 33.82 37.36 23.10
C ARG A 1460 33.50 37.50 24.57
N ALA A 1461 34.15 36.71 25.41
CA ALA A 1461 34.16 36.99 26.84
C ALA A 1461 34.93 38.28 27.13
N GLY A 1462 35.98 38.54 26.37
CA GLY A 1462 36.70 39.79 26.50
C GLY A 1462 38.00 39.63 27.27
N LEU A 1463 38.50 38.40 27.34
CA LEU A 1463 39.68 38.14 28.16
C LEU A 1463 40.84 37.60 27.36
N LEU A 1464 40.91 37.93 26.07
CA LEU A 1464 41.98 37.38 25.26
C LEU A 1464 43.33 38.04 25.54
N HIS A 1465 43.35 39.35 25.72
CA HIS A 1465 44.57 40.05 26.11
C HIS A 1465 44.96 39.80 27.56
N ASN A 1466 44.05 39.28 28.37
CA ASN A 1466 44.42 38.86 29.71
C ASN A 1466 45.16 37.54 29.69
N ILE A 1467 44.81 36.64 28.78
CA ILE A 1467 45.41 35.31 28.75
C ILE A 1467 46.52 35.30 27.71
N LEU A 1468 46.54 36.29 26.81
CA LEU A 1468 47.58 36.38 25.79
C LEU A 1468 48.15 37.79 25.73
N PRO A 1469 49.38 38.00 26.18
CA PRO A 1469 50.02 39.31 26.07
C PRO A 1469 50.58 39.55 24.68
N SER A 1470 51.22 40.70 24.52
CA SER A 1470 51.82 41.14 23.26
C SER A 1470 53.34 40.98 23.36
N GLN A 1471 53.82 39.76 23.10
CA GLN A 1471 55.24 39.47 23.31
C GLN A 1471 56.06 39.61 22.03
N SER A 1472 55.96 40.71 21.28
CA SER A 1472 56.95 41.00 20.26
C SER A 1472 57.68 42.31 20.54
N THR A 1473 57.01 43.46 20.39
CA THR A 1473 57.52 44.75 20.85
C THR A 1473 56.48 45.51 21.66
N ASP A 1474 55.28 45.64 21.09
CA ASP A 1474 54.35 46.69 21.49
C ASP A 1474 52.89 46.29 21.27
N LEU A 1475 52.02 47.30 21.22
CA LEU A 1475 50.65 47.19 20.74
C LEU A 1475 50.53 46.64 19.33
N HIS A 1476 51.58 46.80 18.52
CA HIS A 1476 51.66 46.15 17.22
C HIS A 1476 51.81 44.65 17.42
N HIS A 1477 50.71 43.93 17.29
CA HIS A 1477 50.58 42.60 17.87
C HIS A 1477 51.32 41.55 17.05
N SER A 1478 51.85 40.55 17.75
CA SER A 1478 52.68 39.52 17.12
C SER A 1478 51.83 38.51 16.35
N VAL A 1479 51.04 37.71 17.07
CA VAL A 1479 50.29 36.65 16.40
C VAL A 1479 49.10 37.23 15.65
N GLY A 1480 48.62 38.41 16.06
CA GLY A 1480 47.50 39.07 15.40
C GLY A 1480 47.80 39.52 13.99
N THR A 1481 49.08 39.55 13.62
CA THR A 1481 49.47 39.60 12.21
C THR A 1481 50.21 38.37 11.74
N GLU A 1482 50.70 37.52 12.66
CA GLU A 1482 51.47 36.36 12.23
C GLU A 1482 50.55 35.29 11.66
N LEU A 1483 49.32 35.22 12.16
CA LEU A 1483 48.34 34.32 11.56
C LEU A 1483 47.94 34.81 10.19
N LEU A 1484 47.84 36.13 10.02
CA LEU A 1484 47.55 36.73 8.72
C LEU A 1484 48.65 36.40 7.72
N SER A 1485 49.91 36.56 8.14
CA SER A 1485 51.04 36.26 7.26
C SER A 1485 51.17 34.77 7.00
N LEU A 1486 50.75 33.94 7.98
CA LEU A 1486 50.70 32.51 7.80
C LEU A 1486 49.76 32.11 6.68
N VAL A 1487 48.49 32.51 6.79
CA VAL A 1487 47.51 32.12 5.78
C VAL A 1487 47.78 32.85 4.46
N TYR A 1488 48.50 33.97 4.52
CA TYR A 1488 48.99 34.67 3.35
C TYR A 1488 49.97 33.79 2.56
N LYS A 1489 51.09 33.44 3.18
CA LYS A 1489 52.11 32.68 2.43
C LYS A 1489 51.77 31.20 2.37
N GLY A 1490 50.66 30.79 2.98
CA GLY A 1490 50.23 29.42 2.85
C GLY A 1490 49.70 29.07 1.47
N ILE A 1491 49.30 30.06 0.69
CA ILE A 1491 48.82 29.86 -0.68
C ILE A 1491 49.81 30.58 -1.58
N ALA A 1492 51.10 30.46 -1.25
CA ALA A 1492 52.21 30.81 -2.13
C ALA A 1492 52.56 29.62 -3.02
N PRO A 1493 52.92 29.86 -4.28
CA PRO A 1493 53.47 28.77 -5.10
C PRO A 1493 54.87 28.38 -4.64
N GLY A 1494 55.00 27.14 -4.20
CA GLY A 1494 56.27 26.61 -3.74
C GLY A 1494 56.26 26.23 -2.27
N GLN A 1498 54.41 20.53 -5.08
CA GLN A 1498 54.78 21.78 -4.44
C GLN A 1498 54.14 22.97 -5.16
N CYS A 1499 53.57 22.69 -6.33
CA CYS A 1499 53.19 23.73 -7.29
C CYS A 1499 52.12 24.66 -6.72
N LEU A 1500 51.02 24.11 -6.23
CA LEU A 1500 50.10 24.97 -5.50
C LEU A 1500 49.42 24.21 -4.37
N PRO A 1501 49.10 24.89 -3.29
CA PRO A 1501 48.09 24.36 -2.36
C PRO A 1501 46.67 24.60 -2.87
N SER A 1502 45.94 23.53 -3.15
CA SER A 1502 44.53 23.60 -3.47
C SER A 1502 43.73 23.12 -2.26
N LEU A 1503 42.57 23.73 -2.04
CA LEU A 1503 41.94 23.68 -0.72
C LEU A 1503 40.86 22.62 -0.61
N ASP A 1504 40.76 22.07 0.61
CA ASP A 1504 39.83 21.03 0.99
C ASP A 1504 38.61 21.63 1.70
N LEU A 1505 37.84 20.75 2.34
CA LEU A 1505 36.62 21.19 3.03
C LEU A 1505 36.95 21.90 4.34
N SER A 1506 37.62 21.21 5.26
CA SER A 1506 37.89 21.78 6.58
C SER A 1506 38.96 22.87 6.58
N CYS A 1507 39.69 23.02 5.47
CA CYS A 1507 40.65 24.11 5.34
C CYS A 1507 39.94 25.45 5.35
N LYS A 1508 38.78 25.55 4.69
CA LYS A 1508 38.03 26.79 4.65
C LYS A 1508 37.45 27.12 6.01
N GLN A 1509 37.02 26.10 6.76
CA GLN A 1509 36.46 26.32 8.08
C GLN A 1509 37.53 26.78 9.05
N LEU A 1510 38.69 26.11 9.02
CA LEU A 1510 39.82 26.53 9.83
C LEU A 1510 40.26 27.94 9.47
N ALA A 1511 40.40 28.24 8.18
CA ALA A 1511 40.95 29.51 7.74
C ALA A 1511 40.00 30.67 8.05
N SER A 1512 38.69 30.42 7.95
CA SER A 1512 37.71 31.42 8.38
C SER A 1512 37.83 31.67 9.87
N GLY A 1513 38.08 30.60 10.65
CA GLY A 1513 38.27 30.78 12.08
C GLY A 1513 39.55 31.53 12.44
N LEU A 1514 40.64 31.22 11.73
CA LEU A 1514 41.90 31.92 11.97
C LEU A 1514 41.77 33.39 11.59
N LEU A 1515 41.09 33.68 10.48
CA LEU A 1515 40.87 35.06 10.06
C LEU A 1515 40.00 35.79 11.06
N GLU A 1516 38.98 35.13 11.60
CA GLU A 1516 38.10 35.79 12.55
C GLU A 1516 38.81 36.05 13.87
N LEU A 1517 39.66 35.13 14.31
CA LEU A 1517 40.44 35.38 15.52
C LEU A 1517 41.45 36.50 15.31
N ALA A 1518 42.11 36.49 14.15
CA ALA A 1518 43.07 37.53 13.80
C ALA A 1518 42.42 38.91 13.76
N PHE A 1519 41.21 38.97 13.21
CA PHE A 1519 40.49 40.24 13.17
C PHE A 1519 39.96 40.60 14.55
N ALA A 1520 39.69 39.60 15.38
CA ALA A 1520 39.17 39.85 16.71
C ALA A 1520 40.25 40.33 17.66
N PHE A 1521 41.53 40.13 17.31
CA PHE A 1521 42.64 40.54 18.17
C PHE A 1521 42.69 42.04 18.43
N GLY A 1522 42.11 42.86 17.58
CA GLY A 1522 41.94 44.26 17.92
C GLY A 1522 42.50 45.21 16.87
N GLY A 1523 41.63 46.08 16.35
CA GLY A 1523 42.03 47.02 15.32
C GLY A 1523 42.24 46.32 13.99
N LEU A 1524 43.37 46.65 13.36
CA LEU A 1524 43.96 45.89 12.25
C LEU A 1524 43.09 45.83 11.01
N CYS A 1525 42.46 46.95 10.65
CA CYS A 1525 41.82 47.03 9.35
C CYS A 1525 42.77 47.56 8.30
N GLU A 1526 43.71 48.41 8.71
CA GLU A 1526 44.65 48.99 7.77
C GLU A 1526 45.61 47.93 7.24
N ARG A 1527 46.04 46.99 8.10
CA ARG A 1527 46.93 45.91 7.68
C ARG A 1527 46.24 45.00 6.68
N LEU A 1528 44.96 44.72 6.89
CA LEU A 1528 44.21 43.87 5.96
C LEU A 1528 43.96 44.58 4.64
N VAL A 1529 43.66 45.88 4.67
CA VAL A 1529 43.47 46.63 3.43
C VAL A 1529 44.78 46.69 2.66
N SER A 1530 45.90 46.81 3.38
CA SER A 1530 47.21 46.81 2.72
C SER A 1530 47.51 45.44 2.12
N LEU A 1531 47.04 44.38 2.76
CA LEU A 1531 47.18 43.04 2.18
C LEU A 1531 46.35 42.92 0.91
N LEU A 1532 45.14 43.48 0.92
CA LEU A 1532 44.22 43.26 -0.20
C LEU A 1532 44.60 44.09 -1.42
N LEU A 1533 44.88 45.38 -1.24
CA LEU A 1533 45.16 46.24 -2.38
C LEU A 1533 46.62 46.09 -2.81
N ASN A 1534 46.92 44.93 -3.41
CA ASN A 1534 48.25 44.58 -3.91
C ASN A 1534 48.20 43.60 -5.08
N PRO A 1535 48.85 43.94 -6.21
CA PRO A 1535 48.87 43.01 -7.35
C PRO A 1535 50.02 42.01 -7.30
N ALA A 1536 49.85 40.92 -6.56
CA ALA A 1536 50.84 39.86 -6.48
C ALA A 1536 50.36 38.63 -7.23
N VAL A 1537 51.19 38.13 -8.14
CA VAL A 1537 50.83 37.15 -9.14
C VAL A 1537 51.08 35.75 -8.60
N LEU A 1538 50.10 34.86 -8.77
CA LEU A 1538 50.24 33.45 -8.42
C LEU A 1538 49.98 32.62 -9.68
N SER A 1539 50.13 31.30 -9.57
CA SER A 1539 49.93 30.43 -10.72
C SER A 1539 49.38 29.08 -10.25
N THR A 1540 48.51 28.51 -11.08
CA THR A 1540 48.17 27.09 -10.98
C THR A 1540 48.73 26.31 -12.15
N ALA A 1541 49.37 26.97 -13.11
CA ALA A 1541 50.06 26.28 -14.18
C ALA A 1541 51.51 26.03 -13.80
N VAL A 1550 47.51 29.15 -17.18
CA VAL A 1550 48.56 30.14 -17.04
C VAL A 1550 48.03 31.35 -16.28
N ILE A 1551 46.88 31.15 -15.63
CA ILE A 1551 46.14 32.21 -14.94
C ILE A 1551 46.98 32.79 -13.81
N HIS A 1552 46.90 34.11 -13.66
CA HIS A 1552 47.79 34.96 -12.87
C HIS A 1552 47.19 35.37 -11.54
N PHE A 1553 45.89 35.71 -11.51
CA PHE A 1553 44.97 35.74 -10.36
C PHE A 1553 45.57 36.34 -9.09
N SER A 1554 45.69 37.67 -9.11
CA SER A 1554 46.21 38.53 -8.05
C SER A 1554 45.80 38.10 -6.64
N HIS A 1555 46.75 38.18 -5.72
CA HIS A 1555 46.52 37.67 -4.37
C HIS A 1555 45.62 38.61 -3.55
N GLY A 1556 45.32 39.80 -4.05
CA GLY A 1556 44.16 40.51 -3.54
C GLY A 1556 42.87 39.85 -3.98
N GLU A 1557 42.79 39.52 -5.27
CA GLU A 1557 41.60 38.88 -5.84
C GLU A 1557 41.40 37.47 -5.28
N TYR A 1558 42.48 36.70 -5.14
CA TYR A 1558 42.33 35.31 -4.69
C TYR A 1558 41.97 35.22 -3.21
N PHE A 1559 42.58 36.09 -2.39
CA PHE A 1559 42.18 36.21 -0.98
C PHE A 1559 40.75 36.69 -0.86
N TYR A 1560 40.32 37.59 -1.75
CA TYR A 1560 38.94 38.05 -1.71
C TYR A 1560 38.00 37.03 -2.35
N SER A 1561 38.54 36.00 -2.99
CA SER A 1561 37.72 34.91 -3.52
C SER A 1561 37.52 33.81 -2.50
N LEU A 1562 38.54 33.55 -1.68
CA LEU A 1562 38.50 32.40 -0.78
C LEU A 1562 37.50 32.60 0.34
N PHE A 1563 37.48 33.78 0.95
CA PHE A 1563 36.72 33.94 2.18
C PHE A 1563 35.54 34.88 1.99
N SER A 1564 35.84 36.14 1.61
CA SER A 1564 34.94 37.11 1.01
C SER A 1564 33.83 37.65 1.89
N GLU A 1565 33.63 37.12 3.10
CA GLU A 1565 32.53 37.56 3.94
C GLU A 1565 32.97 37.97 5.34
N THR A 1566 33.86 37.21 5.99
CA THR A 1566 34.27 37.54 7.35
C THR A 1566 35.23 38.71 7.34
N ILE A 1567 35.97 38.86 6.25
CA ILE A 1567 36.68 40.09 5.97
C ILE A 1567 35.71 41.26 5.90
N ASN A 1568 34.54 41.05 5.28
CA ASN A 1568 33.56 42.12 5.19
C ASN A 1568 32.87 42.37 6.54
N THR A 1569 32.84 41.37 7.42
CA THR A 1569 32.40 41.63 8.79
C THR A 1569 33.42 42.45 9.55
N GLU A 1570 34.71 42.25 9.28
CA GLU A 1570 35.73 43.12 9.88
C GLU A 1570 35.56 44.56 9.40
N LEU A 1571 35.33 44.73 8.11
CA LEU A 1571 35.06 46.06 7.58
C LEU A 1571 33.72 46.60 8.08
N LEU A 1572 32.81 45.73 8.48
CA LEU A 1572 31.62 46.18 9.22
C LEU A 1572 31.99 46.63 10.63
N LYS A 1573 32.99 45.98 11.23
CA LYS A 1573 33.39 46.26 12.60
C LYS A 1573 34.00 47.65 12.71
N ASN A 1574 34.85 48.03 11.76
CA ASN A 1574 35.17 49.46 11.67
C ASN A 1574 34.98 49.92 10.22
N LEU A 1575 33.86 50.62 10.02
CA LEU A 1575 33.45 51.01 8.69
C LEU A 1575 34.25 52.20 8.17
N ASP A 1576 34.54 53.15 9.05
CA ASP A 1576 34.89 54.50 8.63
C ASP A 1576 36.30 54.59 8.07
N LEU A 1577 37.27 54.00 8.79
CA LEU A 1577 38.62 53.93 8.25
C LEU A 1577 38.70 52.96 7.09
N ALA A 1578 37.84 51.94 7.05
CA ALA A 1578 37.84 50.97 5.97
C ALA A 1578 37.48 51.62 4.65
N VAL A 1579 36.42 52.43 4.61
CA VAL A 1579 36.03 53.05 3.35
C VAL A 1579 36.96 54.21 3.00
N LEU A 1580 37.50 54.92 4.00
CA LEU A 1580 38.36 56.06 3.73
C LEU A 1580 39.74 55.62 3.24
N GLU A 1581 40.24 54.52 3.80
CA GLU A 1581 41.48 53.92 3.35
C GLU A 1581 41.27 53.09 2.09
N LEU A 1582 40.07 52.54 1.91
CA LEU A 1582 39.71 51.76 0.73
C LEU A 1582 39.59 52.64 -0.49
N MET A 1583 39.21 53.90 -0.30
CA MET A 1583 39.17 54.87 -1.36
C MET A 1583 40.46 55.68 -1.48
N GLN A 1584 41.59 55.12 -1.05
CA GLN A 1584 42.85 55.81 -1.26
C GLN A 1584 43.45 55.47 -2.61
N SER A 1585 43.72 54.20 -2.86
CA SER A 1585 44.08 53.73 -4.19
C SER A 1585 42.78 53.35 -4.87
N SER A 1586 42.35 54.17 -5.83
CA SER A 1586 41.13 53.93 -6.58
C SER A 1586 41.33 54.19 -8.08
N VAL A 1587 42.58 54.26 -8.51
CA VAL A 1587 42.90 54.48 -9.92
C VAL A 1587 43.70 53.31 -10.48
N ASP A 1588 44.60 52.74 -9.66
CA ASP A 1588 45.24 51.50 -10.07
C ASP A 1588 44.36 50.30 -9.76
N ASN A 1589 44.06 50.08 -8.49
CA ASN A 1589 43.28 48.92 -8.06
C ASN A 1589 41.79 49.15 -8.25
N THR A 1590 41.37 49.50 -9.48
CA THR A 1590 39.97 49.84 -9.76
C THR A 1590 39.03 48.64 -9.61
N LYS A 1591 39.30 47.56 -10.35
CA LYS A 1591 38.46 46.36 -10.29
C LYS A 1591 38.48 45.76 -8.90
N MET A 1592 39.61 45.91 -8.19
CA MET A 1592 39.77 45.36 -6.86
C MET A 1592 38.78 46.00 -5.88
N VAL A 1593 38.85 47.32 -5.72
CA VAL A 1593 38.01 48.01 -4.74
C VAL A 1593 36.55 48.01 -5.18
N SER A 1594 36.26 47.93 -6.49
CA SER A 1594 34.87 47.80 -6.89
C SER A 1594 34.32 46.43 -6.51
N ALA A 1595 35.14 45.39 -6.62
CA ALA A 1595 34.71 44.09 -6.14
C ALA A 1595 34.61 44.06 -4.61
N VAL A 1596 35.46 44.85 -3.92
CA VAL A 1596 35.36 44.98 -2.46
C VAL A 1596 34.03 45.59 -2.05
N LEU A 1597 33.62 46.66 -2.74
CA LEU A 1597 32.34 47.27 -2.42
C LEU A 1597 31.18 46.37 -2.80
N ASN A 1598 31.27 45.65 -3.93
CA ASN A 1598 30.17 44.79 -4.37
C ASN A 1598 30.00 43.60 -3.42
N GLY A 1599 31.09 42.91 -3.10
CA GLY A 1599 31.08 41.85 -2.13
C GLY A 1599 31.00 42.28 -0.69
N MET A 1600 30.93 43.58 -0.41
CA MET A 1600 30.54 44.00 0.93
C MET A 1600 29.07 44.37 1.01
N LEU A 1601 28.54 45.08 -0.01
CA LEU A 1601 27.14 45.45 0.00
C LEU A 1601 26.22 44.25 -0.24
N ASP A 1602 26.73 43.18 -0.87
CA ASP A 1602 25.88 42.00 -1.02
C ASP A 1602 25.63 41.34 0.33
N GLN A 1603 26.63 41.40 1.22
CA GLN A 1603 26.51 40.81 2.54
C GLN A 1603 25.78 41.76 3.48
N SER A 1604 25.95 43.07 3.27
CA SER A 1604 25.19 44.04 4.06
C SER A 1604 23.73 44.07 3.61
N PHE A 1605 23.46 43.59 2.40
CA PHE A 1605 22.09 43.53 1.89
C PHE A 1605 21.41 42.24 2.34
N ARG A 1606 22.16 41.14 2.38
CA ARG A 1606 21.55 39.82 2.58
C ARG A 1606 21.25 39.57 4.05
N GLU A 1607 22.14 39.98 4.94
CA GLU A 1607 21.89 39.93 6.37
C GLU A 1607 21.44 41.33 6.82
N ARG A 1608 20.26 41.72 6.38
CA ARG A 1608 19.56 42.87 6.91
C ARG A 1608 18.64 42.49 8.06
N ALA A 1609 18.67 41.22 8.47
CA ALA A 1609 17.84 40.74 9.57
C ALA A 1609 18.54 40.77 10.91
N ASN A 1610 19.81 41.16 10.97
CA ASN A 1610 20.45 41.40 12.26
C ASN A 1610 21.46 42.53 12.11
N GLN A 1611 21.70 43.21 13.23
CA GLN A 1611 22.42 44.49 13.34
C GLN A 1611 21.80 45.53 12.39
N LYS A 1612 20.56 45.89 12.73
CA LYS A 1612 19.71 46.76 11.93
C LYS A 1612 20.14 48.21 12.07
N HIS A 1613 19.47 49.09 11.31
CA HIS A 1613 19.76 50.53 11.21
C HIS A 1613 21.23 50.76 10.83
N GLN A 1614 21.70 50.03 9.82
CA GLN A 1614 23.10 50.02 9.42
C GLN A 1614 23.29 50.51 7.99
N GLY A 1615 22.49 50.01 7.05
CA GLY A 1615 22.71 50.29 5.63
C GLY A 1615 22.50 51.74 5.27
N LEU A 1616 21.65 52.44 6.03
CA LEU A 1616 21.41 53.86 5.79
C LEU A 1616 22.65 54.68 6.12
N LYS A 1617 23.24 54.47 7.31
CA LYS A 1617 24.46 55.17 7.68
C LYS A 1617 25.63 54.76 6.80
N LEU A 1618 25.69 53.48 6.42
CA LEU A 1618 26.68 52.98 5.48
C LEU A 1618 26.63 53.74 4.16
N ALA A 1619 25.43 53.86 3.60
CA ALA A 1619 25.27 54.52 2.30
C ALA A 1619 25.53 56.01 2.39
N THR A 1620 25.04 56.65 3.46
CA THR A 1620 25.17 58.09 3.57
C THR A 1620 26.57 58.51 4.00
N THR A 1621 27.39 57.55 4.46
CA THR A 1621 28.82 57.80 4.57
C THR A 1621 29.53 57.61 3.24
N ILE A 1622 29.25 56.51 2.53
CA ILE A 1622 30.06 56.19 1.36
C ILE A 1622 29.70 57.09 0.17
N LEU A 1623 28.50 57.66 0.16
CA LEU A 1623 28.09 58.52 -0.94
C LEU A 1623 28.52 59.96 -0.73
N GLN A 1624 29.80 60.15 -0.46
CA GLN A 1624 30.39 61.45 -0.14
C GLN A 1624 31.74 61.65 -0.79
N HIS A 1625 32.44 60.57 -1.12
CA HIS A 1625 33.80 60.62 -1.62
C HIS A 1625 33.94 60.00 -3.01
N TRP A 1626 32.99 60.27 -3.89
CA TRP A 1626 33.10 59.77 -5.25
C TRP A 1626 33.92 60.69 -6.14
N LYS A 1627 34.46 61.77 -5.57
CA LYS A 1627 35.53 62.50 -6.25
C LYS A 1627 36.83 61.71 -6.22
N LYS A 1628 36.93 60.71 -5.34
CA LYS A 1628 38.06 59.78 -5.38
C LYS A 1628 38.06 58.99 -6.68
N CYS A 1629 36.89 58.60 -7.17
CA CYS A 1629 36.79 57.94 -8.46
C CYS A 1629 36.77 59.01 -9.56
N ASP A 1630 37.74 58.95 -10.46
CA ASP A 1630 37.74 59.82 -11.63
C ASP A 1630 38.20 59.14 -12.91
N SER A 1631 38.53 57.85 -12.88
CA SER A 1631 39.24 57.24 -14.01
C SER A 1631 38.68 55.91 -14.46
N TRP A 1632 37.62 55.41 -13.82
CA TRP A 1632 37.08 54.11 -14.22
C TRP A 1632 36.09 54.30 -15.35
N TRP A 1633 35.37 55.42 -15.34
CA TRP A 1633 34.30 55.74 -16.25
C TRP A 1633 34.69 56.75 -17.31
N ALA A 1634 35.86 57.35 -17.19
CA ALA A 1634 36.28 58.39 -18.12
C ALA A 1634 36.69 57.77 -19.45
N LYS A 1635 37.16 58.62 -20.36
CA LYS A 1635 37.63 58.15 -21.67
C LYS A 1635 38.97 57.46 -21.46
N ASP A 1636 39.28 56.50 -22.34
CA ASP A 1636 40.45 55.60 -22.23
C ASP A 1636 40.45 54.87 -20.89
N SER A 1637 39.38 54.09 -20.68
CA SER A 1637 39.20 53.33 -19.46
C SER A 1637 38.48 52.05 -19.82
N PRO A 1638 38.69 50.98 -19.05
CA PRO A 1638 38.09 49.68 -19.43
C PRO A 1638 36.60 49.65 -19.17
N LEU A 1639 35.89 48.91 -20.04
CA LEU A 1639 34.45 48.81 -19.97
C LEU A 1639 33.98 47.96 -18.80
N GLU A 1640 34.74 46.93 -18.44
CA GLU A 1640 34.35 46.08 -17.32
C GLU A 1640 34.38 46.86 -16.00
N THR A 1641 35.29 47.83 -15.90
CA THR A 1641 35.31 48.72 -14.75
C THR A 1641 34.11 49.66 -14.77
N LYS A 1642 33.62 50.02 -15.95
CA LYS A 1642 32.44 50.87 -16.03
C LYS A 1642 31.19 50.14 -15.59
N MET A 1643 31.05 48.88 -16.02
CA MET A 1643 30.03 47.97 -15.50
C MET A 1643 30.17 47.81 -13.99
N ALA A 1644 31.41 47.85 -13.48
CA ALA A 1644 31.62 47.75 -12.04
C ALA A 1644 31.13 49.00 -11.30
N VAL A 1645 31.36 50.20 -11.88
CA VAL A 1645 30.82 51.44 -11.30
C VAL A 1645 29.31 51.36 -11.22
N LEU A 1646 28.67 50.91 -12.30
CA LEU A 1646 27.21 50.84 -12.29
C LEU A 1646 26.72 49.69 -11.43
N ALA A 1647 27.58 48.71 -11.13
CA ALA A 1647 27.22 47.68 -10.15
C ALA A 1647 27.20 48.25 -8.75
N LEU A 1648 28.17 49.13 -8.43
CA LEU A 1648 28.11 49.88 -7.17
C LEU A 1648 26.87 50.78 -7.13
N LEU A 1649 26.50 51.32 -8.29
CA LEU A 1649 25.29 52.14 -8.40
C LEU A 1649 24.04 51.32 -8.13
N ALA A 1650 23.93 50.15 -8.77
CA ALA A 1650 22.80 49.26 -8.57
C ALA A 1650 22.72 48.80 -7.12
N LYS A 1651 23.87 48.68 -6.46
CA LYS A 1651 23.82 48.29 -5.06
C LYS A 1651 23.40 49.45 -4.14
N ILE A 1652 23.88 50.67 -4.39
CA ILE A 1652 23.50 51.76 -3.49
C ILE A 1652 22.07 52.22 -3.76
N LEU A 1653 21.48 51.82 -4.90
CA LEU A 1653 20.07 52.10 -5.13
C LEU A 1653 19.19 50.85 -4.98
N GLN A 1654 19.78 49.70 -4.64
CA GLN A 1654 18.97 48.55 -4.24
C GLN A 1654 18.95 48.35 -2.74
N ILE A 1655 20.08 48.59 -2.06
CA ILE A 1655 20.16 48.32 -0.62
C ILE A 1655 19.44 49.39 0.17
N ASP A 1656 19.26 50.58 -0.42
CA ASP A 1656 18.65 51.69 0.29
C ASP A 1656 17.53 52.28 -0.56
N SER A 1657 16.91 53.32 -0.01
CA SER A 1657 15.68 53.90 -0.54
C SER A 1657 16.01 55.16 -1.32
N SER A 1658 14.94 55.82 -1.81
CA SER A 1658 15.10 57.09 -2.50
C SER A 1658 15.42 58.18 -1.50
N VAL A 1659 16.69 58.33 -1.15
CA VAL A 1659 17.11 59.33 -0.18
C VAL A 1659 18.20 60.24 -0.78
N SER A 1660 19.16 59.67 -1.50
CA SER A 1660 20.30 60.44 -2.00
C SER A 1660 20.02 60.91 -3.41
N PHE A 1661 18.95 61.70 -3.55
CA PHE A 1661 18.52 62.13 -4.88
C PHE A 1661 18.22 63.60 -4.99
N ASN A 1662 18.01 64.33 -3.90
CA ASN A 1662 17.46 65.68 -3.96
C ASN A 1662 18.53 66.72 -3.63
N THR A 1663 18.63 67.70 -4.53
CA THR A 1663 19.44 68.92 -4.49
C THR A 1663 20.84 68.75 -3.90
N SER A 1664 21.65 67.90 -4.54
CA SER A 1664 23.01 67.54 -4.14
C SER A 1664 23.03 66.93 -2.72
N HIS A 1665 22.25 65.85 -2.58
CA HIS A 1665 22.13 65.15 -1.31
C HIS A 1665 23.43 64.44 -0.95
N GLY A 1666 23.88 63.54 -1.82
CA GLY A 1666 25.11 62.82 -1.56
C GLY A 1666 26.10 63.05 -2.69
N SER A 1667 26.61 61.96 -3.27
CA SER A 1667 27.49 62.05 -4.43
C SER A 1667 26.72 62.09 -5.75
N PHE A 1668 25.45 62.47 -5.69
CA PHE A 1668 24.60 62.60 -6.87
C PHE A 1668 25.19 63.49 -7.97
N PRO A 1669 25.73 64.70 -7.71
CA PRO A 1669 26.39 65.42 -8.80
C PRO A 1669 27.85 65.05 -8.99
N GLU A 1670 28.35 64.04 -8.28
CA GLU A 1670 29.66 63.45 -8.54
C GLU A 1670 29.57 62.05 -9.12
N VAL A 1671 28.35 61.50 -9.21
CA VAL A 1671 28.11 60.19 -9.81
C VAL A 1671 27.28 60.31 -11.08
N PHE A 1672 26.39 61.30 -11.15
CA PHE A 1672 25.60 61.56 -12.34
C PHE A 1672 26.50 61.90 -13.52
N THR A 1673 27.63 62.56 -13.28
CA THR A 1673 28.56 62.86 -14.37
C THR A 1673 29.29 61.61 -14.85
N THR A 1674 29.55 60.66 -13.95
CA THR A 1674 30.11 59.36 -14.37
C THR A 1674 29.12 58.63 -15.26
N TYR A 1675 27.84 58.68 -14.88
CA TYR A 1675 26.78 58.07 -15.66
C TYR A 1675 26.63 58.76 -17.01
N ILE A 1676 26.72 60.09 -17.03
CA ILE A 1676 26.61 60.85 -18.28
C ILE A 1676 27.78 60.56 -19.21
N SER A 1677 28.97 60.37 -18.64
CA SER A 1677 30.12 60.00 -19.46
C SER A 1677 30.06 58.54 -19.88
N LEU A 1678 29.23 57.73 -19.21
CA LEU A 1678 28.94 56.40 -19.74
C LEU A 1678 27.74 56.40 -20.67
N LEU A 1679 27.07 57.55 -20.81
CA LEU A 1679 26.01 57.68 -21.81
C LEU A 1679 26.50 58.32 -23.10
N ALA A 1680 27.35 59.34 -23.00
CA ALA A 1680 27.86 60.08 -24.15
C ALA A 1680 29.11 59.46 -24.76
N ASP A 1681 29.52 58.29 -24.27
CA ASP A 1681 30.72 57.66 -24.78
C ASP A 1681 30.43 56.84 -26.03
N THR A 1682 31.44 56.66 -26.86
CA THR A 1682 31.30 55.87 -28.08
C THR A 1682 31.92 54.49 -27.89
N LYS A 1683 31.94 54.04 -26.63
CA LYS A 1683 32.68 52.82 -26.32
C LYS A 1683 31.90 51.76 -25.57
N LEU A 1684 30.74 52.06 -24.97
CA LEU A 1684 29.97 51.00 -24.35
C LEU A 1684 29.28 50.16 -25.41
N ASP A 1685 28.59 49.11 -24.96
CA ASP A 1685 28.19 48.05 -25.86
C ASP A 1685 26.68 48.05 -26.03
N LEU A 1686 26.22 47.43 -27.11
CA LEU A 1686 24.80 47.43 -27.46
C LEU A 1686 24.00 46.52 -26.56
N HIS A 1687 24.65 45.58 -25.88
CA HIS A 1687 23.96 44.83 -24.85
C HIS A 1687 24.47 45.10 -23.44
N LEU A 1688 25.69 45.59 -23.27
CA LEU A 1688 26.19 45.86 -21.93
C LEU A 1688 25.86 47.25 -21.43
N LYS A 1689 24.93 47.96 -22.08
CA LYS A 1689 24.15 49.01 -21.45
C LYS A 1689 22.82 48.48 -20.92
N GLY A 1690 22.53 47.19 -21.13
CA GLY A 1690 21.21 46.65 -20.85
C GLY A 1690 20.84 46.67 -19.38
N GLN A 1691 21.78 46.35 -18.50
CA GLN A 1691 21.60 46.58 -17.08
C GLN A 1691 21.99 47.99 -16.67
N ALA A 1692 22.33 48.85 -17.61
CA ALA A 1692 22.89 50.16 -17.28
C ALA A 1692 21.93 51.31 -17.54
N VAL A 1693 20.88 51.12 -18.32
CA VAL A 1693 19.88 52.16 -18.47
C VAL A 1693 18.84 52.13 -17.35
N THR A 1694 18.61 51.00 -16.70
CA THR A 1694 17.51 50.68 -15.79
C THR A 1694 17.43 51.58 -14.52
N LEU A 1695 18.30 52.54 -14.24
CA LEU A 1695 18.18 53.38 -13.06
C LEU A 1695 17.62 54.75 -13.33
N LEU A 1696 17.03 54.97 -14.52
CA LEU A 1696 16.26 56.18 -14.77
C LEU A 1696 15.04 56.37 -13.86
N PRO A 1697 14.37 55.32 -13.33
CA PRO A 1697 13.44 55.55 -12.20
C PRO A 1697 14.01 56.33 -11.04
N PHE A 1698 15.29 56.14 -10.73
CA PHE A 1698 15.92 56.91 -9.68
C PHE A 1698 16.55 58.19 -10.23
N PHE A 1699 16.25 58.53 -11.49
CA PHE A 1699 16.71 59.75 -12.11
C PHE A 1699 15.60 60.52 -12.84
N THR A 1700 14.35 60.13 -12.69
CA THR A 1700 13.23 60.96 -13.15
C THR A 1700 12.55 61.75 -12.02
N SER A 1701 13.34 62.41 -11.17
CA SER A 1701 12.79 63.10 -10.00
C SER A 1701 13.38 64.48 -9.87
N LEU A 1702 13.30 65.29 -10.94
CA LEU A 1702 14.12 66.48 -11.02
C LEU A 1702 13.37 67.58 -11.76
N THR A 1703 14.00 68.74 -11.80
CA THR A 1703 13.65 69.91 -12.60
C THR A 1703 14.57 69.95 -13.82
N GLY A 1704 14.59 71.08 -14.51
CA GLY A 1704 15.48 71.27 -15.62
C GLY A 1704 16.93 71.47 -15.21
N GLY A 1705 17.70 72.02 -16.14
CA GLY A 1705 19.13 72.23 -15.93
C GLY A 1705 19.95 71.05 -16.39
N SER A 1706 19.92 69.94 -15.64
CA SER A 1706 20.58 68.71 -16.06
C SER A 1706 19.65 67.87 -16.93
N LEU A 1707 18.35 68.16 -16.85
CA LEU A 1707 17.35 67.44 -17.63
C LEU A 1707 17.50 67.70 -19.12
N GLU A 1708 18.01 68.87 -19.50
CA GLU A 1708 18.22 69.19 -20.91
C GLU A 1708 19.32 68.33 -21.51
N GLU A 1709 20.44 68.18 -20.79
CA GLU A 1709 21.49 67.30 -21.30
C GLU A 1709 21.12 65.84 -21.10
N LEU A 1710 20.18 65.55 -20.21
CA LEU A 1710 19.63 64.19 -20.13
C LEU A 1710 18.85 63.86 -21.39
N ARG A 1711 18.00 64.79 -21.83
CA ARG A 1711 17.34 64.67 -23.13
C ARG A 1711 18.35 64.55 -24.26
N ARG A 1712 19.47 65.29 -24.14
CA ARG A 1712 20.53 65.27 -25.16
C ARG A 1712 21.19 63.91 -25.22
N VAL A 1713 21.54 63.33 -24.07
CA VAL A 1713 22.27 62.07 -24.09
C VAL A 1713 21.35 60.94 -24.47
N LEU A 1714 20.07 61.05 -24.12
CA LEU A 1714 19.09 60.04 -24.54
C LEU A 1714 18.85 60.10 -26.05
N GLU A 1715 18.76 61.31 -26.61
CA GLU A 1715 18.60 61.43 -28.06
C GLU A 1715 19.84 60.94 -28.80
N GLN A 1716 21.03 61.20 -28.27
CA GLN A 1716 22.21 60.78 -29.01
C GLN A 1716 22.44 59.28 -28.90
N LEU A 1717 22.07 58.67 -27.76
CA LEU A 1717 22.13 57.21 -27.68
C LEU A 1717 21.06 56.57 -28.54
N ILE A 1718 19.93 57.24 -28.72
CA ILE A 1718 18.90 56.69 -29.59
C ILE A 1718 19.32 56.77 -31.05
N VAL A 1719 19.81 57.95 -31.47
CA VAL A 1719 20.21 58.10 -32.88
C VAL A 1719 21.56 57.47 -33.17
N ALA A 1720 22.24 56.91 -32.17
CA ALA A 1720 23.37 56.03 -32.44
C ALA A 1720 23.12 54.59 -32.00
N HIS A 1721 21.90 54.25 -31.54
CA HIS A 1721 21.67 52.90 -31.04
C HIS A 1721 20.30 52.32 -31.41
N PHE A 1722 19.48 53.06 -32.14
CA PHE A 1722 18.20 52.57 -32.62
C PHE A 1722 18.17 52.58 -34.14
N PRO A 1723 17.46 51.63 -34.77
CA PRO A 1723 17.36 51.63 -36.23
C PRO A 1723 16.57 52.82 -36.73
N MET A 1724 16.84 53.22 -37.97
CA MET A 1724 16.47 54.54 -38.45
C MET A 1724 14.96 54.69 -38.58
N GLN A 1725 14.30 53.79 -39.30
CA GLN A 1725 12.84 53.81 -39.36
C GLN A 1725 12.21 52.57 -38.75
N SER A 1726 12.50 51.38 -39.30
CA SER A 1726 11.88 50.14 -38.84
C SER A 1726 12.56 48.92 -39.45
N ARG A 1727 12.74 47.88 -38.63
CA ARG A 1727 12.85 46.48 -39.06
C ARG A 1727 14.09 46.20 -39.90
N GLU A 1728 15.11 47.05 -39.87
CA GLU A 1728 16.23 46.85 -40.79
C GLU A 1728 17.36 46.02 -40.18
N PHE A 1729 17.00 44.90 -39.55
CA PHE A 1729 17.92 43.98 -38.89
C PHE A 1729 17.33 42.58 -38.97
N PRO A 1730 18.16 41.57 -39.22
CA PRO A 1730 17.65 40.20 -39.44
C PRO A 1730 17.15 39.57 -38.15
N PRO A 1731 16.01 38.87 -38.18
CA PRO A 1731 15.46 38.28 -36.96
C PRO A 1731 16.25 37.08 -36.47
N GLY A 1732 16.42 36.97 -35.17
CA GLY A 1732 17.18 35.87 -34.60
C GLY A 1732 18.59 36.29 -34.23
N THR A 1733 19.12 37.27 -34.95
CA THR A 1733 20.50 37.69 -34.75
C THR A 1733 20.62 38.49 -33.45
N PRO A 1734 21.80 38.49 -32.79
CA PRO A 1734 21.95 39.30 -31.58
C PRO A 1734 22.26 40.77 -31.86
N ARG A 1735 21.58 41.35 -32.84
CA ARG A 1735 21.42 42.79 -32.96
C ARG A 1735 19.98 43.19 -32.74
N PHE A 1736 19.08 42.62 -33.54
CA PHE A 1736 17.65 42.91 -33.44
C PHE A 1736 17.08 42.47 -32.10
N ASN A 1737 17.62 41.38 -31.53
CA ASN A 1737 17.13 40.90 -30.25
C ASN A 1737 17.62 41.77 -29.09
N ASN A 1738 18.83 42.31 -29.19
CA ASN A 1738 19.19 43.25 -28.13
C ASN A 1738 18.47 44.59 -28.32
N TYR A 1739 18.02 44.89 -29.54
CA TYR A 1739 17.18 46.08 -29.72
C TYR A 1739 15.80 45.89 -29.08
N VAL A 1740 15.22 44.70 -29.22
CA VAL A 1740 13.93 44.47 -28.57
C VAL A 1740 14.10 44.34 -27.06
N ASP A 1741 15.28 43.91 -26.60
CA ASP A 1741 15.57 43.96 -25.16
C ASP A 1741 15.71 45.39 -24.67
N CYS A 1742 16.26 46.28 -25.50
CA CYS A 1742 16.36 47.70 -25.15
C CYS A 1742 14.99 48.35 -25.06
N MET A 1743 14.10 48.01 -26.00
CA MET A 1743 12.71 48.45 -25.94
C MET A 1743 12.02 47.94 -24.68
N LYS A 1744 12.28 46.66 -24.35
CA LYS A 1744 11.69 46.04 -23.17
C LYS A 1744 12.13 46.73 -21.89
N LYS A 1745 13.41 47.09 -21.79
CA LYS A 1745 13.87 47.73 -20.56
C LYS A 1745 13.42 49.17 -20.46
N PHE A 1746 13.21 49.84 -21.60
CA PHE A 1746 12.56 51.16 -21.56
C PHE A 1746 11.14 51.05 -21.03
N LEU A 1747 10.43 50.01 -21.47
CA LEU A 1747 9.07 49.77 -20.99
C LEU A 1747 9.06 49.45 -19.50
N ASP A 1748 10.05 48.68 -19.04
CA ASP A 1748 10.18 48.39 -17.62
C ASP A 1748 10.46 49.65 -16.81
N ALA A 1749 11.23 50.57 -17.39
CA ALA A 1749 11.59 51.79 -16.68
C ALA A 1749 10.39 52.72 -16.51
N LEU A 1750 9.74 53.09 -17.61
CA LEU A 1750 8.62 54.01 -17.48
C LEU A 1750 7.36 53.32 -16.98
N GLU A 1751 7.34 51.97 -16.96
CA GLU A 1751 6.22 51.17 -16.47
C GLU A 1751 5.91 51.50 -15.01
N LEU A 1752 6.96 51.67 -14.22
CA LEU A 1752 6.78 52.19 -12.87
C LEU A 1752 6.99 53.70 -12.83
N SER A 1753 8.02 54.21 -13.50
CA SER A 1753 8.44 55.61 -13.34
C SER A 1753 7.60 56.48 -14.26
N GLN A 1754 6.48 56.97 -13.74
CA GLN A 1754 5.49 57.69 -14.55
C GLN A 1754 6.05 59.06 -14.89
N SER A 1755 6.63 59.18 -16.07
CA SER A 1755 7.25 60.42 -16.49
C SER A 1755 6.72 60.84 -17.85
N PRO A 1756 6.57 62.13 -18.11
CA PRO A 1756 6.56 62.59 -19.49
C PRO A 1756 7.98 62.86 -19.97
N MET A 1757 8.94 62.63 -19.08
CA MET A 1757 10.36 62.86 -19.33
C MET A 1757 10.92 61.85 -20.33
N LEU A 1758 10.79 60.57 -20.03
CA LEU A 1758 11.19 59.54 -20.98
C LEU A 1758 10.15 59.35 -22.07
N LEU A 1759 8.97 59.95 -21.94
CA LEU A 1759 7.82 59.52 -22.72
C LEU A 1759 7.84 60.10 -24.14
N GLU A 1760 8.17 61.38 -24.29
CA GLU A 1760 8.30 61.90 -25.66
C GLU A 1760 9.55 61.37 -26.33
N LEU A 1761 10.57 61.05 -25.52
CA LEU A 1761 11.79 60.45 -26.03
C LEU A 1761 11.52 59.08 -26.64
N MET A 1762 10.72 58.25 -25.95
CA MET A 1762 10.39 56.96 -26.51
C MET A 1762 9.32 57.09 -27.60
N THR A 1763 8.40 58.05 -27.47
CA THR A 1763 7.32 58.20 -28.43
C THR A 1763 7.82 58.71 -29.78
N GLU A 1764 8.93 59.46 -29.80
CA GLU A 1764 9.51 59.87 -31.06
C GLU A 1764 10.02 58.67 -31.86
N VAL A 1765 10.50 57.61 -31.19
CA VAL A 1765 10.85 56.42 -31.97
C VAL A 1765 9.62 55.55 -32.14
N LEU A 1766 8.55 55.80 -31.36
CA LEU A 1766 7.27 55.15 -31.60
C LEU A 1766 6.50 55.78 -32.75
N CYS A 1767 7.05 56.81 -33.39
CA CYS A 1767 6.32 57.56 -34.41
C CYS A 1767 7.12 57.71 -35.69
N ARG A 1768 8.35 57.19 -35.74
CA ARG A 1768 9.21 57.34 -36.91
C ARG A 1768 8.77 56.51 -38.10
N GLU A 1769 7.89 55.53 -37.91
CA GLU A 1769 7.26 54.84 -39.02
C GLU A 1769 5.79 54.65 -38.69
N GLN A 1770 5.05 54.02 -39.60
CA GLN A 1770 3.63 53.73 -39.40
C GLN A 1770 3.39 52.70 -38.30
N GLN A 1771 4.13 51.59 -38.32
CA GLN A 1771 4.04 50.55 -37.31
C GLN A 1771 5.45 50.09 -37.00
N HIS A 1772 5.62 49.28 -35.96
CA HIS A 1772 6.93 48.72 -35.62
C HIS A 1772 6.85 47.23 -35.32
N VAL A 1773 7.96 46.72 -34.82
CA VAL A 1773 8.21 45.28 -34.77
C VAL A 1773 7.72 44.71 -33.45
N MET A 1774 7.78 45.51 -32.40
CA MET A 1774 7.44 45.07 -31.05
C MET A 1774 6.32 45.95 -30.51
N GLU A 1775 5.40 46.33 -31.42
CA GLU A 1775 4.54 47.48 -31.18
C GLU A 1775 3.47 47.22 -30.14
N GLU A 1776 3.01 45.97 -29.98
CA GLU A 1776 1.97 45.67 -29.00
C GLU A 1776 2.49 45.82 -27.58
N LEU A 1777 3.80 45.64 -27.38
CA LEU A 1777 4.40 45.73 -26.06
C LEU A 1777 4.30 47.15 -25.51
N PHE A 1778 4.46 48.15 -26.38
CA PHE A 1778 4.22 49.53 -26.00
C PHE A 1778 2.77 49.77 -25.63
N GLN A 1779 1.85 49.08 -26.29
CA GLN A 1779 0.43 49.26 -25.99
C GLN A 1779 0.06 48.66 -24.64
N SER A 1780 0.58 47.46 -24.36
CA SER A 1780 0.32 46.83 -23.07
C SER A 1780 0.95 47.61 -21.94
N SER A 1781 2.16 48.14 -22.17
CA SER A 1781 2.78 48.95 -21.12
C SER A 1781 2.13 50.32 -21.01
N PHE A 1782 1.51 50.83 -22.08
CA PHE A 1782 0.78 52.09 -21.97
C PHE A 1782 -0.51 51.92 -21.18
N ARG A 1783 -1.22 50.81 -21.39
CA ARG A 1783 -2.36 50.50 -20.53
C ARG A 1783 -1.91 50.22 -19.11
N ARG A 1784 -0.68 49.74 -18.94
CA ARG A 1784 -0.15 49.50 -17.61
C ARG A 1784 0.19 50.81 -16.89
N ILE A 1785 0.76 51.79 -17.61
CA ILE A 1785 1.09 53.06 -16.97
C ILE A 1785 -0.13 53.94 -16.82
N ALA A 1786 -1.21 53.62 -17.55
CA ALA A 1786 -2.42 54.43 -17.52
C ALA A 1786 -3.07 54.43 -16.14
N ARG A 1787 -3.18 53.28 -15.49
CA ARG A 1787 -3.85 53.18 -14.19
C ARG A 1787 -2.81 52.99 -13.08
N ARG A 1788 -2.42 54.12 -12.48
CA ARG A 1788 -1.57 54.12 -11.30
C ARG A 1788 -2.02 55.13 -10.24
N GLY A 1789 -3.13 55.82 -10.45
CA GLY A 1789 -3.33 57.02 -9.68
C GLY A 1789 -2.64 58.18 -10.36
N SER A 1790 -2.23 59.16 -9.55
CA SER A 1790 -1.52 60.38 -9.99
C SER A 1790 -2.31 61.12 -11.07
N CYS A 1791 -3.47 61.64 -10.66
CA CYS A 1791 -4.41 62.24 -11.61
C CYS A 1791 -3.88 63.53 -12.21
N VAL A 1792 -2.98 64.22 -11.50
CA VAL A 1792 -2.45 65.47 -12.00
C VAL A 1792 -1.37 65.21 -13.05
N THR A 1793 -0.61 64.12 -12.89
CA THR A 1793 0.47 63.81 -13.80
C THR A 1793 -0.03 63.35 -15.16
N GLN A 1794 -1.26 62.84 -15.21
CA GLN A 1794 -1.83 62.43 -16.50
C GLN A 1794 -2.03 63.63 -17.41
N VAL A 1795 -2.47 64.76 -16.82
CA VAL A 1795 -2.52 66.04 -17.53
C VAL A 1795 -1.14 66.41 -18.04
N GLY A 1796 -0.12 66.12 -17.23
CA GLY A 1796 1.25 66.40 -17.63
C GLY A 1796 1.67 65.61 -18.86
N LEU A 1797 1.35 64.31 -18.88
CA LEU A 1797 1.66 63.47 -20.04
C LEU A 1797 0.94 63.97 -21.29
N LEU A 1798 -0.37 64.20 -21.16
CA LEU A 1798 -1.19 64.63 -22.29
C LEU A 1798 -0.73 65.98 -22.83
N GLU A 1799 -0.59 66.97 -21.96
CA GLU A 1799 -0.26 68.31 -22.39
C GLU A 1799 1.19 68.41 -22.86
N SER A 1800 2.08 67.60 -22.31
CA SER A 1800 3.48 67.67 -22.70
C SER A 1800 3.69 67.04 -24.09
N VAL A 1801 3.14 65.84 -24.32
CA VAL A 1801 3.27 65.26 -25.66
C VAL A 1801 2.34 65.97 -26.64
N TYR A 1802 1.35 66.69 -26.10
CA TYR A 1802 0.54 67.56 -26.91
C TYR A 1802 1.32 68.78 -27.38
N GLU A 1803 2.26 69.29 -26.58
CA GLU A 1803 3.12 70.36 -27.08
C GLU A 1803 4.22 69.82 -27.98
N MET A 1804 4.64 68.57 -27.76
CA MET A 1804 5.60 67.94 -28.67
C MET A 1804 4.99 67.72 -30.05
N PHE A 1805 3.68 67.45 -30.08
CA PHE A 1805 2.91 67.40 -31.30
C PHE A 1805 2.55 68.77 -31.87
N ARG A 1806 2.18 69.73 -31.01
CA ARG A 1806 1.24 70.79 -31.35
C ARG A 1806 1.84 71.95 -32.12
N LYS A 1807 3.09 72.29 -31.85
CA LYS A 1807 3.68 73.48 -32.46
C LYS A 1807 4.10 73.19 -33.89
N ASP A 1808 4.93 74.07 -34.46
CA ASP A 1808 5.23 74.03 -35.88
C ASP A 1808 6.05 72.80 -36.30
N ASP A 1809 7.29 72.68 -35.79
CA ASP A 1809 8.24 71.56 -35.87
C ASP A 1809 8.29 70.86 -37.23
N PRO A 1810 8.89 71.46 -38.26
CA PRO A 1810 8.75 70.95 -39.63
C PRO A 1810 9.41 69.59 -39.86
N ARG A 1811 8.57 68.59 -40.12
CA ARG A 1811 9.00 67.20 -40.30
C ARG A 1811 7.99 66.53 -41.23
N LEU A 1812 8.09 65.21 -41.33
CA LEU A 1812 7.13 64.47 -42.15
C LEU A 1812 5.83 64.21 -41.40
N SER A 1813 4.74 64.19 -42.16
CA SER A 1813 3.41 64.39 -41.59
C SER A 1813 2.92 63.15 -40.85
N PHE A 1814 3.36 61.96 -41.26
CA PHE A 1814 3.01 60.73 -40.54
C PHE A 1814 3.54 60.75 -39.12
N THR A 1815 4.82 61.01 -38.95
CA THR A 1815 5.41 61.22 -37.64
C THR A 1815 4.83 62.45 -36.94
N ARG A 1816 4.54 63.52 -37.69
CA ARG A 1816 4.00 64.76 -37.14
C ARG A 1816 2.55 64.61 -36.65
N GLN A 1817 1.84 63.56 -37.07
CA GLN A 1817 0.50 63.30 -36.54
C GLN A 1817 0.37 61.99 -35.80
N SER A 1818 1.36 61.10 -35.83
CA SER A 1818 1.14 59.75 -35.31
C SER A 1818 1.12 59.72 -33.79
N PHE A 1819 1.64 60.77 -33.13
CA PHE A 1819 1.41 61.02 -31.72
C PHE A 1819 -0.07 60.91 -31.35
N VAL A 1820 -0.87 61.79 -31.94
CA VAL A 1820 -2.28 61.92 -31.62
C VAL A 1820 -3.03 60.86 -32.39
N ASP A 1821 -2.39 60.27 -33.40
CA ASP A 1821 -3.07 59.21 -34.14
C ASP A 1821 -3.08 57.90 -33.37
N ARG A 1822 -1.95 57.51 -32.77
CA ARG A 1822 -1.87 56.25 -32.03
C ARG A 1822 -1.74 56.44 -30.53
N SER A 1823 -0.70 57.11 -30.06
CA SER A 1823 -0.25 56.87 -28.69
C SER A 1823 -1.09 57.67 -27.72
N LEU A 1824 -1.43 58.88 -28.10
CA LEU A 1824 -2.24 59.74 -27.23
C LEU A 1824 -3.66 59.18 -27.07
N LEU A 1825 -4.25 58.71 -28.18
CA LEU A 1825 -5.59 58.12 -28.12
C LEU A 1825 -5.59 56.85 -27.29
N THR A 1826 -4.63 55.96 -27.54
CA THR A 1826 -4.59 54.69 -26.82
C THR A 1826 -4.20 54.89 -25.36
N LEU A 1827 -3.53 55.99 -25.04
CA LEU A 1827 -3.22 56.27 -23.64
C LEU A 1827 -4.43 56.86 -22.92
N LEU A 1828 -5.03 57.91 -23.47
CA LEU A 1828 -6.11 58.58 -22.76
C LEU A 1828 -7.44 57.87 -22.92
N TRP A 1829 -7.46 56.75 -23.64
CA TRP A 1829 -8.67 55.93 -23.79
C TRP A 1829 -8.93 55.00 -22.61
N HIS A 1830 -7.91 54.35 -22.05
CA HIS A 1830 -8.16 53.20 -21.19
C HIS A 1830 -8.49 53.57 -19.75
N CYS A 1831 -7.50 54.04 -18.98
CA CYS A 1831 -7.74 54.41 -17.59
C CYS A 1831 -6.89 55.61 -17.17
N SER A 1832 -6.77 56.61 -18.04
CA SER A 1832 -5.89 57.74 -17.73
C SER A 1832 -6.49 58.62 -16.64
N LEU A 1833 -7.66 59.20 -16.89
CA LEU A 1833 -8.47 59.77 -15.83
C LEU A 1833 -9.92 59.74 -16.28
N ASP A 1834 -10.79 59.30 -15.37
CA ASP A 1834 -12.17 59.01 -15.74
C ASP A 1834 -12.95 60.28 -16.06
N ALA A 1835 -12.52 61.42 -15.51
CA ALA A 1835 -13.16 62.70 -15.80
C ALA A 1835 -12.10 63.78 -15.60
N LEU A 1836 -11.56 64.28 -16.70
CA LEU A 1836 -10.45 65.21 -16.66
C LEU A 1836 -10.81 66.38 -17.56
N ARG A 1837 -10.68 67.59 -17.01
CA ARG A 1837 -11.06 68.81 -17.68
C ARG A 1837 -9.97 69.87 -17.65
N GLU A 1838 -8.71 69.51 -17.39
CA GLU A 1838 -7.62 70.49 -17.46
C GLU A 1838 -6.96 70.49 -18.84
N PHE A 1839 -6.57 69.31 -19.33
CA PHE A 1839 -6.30 69.17 -20.76
C PHE A 1839 -7.54 69.47 -21.56
N PHE A 1840 -8.70 69.05 -21.06
CA PHE A 1840 -9.99 69.35 -21.66
C PHE A 1840 -10.50 70.72 -21.23
N SER A 1841 -9.65 71.54 -20.60
CA SER A 1841 -9.93 72.95 -20.39
C SER A 1841 -9.05 73.82 -21.28
N THR A 1842 -7.80 73.40 -21.48
CA THR A 1842 -6.94 74.09 -22.45
C THR A 1842 -7.19 73.66 -23.88
N ILE A 1843 -7.81 72.50 -24.12
CA ILE A 1843 -8.19 72.12 -25.48
C ILE A 1843 -9.47 72.84 -25.90
N VAL A 1844 -10.23 73.40 -24.95
CA VAL A 1844 -11.24 74.40 -25.25
C VAL A 1844 -10.64 75.57 -26.03
N VAL A 1845 -9.56 76.15 -25.51
CA VAL A 1845 -8.84 77.20 -26.22
C VAL A 1845 -8.08 76.68 -27.42
N ASP A 1846 -7.59 75.43 -27.35
CA ASP A 1846 -6.57 74.92 -28.25
C ASP A 1846 -7.07 73.98 -29.33
N ALA A 1847 -8.39 73.76 -29.45
CA ALA A 1847 -8.92 72.88 -30.48
C ALA A 1847 -9.69 73.66 -31.54
N ILE A 1848 -10.61 74.54 -31.11
CA ILE A 1848 -11.51 75.21 -32.04
C ILE A 1848 -10.79 76.30 -32.80
N ASP A 1849 -9.65 76.79 -32.27
CA ASP A 1849 -8.86 77.78 -32.98
C ASP A 1849 -8.23 77.17 -34.23
N VAL A 1850 -7.83 75.91 -34.14
CA VAL A 1850 -7.30 75.21 -35.30
C VAL A 1850 -8.44 74.76 -36.21
N LEU A 1851 -9.56 74.35 -35.60
CA LEU A 1851 -10.73 73.94 -36.38
C LEU A 1851 -11.28 75.08 -37.23
N LYS A 1852 -11.68 76.19 -36.58
CA LYS A 1852 -12.15 77.39 -37.27
C LYS A 1852 -10.95 78.08 -37.91
N SER A 1853 -10.65 77.66 -39.13
CA SER A 1853 -9.48 78.17 -39.82
C SER A 1853 -9.79 78.40 -41.29
N ARG A 1854 -8.77 78.85 -42.00
CA ARG A 1854 -8.73 78.84 -43.46
C ARG A 1854 -7.48 78.08 -43.87
N PHE A 1855 -7.54 77.38 -45.00
CA PHE A 1855 -6.41 76.60 -45.48
C PHE A 1855 -5.83 77.36 -46.66
N THR A 1856 -4.50 77.39 -46.76
CA THR A 1856 -3.82 77.97 -47.91
C THR A 1856 -3.41 76.83 -48.85
N LYS A 1857 -3.97 76.84 -50.05
CA LYS A 1857 -3.76 75.76 -51.00
C LYS A 1857 -2.84 76.15 -52.15
N LEU A 1858 -2.13 77.27 -52.01
CA LEU A 1858 -0.97 77.52 -52.87
C LEU A 1858 0.07 76.42 -52.68
N ASN A 1859 0.28 76.03 -51.43
CA ASN A 1859 1.31 75.10 -51.00
C ASN A 1859 0.64 73.93 -50.28
N GLU A 1860 1.28 72.77 -50.29
CA GLU A 1860 0.84 71.64 -49.50
C GLU A 1860 1.45 71.60 -48.10
N SER A 1861 2.64 72.16 -47.91
CA SER A 1861 3.34 71.98 -46.63
C SER A 1861 2.79 72.88 -45.54
N THR A 1862 1.98 73.88 -45.89
CA THR A 1862 1.20 74.58 -44.89
C THR A 1862 -0.16 73.95 -44.68
N PHE A 1863 -0.69 73.27 -45.70
CA PHE A 1863 -2.02 72.69 -45.71
C PHE A 1863 -2.10 71.41 -44.90
N ASP A 1864 -1.15 70.50 -45.12
CA ASP A 1864 -1.28 69.16 -44.57
C ASP A 1864 -1.05 69.15 -43.06
N THR A 1865 -0.20 70.06 -42.58
CA THR A 1865 0.00 70.20 -41.13
C THR A 1865 -1.28 70.64 -40.43
N GLN A 1866 -1.96 71.66 -40.98
CA GLN A 1866 -3.24 72.12 -40.45
C GLN A 1866 -4.28 71.02 -40.50
N ILE A 1867 -4.31 70.26 -41.61
CA ILE A 1867 -5.34 69.24 -41.79
C ILE A 1867 -5.12 68.08 -40.82
N THR A 1868 -3.85 67.70 -40.61
CA THR A 1868 -3.55 66.58 -39.73
C THR A 1868 -3.78 66.94 -38.26
N LYS A 1869 -3.41 68.17 -37.86
CA LYS A 1869 -3.71 68.57 -36.50
C LYS A 1869 -5.20 68.81 -36.29
N LYS A 1870 -5.92 69.14 -37.37
CA LYS A 1870 -7.37 69.27 -37.29
C LYS A 1870 -8.04 67.92 -37.05
N MET A 1871 -7.59 66.89 -37.77
CA MET A 1871 -8.19 65.56 -37.55
C MET A 1871 -7.69 64.95 -36.25
N GLY A 1872 -6.53 65.38 -35.76
CA GLY A 1872 -6.13 65.02 -34.41
C GLY A 1872 -7.05 65.62 -33.36
N TYR A 1873 -7.48 66.87 -33.58
CA TYR A 1873 -8.41 67.48 -32.64
C TYR A 1873 -9.77 66.84 -32.72
N TYR A 1874 -10.19 66.44 -33.93
CA TYR A 1874 -11.41 65.63 -34.09
C TYR A 1874 -11.33 64.33 -33.32
N LYS A 1875 -10.17 63.67 -33.36
CA LYS A 1875 -10.02 62.40 -32.65
C LYS A 1875 -9.99 62.62 -31.14
N ILE A 1876 -9.40 63.72 -30.69
CA ILE A 1876 -9.34 64.02 -29.26
C ILE A 1876 -10.74 64.31 -28.72
N LEU A 1877 -11.52 65.16 -29.39
CA LEU A 1877 -12.87 65.45 -28.90
C LEU A 1877 -13.81 64.27 -29.09
N ASP A 1878 -13.57 63.43 -30.11
CA ASP A 1878 -14.23 62.15 -30.26
C ASP A 1878 -14.07 61.31 -28.99
N VAL A 1879 -12.83 61.09 -28.57
CA VAL A 1879 -12.59 60.22 -27.41
C VAL A 1879 -13.03 60.90 -26.12
N MET A 1880 -12.88 62.22 -26.06
CA MET A 1880 -13.23 62.97 -24.85
C MET A 1880 -14.73 63.03 -24.66
N TYR A 1881 -15.51 62.86 -25.73
CA TYR A 1881 -16.94 62.67 -25.54
C TYR A 1881 -17.30 61.19 -25.47
N SER A 1882 -16.40 60.32 -25.89
CA SER A 1882 -16.68 58.88 -25.83
C SER A 1882 -16.65 58.36 -24.40
N ARG A 1883 -15.64 58.76 -23.62
CA ARG A 1883 -15.54 58.21 -22.27
C ARG A 1883 -15.86 59.25 -21.19
N LEU A 1884 -16.68 60.25 -21.50
CA LEU A 1884 -17.11 61.14 -20.44
C LEU A 1884 -18.59 60.96 -20.14
N PRO A 1885 -18.98 61.02 -18.87
CA PRO A 1885 -20.39 61.04 -18.52
C PRO A 1885 -21.06 62.39 -18.74
N LYS A 1886 -22.30 62.54 -18.28
CA LYS A 1886 -23.13 63.70 -18.59
C LYS A 1886 -23.29 64.68 -17.44
N ASP A 1887 -22.95 64.30 -16.21
CA ASP A 1887 -23.09 65.20 -15.07
C ASP A 1887 -21.89 66.13 -14.90
N ASP A 1888 -21.08 66.32 -15.94
CA ASP A 1888 -19.95 67.23 -15.84
C ASP A 1888 -19.73 68.13 -17.05
N VAL A 1889 -20.30 67.81 -18.22
CA VAL A 1889 -19.94 68.47 -19.47
C VAL A 1889 -21.15 69.05 -20.21
N HIS A 1890 -22.25 68.32 -20.30
CA HIS A 1890 -23.37 68.77 -21.14
C HIS A 1890 -24.54 69.28 -20.31
N ALA A 1891 -24.46 69.13 -18.99
CA ALA A 1891 -25.34 69.87 -18.11
C ALA A 1891 -24.69 71.22 -17.81
N LYS A 1892 -25.36 72.03 -16.99
CA LYS A 1892 -24.87 73.38 -16.73
C LYS A 1892 -23.76 73.31 -15.69
N GLU A 1893 -22.55 72.91 -16.10
CA GLU A 1893 -21.52 72.51 -15.15
C GLU A 1893 -20.24 73.33 -15.31
N SER A 1894 -19.22 72.91 -14.56
CA SER A 1894 -17.97 73.65 -14.49
C SER A 1894 -17.17 73.53 -15.78
N LYS A 1895 -17.46 72.51 -16.60
CA LYS A 1895 -16.82 72.42 -17.92
C LYS A 1895 -17.24 73.58 -18.81
N ILE A 1896 -18.54 73.84 -18.92
CA ILE A 1896 -18.96 74.96 -19.76
C ILE A 1896 -18.67 76.29 -19.07
N ASN A 1897 -18.57 76.29 -17.73
CA ASN A 1897 -18.05 77.47 -17.03
C ASN A 1897 -16.57 77.71 -17.33
N GLN A 1898 -15.82 76.67 -17.67
CA GLN A 1898 -14.47 76.83 -18.19
C GLN A 1898 -14.47 77.21 -19.65
N VAL A 1899 -15.46 76.73 -20.41
CA VAL A 1899 -15.55 77.00 -21.84
C VAL A 1899 -15.79 78.48 -22.09
N PHE A 1900 -16.83 79.04 -21.50
CA PHE A 1900 -17.00 80.48 -21.54
C PHE A 1900 -16.93 81.06 -20.14
N HIS A 1901 -16.40 82.28 -20.04
CA HIS A 1901 -16.06 82.91 -18.78
C HIS A 1901 -17.34 83.44 -18.14
N GLY A 1902 -17.73 82.79 -17.05
CA GLY A 1902 -18.93 83.09 -16.33
C GLY A 1902 -19.78 81.85 -16.08
N SER A 1903 -20.45 81.85 -14.93
CA SER A 1903 -21.33 80.73 -14.60
C SER A 1903 -22.55 80.76 -15.51
N CYS A 1904 -22.71 79.72 -16.29
CA CYS A 1904 -23.61 79.73 -17.44
C CYS A 1904 -24.99 79.27 -17.00
N ILE A 1905 -26.01 79.98 -17.48
CA ILE A 1905 -27.39 79.51 -17.38
C ILE A 1905 -27.76 78.72 -18.63
N THR A 1906 -26.91 78.76 -19.66
CA THR A 1906 -27.20 78.09 -20.91
C THR A 1906 -27.11 76.57 -20.77
N GLU A 1907 -27.59 75.86 -21.79
CA GLU A 1907 -27.80 74.43 -21.69
C GLU A 1907 -26.51 73.63 -21.64
N GLY A 1908 -25.39 74.22 -22.05
CA GLY A 1908 -24.16 73.47 -22.18
C GLY A 1908 -23.91 73.12 -23.62
N ASN A 1909 -24.95 73.30 -24.43
CA ASN A 1909 -24.83 73.09 -25.86
C ASN A 1909 -24.51 74.39 -26.57
N GLU A 1910 -23.29 74.89 -26.34
CA GLU A 1910 -22.75 76.00 -27.11
C GLU A 1910 -21.46 75.60 -27.81
N LEU A 1911 -20.48 75.12 -27.02
CA LEU A 1911 -19.27 74.54 -27.61
C LEU A 1911 -19.59 73.32 -28.46
N THR A 1912 -20.52 72.47 -28.02
CA THR A 1912 -20.90 71.34 -28.85
C THR A 1912 -21.66 71.81 -30.09
N LYS A 1913 -22.32 72.97 -30.01
CA LYS A 1913 -22.93 73.51 -31.22
C LYS A 1913 -21.90 73.99 -32.22
N THR A 1914 -20.83 74.67 -31.74
CA THR A 1914 -19.73 75.04 -32.63
C THR A 1914 -18.97 73.83 -33.17
N LEU A 1915 -18.87 72.76 -32.38
CA LEU A 1915 -18.31 71.50 -32.83
C LEU A 1915 -19.16 70.83 -33.89
N ILE A 1916 -20.46 70.72 -33.64
CA ILE A 1916 -21.37 70.00 -34.54
C ILE A 1916 -21.49 70.75 -35.87
N LYS A 1917 -21.58 72.09 -35.80
CA LYS A 1917 -21.62 72.92 -36.99
C LYS A 1917 -20.36 72.74 -37.83
N LEU A 1918 -19.21 72.67 -37.18
CA LEU A 1918 -17.99 72.68 -37.96
C LEU A 1918 -17.65 71.30 -38.49
N CYS A 1919 -18.08 70.23 -37.82
CA CYS A 1919 -17.89 68.93 -38.47
C CYS A 1919 -18.91 68.74 -39.58
N TYR A 1920 -20.10 69.36 -39.46
CA TYR A 1920 -21.05 69.34 -40.56
C TYR A 1920 -20.50 70.11 -41.76
N ASP A 1921 -19.88 71.26 -41.49
CA ASP A 1921 -19.16 72.01 -42.52
C ASP A 1921 -17.99 71.19 -43.07
N ALA A 1922 -17.37 70.37 -42.22
CA ALA A 1922 -16.19 69.63 -42.62
C ALA A 1922 -16.55 68.51 -43.59
N PHE A 1923 -17.51 67.67 -43.23
CA PHE A 1923 -17.84 66.59 -44.16
C PHE A 1923 -18.77 67.05 -45.28
N THR A 1924 -19.51 68.14 -45.08
CA THR A 1924 -20.17 68.81 -46.21
C THR A 1924 -19.38 70.02 -46.69
N GLU A 1925 -18.12 69.78 -47.06
CA GLU A 1925 -17.30 70.76 -47.77
C GLU A 1925 -16.97 70.16 -49.13
N ASN A 1926 -17.41 70.81 -50.19
CA ASN A 1926 -17.35 70.16 -51.47
C ASN A 1926 -15.97 70.28 -52.09
N MET A 1927 -15.74 69.41 -53.07
CA MET A 1927 -14.59 69.42 -53.95
C MET A 1927 -15.09 69.53 -55.38
N ALA A 1928 -15.91 70.55 -55.61
CA ALA A 1928 -16.56 70.75 -56.91
C ALA A 1928 -15.57 71.15 -58.00
N GLY A 1929 -14.34 71.49 -57.63
CA GLY A 1929 -13.24 71.57 -58.59
C GLY A 1929 -11.92 71.15 -58.00
N GLU A 1930 -11.94 70.65 -56.77
CA GLU A 1930 -10.78 70.58 -55.89
C GLU A 1930 -10.14 69.21 -56.00
N ASN A 1931 -8.90 69.17 -56.49
CA ASN A 1931 -8.17 67.93 -56.75
C ASN A 1931 -6.72 68.05 -56.30
N GLN A 1932 -6.50 68.43 -55.04
CA GLN A 1932 -5.13 68.60 -54.56
C GLN A 1932 -4.57 67.40 -53.79
N LEU A 1933 -5.15 67.04 -52.65
CA LEU A 1933 -4.61 66.02 -51.75
C LEU A 1933 -5.77 65.18 -51.21
N LEU A 1934 -6.57 64.63 -52.13
CA LEU A 1934 -7.93 64.19 -51.81
C LEU A 1934 -7.96 62.96 -50.91
N GLU A 1935 -6.84 62.22 -50.85
CA GLU A 1935 -6.73 61.10 -49.93
C GLU A 1935 -6.77 61.58 -48.49
N ARG A 1936 -6.04 62.65 -48.19
CA ARG A 1936 -6.04 63.17 -46.83
C ARG A 1936 -7.38 63.80 -46.48
N ARG A 1937 -8.02 64.44 -47.46
CA ARG A 1937 -9.32 65.05 -47.19
C ARG A 1937 -10.39 63.98 -46.98
N ARG A 1938 -10.24 62.80 -47.60
CA ARG A 1938 -11.17 61.71 -47.36
C ARG A 1938 -11.09 61.19 -45.93
N LEU A 1939 -9.86 60.91 -45.46
CA LEU A 1939 -9.64 60.48 -44.09
C LEU A 1939 -10.04 61.57 -43.09
N TYR A 1940 -9.80 62.82 -43.45
CA TYR A 1940 -10.24 63.98 -42.68
C TYR A 1940 -11.75 64.03 -42.56
N HIS A 1941 -12.44 63.85 -43.68
CA HIS A 1941 -13.90 63.91 -43.69
C HIS A 1941 -14.50 62.79 -42.85
N CYS A 1942 -13.89 61.60 -42.92
CA CYS A 1942 -14.40 60.48 -42.15
C CYS A 1942 -14.10 60.67 -40.66
N ALA A 1943 -12.96 61.28 -40.33
CA ALA A 1943 -12.66 61.60 -38.94
C ALA A 1943 -13.58 62.69 -38.41
N ALA A 1944 -13.94 63.64 -39.28
CA ALA A 1944 -14.91 64.68 -38.95
C ALA A 1944 -16.25 64.07 -38.60
N TYR A 1945 -16.71 63.14 -39.44
CA TYR A 1945 -17.96 62.45 -39.14
C TYR A 1945 -17.80 61.53 -37.94
N ASN A 1946 -16.58 61.08 -37.64
CA ASN A 1946 -16.37 60.27 -36.45
C ASN A 1946 -16.61 61.10 -35.19
N CYS A 1947 -16.08 62.32 -35.19
CA CYS A 1947 -16.40 63.30 -34.15
C CYS A 1947 -17.89 63.55 -34.04
N ALA A 1948 -18.57 63.72 -35.20
CA ALA A 1948 -20.01 63.98 -35.22
C ALA A 1948 -20.81 62.83 -34.62
N ILE A 1949 -20.44 61.59 -35.00
CA ILE A 1949 -21.12 60.39 -34.52
C ILE A 1949 -20.95 60.25 -33.02
N SER A 1950 -19.74 60.52 -32.54
CA SER A 1950 -19.47 60.42 -31.10
C SER A 1950 -20.23 61.46 -30.31
N VAL A 1951 -20.29 62.70 -30.79
CA VAL A 1951 -20.93 63.74 -29.99
C VAL A 1951 -22.44 63.65 -30.09
N ILE A 1952 -22.94 62.91 -31.09
CA ILE A 1952 -24.39 62.77 -31.16
C ILE A 1952 -24.86 61.48 -30.48
N CYS A 1953 -24.03 60.46 -30.43
CA CYS A 1953 -24.44 59.18 -29.84
C CYS A 1953 -24.34 59.17 -28.32
N CYS A 1954 -23.92 60.27 -27.68
CA CYS A 1954 -23.55 60.18 -26.27
C CYS A 1954 -24.34 61.13 -25.37
N VAL A 1955 -24.49 62.40 -25.75
CA VAL A 1955 -24.88 63.40 -24.77
C VAL A 1955 -26.32 63.87 -24.91
N PHE A 1956 -27.14 63.15 -25.65
CA PHE A 1956 -28.59 63.39 -25.63
C PHE A 1956 -29.36 62.13 -26.02
N ASN A 1957 -30.69 62.23 -25.86
CA ASN A 1957 -31.57 61.06 -25.76
C ASN A 1957 -32.78 61.14 -26.68
N GLU A 1958 -32.83 62.09 -27.61
CA GLU A 1958 -33.99 62.28 -28.46
C GLU A 1958 -33.71 61.87 -29.90
N LEU A 1959 -34.75 61.41 -30.62
CA LEU A 1959 -34.59 61.00 -32.01
C LEU A 1959 -34.68 62.15 -33.01
N LYS A 1960 -34.67 63.40 -32.54
CA LYS A 1960 -34.68 64.55 -33.45
C LYS A 1960 -33.36 64.66 -34.21
N PHE A 1961 -32.25 64.83 -33.49
CA PHE A 1961 -30.95 64.91 -34.15
C PHE A 1961 -30.54 63.57 -34.75
N TYR A 1962 -31.12 62.48 -34.26
CA TYR A 1962 -30.72 61.11 -34.59
C TYR A 1962 -31.01 60.82 -36.06
N GLN A 1963 -31.98 61.53 -36.64
CA GLN A 1963 -32.06 61.70 -38.08
C GLN A 1963 -31.44 62.99 -38.55
N GLY A 1964 -31.61 64.08 -37.79
CA GLY A 1964 -31.42 65.41 -38.34
C GLY A 1964 -29.98 65.79 -38.62
N PHE A 1965 -29.05 65.20 -37.90
CA PHE A 1965 -27.63 65.45 -38.13
C PHE A 1965 -26.89 64.23 -38.68
N LEU A 1966 -27.59 63.11 -38.83
CA LEU A 1966 -26.94 61.89 -39.28
C LEU A 1966 -27.41 61.43 -40.64
N PHE A 1967 -28.67 61.66 -40.99
CA PHE A 1967 -29.24 61.20 -42.25
C PHE A 1967 -30.03 62.27 -42.98
N SER A 1968 -30.37 63.38 -42.31
CA SER A 1968 -30.94 64.54 -43.01
C SER A 1968 -29.86 65.28 -43.77
N GLU A 1969 -29.56 64.81 -44.97
CA GLU A 1969 -28.53 65.39 -45.82
C GLU A 1969 -29.20 66.18 -46.92
N LYS A 1970 -29.01 67.50 -46.91
CA LYS A 1970 -29.83 68.42 -47.71
C LYS A 1970 -29.18 68.75 -49.05
N PRO A 1971 -29.78 68.34 -50.15
CA PRO A 1971 -29.13 68.48 -51.47
C PRO A 1971 -29.40 69.83 -52.14
N GLU A 1972 -28.72 70.86 -51.66
CA GLU A 1972 -28.78 72.15 -52.36
C GLU A 1972 -28.10 72.06 -53.72
N LYS A 1973 -26.77 71.99 -53.72
CA LYS A 1973 -25.99 71.88 -54.94
C LYS A 1973 -25.17 70.59 -55.00
N ASN A 1974 -24.36 70.31 -53.98
CA ASN A 1974 -23.42 69.20 -53.97
C ASN A 1974 -23.33 68.59 -52.57
N LEU A 1975 -24.11 69.11 -51.61
CA LEU A 1975 -23.88 69.00 -50.18
C LEU A 1975 -24.51 67.78 -49.54
N LEU A 1976 -24.15 66.61 -50.03
CA LEU A 1976 -24.52 65.31 -49.51
C LEU A 1976 -23.40 64.81 -48.58
N ILE A 1977 -23.38 63.50 -48.31
CA ILE A 1977 -22.44 62.92 -47.36
C ILE A 1977 -21.35 62.04 -47.99
N PHE A 1978 -21.73 60.96 -48.67
CA PHE A 1978 -20.84 59.82 -48.86
C PHE A 1978 -19.88 60.00 -50.02
N GLU A 1979 -20.26 60.76 -51.04
CA GLU A 1979 -19.32 61.25 -52.05
C GLU A 1979 -18.18 62.03 -51.44
N ASN A 1980 -18.46 62.81 -50.40
CA ASN A 1980 -17.48 63.69 -49.80
C ASN A 1980 -16.64 63.01 -48.73
N LEU A 1981 -17.18 61.99 -48.01
CA LEU A 1981 -16.41 61.31 -46.98
C LEU A 1981 -16.06 59.85 -47.28
N ILE A 1982 -16.44 59.32 -48.44
CA ILE A 1982 -16.04 57.98 -48.85
C ILE A 1982 -15.33 58.10 -50.20
N ASP A 1983 -14.22 57.37 -50.35
CA ASP A 1983 -13.25 57.51 -51.42
C ASP A 1983 -13.82 57.23 -52.81
N LEU A 1984 -14.46 56.07 -52.96
CA LEU A 1984 -15.17 55.63 -54.17
C LEU A 1984 -14.21 55.36 -55.34
N LYS A 1985 -12.94 55.09 -55.03
CA LYS A 1985 -11.92 55.15 -56.08
C LYS A 1985 -10.99 53.95 -56.19
N ARG A 1986 -11.46 52.73 -55.92
CA ARG A 1986 -10.69 51.54 -56.25
C ARG A 1986 -11.60 50.32 -56.37
N ARG A 1987 -11.01 49.24 -56.85
CA ARG A 1987 -11.69 47.96 -57.01
C ARG A 1987 -11.29 47.04 -55.87
N TYR A 1988 -12.26 46.66 -55.04
CA TYR A 1988 -12.03 45.74 -53.95
C TYR A 1988 -11.82 44.33 -54.49
N ASN A 1989 -10.69 43.73 -54.18
CA ASN A 1989 -10.27 42.49 -54.83
C ASN A 1989 -10.54 41.34 -53.87
N PHE A 1990 -11.33 40.36 -54.33
CA PHE A 1990 -11.83 39.32 -53.44
C PHE A 1990 -11.29 37.95 -53.83
N PRO A 1991 -10.42 37.35 -53.02
CA PRO A 1991 -10.43 35.89 -52.90
C PRO A 1991 -11.73 35.48 -52.25
N VAL A 1992 -12.27 34.36 -52.71
CA VAL A 1992 -13.73 34.18 -52.62
C VAL A 1992 -14.25 33.66 -51.28
N GLU A 1993 -14.00 32.41 -50.92
CA GLU A 1993 -14.56 31.81 -49.71
C GLU A 1993 -13.52 30.86 -49.13
N VAL A 1994 -12.26 31.28 -49.18
CA VAL A 1994 -11.08 30.45 -49.45
C VAL A 1994 -11.01 29.12 -48.71
N GLU A 1995 -11.49 29.07 -47.47
CA GLU A 1995 -11.62 27.82 -46.73
C GLU A 1995 -12.64 28.03 -45.61
N VAL A 1996 -12.65 27.09 -44.66
CA VAL A 1996 -13.49 26.97 -43.46
C VAL A 1996 -14.97 27.35 -43.63
N PRO A 1997 -15.78 26.52 -44.32
CA PRO A 1997 -17.24 26.64 -44.18
C PRO A 1997 -17.81 25.73 -43.09
N MET A 1998 -17.22 25.75 -41.90
CA MET A 1998 -17.47 24.71 -40.90
C MET A 1998 -18.65 25.01 -39.98
N GLU A 1999 -18.62 26.17 -39.32
CA GLU A 1999 -19.72 26.56 -38.45
C GLU A 1999 -20.94 27.01 -39.22
N ARG A 2000 -20.77 27.36 -40.49
CA ARG A 2000 -21.84 27.98 -41.26
C ARG A 2000 -22.81 26.93 -41.80
N LYS A 2001 -22.34 25.69 -41.97
CA LYS A 2001 -23.23 24.61 -42.39
C LYS A 2001 -24.27 24.30 -41.31
N LYS A 2002 -23.85 24.35 -40.04
CA LYS A 2002 -24.79 24.16 -38.95
C LYS A 2002 -25.78 25.31 -38.87
N LYS A 2003 -25.33 26.52 -39.24
CA LYS A 2003 -26.22 27.67 -39.33
C LYS A 2003 -27.25 27.46 -40.43
N TYR A 2004 -26.85 26.86 -41.54
CA TYR A 2004 -27.78 26.61 -42.64
C TYR A 2004 -28.75 25.49 -42.31
N ILE A 2005 -28.29 24.47 -41.59
CA ILE A 2005 -29.19 23.39 -41.18
C ILE A 2005 -30.15 23.87 -40.10
N GLU A 2006 -29.71 24.80 -39.24
CA GLU A 2006 -30.62 25.40 -38.27
C GLU A 2006 -31.60 26.35 -38.96
N ILE A 2007 -31.17 26.96 -40.07
CA ILE A 2007 -32.08 27.75 -40.90
C ILE A 2007 -33.16 26.85 -41.48
N ARG A 2008 -32.77 25.68 -41.99
CA ARG A 2008 -33.77 24.75 -42.53
C ARG A 2008 -34.57 24.07 -41.42
N LYS A 2009 -34.08 24.10 -40.19
CA LYS A 2009 -34.91 23.72 -39.06
C LYS A 2009 -36.04 24.71 -38.85
N GLU A 2010 -35.67 25.98 -38.65
CA GLU A 2010 -36.66 27.01 -38.32
C GLU A 2010 -37.44 27.49 -39.54
N ALA A 2011 -37.08 27.06 -40.75
CA ALA A 2011 -37.74 27.54 -41.95
C ALA A 2011 -38.91 26.66 -42.40
N ARG A 2012 -38.84 25.36 -42.14
CA ARG A 2012 -39.91 24.44 -42.49
C ARG A 2012 -40.76 24.08 -41.28
N GLU A 2013 -40.13 23.79 -40.13
CA GLU A 2013 -40.86 23.35 -38.95
C GLU A 2013 -41.70 24.46 -38.33
N ALA A 2014 -41.42 25.71 -38.64
CA ALA A 2014 -42.28 26.80 -38.17
C ALA A 2014 -43.56 26.88 -39.01
N ALA A 2015 -43.47 26.66 -40.32
CA ALA A 2015 -44.65 26.82 -41.16
C ALA A 2015 -45.38 25.52 -41.45
N ASN A 2016 -44.74 24.61 -42.17
CA ASN A 2016 -45.40 23.40 -42.64
C ASN A 2016 -44.48 22.20 -42.44
N GLY A 2017 -43.98 22.05 -41.22
CA GLY A 2017 -43.00 21.03 -40.92
C GLY A 2017 -43.49 19.59 -41.07
N ASP A 2018 -42.82 18.89 -41.98
CA ASP A 2018 -42.94 17.45 -42.15
C ASP A 2018 -42.02 16.76 -41.14
N SER A 2019 -41.71 15.49 -41.39
CA SER A 2019 -40.69 14.81 -40.59
C SER A 2019 -39.35 15.52 -40.76
N ASP A 2020 -38.74 15.43 -41.95
CA ASP A 2020 -37.68 16.34 -42.33
C ASP A 2020 -37.91 17.00 -43.69
N GLY A 2021 -38.27 16.23 -44.71
CA GLY A 2021 -38.41 16.75 -46.05
C GLY A 2021 -37.27 16.34 -46.97
N PRO A 2022 -36.34 17.26 -47.21
CA PRO A 2022 -35.17 16.94 -48.05
C PRO A 2022 -34.22 15.98 -47.35
N SER A 2023 -33.65 15.07 -48.14
CA SER A 2023 -32.70 14.06 -47.66
C SER A 2023 -31.60 13.82 -48.69
N TYR A 2024 -31.18 14.88 -49.39
CA TYR A 2024 -30.67 14.81 -50.76
C TYR A 2024 -29.42 13.98 -50.97
N MET A 2025 -28.31 14.34 -50.33
CA MET A 2025 -27.07 13.56 -50.47
C MET A 2025 -26.19 13.62 -49.23
N ASP A 2086 -9.99 40.87 -46.95
CA ASP A 2086 -11.22 41.18 -46.23
C ASP A 2086 -11.13 42.61 -45.68
N GLU A 2087 -11.05 43.57 -46.60
CA GLU A 2087 -10.67 44.94 -46.26
C GLU A 2087 -11.82 45.91 -46.14
N LEU A 2088 -13.07 45.45 -46.24
CA LEU A 2088 -14.18 46.37 -46.04
C LEU A 2088 -14.42 46.63 -44.56
N ASN A 2089 -14.02 45.71 -43.70
CA ASN A 2089 -14.11 45.89 -42.26
C ASN A 2089 -13.02 46.81 -41.74
N ARG A 2090 -11.76 46.42 -41.91
CA ARG A 2090 -10.61 47.23 -41.51
C ARG A 2090 -10.55 48.38 -42.51
N HIS A 2091 -11.24 49.46 -42.18
CA HIS A 2091 -11.54 50.49 -43.15
C HIS A 2091 -11.46 51.88 -42.55
N GLU A 2092 -11.38 52.00 -41.21
CA GLU A 2092 -11.67 53.21 -40.43
C GLU A 2092 -13.04 53.83 -40.74
N CYS A 2093 -13.99 53.01 -41.19
CA CYS A 2093 -15.29 53.53 -41.55
C CYS A 2093 -16.42 52.69 -40.94
N MET A 2094 -16.21 51.37 -40.85
CA MET A 2094 -17.30 50.45 -40.52
C MET A 2094 -17.64 50.50 -39.04
N ALA A 2095 -16.63 50.68 -38.19
CA ALA A 2095 -16.82 50.65 -36.74
C ALA A 2095 -17.73 51.74 -36.19
N PRO A 2096 -17.63 53.04 -36.58
CA PRO A 2096 -18.57 54.01 -35.99
C PRO A 2096 -20.01 53.83 -36.46
N LEU A 2097 -20.21 53.39 -37.71
CA LEU A 2097 -21.56 53.14 -38.19
C LEU A 2097 -22.19 51.96 -37.47
N THR A 2098 -21.45 50.84 -37.35
CA THR A 2098 -21.97 49.68 -36.66
C THR A 2098 -21.95 49.84 -35.14
N ALA A 2099 -21.35 50.91 -34.62
CA ALA A 2099 -21.56 51.30 -33.24
C ALA A 2099 -22.82 52.14 -33.08
N LEU A 2100 -23.05 53.08 -34.01
CA LEU A 2100 -24.16 54.01 -33.84
C LEU A 2100 -25.50 53.32 -34.05
N VAL A 2101 -25.59 52.40 -35.03
CA VAL A 2101 -26.88 51.76 -35.25
C VAL A 2101 -27.15 50.72 -34.18
N LYS A 2102 -26.09 50.10 -33.66
CA LYS A 2102 -26.26 49.12 -32.59
C LYS A 2102 -26.45 49.82 -31.25
N HIS A 2103 -26.34 51.14 -31.21
CA HIS A 2103 -26.99 51.89 -30.14
C HIS A 2103 -28.40 52.34 -30.50
N MET A 2104 -28.64 52.67 -31.77
CA MET A 2104 -29.91 53.26 -32.18
C MET A 2104 -31.06 52.27 -32.15
N HIS A 2105 -30.77 50.97 -32.20
CA HIS A 2105 -31.83 49.99 -32.02
C HIS A 2105 -32.44 50.09 -30.63
N ARG A 2106 -31.63 49.83 -29.60
CA ARG A 2106 -32.08 49.69 -28.23
C ARG A 2106 -32.23 51.06 -27.55
N SER A 2107 -33.05 51.91 -28.17
CA SER A 2107 -33.25 53.28 -27.69
C SER A 2107 -34.70 53.70 -27.53
N LEU A 2108 -35.60 53.34 -28.45
CA LEU A 2108 -36.98 53.82 -28.41
C LEU A 2108 -37.98 52.67 -28.32
N LEU A 2122 -42.38 53.30 -40.66
CA LEU A 2122 -41.01 53.18 -41.16
C LEU A 2122 -40.29 54.48 -40.85
N PRO A 2123 -39.12 54.40 -40.21
CA PRO A 2123 -38.35 55.60 -39.94
C PRO A 2123 -37.78 56.19 -41.23
N SER A 2124 -37.59 57.51 -41.22
CA SER A 2124 -37.19 58.24 -42.42
C SER A 2124 -35.78 57.86 -42.86
N TRP A 2125 -34.90 57.54 -41.90
CA TRP A 2125 -33.54 57.14 -42.26
C TRP A 2125 -33.55 55.75 -42.88
N MET A 2126 -34.50 54.92 -42.45
CA MET A 2126 -34.69 53.63 -43.07
C MET A 2126 -35.18 53.78 -44.51
N LYS A 2127 -35.98 54.83 -44.77
CA LYS A 2127 -36.40 55.10 -46.14
C LYS A 2127 -35.26 55.63 -46.99
N PHE A 2128 -34.37 56.46 -46.42
CA PHE A 2128 -33.27 57.02 -47.19
C PHE A 2128 -32.26 55.94 -47.57
N LEU A 2129 -31.88 55.09 -46.60
CA LEU A 2129 -30.98 53.99 -46.93
C LEU A 2129 -31.72 52.86 -47.65
N HIS A 2130 -33.05 52.86 -47.59
CA HIS A 2130 -33.84 51.96 -48.41
C HIS A 2130 -33.71 52.34 -49.89
N GLY A 2131 -33.75 53.63 -50.19
CA GLY A 2131 -33.56 54.08 -51.55
C GLY A 2131 -32.13 54.08 -52.06
N LYS A 2132 -31.15 54.40 -51.21
CA LYS A 2132 -29.77 54.49 -51.67
C LYS A 2132 -29.13 53.15 -51.98
N LEU A 2133 -29.76 52.04 -51.58
CA LEU A 2133 -29.16 50.75 -51.85
C LEU A 2133 -29.65 50.17 -53.18
N GLY A 2134 -30.86 50.53 -53.59
CA GLY A 2134 -31.42 50.05 -54.85
C GLY A 2134 -31.39 51.07 -55.96
N ASN A 2135 -30.55 52.08 -55.82
CA ASN A 2135 -30.41 53.10 -56.85
C ASN A 2135 -29.06 52.93 -57.52
N PRO A 2136 -29.00 52.42 -58.75
CA PRO A 2136 -27.69 52.15 -59.37
C PRO A 2136 -27.01 53.34 -60.04
N ILE A 2137 -27.43 54.56 -59.75
CA ILE A 2137 -26.65 55.74 -60.11
C ILE A 2137 -25.64 55.96 -58.99
N VAL A 2138 -26.01 55.57 -57.79
CA VAL A 2138 -25.11 55.55 -56.64
C VAL A 2138 -23.99 54.56 -56.93
N PRO A 2139 -22.74 54.87 -56.56
CA PRO A 2139 -21.62 53.96 -56.85
C PRO A 2139 -21.75 52.59 -56.18
N LEU A 2140 -20.89 51.67 -56.65
CA LEU A 2140 -20.84 50.33 -56.07
C LEU A 2140 -20.27 50.37 -54.66
N ASN A 2141 -19.45 51.38 -54.35
CA ASN A 2141 -18.63 51.37 -53.15
C ASN A 2141 -19.48 51.50 -51.88
N ILE A 2142 -20.30 52.55 -51.80
CA ILE A 2142 -21.08 52.73 -50.58
C ILE A 2142 -22.29 51.81 -50.59
N ARG A 2143 -22.66 51.30 -51.77
CA ARG A 2143 -23.64 50.21 -51.84
C ARG A 2143 -23.12 48.97 -51.12
N LEU A 2144 -21.88 48.56 -51.44
CA LEU A 2144 -21.25 47.42 -50.77
C LEU A 2144 -21.05 47.71 -49.28
N PHE A 2145 -20.73 48.96 -48.95
CA PHE A 2145 -20.41 49.26 -47.55
C PHE A 2145 -21.66 49.29 -46.69
N LEU A 2146 -22.73 49.92 -47.17
CA LEU A 2146 -23.98 49.89 -46.42
C LEU A 2146 -24.61 48.51 -46.45
N ALA A 2147 -24.28 47.70 -47.47
CA ALA A 2147 -24.65 46.29 -47.44
C ALA A 2147 -23.97 45.56 -46.28
N LYS A 2148 -22.65 45.75 -46.13
CA LYS A 2148 -21.91 45.13 -45.02
C LYS A 2148 -22.36 45.69 -43.68
N LEU A 2149 -22.78 46.96 -43.65
CA LEU A 2149 -23.48 47.52 -42.50
C LEU A 2149 -24.69 46.66 -42.14
N VAL A 2150 -25.64 46.53 -43.07
CA VAL A 2150 -26.91 45.82 -42.83
C VAL A 2150 -26.67 44.36 -42.45
N ILE A 2151 -25.62 43.75 -43.02
CA ILE A 2151 -25.23 42.40 -42.65
C ILE A 2151 -24.70 42.37 -41.23
N ASN A 2152 -23.96 43.40 -40.82
CA ASN A 2152 -23.42 43.42 -39.47
C ASN A 2152 -24.49 43.70 -38.42
N THR A 2153 -25.41 44.61 -38.69
CA THR A 2153 -26.41 45.00 -37.69
C THR A 2153 -27.75 44.32 -37.98
N GLU A 2154 -27.83 43.06 -37.56
CA GLU A 2154 -28.98 42.25 -37.92
C GLU A 2154 -30.24 42.65 -37.16
N GLU A 2155 -30.13 43.25 -35.98
CA GLU A 2155 -31.29 43.45 -35.12
C GLU A 2155 -31.96 44.80 -35.34
N VAL A 2156 -31.22 45.80 -35.84
CA VAL A 2156 -31.86 46.98 -36.44
C VAL A 2156 -32.75 46.60 -37.61
N PHE A 2157 -32.37 45.58 -38.37
CA PHE A 2157 -33.16 45.15 -39.51
C PHE A 2157 -33.93 43.87 -39.27
N ARG A 2158 -33.97 43.34 -38.04
CA ARG A 2158 -34.76 42.14 -37.82
C ARG A 2158 -36.27 42.42 -37.76
N PRO A 2159 -36.79 43.48 -37.08
CA PRO A 2159 -38.20 43.79 -37.29
C PRO A 2159 -38.45 44.43 -38.65
N TYR A 2160 -37.57 45.34 -39.06
CA TYR A 2160 -37.75 46.11 -40.28
C TYR A 2160 -37.07 45.44 -41.47
N ALA A 2161 -37.64 44.34 -41.96
CA ALA A 2161 -37.00 43.57 -43.01
C ALA A 2161 -37.89 43.35 -44.23
N LYS A 2162 -39.18 43.71 -44.14
CA LYS A 2162 -40.15 43.26 -45.12
C LYS A 2162 -39.99 44.01 -46.44
N HIS A 2163 -39.58 45.28 -46.38
CA HIS A 2163 -39.25 46.06 -47.55
C HIS A 2163 -37.75 46.15 -47.78
N TRP A 2164 -36.97 45.20 -47.26
CA TRP A 2164 -35.52 45.22 -47.37
C TRP A 2164 -34.96 44.01 -48.08
N LEU A 2165 -35.52 43.60 -49.21
CA LEU A 2165 -35.05 42.44 -49.94
C LEU A 2165 -34.69 42.75 -51.39
N SER A 2166 -35.37 43.71 -52.01
CA SER A 2166 -35.05 44.11 -53.38
C SER A 2166 -33.65 44.72 -53.59
N PRO A 2167 -33.14 45.68 -52.80
CA PRO A 2167 -31.89 46.35 -53.21
C PRO A 2167 -30.66 45.48 -53.08
N LEU A 2168 -30.59 44.70 -52.00
CA LEU A 2168 -29.49 43.77 -51.82
C LEU A 2168 -29.51 42.66 -52.86
N LEU A 2169 -30.69 42.25 -53.32
CA LEU A 2169 -30.72 41.24 -54.38
C LEU A 2169 -30.36 41.85 -55.72
N GLN A 2170 -30.64 43.14 -55.91
CA GLN A 2170 -30.17 43.84 -57.10
C GLN A 2170 -28.65 43.87 -57.14
N LEU A 2171 -28.03 44.28 -56.02
CA LEU A 2171 -26.57 44.27 -55.89
C LEU A 2171 -26.00 42.86 -56.09
N ALA A 2172 -26.69 41.86 -55.55
CA ALA A 2172 -26.21 40.48 -55.64
C ALA A 2172 -26.24 39.97 -57.08
N ALA A 2173 -27.43 39.93 -57.69
CA ALA A 2173 -27.59 39.30 -58.99
C ALA A 2173 -27.13 40.17 -60.15
N SER A 2174 -26.78 41.43 -59.89
CA SER A 2174 -26.11 42.22 -60.92
C SER A 2174 -24.75 41.62 -61.24
N GLU A 2175 -24.33 41.76 -62.50
CA GLU A 2175 -23.08 41.14 -62.93
C GLU A 2175 -21.87 41.85 -62.32
N ASN A 2176 -21.82 43.18 -62.46
CA ASN A 2176 -20.79 43.97 -61.80
C ASN A 2176 -21.03 43.97 -60.30
N ASN A 2177 -20.19 43.22 -59.58
CA ASN A 2177 -20.36 43.12 -58.13
C ASN A 2177 -19.04 43.11 -57.37
N GLY A 2178 -17.98 43.69 -57.91
CA GLY A 2178 -16.72 43.78 -57.18
C GLY A 2178 -15.95 42.48 -57.11
N GLY A 2179 -16.40 41.46 -57.83
CA GLY A 2179 -15.75 40.17 -57.77
C GLY A 2179 -16.54 39.14 -58.54
N GLU A 2180 -15.85 38.28 -59.29
CA GLU A 2180 -16.49 37.30 -60.15
C GLU A 2180 -16.92 36.10 -59.31
N GLY A 2181 -17.85 35.32 -59.84
CA GLY A 2181 -18.31 34.11 -59.19
C GLY A 2181 -19.20 34.39 -57.99
N ILE A 2182 -19.57 33.34 -57.27
CA ILE A 2182 -20.37 33.49 -56.05
C ILE A 2182 -19.39 33.93 -54.96
N HIS A 2183 -19.23 35.24 -54.84
CA HIS A 2183 -18.19 35.75 -53.98
C HIS A 2183 -18.76 36.07 -52.60
N TYR A 2184 -17.84 36.48 -51.72
CA TYR A 2184 -18.07 36.58 -50.28
C TYR A 2184 -19.25 37.50 -49.95
N MET A 2185 -19.39 38.58 -50.71
CA MET A 2185 -20.50 39.52 -50.58
C MET A 2185 -21.84 38.83 -50.79
N VAL A 2186 -21.97 38.08 -51.88
CA VAL A 2186 -23.28 37.49 -52.16
C VAL A 2186 -23.52 36.30 -51.23
N VAL A 2187 -22.46 35.63 -50.78
CA VAL A 2187 -22.61 34.55 -49.79
C VAL A 2187 -23.11 35.10 -48.45
N GLU A 2188 -22.56 36.24 -48.01
CA GLU A 2188 -23.10 36.80 -46.78
C GLU A 2188 -24.46 37.44 -46.98
N ILE A 2189 -24.79 37.90 -48.20
CA ILE A 2189 -26.15 38.33 -48.49
C ILE A 2189 -27.14 37.18 -48.32
N VAL A 2190 -26.84 36.02 -48.89
CA VAL A 2190 -27.81 34.92 -48.80
C VAL A 2190 -27.84 34.34 -47.38
N ALA A 2191 -26.68 34.28 -46.71
CA ALA A 2191 -26.65 33.82 -45.32
C ALA A 2191 -27.31 34.82 -44.38
N THR A 2192 -27.42 36.08 -44.77
CA THR A 2192 -28.21 37.07 -44.06
C THR A 2192 -29.70 36.87 -44.30
N ILE A 2193 -30.10 36.81 -45.57
CA ILE A 2193 -31.53 36.95 -45.89
C ILE A 2193 -32.27 35.65 -45.64
N LEU A 2194 -31.55 34.52 -45.59
CA LEU A 2194 -32.26 33.28 -45.35
C LEU A 2194 -32.47 33.05 -43.86
N SER A 2195 -31.88 33.90 -43.02
CA SER A 2195 -32.21 33.90 -41.60
C SER A 2195 -33.39 34.82 -41.29
N TRP A 2196 -34.25 35.06 -42.27
CA TRP A 2196 -35.47 35.87 -42.14
C TRP A 2196 -36.74 35.07 -42.42
N THR A 2197 -36.83 33.83 -41.95
CA THR A 2197 -37.98 32.99 -42.25
C THR A 2197 -39.21 33.43 -41.47
N GLY A 2198 -40.38 33.26 -42.09
CA GLY A 2198 -41.65 33.68 -41.48
C GLY A 2198 -41.96 35.17 -41.48
N LEU A 2199 -40.99 36.01 -41.11
CA LEU A 2199 -41.21 37.45 -41.12
C LEU A 2199 -41.23 37.98 -42.54
N ALA A 2200 -40.46 37.39 -43.44
CA ALA A 2200 -40.29 37.90 -44.81
C ALA A 2200 -40.61 36.80 -45.81
N THR A 2201 -41.17 37.20 -46.94
CA THR A 2201 -41.64 36.35 -48.03
C THR A 2201 -41.52 37.09 -49.37
N PRO A 2202 -40.87 36.50 -50.37
CA PRO A 2202 -40.57 37.26 -51.60
C PRO A 2202 -41.66 37.26 -52.66
N THR A 2203 -42.58 36.31 -52.64
CA THR A 2203 -43.49 36.14 -53.77
C THR A 2203 -44.60 37.18 -53.82
N GLY A 2204 -44.72 38.11 -52.88
CA GLY A 2204 -45.74 39.13 -52.89
C GLY A 2204 -45.59 40.18 -53.97
N VAL A 2205 -44.44 40.24 -54.63
CA VAL A 2205 -44.25 41.05 -55.83
C VAL A 2205 -43.49 40.23 -56.86
N PRO A 2206 -43.87 40.38 -58.14
CA PRO A 2206 -43.16 39.63 -59.19
C PRO A 2206 -41.77 40.15 -59.49
N LYS A 2207 -41.46 41.39 -59.10
CA LYS A 2207 -40.10 41.89 -59.26
C LYS A 2207 -39.12 41.13 -58.39
N ASP A 2208 -39.56 40.73 -57.18
CA ASP A 2208 -38.71 39.91 -56.34
C ASP A 2208 -38.58 38.50 -56.92
N GLU A 2209 -39.60 38.05 -57.64
CA GLU A 2209 -39.54 36.74 -58.29
C GLU A 2209 -38.53 36.73 -59.43
N VAL A 2210 -38.54 37.77 -60.27
CA VAL A 2210 -37.59 37.78 -61.39
C VAL A 2210 -36.18 38.10 -60.89
N LEU A 2211 -36.06 38.84 -59.78
CA LEU A 2211 -34.75 39.03 -59.18
C LEU A 2211 -34.24 37.74 -58.54
N ALA A 2212 -35.14 36.92 -57.99
CA ALA A 2212 -34.71 35.64 -57.44
C ALA A 2212 -34.32 34.66 -58.55
N ASN A 2213 -35.04 34.71 -59.67
CA ASN A 2213 -34.64 33.93 -60.84
C ASN A 2213 -33.28 34.36 -61.37
N ARG A 2214 -33.04 35.68 -61.41
CA ARG A 2214 -31.73 36.19 -61.81
C ARG A 2214 -30.64 35.78 -60.82
N LEU A 2215 -30.97 35.77 -59.53
CA LEU A 2215 -30.04 35.40 -58.50
C LEU A 2215 -29.61 33.94 -58.62
N LEU A 2216 -30.59 33.04 -58.73
CA LEU A 2216 -30.26 31.63 -58.90
C LEU A 2216 -29.66 31.35 -60.27
N ASN A 2217 -29.96 32.17 -61.28
CA ASN A 2217 -29.36 31.97 -62.60
C ASN A 2217 -27.88 32.29 -62.58
N PHE A 2218 -27.50 33.40 -61.95
CA PHE A 2218 -26.09 33.72 -61.82
C PHE A 2218 -25.37 32.73 -60.91
N LEU A 2219 -26.07 32.26 -59.87
CA LEU A 2219 -25.58 31.16 -59.03
C LEU A 2219 -25.27 29.94 -59.87
N MET A 2220 -26.21 29.54 -60.72
CA MET A 2220 -26.01 28.43 -61.65
C MET A 2220 -24.83 28.66 -62.58
N LYS A 2221 -24.64 29.90 -63.02
CA LYS A 2221 -23.47 30.22 -63.85
C LYS A 2221 -22.17 30.00 -63.10
N HIS A 2222 -22.16 30.20 -61.78
CA HIS A 2222 -20.93 30.02 -61.02
C HIS A 2222 -21.14 29.16 -59.77
N VAL A 2223 -21.02 27.83 -59.92
CA VAL A 2223 -20.98 26.91 -58.77
C VAL A 2223 -19.89 25.86 -58.87
N PHE A 2224 -19.03 25.91 -59.88
CA PHE A 2224 -18.09 24.80 -60.03
C PHE A 2224 -16.96 24.86 -59.01
N HIS A 2225 -16.08 25.85 -59.16
CA HIS A 2225 -14.95 26.21 -58.30
C HIS A 2225 -14.14 25.02 -57.81
N PRO A 2226 -13.18 24.53 -58.63
CA PRO A 2226 -12.65 23.14 -58.58
C PRO A 2226 -12.47 22.43 -57.24
N LYS A 2227 -11.95 23.12 -56.22
CA LYS A 2227 -11.68 22.46 -54.96
C LYS A 2227 -12.98 22.09 -54.25
N ARG A 2228 -12.91 21.02 -53.46
CA ARG A 2228 -14.09 20.26 -53.08
C ARG A 2228 -14.95 20.96 -52.03
N ALA A 2229 -14.32 21.57 -51.03
CA ALA A 2229 -15.06 22.05 -49.87
C ALA A 2229 -15.89 23.28 -50.22
N VAL A 2230 -15.34 24.19 -51.02
CA VAL A 2230 -16.12 25.34 -51.44
C VAL A 2230 -17.16 24.93 -52.47
N PHE A 2231 -16.94 23.80 -53.17
CA PHE A 2231 -17.94 23.29 -54.10
C PHE A 2231 -19.16 22.78 -53.36
N ARG A 2232 -18.92 22.02 -52.30
CA ARG A 2232 -20.03 21.58 -51.45
C ARG A 2232 -20.69 22.76 -50.77
N HIS A 2233 -19.92 23.80 -50.46
CA HIS A 2233 -20.51 25.03 -49.94
C HIS A 2233 -21.41 25.71 -50.95
N ASN A 2234 -21.01 25.71 -52.22
CA ASN A 2234 -21.84 26.26 -53.30
C ASN A 2234 -23.16 25.54 -53.39
N LEU A 2235 -23.11 24.20 -53.42
CA LEU A 2235 -24.33 23.40 -53.48
C LEU A 2235 -25.16 23.56 -52.21
N GLU A 2236 -24.52 23.82 -51.08
CA GLU A 2236 -25.26 24.10 -49.85
C GLU A 2236 -26.03 25.40 -49.95
N ILE A 2237 -25.41 26.43 -50.52
CA ILE A 2237 -26.08 27.72 -50.71
C ILE A 2237 -27.29 27.56 -51.64
N ILE A 2238 -27.10 26.79 -52.73
CA ILE A 2238 -28.18 26.50 -53.67
C ILE A 2238 -29.33 25.79 -52.98
N LYS A 2239 -29.02 24.76 -52.19
CA LYS A 2239 -30.03 23.99 -51.46
C LYS A 2239 -30.78 24.85 -50.45
N THR A 2240 -30.07 25.75 -49.77
CA THR A 2240 -30.71 26.59 -48.77
C THR A 2240 -31.67 27.57 -49.41
N LEU A 2241 -31.30 28.14 -50.56
CA LEU A 2241 -32.20 29.04 -51.27
C LEU A 2241 -33.46 28.30 -51.73
N VAL A 2242 -33.29 27.14 -52.38
CA VAL A 2242 -34.47 26.42 -52.86
C VAL A 2242 -35.14 25.58 -51.78
N GLU A 2243 -34.71 25.66 -50.53
CA GLU A 2243 -35.56 25.12 -49.49
C GLU A 2243 -36.13 26.19 -48.56
N CYS A 2244 -35.59 27.40 -48.59
CA CYS A 2244 -36.24 28.48 -47.86
C CYS A 2244 -37.30 29.15 -48.73
N TRP A 2245 -36.89 29.74 -49.85
CA TRP A 2245 -37.83 30.59 -50.58
C TRP A 2245 -38.76 29.76 -51.46
N LYS A 2246 -38.21 29.14 -52.52
CA LYS A 2246 -38.75 28.06 -53.35
C LYS A 2246 -40.19 28.23 -53.88
N ASP A 2247 -40.76 29.44 -53.79
CA ASP A 2247 -42.12 29.67 -54.24
C ASP A 2247 -42.18 30.69 -55.36
N CYS A 2248 -41.57 31.86 -55.19
CA CYS A 2248 -41.38 32.78 -56.31
C CYS A 2248 -40.30 32.29 -57.25
N LEU A 2249 -39.50 31.32 -56.84
CA LEU A 2249 -38.35 30.81 -57.60
C LEU A 2249 -38.82 29.70 -58.54
N SER A 2250 -39.75 30.07 -59.42
CA SER A 2250 -40.30 29.15 -60.41
C SER A 2250 -39.19 28.77 -61.38
N ILE A 2251 -38.97 27.47 -61.50
CA ILE A 2251 -37.66 26.90 -61.79
C ILE A 2251 -37.10 27.30 -63.15
N PRO A 2252 -35.95 27.93 -63.18
CA PRO A 2252 -35.25 28.13 -64.44
C PRO A 2252 -34.62 26.85 -64.96
N TYR A 2253 -35.36 26.10 -65.77
CA TYR A 2253 -34.80 25.04 -66.59
C TYR A 2253 -34.09 25.66 -67.80
N ARG A 2254 -33.81 24.83 -68.81
CA ARG A 2254 -33.22 25.17 -70.12
C ARG A 2254 -31.77 25.67 -69.99
N LEU A 2255 -31.22 25.52 -68.80
CA LEU A 2255 -29.84 25.85 -68.50
C LEU A 2255 -29.07 24.68 -67.90
N ILE A 2256 -29.78 23.71 -67.30
CA ILE A 2256 -29.10 22.53 -66.79
C ILE A 2256 -28.71 21.61 -67.94
N PHE A 2257 -29.42 21.73 -69.07
CA PHE A 2257 -29.09 21.00 -70.29
C PHE A 2257 -27.69 21.37 -70.77
N GLU A 2258 -27.31 22.64 -70.58
CA GLU A 2258 -25.97 23.10 -70.96
C GLU A 2258 -24.89 22.47 -70.11
N LYS A 2259 -25.22 22.07 -68.87
CA LYS A 2259 -24.23 21.38 -68.06
C LYS A 2259 -24.15 19.89 -68.36
N PHE A 2260 -25.26 19.16 -68.26
CA PHE A 2260 -25.15 17.71 -68.39
C PHE A 2260 -25.16 17.24 -69.84
N SER A 2261 -25.25 18.16 -70.80
CA SER A 2261 -25.26 17.77 -72.21
C SER A 2261 -23.88 17.81 -72.82
N GLY A 2262 -22.84 17.71 -71.98
CA GLY A 2262 -21.49 17.76 -72.48
C GLY A 2262 -21.00 16.41 -72.95
N LYS A 2263 -21.03 16.21 -74.26
CA LYS A 2263 -20.44 15.03 -74.90
C LYS A 2263 -18.92 15.17 -74.87
N ASP A 2264 -18.37 14.86 -73.71
CA ASP A 2264 -16.98 14.48 -73.59
C ASP A 2264 -16.93 13.25 -72.68
N PRO A 2265 -16.86 12.06 -73.24
CA PRO A 2265 -16.88 10.87 -72.38
C PRO A 2265 -15.52 10.49 -71.83
N ASN A 2266 -14.77 11.49 -71.35
CA ASN A 2266 -13.55 11.27 -70.59
C ASN A 2266 -13.34 12.31 -69.48
N SER A 2267 -14.40 12.92 -68.97
CA SER A 2267 -14.28 14.01 -68.00
C SER A 2267 -15.35 13.89 -66.93
N LYS A 2268 -15.38 14.87 -66.04
CA LYS A 2268 -16.39 14.97 -64.98
C LYS A 2268 -17.04 16.35 -64.93
N ASP A 2269 -17.05 17.08 -66.04
CA ASP A 2269 -17.62 18.42 -66.03
C ASP A 2269 -19.15 18.37 -66.03
N ASN A 2270 -19.73 17.23 -66.41
CA ASN A 2270 -21.17 17.15 -66.59
C ASN A 2270 -21.91 17.07 -65.27
N SER A 2271 -21.19 16.82 -64.17
CA SER A 2271 -21.81 16.34 -62.94
C SER A 2271 -22.59 17.42 -62.22
N VAL A 2272 -22.17 18.68 -62.37
CA VAL A 2272 -22.72 19.77 -61.56
C VAL A 2272 -24.20 19.99 -61.90
N GLY A 2273 -24.54 19.85 -63.18
CA GLY A 2273 -25.94 19.89 -63.56
C GLY A 2273 -26.74 18.72 -62.99
N ILE A 2274 -26.09 17.57 -62.81
CA ILE A 2274 -26.79 16.41 -62.27
C ILE A 2274 -27.07 16.59 -60.79
N GLN A 2275 -26.07 17.09 -60.04
CA GLN A 2275 -26.30 17.32 -58.62
C GLN A 2275 -27.31 18.45 -58.41
N LEU A 2276 -27.24 19.50 -59.23
CA LEU A 2276 -28.27 20.54 -59.24
C LEU A 2276 -29.63 19.96 -59.57
N LEU A 2277 -29.66 18.96 -60.46
CA LEU A 2277 -30.93 18.35 -60.85
C LEU A 2277 -31.54 17.59 -59.69
N GLY A 2278 -30.68 16.93 -58.90
CA GLY A 2278 -31.16 16.30 -57.68
C GLY A 2278 -31.70 17.31 -56.68
N ILE A 2279 -31.01 18.45 -56.58
CA ILE A 2279 -31.42 19.53 -55.67
C ILE A 2279 -32.80 20.05 -56.03
N VAL A 2280 -33.02 20.34 -57.32
CA VAL A 2280 -34.30 20.93 -57.73
C VAL A 2280 -35.40 19.87 -57.69
N MET A 2281 -35.03 18.62 -57.96
CA MET A 2281 -36.08 17.63 -58.07
C MET A 2281 -36.60 17.16 -56.72
N ALA A 2282 -35.72 16.77 -55.81
CA ALA A 2282 -36.19 15.97 -54.69
C ALA A 2282 -36.84 16.80 -53.58
N ASN A 2283 -37.19 18.05 -53.85
CA ASN A 2283 -38.20 18.72 -53.03
C ASN A 2283 -39.60 18.24 -53.42
N ASP A 2284 -40.06 18.64 -54.61
CA ASP A 2284 -41.25 18.07 -55.22
C ASP A 2284 -41.12 18.04 -56.74
N LEU A 2285 -40.21 18.85 -57.25
CA LEU A 2285 -40.47 19.50 -58.53
C LEU A 2285 -40.00 18.66 -59.71
N PRO A 2286 -40.72 18.64 -60.83
CA PRO A 2286 -40.31 17.83 -61.96
C PRO A 2286 -39.47 18.61 -62.95
N PRO A 2287 -38.52 17.98 -63.62
CA PRO A 2287 -37.82 18.62 -64.74
C PRO A 2287 -38.64 18.52 -66.02
N TYR A 2288 -38.12 19.18 -67.06
CA TYR A 2288 -38.77 19.36 -68.36
C TYR A 2288 -40.17 19.98 -68.20
N ASP A 2289 -40.16 21.26 -67.84
CA ASP A 2289 -41.35 22.08 -67.94
C ASP A 2289 -41.76 22.17 -69.41
N PRO A 2290 -43.06 22.34 -69.70
CA PRO A 2290 -43.47 22.50 -71.11
C PRO A 2290 -42.95 23.77 -71.79
N GLN A 2291 -42.53 24.76 -71.01
CA GLN A 2291 -42.13 26.04 -71.58
C GLN A 2291 -40.74 25.99 -72.23
N CYS A 2292 -39.79 25.29 -71.64
CA CYS A 2292 -38.43 25.28 -72.15
C CYS A 2292 -38.36 24.43 -73.41
N GLY A 2293 -37.93 25.04 -74.51
CA GLY A 2293 -37.95 24.41 -75.81
C GLY A 2293 -36.76 23.51 -76.10
N ILE A 2294 -36.77 22.30 -75.52
CA ILE A 2294 -35.58 21.46 -75.49
C ILE A 2294 -35.73 20.22 -76.37
N GLN A 2295 -36.96 19.90 -76.84
CA GLN A 2295 -37.28 18.65 -77.55
C GLN A 2295 -36.96 17.44 -76.68
N SER A 2296 -37.87 17.15 -75.72
CA SER A 2296 -37.80 16.24 -74.59
C SER A 2296 -37.00 14.96 -74.75
N SER A 2297 -37.13 14.32 -75.91
CA SER A 2297 -36.39 13.08 -76.19
C SER A 2297 -34.88 13.30 -76.09
N GLU A 2298 -34.40 14.40 -76.67
CA GLU A 2298 -32.99 14.73 -76.57
C GLU A 2298 -32.62 15.12 -75.15
N TYR A 2299 -33.50 15.88 -74.49
CA TYR A 2299 -33.27 16.35 -73.12
C TYR A 2299 -33.12 15.21 -72.13
N PHE A 2300 -33.90 14.14 -72.28
CA PHE A 2300 -33.80 12.98 -71.42
C PHE A 2300 -32.78 11.97 -71.91
N GLN A 2301 -32.53 11.91 -73.22
CA GLN A 2301 -31.57 10.96 -73.76
C GLN A 2301 -30.15 11.34 -73.36
N ALA A 2302 -29.82 12.64 -73.41
CA ALA A 2302 -28.49 13.05 -73.00
C ALA A 2302 -28.31 12.91 -71.49
N LEU A 2303 -29.41 13.01 -70.73
CA LEU A 2303 -29.34 12.79 -69.29
C LEU A 2303 -29.12 11.31 -68.99
N VAL A 2304 -29.77 10.42 -69.75
CA VAL A 2304 -29.74 9.02 -69.41
C VAL A 2304 -28.52 8.33 -70.02
N ASN A 2305 -27.82 8.98 -70.94
CA ASN A 2305 -26.61 8.38 -71.50
C ASN A 2305 -25.45 8.43 -70.51
N ASN A 2306 -25.60 9.14 -69.39
CA ASN A 2306 -24.47 9.50 -68.54
C ASN A 2306 -23.91 8.31 -67.76
N MET A 2307 -24.47 7.11 -67.91
CA MET A 2307 -24.02 5.99 -67.09
C MET A 2307 -23.03 5.11 -67.82
N SER A 2308 -22.75 5.37 -69.10
CA SER A 2308 -21.59 4.75 -69.73
C SER A 2308 -20.35 5.61 -69.52
N PHE A 2309 -20.47 6.70 -68.76
CA PHE A 2309 -19.36 7.61 -68.47
C PHE A 2309 -18.51 7.02 -67.35
N VAL A 2310 -17.94 5.85 -67.62
CA VAL A 2310 -17.31 5.11 -66.54
C VAL A 2310 -15.84 5.50 -66.44
N ARG A 2311 -15.59 6.69 -65.90
CA ARG A 2311 -14.25 7.11 -65.52
C ARG A 2311 -14.27 7.57 -64.07
N TYR A 2312 -15.23 8.43 -63.76
CA TYR A 2312 -15.42 8.96 -62.42
C TYR A 2312 -16.79 8.54 -61.93
N LYS A 2313 -16.91 8.24 -60.63
CA LYS A 2313 -18.18 7.77 -60.10
C LYS A 2313 -19.17 8.91 -59.97
N GLU A 2314 -18.66 10.14 -59.87
CA GLU A 2314 -19.45 11.31 -59.50
C GLU A 2314 -20.50 11.65 -60.54
N VAL A 2315 -20.34 11.18 -61.77
CA VAL A 2315 -21.31 11.40 -62.82
C VAL A 2315 -22.38 10.31 -62.83
N TYR A 2316 -21.98 9.05 -62.91
CA TYR A 2316 -22.97 8.01 -63.18
C TYR A 2316 -23.69 7.52 -61.93
N ALA A 2317 -23.02 7.54 -60.77
CA ALA A 2317 -23.70 7.20 -59.52
C ALA A 2317 -24.82 8.18 -59.22
N ALA A 2318 -24.48 9.47 -59.26
CA ALA A 2318 -25.47 10.54 -59.13
C ALA A 2318 -26.52 10.49 -60.23
N ALA A 2319 -26.14 10.10 -61.45
CA ALA A 2319 -27.08 10.06 -62.55
C ALA A 2319 -28.15 9.00 -62.32
N ALA A 2320 -27.74 7.77 -61.99
CA ALA A 2320 -28.73 6.73 -61.73
C ALA A 2320 -29.54 7.02 -60.49
N GLU A 2321 -28.90 7.65 -59.48
CA GLU A 2321 -29.60 8.03 -58.26
C GLU A 2321 -30.66 9.10 -58.50
N VAL A 2322 -30.47 9.98 -59.49
CA VAL A 2322 -31.51 10.97 -59.73
C VAL A 2322 -32.54 10.47 -60.74
N LEU A 2323 -32.20 9.52 -61.60
CA LEU A 2323 -33.24 8.91 -62.43
C LEU A 2323 -34.19 8.07 -61.60
N GLY A 2324 -33.71 7.49 -60.49
CA GLY A 2324 -34.62 6.83 -59.57
C GLY A 2324 -35.63 7.80 -59.00
N LEU A 2325 -35.18 9.01 -58.66
CA LEU A 2325 -36.09 10.04 -58.18
C LEU A 2325 -37.03 10.52 -59.28
N ILE A 2326 -36.54 10.53 -60.53
CA ILE A 2326 -37.37 10.88 -61.67
C ILE A 2326 -38.54 9.91 -61.79
N LEU A 2327 -38.23 8.62 -61.84
CA LEU A 2327 -39.25 7.59 -61.96
C LEU A 2327 -40.20 7.60 -60.76
N ARG A 2328 -39.67 7.87 -59.56
CA ARG A 2328 -40.52 7.90 -58.38
C ARG A 2328 -41.51 9.05 -58.43
N TYR A 2329 -41.05 10.26 -58.74
CA TYR A 2329 -42.01 11.36 -58.81
C TYR A 2329 -42.95 11.27 -59.99
N VAL A 2330 -42.50 10.72 -61.12
CA VAL A 2330 -43.39 10.70 -62.27
C VAL A 2330 -44.33 9.48 -62.20
N MET A 2331 -44.14 8.57 -61.24
CA MET A 2331 -45.11 7.49 -61.14
C MET A 2331 -45.89 7.49 -59.82
N GLU A 2332 -45.52 8.33 -58.86
CA GLU A 2332 -46.43 8.54 -57.72
C GLU A 2332 -47.69 9.25 -58.19
N ARG A 2333 -47.55 10.31 -58.98
CA ARG A 2333 -48.66 10.93 -59.66
C ARG A 2333 -48.60 10.57 -61.13
N LYS A 2334 -49.74 10.68 -61.82
CA LYS A 2334 -49.82 10.21 -63.19
C LYS A 2334 -49.14 11.18 -64.15
N ASN A 2335 -48.62 10.65 -65.27
CA ASN A 2335 -48.08 11.48 -66.34
C ASN A 2335 -48.04 10.67 -67.63
N ILE A 2336 -48.18 11.38 -68.75
CA ILE A 2336 -47.98 10.78 -70.07
C ILE A 2336 -46.50 10.44 -70.30
N LEU A 2337 -45.60 11.29 -69.84
CA LEU A 2337 -44.16 11.19 -70.10
C LEU A 2337 -43.46 10.13 -69.27
N GLU A 2338 -44.18 9.20 -68.65
CA GLU A 2338 -43.52 8.23 -67.78
C GLU A 2338 -42.78 7.18 -68.59
N GLU A 2339 -43.52 6.45 -69.42
CA GLU A 2339 -42.97 5.23 -70.04
C GLU A 2339 -41.94 5.56 -71.10
N SER A 2340 -42.06 6.74 -71.73
CA SER A 2340 -41.05 7.24 -72.66
C SER A 2340 -39.68 7.38 -72.01
N LEU A 2341 -39.62 7.56 -70.70
CA LEU A 2341 -38.36 7.57 -69.98
C LEU A 2341 -38.07 6.25 -69.29
N CYS A 2342 -39.11 5.53 -68.84
CA CYS A 2342 -38.88 4.27 -68.15
C CYS A 2342 -38.29 3.22 -69.08
N GLU A 2343 -38.87 3.06 -70.26
CA GLU A 2343 -38.31 2.11 -71.22
C GLU A 2343 -37.01 2.64 -71.81
N LEU A 2344 -36.80 3.95 -71.75
CA LEU A 2344 -35.52 4.53 -72.15
C LEU A 2344 -34.39 4.12 -71.21
N VAL A 2345 -34.58 4.32 -69.90
CA VAL A 2345 -33.54 3.96 -68.94
C VAL A 2345 -33.42 2.44 -68.84
N ALA A 2346 -34.51 1.71 -69.14
CA ALA A 2346 -34.43 0.27 -69.29
C ALA A 2346 -33.53 -0.12 -70.45
N LYS A 2347 -33.64 0.60 -71.57
CA LYS A 2347 -32.81 0.33 -72.74
C LYS A 2347 -31.34 0.66 -72.49
N GLN A 2348 -31.10 1.75 -71.77
CA GLN A 2348 -29.74 2.16 -71.43
C GLN A 2348 -29.07 1.12 -70.53
N LEU A 2349 -29.78 0.67 -69.50
CA LEU A 2349 -29.28 -0.45 -68.69
C LEU A 2349 -29.13 -1.72 -69.50
N LYS A 2350 -30.01 -1.94 -70.48
CA LYS A 2350 -29.98 -3.14 -71.29
C LYS A 2350 -28.72 -3.19 -72.13
N GLN A 2351 -28.29 -2.04 -72.65
CA GLN A 2351 -27.06 -2.02 -73.42
C GLN A 2351 -25.82 -1.99 -72.53
N HIS A 2352 -25.83 -1.23 -71.44
CA HIS A 2352 -24.64 -1.11 -70.61
C HIS A 2352 -24.41 -2.32 -69.70
N GLN A 2353 -25.42 -3.19 -69.55
CA GLN A 2353 -25.34 -4.29 -68.60
C GLN A 2353 -24.46 -5.43 -69.07
N ASN A 2354 -24.10 -5.48 -70.35
CA ASN A 2354 -23.54 -6.68 -70.95
C ASN A 2354 -22.03 -6.70 -70.98
N THR A 2355 -21.37 -5.55 -71.00
CA THR A 2355 -19.92 -5.49 -70.95
C THR A 2355 -19.40 -5.29 -69.53
N MET A 2356 -19.90 -4.27 -68.83
CA MET A 2356 -19.48 -4.00 -67.47
C MET A 2356 -20.64 -4.27 -66.53
N GLU A 2357 -20.39 -5.13 -65.53
CA GLU A 2357 -21.43 -5.64 -64.65
C GLU A 2357 -21.52 -4.89 -63.33
N ASP A 2358 -20.40 -4.47 -62.77
CA ASP A 2358 -20.40 -3.69 -61.54
C ASP A 2358 -21.03 -2.33 -61.78
N LYS A 2359 -20.85 -1.79 -62.98
CA LYS A 2359 -21.49 -0.53 -63.33
C LYS A 2359 -23.00 -0.69 -63.41
N PHE A 2360 -23.47 -1.78 -64.03
CA PHE A 2360 -24.87 -2.16 -64.06
C PHE A 2360 -25.45 -2.33 -62.67
N ILE A 2361 -24.70 -2.98 -61.78
CA ILE A 2361 -25.24 -3.28 -60.46
C ILE A 2361 -25.22 -2.04 -59.56
N VAL A 2362 -24.26 -1.13 -59.76
CA VAL A 2362 -24.22 0.11 -58.99
C VAL A 2362 -25.32 1.04 -59.46
N CYS A 2363 -25.55 1.08 -60.78
CA CYS A 2363 -26.64 1.87 -61.35
C CYS A 2363 -28.00 1.36 -60.89
N LEU A 2364 -28.19 0.04 -60.86
CA LEU A 2364 -29.45 -0.52 -60.42
C LEU A 2364 -29.66 -0.30 -58.94
N ASN A 2365 -28.58 -0.34 -58.15
CA ASN A 2365 -28.63 -0.01 -56.74
C ASN A 2365 -29.11 1.43 -56.54
N LYS A 2366 -28.53 2.36 -57.30
CA LYS A 2366 -28.89 3.78 -57.15
C LYS A 2366 -30.32 4.06 -57.59
N VAL A 2367 -30.80 3.37 -58.63
CA VAL A 2367 -32.20 3.54 -59.02
C VAL A 2367 -33.13 2.96 -57.96
N THR A 2368 -32.80 1.79 -57.43
CA THR A 2368 -33.66 1.15 -56.46
C THR A 2368 -33.61 1.81 -55.09
N LYS A 2369 -32.67 2.74 -54.88
CA LYS A 2369 -32.77 3.62 -53.72
C LYS A 2369 -34.06 4.43 -53.69
N SER A 2370 -34.54 4.91 -54.84
CA SER A 2370 -35.75 5.74 -54.85
C SER A 2370 -36.93 5.14 -55.58
N PHE A 2371 -36.75 4.49 -56.73
CA PHE A 2371 -37.84 3.81 -57.44
C PHE A 2371 -37.47 2.34 -57.47
N PRO A 2372 -38.18 1.51 -56.72
CA PRO A 2372 -37.81 0.08 -56.60
C PRO A 2372 -37.96 -0.73 -57.88
N PRO A 2373 -39.16 -0.80 -58.53
CA PRO A 2373 -39.50 -2.03 -59.27
C PRO A 2373 -38.73 -2.30 -60.55
N LEU A 2374 -37.80 -1.43 -60.94
CA LEU A 2374 -37.00 -1.63 -62.16
C LEU A 2374 -36.09 -2.84 -62.06
N ALA A 2375 -35.78 -3.27 -60.85
CA ALA A 2375 -34.90 -4.40 -60.63
C ALA A 2375 -35.49 -5.73 -61.07
N ASP A 2376 -36.83 -5.87 -61.09
CA ASP A 2376 -37.47 -7.15 -61.39
C ASP A 2376 -37.17 -7.64 -62.80
N ARG A 2377 -36.98 -6.72 -63.74
CA ARG A 2377 -36.59 -7.14 -65.07
C ARG A 2377 -35.09 -7.41 -65.19
N PHE A 2378 -34.33 -7.23 -64.12
CA PHE A 2378 -32.92 -7.59 -64.09
C PHE A 2378 -32.55 -8.49 -62.93
N MET A 2379 -33.43 -8.66 -61.93
CA MET A 2379 -33.07 -9.42 -60.73
C MET A 2379 -32.86 -10.89 -61.04
N ASN A 2380 -33.49 -11.39 -62.10
CA ASN A 2380 -33.22 -12.72 -62.58
C ASN A 2380 -31.79 -12.82 -63.11
N ALA A 2381 -31.31 -11.75 -63.75
CA ALA A 2381 -29.90 -11.68 -64.11
C ALA A 2381 -29.04 -11.39 -62.89
N VAL A 2382 -29.59 -10.72 -61.87
CA VAL A 2382 -28.83 -10.59 -60.62
C VAL A 2382 -28.81 -11.93 -59.90
N PHE A 2383 -29.87 -12.74 -60.07
CA PHE A 2383 -29.80 -14.14 -59.64
C PHE A 2383 -28.76 -14.90 -60.44
N PHE A 2384 -28.57 -14.56 -61.71
CA PHE A 2384 -27.56 -15.19 -62.54
C PHE A 2384 -26.16 -14.86 -62.04
N LEU A 2385 -25.92 -13.59 -61.71
CA LEU A 2385 -24.59 -13.14 -61.33
C LEU A 2385 -24.37 -13.08 -59.81
N LEU A 2386 -25.29 -13.63 -59.02
CA LEU A 2386 -25.10 -13.73 -57.58
C LEU A 2386 -23.81 -14.41 -57.11
N PRO A 2387 -23.27 -15.45 -57.76
CA PRO A 2387 -21.89 -15.84 -57.41
C PRO A 2387 -20.82 -15.16 -58.24
N LYS A 2388 -21.15 -14.16 -59.05
CA LYS A 2388 -20.13 -13.58 -59.91
C LYS A 2388 -19.37 -12.47 -59.19
N PHE A 2389 -19.89 -11.97 -58.08
CA PHE A 2389 -19.21 -10.92 -57.35
C PHE A 2389 -18.83 -11.40 -55.93
N HIS A 2390 -17.73 -10.83 -55.43
CA HIS A 2390 -17.24 -11.07 -54.07
C HIS A 2390 -16.53 -9.82 -53.60
N GLY A 2391 -17.04 -9.18 -52.54
CA GLY A 2391 -16.38 -8.07 -51.90
C GLY A 2391 -17.33 -6.93 -51.65
N VAL A 2392 -16.85 -5.72 -51.98
CA VAL A 2392 -17.59 -4.49 -51.75
C VAL A 2392 -18.83 -4.41 -52.64
N LEU A 2393 -18.76 -4.96 -53.86
CA LEU A 2393 -19.92 -4.97 -54.74
C LEU A 2393 -21.03 -5.86 -54.20
N LYS A 2394 -20.69 -6.83 -53.35
CA LYS A 2394 -21.67 -7.80 -52.89
C LYS A 2394 -22.70 -7.20 -51.97
N THR A 2395 -22.35 -6.14 -51.24
CA THR A 2395 -23.33 -5.50 -50.37
C THR A 2395 -24.42 -4.84 -51.19
N LEU A 2396 -24.03 -4.18 -52.30
CA LEU A 2396 -25.03 -3.60 -53.17
C LEU A 2396 -25.77 -4.67 -53.97
N CYS A 2397 -25.07 -5.78 -54.25
CA CYS A 2397 -25.68 -6.93 -54.90
C CYS A 2397 -26.80 -7.50 -54.06
N LEU A 2398 -26.58 -7.62 -52.75
CA LEU A 2398 -27.62 -8.12 -51.88
C LEU A 2398 -28.65 -7.03 -51.56
N GLU A 2399 -28.27 -5.77 -51.70
CA GLU A 2399 -29.20 -4.69 -51.39
C GLU A 2399 -30.26 -4.56 -52.46
N VAL A 2400 -29.90 -4.81 -53.73
CA VAL A 2400 -30.92 -4.82 -54.77
C VAL A 2400 -31.82 -6.04 -54.64
N VAL A 2401 -31.36 -7.10 -53.98
CA VAL A 2401 -32.27 -8.20 -53.61
C VAL A 2401 -33.23 -7.74 -52.54
N LEU A 2402 -32.70 -7.03 -51.54
CA LEU A 2402 -33.52 -6.51 -50.44
C LEU A 2402 -34.60 -5.54 -50.93
N CYS A 2403 -34.31 -4.85 -52.04
CA CYS A 2403 -35.28 -3.96 -52.69
C CYS A 2403 -36.59 -4.67 -53.01
N ARG A 2404 -36.53 -5.85 -53.61
CA ARG A 2404 -37.74 -6.58 -53.99
C ARG A 2404 -37.74 -7.94 -53.29
N VAL A 2405 -38.37 -7.96 -52.11
CA VAL A 2405 -38.65 -9.17 -51.34
C VAL A 2405 -40.14 -9.29 -51.01
N GLU A 2406 -40.79 -8.17 -50.69
CA GLU A 2406 -42.16 -8.20 -50.18
C GLU A 2406 -43.18 -8.57 -51.25
N GLY A 2407 -42.86 -8.34 -52.52
CA GLY A 2407 -43.74 -8.76 -53.57
C GLY A 2407 -43.42 -10.16 -54.03
N MET A 2408 -42.20 -10.59 -53.74
CA MET A 2408 -41.70 -11.86 -54.22
C MET A 2408 -42.44 -13.03 -53.55
N THR A 2409 -42.39 -14.19 -54.19
CA THR A 2409 -43.09 -15.36 -53.68
C THR A 2409 -42.17 -16.50 -53.26
N GLU A 2410 -41.33 -17.05 -54.13
CA GLU A 2410 -40.59 -18.24 -53.72
C GLU A 2410 -39.28 -17.85 -53.03
N LEU A 2411 -38.33 -17.31 -53.78
CA LEU A 2411 -37.25 -16.41 -53.34
C LEU A 2411 -36.24 -17.02 -52.37
N TYR A 2412 -36.64 -18.04 -51.65
CA TYR A 2412 -35.81 -18.68 -50.66
C TYR A 2412 -35.13 -19.89 -51.27
N PHE A 2413 -35.79 -20.54 -52.23
CA PHE A 2413 -35.13 -21.54 -53.05
C PHE A 2413 -33.96 -20.94 -53.81
N GLN A 2414 -34.12 -19.71 -54.30
CA GLN A 2414 -33.06 -19.09 -55.07
C GLN A 2414 -31.95 -18.59 -54.16
N LEU A 2415 -32.32 -17.93 -53.04
CA LEU A 2415 -31.32 -17.48 -52.08
C LEU A 2415 -30.61 -18.66 -51.42
N LYS A 2416 -31.30 -19.80 -51.31
CA LYS A 2416 -30.70 -21.02 -50.80
C LYS A 2416 -29.74 -21.63 -51.81
N SER A 2417 -30.19 -21.70 -53.08
CA SER A 2417 -29.38 -22.30 -54.13
C SER A 2417 -28.15 -21.49 -54.46
N LYS A 2418 -28.14 -20.20 -54.11
CA LYS A 2418 -26.89 -19.46 -54.19
C LYS A 2418 -26.16 -19.37 -52.85
N ASP A 2419 -26.32 -20.38 -52.00
CA ASP A 2419 -25.43 -20.69 -50.87
C ASP A 2419 -25.39 -19.56 -49.84
N PHE A 2420 -26.52 -19.42 -49.15
CA PHE A 2420 -26.75 -18.31 -48.24
C PHE A 2420 -25.96 -18.41 -46.94
N VAL A 2421 -25.66 -19.62 -46.48
CA VAL A 2421 -25.07 -19.85 -45.17
C VAL A 2421 -23.61 -19.42 -45.15
N GLN A 2422 -22.89 -19.61 -46.27
CA GLN A 2422 -21.47 -19.30 -46.27
C GLN A 2422 -21.23 -17.81 -46.43
N VAL A 2423 -22.09 -17.12 -47.19
CA VAL A 2423 -21.97 -15.68 -47.32
C VAL A 2423 -22.51 -14.98 -46.08
N MET A 2424 -23.45 -15.61 -45.36
CA MET A 2424 -23.86 -15.03 -44.08
C MET A 2424 -22.79 -15.19 -43.01
N ARG A 2425 -22.21 -16.39 -42.91
CA ARG A 2425 -21.26 -16.65 -41.83
C ARG A 2425 -19.86 -16.11 -42.10
N HIS A 2426 -19.58 -15.64 -43.32
CA HIS A 2426 -18.39 -14.83 -43.56
C HIS A 2426 -18.63 -13.42 -43.00
N ARG A 2427 -17.78 -12.99 -42.09
CA ARG A 2427 -18.06 -11.78 -41.30
C ARG A 2427 -17.84 -10.53 -42.14
N ASP A 2428 -18.92 -10.01 -42.69
CA ASP A 2428 -18.95 -8.63 -43.15
C ASP A 2428 -20.23 -8.03 -42.61
N ASP A 2429 -20.08 -7.17 -41.61
CA ASP A 2429 -21.22 -6.72 -40.81
C ASP A 2429 -22.14 -5.80 -41.61
N GLU A 2430 -21.59 -5.12 -42.61
CA GLU A 2430 -22.42 -4.39 -43.55
C GLU A 2430 -23.21 -5.37 -44.41
N ARG A 2431 -22.55 -6.42 -44.88
CA ARG A 2431 -23.20 -7.48 -45.63
C ARG A 2431 -24.11 -8.33 -44.76
N GLN A 2432 -23.71 -8.56 -43.51
CA GLN A 2432 -24.55 -9.37 -42.63
C GLN A 2432 -25.78 -8.60 -42.20
N LYS A 2433 -25.68 -7.27 -42.10
CA LYS A 2433 -26.83 -6.46 -41.74
C LYS A 2433 -27.90 -6.49 -42.84
N VAL A 2434 -27.48 -6.35 -44.09
CA VAL A 2434 -28.43 -6.39 -45.19
C VAL A 2434 -28.93 -7.83 -45.40
N CYS A 2435 -28.10 -8.82 -45.09
CA CYS A 2435 -28.53 -10.21 -45.19
C CYS A 2435 -29.62 -10.54 -44.17
N LEU A 2436 -29.39 -10.16 -42.91
CA LEU A 2436 -30.40 -10.40 -41.89
C LEU A 2436 -31.62 -9.51 -42.10
N ASP A 2437 -31.46 -8.35 -42.75
CA ASP A 2437 -32.63 -7.56 -43.12
C ASP A 2437 -33.47 -8.26 -44.17
N ILE A 2438 -32.83 -8.90 -45.14
CA ILE A 2438 -33.54 -9.73 -46.12
C ILE A 2438 -34.29 -10.85 -45.41
N ILE A 2439 -33.63 -11.46 -44.41
CA ILE A 2439 -34.25 -12.53 -43.63
C ILE A 2439 -35.47 -12.01 -42.88
N TYR A 2440 -35.39 -10.81 -42.32
CA TYR A 2440 -36.54 -10.21 -41.64
C TYR A 2440 -37.67 -9.92 -42.61
N LYS A 2441 -37.33 -9.52 -43.83
CA LYS A 2441 -38.38 -9.17 -44.79
C LYS A 2441 -39.11 -10.40 -45.29
N MET A 2442 -38.39 -11.50 -45.54
CA MET A 2442 -39.02 -12.63 -46.18
C MET A 2442 -39.70 -13.59 -45.22
N MET A 2443 -39.36 -13.55 -43.93
CA MET A 2443 -39.88 -14.57 -43.01
C MET A 2443 -41.39 -14.52 -42.74
N PRO A 2444 -42.14 -13.41 -42.88
CA PRO A 2444 -43.61 -13.54 -42.79
C PRO A 2444 -44.27 -14.33 -43.89
N LYS A 2445 -43.55 -14.85 -44.88
CA LYS A 2445 -44.14 -15.72 -45.88
C LYS A 2445 -43.49 -17.09 -45.94
N LEU A 2446 -42.50 -17.37 -45.09
CA LEU A 2446 -41.95 -18.71 -45.03
C LEU A 2446 -42.93 -19.63 -44.33
N LYS A 2447 -42.74 -20.93 -44.52
CA LYS A 2447 -43.49 -21.92 -43.76
C LYS A 2447 -42.54 -22.48 -42.71
N PRO A 2448 -43.08 -23.13 -41.64
CA PRO A 2448 -42.25 -23.64 -40.53
C PRO A 2448 -40.95 -24.41 -40.82
N VAL A 2449 -40.90 -25.32 -41.80
CA VAL A 2449 -39.69 -26.12 -41.97
C VAL A 2449 -38.54 -25.26 -42.49
N GLU A 2450 -38.82 -24.35 -43.42
CA GLU A 2450 -37.74 -23.58 -43.99
C GLU A 2450 -37.38 -22.41 -43.10
N LEU A 2451 -38.37 -21.87 -42.39
CA LEU A 2451 -38.10 -20.90 -41.33
C LEU A 2451 -37.23 -21.51 -40.24
N ARG A 2452 -37.45 -22.79 -39.92
CA ARG A 2452 -36.65 -23.49 -38.92
C ARG A 2452 -35.22 -23.67 -39.38
N GLU A 2453 -35.03 -24.24 -40.57
CA GLU A 2453 -33.70 -24.51 -41.07
C GLU A 2453 -32.94 -23.24 -41.43
N LEU A 2454 -33.65 -22.12 -41.59
CA LEU A 2454 -32.99 -20.83 -41.75
C LEU A 2454 -32.72 -20.18 -40.40
N LEU A 2455 -33.54 -20.48 -39.40
CA LEU A 2455 -33.35 -19.89 -38.08
C LEU A 2455 -32.17 -20.53 -37.37
N ASN A 2456 -31.80 -21.74 -37.74
CA ASN A 2456 -30.63 -22.36 -37.11
C ASN A 2456 -29.30 -21.62 -37.36
N PRO A 2457 -28.97 -21.12 -38.55
CA PRO A 2457 -27.79 -20.23 -38.64
C PRO A 2457 -28.05 -18.78 -38.26
N VAL A 2458 -29.27 -18.41 -37.91
CA VAL A 2458 -29.50 -17.09 -37.35
C VAL A 2458 -28.87 -16.96 -35.97
N VAL A 2459 -29.06 -17.97 -35.13
CA VAL A 2459 -28.87 -17.83 -33.69
C VAL A 2459 -27.40 -17.78 -33.27
N GLU A 2460 -26.49 -17.78 -34.24
CA GLU A 2460 -25.09 -17.61 -33.95
C GLU A 2460 -24.67 -16.15 -33.95
N PHE A 2461 -25.61 -15.23 -34.10
CA PHE A 2461 -25.22 -13.83 -34.12
C PHE A 2461 -25.27 -13.19 -32.75
N VAL A 2462 -25.40 -13.98 -31.68
CA VAL A 2462 -25.20 -13.42 -30.35
C VAL A 2462 -23.75 -13.02 -30.17
N SER A 2463 -22.82 -13.85 -30.62
CA SER A 2463 -21.40 -13.61 -30.46
C SER A 2463 -20.83 -12.64 -31.47
N HIS A 2464 -21.66 -12.02 -32.31
CA HIS A 2464 -21.16 -11.00 -33.20
C HIS A 2464 -20.91 -9.71 -32.43
N PRO A 2465 -19.84 -8.98 -32.74
CA PRO A 2465 -19.54 -7.75 -32.01
C PRO A 2465 -20.35 -6.55 -32.44
N SER A 2466 -21.16 -6.68 -33.47
CA SER A 2466 -21.94 -5.55 -33.94
C SER A 2466 -23.21 -5.39 -33.13
N THR A 2467 -23.52 -4.14 -32.74
CA THR A 2467 -24.82 -3.88 -32.15
C THR A 2467 -25.92 -3.95 -33.19
N THR A 2468 -25.58 -3.67 -34.45
CA THR A 2468 -26.57 -3.63 -35.52
C THR A 2468 -27.12 -5.01 -35.85
N CYS A 2469 -26.25 -6.01 -35.96
CA CYS A 2469 -26.74 -7.34 -36.32
C CYS A 2469 -27.44 -8.01 -35.15
N ARG A 2470 -26.99 -7.73 -33.93
CA ARG A 2470 -27.70 -8.26 -32.76
C ARG A 2470 -29.06 -7.61 -32.61
N GLU A 2471 -29.15 -6.31 -32.94
CA GLU A 2471 -30.43 -5.61 -32.97
C GLU A 2471 -31.38 -6.25 -33.97
N GLN A 2472 -30.86 -6.57 -35.16
CA GLN A 2472 -31.68 -7.20 -36.19
C GLN A 2472 -32.13 -8.60 -35.77
N MET A 2473 -31.22 -9.36 -35.17
CA MET A 2473 -31.57 -10.71 -34.71
C MET A 2473 -32.63 -10.66 -33.63
N TYR A 2474 -32.56 -9.67 -32.74
CA TYR A 2474 -33.57 -9.56 -31.71
C TYR A 2474 -34.91 -9.10 -32.29
N ASN A 2475 -34.88 -8.29 -33.36
CA ASN A 2475 -36.11 -7.93 -34.05
C ASN A 2475 -36.81 -9.15 -34.63
N ILE A 2476 -36.05 -10.01 -35.30
CA ILE A 2476 -36.70 -11.17 -35.91
C ILE A 2476 -37.10 -12.18 -34.85
N LEU A 2477 -36.38 -12.24 -33.72
CA LEU A 2477 -36.76 -13.19 -32.70
C LEU A 2477 -37.99 -12.71 -31.95
N MET A 2478 -38.16 -11.39 -31.80
CA MET A 2478 -39.40 -10.87 -31.24
C MET A 2478 -40.57 -11.13 -32.17
N TRP A 2479 -40.34 -11.01 -33.48
CA TRP A 2479 -41.38 -11.34 -34.44
C TRP A 2479 -41.77 -12.81 -34.35
N ILE A 2480 -40.79 -13.70 -34.20
CA ILE A 2480 -41.07 -15.13 -34.08
C ILE A 2480 -41.84 -15.41 -32.79
N HIS A 2481 -41.43 -14.76 -31.69
CA HIS A 2481 -42.08 -15.00 -30.40
C HIS A 2481 -43.51 -14.51 -30.38
N ASP A 2482 -43.82 -13.50 -31.18
CA ASP A 2482 -45.21 -13.06 -31.24
C ASP A 2482 -46.00 -13.81 -32.31
N ASN A 2483 -45.31 -14.41 -33.28
CA ASN A 2483 -45.96 -15.17 -34.35
C ASN A 2483 -46.07 -16.66 -34.05
N TYR A 2484 -45.49 -17.12 -32.94
CA TYR A 2484 -45.46 -18.56 -32.67
C TYR A 2484 -45.92 -18.88 -31.25
N ARG A 2485 -46.64 -17.97 -30.61
CA ARG A 2485 -47.23 -18.26 -29.31
C ARG A 2485 -48.47 -19.12 -29.53
N ASP A 2486 -48.25 -20.42 -29.80
CA ASP A 2486 -49.23 -21.47 -30.06
C ASP A 2486 -50.22 -21.01 -31.14
N PRO A 2487 -49.82 -21.00 -32.42
CA PRO A 2487 -50.68 -20.39 -33.45
C PRO A 2487 -51.92 -21.21 -33.77
N GLU A 2488 -51.82 -22.53 -33.72
CA GLU A 2488 -52.97 -23.39 -33.93
C GLU A 2488 -53.47 -23.90 -32.58
N SER A 2489 -54.41 -24.84 -32.61
CA SER A 2489 -54.77 -25.57 -31.41
C SER A 2489 -53.64 -26.49 -30.97
N GLU A 2490 -53.24 -27.41 -31.84
CA GLU A 2490 -52.01 -28.15 -31.66
C GLU A 2490 -51.09 -27.85 -32.83
N THR A 2491 -49.81 -27.76 -32.52
CA THR A 2491 -48.77 -27.41 -33.47
C THR A 2491 -47.81 -28.57 -33.60
N ASP A 2492 -47.05 -28.59 -34.71
CA ASP A 2492 -46.19 -29.75 -34.94
C ASP A 2492 -44.90 -29.66 -34.15
N ASN A 2493 -43.97 -30.57 -34.45
CA ASN A 2493 -42.65 -30.54 -33.82
C ASN A 2493 -41.88 -29.29 -34.21
N ASP A 2494 -41.99 -28.88 -35.47
CA ASP A 2494 -41.16 -27.78 -35.96
C ASP A 2494 -41.62 -26.44 -35.40
N SER A 2495 -42.93 -26.24 -35.26
CA SER A 2495 -43.42 -24.97 -34.74
C SER A 2495 -43.06 -24.81 -33.27
N GLN A 2496 -43.22 -25.86 -32.49
CA GLN A 2496 -42.82 -25.83 -31.09
C GLN A 2496 -41.31 -25.64 -30.97
N GLU A 2497 -40.54 -26.26 -31.86
CA GLU A 2497 -39.08 -26.16 -31.77
C GLU A 2497 -38.60 -24.76 -32.16
N ILE A 2498 -39.24 -24.16 -33.17
CA ILE A 2498 -38.97 -22.78 -33.56
C ILE A 2498 -39.22 -21.84 -32.39
N PHE A 2499 -40.37 -22.01 -31.73
CA PHE A 2499 -40.72 -21.12 -30.62
C PHE A 2499 -39.79 -21.33 -29.44
N LYS A 2500 -39.36 -22.57 -29.19
CA LYS A 2500 -38.46 -22.81 -28.07
C LYS A 2500 -37.09 -22.20 -28.32
N LEU A 2501 -36.59 -22.33 -29.56
CA LEU A 2501 -35.27 -21.76 -29.87
C LEU A 2501 -35.31 -20.25 -29.84
N ALA A 2502 -36.42 -19.67 -30.29
CA ALA A 2502 -36.59 -18.22 -30.27
C ALA A 2502 -36.66 -17.69 -28.86
N LYS A 2503 -37.49 -18.31 -28.01
CA LYS A 2503 -37.62 -17.88 -26.63
C LYS A 2503 -36.33 -18.12 -25.85
N ASP A 2504 -35.58 -19.17 -26.23
CA ASP A 2504 -34.29 -19.43 -25.60
C ASP A 2504 -33.30 -18.31 -25.85
N VAL A 2505 -33.07 -17.97 -27.12
CA VAL A 2505 -32.10 -16.92 -27.42
C VAL A 2505 -32.64 -15.56 -27.02
N LEU A 2506 -33.95 -15.41 -26.90
CA LEU A 2506 -34.49 -14.12 -26.50
C LEU A 2506 -34.54 -13.98 -24.99
N ILE A 2507 -34.42 -15.08 -24.27
CA ILE A 2507 -34.04 -15.03 -22.86
C ILE A 2507 -32.57 -14.64 -22.75
N GLN A 2508 -31.72 -15.29 -23.55
CA GLN A 2508 -30.29 -15.04 -23.53
C GLN A 2508 -29.92 -13.63 -23.98
N GLY A 2509 -30.82 -12.94 -24.66
CA GLY A 2509 -30.60 -11.56 -25.02
C GLY A 2509 -30.83 -10.57 -23.90
N LEU A 2510 -31.22 -11.05 -22.72
CA LEU A 2510 -31.37 -10.15 -21.57
C LEU A 2510 -30.04 -9.72 -21.00
N ILE A 2511 -28.95 -10.42 -21.33
CA ILE A 2511 -27.63 -10.15 -20.80
C ILE A 2511 -26.66 -9.72 -21.88
N ASP A 2512 -27.15 -9.29 -23.03
CA ASP A 2512 -26.29 -8.82 -24.11
C ASP A 2512 -25.64 -7.50 -23.72
N GLU A 2513 -24.33 -7.41 -23.96
CA GLU A 2513 -23.50 -6.33 -23.42
C GLU A 2513 -23.73 -5.05 -24.20
N ASN A 2514 -24.89 -4.43 -23.97
CA ASN A 2514 -25.22 -3.16 -24.59
C ASN A 2514 -26.31 -2.49 -23.77
N PRO A 2515 -26.09 -1.25 -23.34
CA PRO A 2515 -27.06 -0.62 -22.42
C PRO A 2515 -28.36 -0.18 -23.06
N GLY A 2516 -28.49 -0.23 -24.38
CA GLY A 2516 -29.75 0.11 -25.02
C GLY A 2516 -30.45 -1.12 -25.54
N LEU A 2517 -29.66 -2.08 -26.01
CA LEU A 2517 -30.22 -3.32 -26.52
C LEU A 2517 -30.82 -4.15 -25.40
N GLN A 2518 -30.18 -4.14 -24.23
CA GLN A 2518 -30.77 -4.77 -23.05
C GLN A 2518 -32.06 -4.09 -22.65
N LEU A 2519 -32.16 -2.78 -22.85
CA LEU A 2519 -33.40 -2.09 -22.57
C LEU A 2519 -34.49 -2.48 -23.55
N ILE A 2520 -34.12 -2.70 -24.81
CA ILE A 2520 -35.07 -3.19 -25.80
C ILE A 2520 -35.61 -4.56 -25.40
N ILE A 2521 -34.71 -5.45 -24.95
CA ILE A 2521 -35.12 -6.80 -24.58
C ILE A 2521 -35.96 -6.79 -23.32
N ARG A 2522 -35.60 -5.95 -22.35
CA ARG A 2522 -36.35 -5.93 -21.11
C ARG A 2522 -37.70 -5.25 -21.30
N ASN A 2523 -37.81 -4.29 -22.20
CA ASN A 2523 -39.11 -3.72 -22.50
C ASN A 2523 -39.95 -4.67 -23.32
N PHE A 2524 -39.31 -5.55 -24.09
CA PHE A 2524 -40.03 -6.62 -24.75
C PHE A 2524 -40.62 -7.59 -23.74
N TRP A 2525 -39.85 -7.91 -22.70
CA TRP A 2525 -40.30 -8.94 -21.78
C TRP A 2525 -41.27 -8.40 -20.75
N SER A 2526 -41.12 -7.14 -20.34
CA SER A 2526 -41.90 -6.57 -19.27
C SER A 2526 -43.25 -6.09 -19.71
N HIS A 2527 -43.52 -6.15 -21.01
CA HIS A 2527 -44.78 -5.76 -21.61
C HIS A 2527 -45.91 -6.63 -21.08
N GLU A 2528 -47.12 -6.08 -21.09
CA GLU A 2528 -48.23 -6.69 -20.35
C GLU A 2528 -48.84 -7.90 -21.05
N THR A 2529 -48.36 -8.30 -22.22
CA THR A 2529 -48.78 -9.54 -22.83
C THR A 2529 -47.71 -10.62 -22.78
N ARG A 2530 -46.62 -10.39 -22.05
CA ARG A 2530 -45.50 -11.31 -21.96
C ARG A 2530 -45.26 -11.78 -20.54
N LEU A 2531 -45.18 -10.85 -19.60
CA LEU A 2531 -45.23 -11.10 -18.16
C LEU A 2531 -46.49 -10.43 -17.65
N PRO A 2532 -47.27 -11.08 -16.80
CA PRO A 2532 -48.44 -10.41 -16.21
C PRO A 2532 -48.02 -9.26 -15.32
N SER A 2533 -48.77 -8.16 -15.39
CA SER A 2533 -48.42 -6.96 -14.65
C SER A 2533 -48.67 -7.15 -13.17
N ASN A 2534 -49.53 -8.09 -12.81
CA ASN A 2534 -49.84 -8.34 -11.41
C ASN A 2534 -48.66 -9.01 -10.72
N THR A 2535 -48.49 -8.73 -9.43
CA THR A 2535 -47.25 -9.09 -8.73
C THR A 2535 -47.19 -10.58 -8.41
N LEU A 2536 -48.25 -11.14 -7.85
CA LEU A 2536 -48.25 -12.54 -7.49
C LEU A 2536 -48.32 -13.44 -8.72
N ASP A 2537 -48.87 -12.94 -9.81
CA ASP A 2537 -48.84 -13.70 -11.04
C ASP A 2537 -47.46 -13.60 -11.68
N ARG A 2538 -46.85 -12.42 -11.56
CA ARG A 2538 -45.55 -12.15 -12.17
C ARG A 2538 -44.46 -12.96 -11.49
N LEU A 2539 -44.55 -13.11 -10.16
CA LEU A 2539 -43.53 -13.86 -9.43
C LEU A 2539 -43.54 -15.33 -9.81
N LEU A 2540 -44.71 -15.88 -10.05
CA LEU A 2540 -44.79 -17.24 -10.55
C LEU A 2540 -44.32 -17.30 -12.00
N ALA A 2541 -44.56 -16.24 -12.77
CA ALA A 2541 -44.26 -16.31 -14.19
C ALA A 2541 -42.81 -15.93 -14.50
N LEU A 2542 -42.07 -15.44 -13.50
CA LEU A 2542 -40.66 -15.13 -13.75
C LEU A 2542 -39.83 -16.37 -13.94
N ASN A 2543 -40.22 -17.49 -13.36
CA ASN A 2543 -39.47 -18.72 -13.57
C ASN A 2543 -39.72 -19.33 -14.93
N SER A 2544 -40.64 -18.76 -15.72
CA SER A 2544 -40.78 -19.17 -17.11
C SER A 2544 -39.58 -18.73 -17.93
N LEU A 2545 -38.99 -17.59 -17.58
CA LEU A 2545 -37.85 -17.04 -18.30
C LEU A 2545 -36.54 -17.32 -17.57
N TYR A 2546 -36.25 -18.61 -17.35
CA TYR A 2546 -34.99 -18.91 -16.68
C TYR A 2546 -33.85 -19.33 -17.61
N SER A 2547 -33.95 -20.52 -18.24
CA SER A 2547 -32.97 -21.04 -19.21
C SER A 2547 -31.52 -21.06 -18.75
N PRO A 2548 -31.05 -22.13 -18.08
CA PRO A 2548 -29.71 -22.19 -17.44
C PRO A 2548 -28.47 -21.77 -18.21
N LYS A 2549 -28.59 -21.50 -19.51
CA LYS A 2549 -27.51 -20.83 -20.23
C LYS A 2549 -27.23 -19.45 -19.66
N ILE A 2550 -28.26 -18.78 -19.14
CA ILE A 2550 -28.09 -17.69 -18.19
C ILE A 2550 -28.54 -18.20 -16.83
N GLU A 2551 -27.72 -17.99 -15.82
CA GLU A 2551 -28.18 -18.01 -14.44
C GLU A 2551 -27.53 -16.97 -13.55
N VAL A 2552 -26.44 -16.34 -13.98
CA VAL A 2552 -25.66 -15.47 -13.12
C VAL A 2552 -26.39 -14.18 -12.84
N HIS A 2553 -26.99 -13.59 -13.86
CA HIS A 2553 -27.74 -12.34 -13.74
C HIS A 2553 -29.19 -12.57 -13.40
N PHE A 2554 -29.59 -13.82 -13.08
CA PHE A 2554 -30.99 -14.18 -13.03
C PHE A 2554 -31.69 -13.54 -11.84
N LEU A 2555 -31.02 -13.45 -10.71
CA LEU A 2555 -31.63 -12.79 -9.55
C LEU A 2555 -31.76 -11.29 -9.77
N SER A 2556 -30.79 -10.70 -10.48
CA SER A 2556 -30.87 -9.29 -10.82
C SER A 2556 -32.04 -9.02 -11.75
N LEU A 2557 -32.25 -9.91 -12.72
CA LEU A 2557 -33.41 -9.79 -13.60
C LEU A 2557 -34.71 -9.97 -12.83
N ALA A 2558 -34.71 -10.89 -11.88
CA ALA A 2558 -35.93 -11.18 -11.15
C ALA A 2558 -36.34 -10.02 -10.26
N THR A 2559 -35.41 -9.47 -9.49
CA THR A 2559 -35.77 -8.31 -8.67
C THR A 2559 -36.00 -7.06 -9.50
N ASN A 2560 -35.37 -6.96 -10.67
CA ASN A 2560 -35.65 -5.81 -11.52
C ASN A 2560 -37.04 -5.89 -12.13
N PHE A 2561 -37.46 -7.09 -12.53
CA PHE A 2561 -38.81 -7.26 -13.03
C PHE A 2561 -39.85 -7.09 -11.93
N LEU A 2562 -39.51 -7.52 -10.73
CA LEU A 2562 -40.45 -7.38 -9.61
C LEU A 2562 -40.58 -5.95 -9.15
N LEU A 2563 -39.51 -5.17 -9.26
CA LEU A 2563 -39.54 -3.80 -8.77
C LEU A 2563 -39.77 -2.78 -9.87
N GLU A 2564 -39.88 -3.20 -11.13
CA GLU A 2564 -40.43 -2.31 -12.14
C GLU A 2564 -41.91 -2.05 -11.90
N MET A 2565 -42.60 -2.99 -11.25
CA MET A 2565 -44.04 -2.95 -11.04
C MET A 2565 -44.45 -2.13 -9.84
N THR A 2566 -43.60 -1.24 -9.33
CA THR A 2566 -44.00 -0.46 -8.18
C THR A 2566 -44.08 1.02 -8.47
N SER A 2567 -43.65 1.46 -9.65
CA SER A 2567 -43.81 2.87 -10.00
C SER A 2567 -45.24 3.19 -10.39
N MET A 2568 -46.08 2.18 -10.54
CA MET A 2568 -47.51 2.33 -10.76
C MET A 2568 -48.21 2.11 -9.42
N SER A 2569 -48.24 3.16 -8.60
CA SER A 2569 -48.67 3.02 -7.21
C SER A 2569 -49.18 4.36 -6.72
N PRO A 2570 -50.18 4.37 -5.86
CA PRO A 2570 -50.64 5.63 -5.28
C PRO A 2570 -49.76 6.12 -4.15
N ASP A 2571 -48.92 5.24 -3.60
CA ASP A 2571 -48.03 5.62 -2.51
C ASP A 2571 -46.63 5.95 -2.98
N TYR A 2572 -46.28 5.58 -4.21
CA TYR A 2572 -44.96 5.85 -4.78
C TYR A 2572 -44.60 7.33 -4.90
N PRO A 2573 -45.49 8.27 -5.26
CA PRO A 2573 -45.09 9.67 -5.20
C PRO A 2573 -45.04 10.24 -3.79
N ASN A 2574 -45.74 9.62 -2.83
CA ASN A 2574 -45.82 10.17 -1.49
C ASN A 2574 -44.49 9.99 -0.77
N PRO A 2575 -44.20 10.84 0.21
CA PRO A 2575 -42.99 10.62 1.02
C PRO A 2575 -43.13 9.41 1.92
N MET A 2576 -41.98 8.88 2.34
CA MET A 2576 -42.01 7.67 3.16
C MET A 2576 -42.41 8.00 4.58
N PHE A 2577 -42.12 9.20 5.04
CA PHE A 2577 -42.52 9.65 6.36
C PHE A 2577 -43.20 11.00 6.22
N GLU A 2578 -44.09 11.30 7.16
CA GLU A 2578 -45.01 12.42 7.00
C GLU A 2578 -44.36 13.73 7.41
N HIS A 2579 -44.01 13.85 8.67
CA HIS A 2579 -43.50 15.10 9.21
C HIS A 2579 -42.03 15.25 8.86
N PRO A 2580 -41.48 16.45 9.00
CA PRO A 2580 -40.02 16.56 9.04
C PRO A 2580 -39.52 16.22 10.43
N LEU A 2581 -38.21 16.17 10.64
CA LEU A 2581 -37.69 15.85 11.96
C LEU A 2581 -37.87 16.97 12.97
N SER A 2582 -37.93 18.21 12.51
CA SER A 2582 -38.08 19.36 13.40
C SER A 2582 -39.44 19.44 14.07
N GLU A 2583 -40.42 18.65 13.65
CA GLU A 2583 -41.75 18.68 14.24
C GLU A 2583 -42.03 17.43 15.06
N CYS A 2584 -41.09 16.49 15.11
CA CYS A 2584 -41.27 15.27 15.90
C CYS A 2584 -40.53 15.38 17.22
N GLU A 2585 -40.64 14.30 18.00
CA GLU A 2585 -40.09 14.22 19.34
C GLU A 2585 -38.66 13.69 19.28
N PHE A 2586 -38.12 13.34 20.44
CA PHE A 2586 -36.82 12.65 20.50
C PHE A 2586 -36.93 11.58 21.58
N GLN A 2587 -37.26 10.37 21.16
CA GLN A 2587 -37.42 9.24 22.07
C GLN A 2587 -36.07 8.80 22.58
N GLU A 2588 -35.84 8.95 23.89
CA GLU A 2588 -34.53 8.61 24.44
C GLU A 2588 -34.54 7.29 25.20
N TYR A 2589 -35.72 6.80 25.59
CA TYR A 2589 -35.95 5.50 26.23
C TYR A 2589 -35.25 5.38 27.58
N THR A 2590 -35.64 6.28 28.47
CA THR A 2590 -35.13 6.32 29.84
C THR A 2590 -35.89 5.35 30.77
N ILE A 2591 -35.76 4.06 30.47
CA ILE A 2591 -36.39 2.99 31.25
C ILE A 2591 -35.25 2.15 31.84
N ASP A 2592 -35.53 1.49 32.96
CA ASP A 2592 -34.58 0.60 33.62
C ASP A 2592 -35.15 -0.81 33.48
N SER A 2593 -35.58 -1.11 32.25
CA SER A 2593 -36.18 -2.39 31.88
C SER A 2593 -35.08 -3.40 31.58
N ASP A 2594 -35.43 -4.48 30.89
CA ASP A 2594 -34.45 -5.37 30.30
C ASP A 2594 -33.70 -4.75 29.12
N TRP A 2595 -34.03 -3.52 28.72
CA TRP A 2595 -33.14 -2.78 27.83
C TRP A 2595 -31.85 -2.41 28.55
N ARG A 2596 -31.94 -2.17 29.86
CA ARG A 2596 -30.76 -1.91 30.66
C ARG A 2596 -29.87 -3.13 30.80
N PHE A 2597 -30.44 -4.34 30.74
CA PHE A 2597 -29.67 -5.58 30.64
C PHE A 2597 -28.70 -5.51 29.46
N ARG A 2598 -29.25 -5.34 28.25
CA ARG A 2598 -28.45 -5.37 27.03
C ARG A 2598 -27.66 -4.08 26.85
N SER A 2599 -27.98 -3.03 27.60
CA SER A 2599 -27.25 -1.79 27.45
C SER A 2599 -26.07 -1.67 28.41
N THR A 2600 -26.20 -2.20 29.64
CA THR A 2600 -25.11 -2.17 30.60
C THR A 2600 -24.44 -3.52 30.81
N VAL A 2601 -24.76 -4.53 30.00
CA VAL A 2601 -23.86 -5.67 29.88
C VAL A 2601 -22.80 -5.36 28.85
N LEU A 2602 -23.05 -4.38 27.99
CA LEU A 2602 -22.40 -4.29 26.69
C LEU A 2602 -21.30 -3.23 26.69
N THR A 2603 -21.66 -1.99 27.01
CA THR A 2603 -20.71 -0.90 26.93
C THR A 2603 -20.69 -0.20 28.28
N PRO A 2604 -19.53 -0.06 28.91
CA PRO A 2604 -19.47 0.78 30.11
C PRO A 2604 -19.73 2.22 29.74
N MET A 2605 -20.85 2.74 30.19
CA MET A 2605 -21.17 4.14 30.00
C MET A 2605 -21.11 4.83 31.34
N PHE A 2606 -20.94 6.15 31.30
CA PHE A 2606 -20.82 6.93 32.52
C PHE A 2606 -22.18 7.04 33.18
N VAL A 2607 -22.41 6.27 34.25
CA VAL A 2607 -23.55 6.57 35.10
C VAL A 2607 -23.18 7.76 35.98
N GLU A 2608 -24.11 8.70 36.13
CA GLU A 2608 -23.73 10.02 36.60
C GLU A 2608 -23.46 10.06 38.09
N GLN A 2610 -23.36 10.62 42.06
CA GLN A 2610 -24.20 10.43 43.23
C GLN A 2610 -24.49 11.80 43.78
N ALA A 2611 -25.77 12.08 44.02
CA ALA A 2611 -26.24 13.43 44.23
C ALA A 2611 -25.65 14.05 45.49
N SER A 2612 -25.61 15.37 45.51
CA SER A 2612 -24.95 16.08 46.59
C SER A 2612 -25.75 16.00 47.88
N GLN A 2613 -25.14 16.46 48.97
CA GLN A 2613 -25.75 16.45 50.28
C GLN A 2613 -26.13 17.87 50.71
N GLY A 2633 -37.54 30.03 18.42
CA GLY A 2633 -38.57 29.46 19.27
C GLY A 2633 -38.18 28.13 19.85
N GLN A 2634 -37.24 27.46 19.19
CA GLN A 2634 -36.75 26.17 19.68
C GLN A 2634 -35.28 26.22 20.07
N ILE A 2635 -34.40 26.60 19.16
CA ILE A 2635 -32.96 26.64 19.42
C ILE A 2635 -32.51 28.08 19.39
N ARG A 2636 -31.40 28.36 20.08
CA ARG A 2636 -30.90 29.72 20.15
C ARG A 2636 -30.20 30.09 18.85
N ALA A 2637 -30.27 31.37 18.49
CA ALA A 2637 -29.82 31.82 17.19
C ALA A 2637 -28.34 32.18 17.24
N GLN A 2639 -25.69 34.45 17.39
CA GLN A 2639 -25.26 35.81 17.73
C GLN A 2639 -23.90 36.10 17.15
N GLN A 2640 -23.70 37.33 16.68
CA GLN A 2640 -22.48 37.71 15.98
C GLN A 2640 -21.49 38.46 16.86
N GLN A 2641 -21.81 38.62 18.14
CA GLN A 2641 -21.02 39.45 19.04
C GLN A 2641 -20.36 38.56 20.08
N HIS A 2642 -19.03 38.61 20.14
CA HIS A 2642 -18.27 37.67 20.95
C HIS A 2642 -17.64 38.38 22.14
N ASP A 2643 -17.05 37.58 23.03
CA ASP A 2643 -16.26 38.08 24.14
C ASP A 2643 -14.77 37.96 23.89
N PHE A 2644 -14.29 36.74 23.68
CA PHE A 2644 -12.87 36.50 23.44
C PHE A 2644 -12.48 36.96 22.05
N LEU A 2646 -10.31 36.87 18.62
CA LEU A 2646 -9.77 35.79 17.80
C LEU A 2646 -8.24 35.82 17.65
N GLN A 2648 -4.38 35.58 16.09
CA GLN A 2648 -3.65 36.56 15.24
C GLN A 2648 -4.56 37.64 14.69
N VAL A 2769 -28.79 38.45 27.45
CA VAL A 2769 -29.96 37.69 27.02
C VAL A 2769 -29.85 37.38 25.54
N VAL A 2770 -30.03 36.10 25.22
CA VAL A 2770 -29.73 35.55 23.91
C VAL A 2770 -31.02 35.47 23.12
N LEU A 2771 -30.90 35.16 21.84
CA LEU A 2771 -32.03 35.19 20.93
C LEU A 2771 -32.17 33.83 20.26
N TYR A 2772 -33.40 33.43 20.02
CA TYR A 2772 -33.74 32.10 19.55
C TYR A 2772 -34.28 32.18 18.14
N ARG A 2773 -34.41 31.02 17.52
CA ARG A 2773 -34.90 30.95 16.15
C ARG A 2773 -35.58 29.61 15.97
N SER A 2774 -35.77 29.21 14.72
CA SER A 2774 -36.29 27.89 14.41
C SER A 2774 -35.36 27.23 13.42
N TYR A 2775 -35.82 26.14 12.83
CA TYR A 2775 -34.97 25.34 11.97
C TYR A 2775 -35.15 25.75 10.52
N ARG A 2776 -34.06 25.73 9.76
CA ARG A 2776 -34.06 26.30 8.41
C ARG A 2776 -33.54 25.28 7.38
N HIS A 2777 -34.12 24.08 7.41
CA HIS A 2777 -34.18 23.12 6.30
C HIS A 2777 -32.83 22.50 5.95
N GLY A 2778 -31.76 22.85 6.65
CA GLY A 2778 -30.49 22.20 6.43
C GLY A 2778 -29.90 21.78 7.76
N ASP A 2779 -30.59 22.14 8.83
CA ASP A 2779 -30.15 21.80 10.17
C ASP A 2779 -30.22 20.30 10.42
N LEU A 2780 -31.39 19.73 10.31
CA LEU A 2780 -31.66 18.32 10.60
C LEU A 2780 -31.64 17.55 9.30
N PRO A 2781 -31.53 16.23 9.34
CA PRO A 2781 -31.60 15.47 8.09
C PRO A 2781 -33.01 15.52 7.51
N ASP A 2782 -33.10 15.22 6.22
CA ASP A 2782 -34.34 15.38 5.48
C ASP A 2782 -34.96 14.00 5.30
N ILE A 2783 -35.80 13.61 6.25
CA ILE A 2783 -36.42 12.28 6.27
C ILE A 2783 -37.80 12.33 5.64
N GLN A 2784 -38.15 13.45 5.02
CA GLN A 2784 -39.47 13.58 4.41
C GLN A 2784 -39.40 13.19 2.95
N ILE A 2785 -38.53 12.24 2.61
CA ILE A 2785 -38.28 11.79 1.25
C ILE A 2785 -39.20 10.65 0.84
N LYS A 2786 -39.22 10.34 -0.46
CA LYS A 2786 -40.17 9.44 -1.10
C LYS A 2786 -39.54 8.10 -1.43
N HIS A 2787 -40.33 7.26 -2.10
CA HIS A 2787 -39.99 5.86 -2.28
C HIS A 2787 -38.91 5.67 -3.34
N SER A 2788 -38.90 6.51 -4.36
CA SER A 2788 -38.07 6.27 -5.55
C SER A 2788 -36.59 6.34 -5.23
N SER A 2789 -36.21 7.23 -4.32
CA SER A 2789 -34.83 7.33 -3.84
C SER A 2789 -34.42 6.15 -2.99
N LEU A 2790 -35.34 5.26 -2.63
CA LEU A 2790 -35.00 4.00 -2.00
C LEU A 2790 -35.16 2.81 -2.93
N ILE A 2791 -36.11 2.86 -3.87
CA ILE A 2791 -36.41 1.73 -4.74
C ILE A 2791 -35.43 1.65 -5.89
N THR A 2792 -35.20 2.76 -6.60
CA THR A 2792 -34.32 2.70 -7.76
C THR A 2792 -32.84 2.47 -7.45
N PRO A 2793 -32.21 3.05 -6.42
CA PRO A 2793 -30.82 2.64 -6.15
C PRO A 2793 -30.71 1.22 -5.62
N LEU A 2794 -31.76 0.70 -4.97
CA LEU A 2794 -31.73 -0.67 -4.49
C LEU A 2794 -31.66 -1.65 -5.64
N GLN A 2795 -32.52 -1.49 -6.65
CA GLN A 2795 -32.41 -2.34 -7.82
C GLN A 2795 -31.16 -2.02 -8.64
N ALA A 2796 -30.67 -0.78 -8.56
CA ALA A 2796 -29.46 -0.41 -9.28
C ALA A 2796 -28.23 -1.10 -8.73
N VAL A 2797 -28.13 -1.24 -7.41
CA VAL A 2797 -27.00 -1.96 -6.82
C VAL A 2797 -27.23 -3.48 -6.84
N ALA A 2798 -28.49 -3.93 -6.75
CA ALA A 2798 -28.74 -5.36 -6.81
C ALA A 2798 -28.58 -5.90 -8.20
N GLN A 2799 -28.59 -5.03 -9.20
CA GLN A 2799 -28.25 -5.46 -10.55
C GLN A 2799 -26.77 -5.79 -10.71
N ARG A 2800 -25.90 -5.16 -9.96
CA ARG A 2800 -24.46 -5.33 -10.15
C ARG A 2800 -23.86 -6.40 -9.25
N ASP A 2801 -24.23 -6.44 -7.99
CA ASP A 2801 -23.63 -7.33 -7.02
C ASP A 2801 -24.55 -8.51 -6.77
N PRO A 2802 -24.04 -9.72 -6.81
CA PRO A 2802 -24.93 -10.89 -6.77
C PRO A 2802 -25.42 -11.24 -5.37
N ILE A 2803 -24.65 -10.87 -4.34
CA ILE A 2803 -25.03 -11.22 -2.97
C ILE A 2803 -26.23 -10.42 -2.52
N ILE A 2804 -26.24 -9.13 -2.83
CA ILE A 2804 -27.38 -8.31 -2.48
C ILE A 2804 -28.57 -8.65 -3.36
N ALA A 2805 -28.31 -9.17 -4.56
CA ALA A 2805 -29.38 -9.69 -5.40
C ALA A 2805 -30.02 -10.93 -4.78
N LYS A 2806 -29.19 -11.81 -4.20
CA LYS A 2806 -29.70 -12.98 -3.50
C LYS A 2806 -30.58 -12.58 -2.33
N GLN A 2807 -30.12 -11.63 -1.52
CA GLN A 2807 -30.89 -11.20 -0.36
C GLN A 2807 -32.18 -10.52 -0.78
N LEU A 2808 -32.13 -9.75 -1.87
CA LEU A 2808 -33.32 -9.04 -2.32
C LEU A 2808 -34.36 -9.97 -2.91
N PHE A 2809 -33.92 -10.95 -3.70
CA PHE A 2809 -34.86 -11.90 -4.28
C PHE A 2809 -35.49 -12.77 -3.22
N SER A 2810 -34.69 -13.18 -2.22
CA SER A 2810 -35.22 -14.00 -1.14
C SER A 2810 -36.22 -13.24 -0.29
N SER A 2811 -35.90 -11.99 0.06
CA SER A 2811 -36.81 -11.23 0.93
C SER A 2811 -38.07 -10.82 0.19
N LEU A 2812 -37.96 -10.44 -1.10
CA LEU A 2812 -39.15 -10.10 -1.86
C LEU A 2812 -40.05 -11.31 -2.08
N PHE A 2813 -39.46 -12.46 -2.45
CA PHE A 2813 -40.20 -13.70 -2.62
C PHE A 2813 -40.93 -14.08 -1.34
N SER A 2814 -40.24 -14.05 -0.21
CA SER A 2814 -40.85 -14.46 1.04
C SER A 2814 -41.93 -13.48 1.47
N GLY A 2815 -41.75 -12.21 1.13
CA GLY A 2815 -42.77 -11.23 1.50
C GLY A 2815 -44.04 -11.38 0.68
N ILE A 2816 -43.89 -11.63 -0.62
CA ILE A 2816 -45.04 -11.84 -1.49
C ILE A 2816 -45.82 -13.07 -1.05
N LEU A 2817 -45.10 -14.18 -0.81
CA LEU A 2817 -45.74 -15.39 -0.31
C LEU A 2817 -46.35 -15.21 1.07
N LYS A 2818 -45.82 -14.32 1.90
CA LYS A 2818 -46.47 -14.01 3.16
C LYS A 2818 -47.72 -13.19 2.96
N GLU A 2819 -47.75 -12.36 1.92
CA GLU A 2819 -48.95 -11.59 1.65
C GLU A 2819 -50.03 -12.42 0.96
N MET A 2820 -49.68 -13.58 0.41
CA MET A 2820 -50.63 -14.50 -0.19
C MET A 2820 -51.63 -15.13 0.84
N ASP A 2821 -51.51 -14.82 2.13
CA ASP A 2821 -52.46 -15.26 3.14
C ASP A 2821 -53.86 -14.72 2.93
N LYS A 2822 -54.00 -13.54 2.31
CA LYS A 2822 -55.30 -12.90 2.17
C LYS A 2822 -56.01 -13.34 0.90
N PHE A 2823 -55.33 -13.27 -0.23
CA PHE A 2823 -56.00 -13.49 -1.51
C PHE A 2823 -56.30 -14.96 -1.75
N LYS A 2824 -55.27 -15.77 -1.90
CA LYS A 2824 -55.47 -17.17 -2.19
C LYS A 2824 -55.71 -17.92 -0.89
N THR A 2825 -56.70 -18.82 -0.90
CA THR A 2825 -57.29 -19.31 0.34
C THR A 2825 -56.97 -20.77 0.64
N LEU A 2826 -57.39 -21.70 -0.21
CA LEU A 2826 -57.24 -23.11 0.14
C LEU A 2826 -56.63 -23.94 -0.98
N SER A 2827 -56.96 -23.62 -2.22
CA SER A 2827 -56.68 -24.48 -3.35
C SER A 2827 -55.87 -23.82 -4.43
N GLU A 2828 -56.25 -22.60 -4.79
CA GLU A 2828 -55.46 -21.80 -5.72
C GLU A 2828 -54.08 -21.48 -5.13
N LYS A 2829 -54.03 -21.26 -3.80
CA LYS A 2829 -52.76 -21.19 -3.07
C LYS A 2829 -51.96 -22.45 -3.24
N ASN A 2830 -52.62 -23.59 -3.16
CA ASN A 2830 -51.91 -24.85 -3.13
C ASN A 2830 -51.41 -25.20 -4.53
N ASN A 2831 -52.12 -24.78 -5.57
CA ASN A 2831 -51.58 -24.94 -6.90
C ASN A 2831 -50.48 -23.91 -7.19
N ILE A 2832 -50.54 -22.74 -6.56
CA ILE A 2832 -49.43 -21.78 -6.69
C ILE A 2832 -48.15 -22.34 -6.09
N THR A 2833 -48.25 -22.90 -4.89
CA THR A 2833 -47.04 -23.43 -4.25
C THR A 2833 -46.61 -24.75 -4.87
N GLN A 2834 -47.54 -25.52 -5.41
CA GLN A 2834 -47.14 -26.70 -6.17
C GLN A 2834 -46.41 -26.32 -7.44
N LYS A 2835 -46.84 -25.25 -8.10
CA LYS A 2835 -46.16 -24.87 -9.33
C LYS A 2835 -44.82 -24.19 -9.03
N LEU A 2836 -44.71 -23.55 -7.88
CA LEU A 2836 -43.39 -23.05 -7.47
C LEU A 2836 -42.44 -24.20 -7.15
N LEU A 2837 -42.95 -25.26 -6.53
CA LEU A 2837 -42.12 -26.43 -6.28
C LEU A 2837 -41.72 -27.09 -7.60
N GLN A 2838 -42.61 -27.07 -8.59
CA GLN A 2838 -42.27 -27.55 -9.92
C GLN A 2838 -41.15 -26.74 -10.53
N ASP A 2839 -41.25 -25.41 -10.41
CA ASP A 2839 -40.24 -24.50 -10.91
C ASP A 2839 -38.88 -24.79 -10.29
N PHE A 2840 -38.84 -24.92 -8.97
CA PHE A 2840 -37.56 -25.03 -8.28
C PHE A 2840 -36.93 -26.40 -8.51
N ASN A 2841 -37.74 -27.45 -8.59
CA ASN A 2841 -37.19 -28.76 -8.89
C ASN A 2841 -36.64 -28.80 -10.31
N ARG A 2842 -37.30 -28.14 -11.25
CA ARG A 2842 -36.75 -28.05 -12.60
C ARG A 2842 -35.44 -27.27 -12.60
N PHE A 2843 -35.37 -26.20 -11.81
CA PHE A 2843 -34.14 -25.41 -11.66
C PHE A 2843 -32.97 -26.28 -11.20
N LEU A 2844 -33.16 -26.95 -10.08
CA LEU A 2844 -32.07 -27.71 -9.48
C LEU A 2844 -31.71 -28.93 -10.29
N ASN A 2845 -32.64 -29.43 -11.10
CA ASN A 2845 -32.27 -30.54 -11.95
C ASN A 2845 -31.54 -30.10 -13.20
N THR A 2846 -31.85 -28.93 -13.77
CA THR A 2846 -31.26 -28.61 -15.06
C THR A 2846 -30.23 -27.50 -15.08
N THR A 2847 -29.83 -26.95 -13.93
CA THR A 2847 -28.65 -26.10 -13.95
C THR A 2847 -27.40 -26.94 -14.22
N PHE A 2848 -26.40 -26.33 -14.86
CA PHE A 2848 -25.12 -27.00 -15.02
C PHE A 2848 -23.93 -26.16 -14.58
N SER A 2849 -23.96 -24.86 -14.79
CA SER A 2849 -23.13 -24.00 -14.00
C SER A 2849 -23.80 -23.91 -12.65
N PHE A 2850 -23.01 -23.81 -11.59
CA PHE A 2850 -23.57 -23.85 -10.26
C PHE A 2850 -23.19 -22.54 -9.57
N PHE A 2851 -24.07 -21.59 -9.68
CA PHE A 2851 -23.83 -20.30 -9.09
C PHE A 2851 -24.18 -20.37 -7.61
N PRO A 2852 -23.27 -19.97 -6.72
CA PRO A 2852 -23.54 -20.06 -5.29
C PRO A 2852 -24.65 -19.12 -4.82
N PRO A 2853 -24.73 -17.84 -5.25
CA PRO A 2853 -25.89 -17.04 -4.80
C PRO A 2853 -27.22 -17.55 -5.32
N PHE A 2854 -27.26 -18.07 -6.53
CA PHE A 2854 -28.52 -18.55 -7.07
C PHE A 2854 -28.95 -19.86 -6.41
N VAL A 2855 -28.02 -20.80 -6.26
CA VAL A 2855 -28.34 -22.09 -5.65
C VAL A 2855 -28.74 -21.90 -4.19
N SER A 2856 -27.96 -21.10 -3.45
CA SER A 2856 -28.28 -20.87 -2.06
C SER A 2856 -29.52 -20.02 -1.89
N CYS A 2857 -29.87 -19.18 -2.87
CA CYS A 2857 -31.07 -18.38 -2.73
C CYS A 2857 -32.31 -19.22 -2.91
N ILE A 2858 -32.33 -20.10 -3.92
CA ILE A 2858 -33.51 -20.93 -4.09
C ILE A 2858 -33.54 -22.07 -3.08
N GLN A 2859 -32.44 -22.36 -2.40
CA GLN A 2859 -32.54 -23.27 -1.26
C GLN A 2859 -32.77 -22.56 0.05
N ASP A 2860 -32.65 -21.24 0.08
CA ASP A 2860 -32.90 -20.47 1.28
C ASP A 2860 -34.33 -20.01 1.39
N ILE A 2861 -35.01 -19.83 0.26
CA ILE A 2861 -36.45 -19.59 0.33
C ILE A 2861 -37.25 -20.86 0.46
N SER A 2862 -36.61 -22.02 0.35
CA SER A 2862 -37.32 -23.27 0.58
C SER A 2862 -37.31 -23.63 2.05
N CYS A 2863 -36.54 -22.90 2.87
CA CYS A 2863 -36.48 -23.23 4.29
C CYS A 2863 -37.63 -22.66 5.08
N GLN A 2864 -38.26 -21.58 4.60
CA GLN A 2864 -39.22 -20.90 5.45
C GLN A 2864 -40.66 -21.32 5.21
N HIS A 2865 -41.02 -21.73 4.00
CA HIS A 2865 -42.40 -22.06 3.69
C HIS A 2865 -42.52 -23.57 3.54
N ALA A 2866 -43.38 -24.17 4.36
CA ALA A 2866 -43.49 -25.61 4.50
C ALA A 2866 -44.11 -26.28 3.30
N ALA A 2867 -44.55 -25.54 2.29
CA ALA A 2867 -44.96 -26.18 1.06
C ALA A 2867 -43.77 -26.62 0.24
N LEU A 2868 -42.67 -25.87 0.31
CA LEU A 2868 -41.50 -26.13 -0.53
C LEU A 2868 -40.41 -26.87 0.22
N LEU A 2869 -40.67 -27.38 1.42
CA LEU A 2869 -39.69 -28.17 2.13
C LEU A 2869 -39.45 -29.52 1.48
N SER A 2870 -40.37 -29.97 0.64
CA SER A 2870 -40.30 -31.30 0.07
C SER A 2870 -39.64 -31.28 -1.29
N LEU A 2871 -38.59 -30.47 -1.43
CA LEU A 2871 -38.09 -30.02 -2.72
C LEU A 2871 -37.60 -31.16 -3.60
N ASP A 2872 -36.41 -31.64 -3.31
CA ASP A 2872 -35.90 -32.93 -3.75
C ASP A 2872 -34.63 -33.17 -2.95
N PRO A 2873 -34.51 -34.24 -2.24
CA PRO A 2873 -33.26 -34.50 -1.51
C PRO A 2873 -32.13 -34.93 -2.42
N ALA A 2874 -32.42 -35.39 -3.63
CA ALA A 2874 -31.35 -35.74 -4.55
C ALA A 2874 -30.69 -34.49 -5.13
N ALA A 2875 -31.50 -33.60 -5.69
CA ALA A 2875 -30.98 -32.42 -6.38
C ALA A 2875 -30.37 -31.44 -5.40
N VAL A 2876 -30.88 -31.39 -4.18
CA VAL A 2876 -30.33 -30.51 -3.15
C VAL A 2876 -28.90 -30.93 -2.79
N SER A 2877 -28.68 -32.24 -2.59
CA SER A 2877 -27.35 -32.72 -2.25
C SER A 2877 -26.40 -32.61 -3.42
N ALA A 2878 -26.90 -32.84 -4.64
CA ALA A 2878 -26.04 -32.70 -5.82
C ALA A 2878 -25.63 -31.25 -6.02
N GLY A 2879 -26.56 -30.31 -5.85
CA GLY A 2879 -26.23 -28.91 -6.02
C GLY A 2879 -25.32 -28.39 -4.92
N CYS A 2880 -25.48 -28.89 -3.70
CA CYS A 2880 -24.64 -28.42 -2.62
C CYS A 2880 -23.27 -29.06 -2.63
N LEU A 2881 -23.13 -30.27 -3.15
CA LEU A 2881 -21.80 -30.83 -3.33
C LEU A 2881 -21.09 -30.16 -4.49
N ALA A 2882 -21.83 -29.86 -5.56
CA ALA A 2882 -21.24 -29.23 -6.73
C ALA A 2882 -20.90 -27.77 -6.52
N SER A 2883 -21.67 -27.05 -5.71
CA SER A 2883 -21.48 -25.62 -5.55
C SER A 2883 -20.72 -25.25 -4.30
N LEU A 2884 -20.38 -26.24 -3.46
CA LEU A 2884 -19.79 -26.04 -2.13
C LEU A 2884 -20.66 -25.15 -1.25
N GLN A 2885 -21.85 -25.64 -0.95
CA GLN A 2885 -22.81 -24.98 -0.09
C GLN A 2885 -23.50 -25.98 0.80
N GLN A 2886 -22.75 -26.91 1.40
CA GLN A 2886 -23.39 -27.93 2.22
C GLN A 2886 -24.14 -27.43 3.45
N PRO A 2887 -23.76 -26.32 4.12
CA PRO A 2887 -24.66 -25.77 5.16
C PRO A 2887 -26.09 -25.48 4.71
N VAL A 2888 -26.31 -25.03 3.49
CA VAL A 2888 -27.66 -24.67 3.09
C VAL A 2888 -28.48 -25.92 2.86
N GLY A 2889 -27.90 -26.92 2.22
CA GLY A 2889 -28.58 -28.18 2.04
C GLY A 2889 -28.84 -28.89 3.35
N ILE A 2890 -27.89 -28.78 4.30
CA ILE A 2890 -28.07 -29.36 5.61
C ILE A 2890 -29.20 -28.70 6.36
N ARG A 2891 -29.30 -27.38 6.26
CA ARG A 2891 -30.38 -26.67 6.94
C ARG A 2891 -31.73 -26.97 6.32
N LEU A 2892 -31.80 -27.06 5.00
CA LEU A 2892 -33.05 -27.37 4.33
C LEU A 2892 -33.51 -28.79 4.64
N LEU A 2893 -32.59 -29.75 4.56
CA LEU A 2893 -32.95 -31.13 4.85
C LEU A 2893 -33.31 -31.32 6.32
N GLU A 2894 -32.69 -30.55 7.22
CA GLU A 2894 -33.08 -30.59 8.62
C GLU A 2894 -34.50 -30.06 8.83
N GLU A 2895 -34.83 -28.94 8.16
CA GLU A 2895 -36.19 -28.42 8.30
C GLU A 2895 -37.21 -29.32 7.62
N ALA A 2896 -36.76 -30.14 6.68
CA ALA A 2896 -37.66 -31.14 6.10
C ALA A 2896 -37.88 -32.29 7.07
N LEU A 2897 -36.81 -32.75 7.74
CA LEU A 2897 -36.97 -33.82 8.73
C LEU A 2897 -37.71 -33.38 9.97
N LEU A 2898 -37.87 -32.08 10.18
CA LEU A 2898 -38.81 -31.58 11.17
C LEU A 2898 -40.23 -31.67 10.61
N ARG A 2899 -41.16 -30.87 11.15
CA ARG A 2899 -42.61 -30.84 10.82
C ARG A 2899 -43.29 -32.22 10.77
N PRO A 2917 -39.16 -44.32 1.03
CA PRO A 2917 -39.93 -43.21 1.62
C PRO A 2917 -39.20 -41.88 1.47
N PRO A 2918 -39.93 -40.77 1.60
CA PRO A 2918 -39.27 -39.46 1.61
C PRO A 2918 -38.75 -39.11 3.00
N ASP A 2919 -38.90 -40.02 3.94
CA ASP A 2919 -38.24 -39.91 5.24
C ASP A 2919 -36.79 -40.36 5.11
N VAL A 2920 -36.58 -41.62 4.72
CA VAL A 2920 -35.24 -42.20 4.72
C VAL A 2920 -34.40 -41.64 3.58
N LEU A 2921 -35.04 -41.18 2.50
CA LEU A 2921 -34.31 -40.57 1.41
C LEU A 2921 -33.59 -39.31 1.84
N ARG A 2922 -34.26 -38.49 2.65
CA ARG A 2922 -33.63 -37.29 3.15
C ARG A 2922 -32.56 -37.60 4.18
N TRP A 2923 -32.69 -38.71 4.91
CA TRP A 2923 -31.64 -39.09 5.84
C TRP A 2923 -30.37 -39.50 5.12
N VAL A 2924 -30.49 -40.29 4.05
CA VAL A 2924 -29.32 -40.69 3.28
C VAL A 2924 -28.68 -39.47 2.61
N GLU A 2925 -29.51 -38.60 2.04
CA GLU A 2925 -28.94 -37.41 1.45
C GLU A 2925 -28.54 -36.34 2.47
N LEU A 2926 -28.79 -36.56 3.76
CA LEU A 2926 -28.21 -35.71 4.78
C LEU A 2926 -26.88 -36.25 5.27
N ALA A 2927 -26.78 -37.57 5.31
CA ALA A 2927 -25.51 -38.22 5.63
C ALA A 2927 -24.45 -37.92 4.58
N LYS A 2928 -24.87 -37.73 3.32
CA LYS A 2928 -23.91 -37.31 2.30
C LYS A 2928 -23.31 -35.95 2.61
N LEU A 2929 -24.14 -34.97 2.94
CA LEU A 2929 -23.66 -33.62 3.20
C LEU A 2929 -22.85 -33.56 4.48
N TYR A 2930 -23.24 -34.31 5.49
CA TYR A 2930 -22.42 -34.36 6.71
C TYR A 2930 -21.13 -35.15 6.53
N ARG A 2931 -21.09 -36.13 5.62
CA ARG A 2931 -19.82 -36.80 5.37
C ARG A 2931 -18.86 -35.87 4.64
N SER A 2932 -19.37 -35.01 3.77
CA SER A 2932 -18.51 -34.19 2.94
C SER A 2932 -17.75 -33.14 3.72
N ILE A 2933 -18.20 -32.74 4.92
CA ILE A 2933 -17.54 -31.67 5.66
C ILE A 2933 -16.94 -32.21 6.95
N GLY A 2934 -16.45 -33.43 6.91
CA GLY A 2934 -15.90 -34.05 8.10
C GLY A 2934 -16.99 -34.71 8.88
N GLU A 2935 -17.24 -34.24 10.10
CA GLU A 2935 -18.46 -34.47 10.88
C GLU A 2935 -18.88 -35.92 11.00
N TYR A 2936 -17.94 -36.81 11.28
CA TYR A 2936 -18.27 -38.21 11.34
C TYR A 2936 -19.05 -38.57 12.60
N ASP A 2937 -19.02 -37.72 13.62
CA ASP A 2937 -19.80 -37.98 14.82
C ASP A 2937 -21.29 -37.88 14.53
N VAL A 2938 -21.70 -36.85 13.79
CA VAL A 2938 -23.11 -36.65 13.52
C VAL A 2938 -23.62 -37.70 12.55
N LEU A 2939 -22.78 -38.04 11.56
CA LEU A 2939 -23.12 -39.09 10.61
C LEU A 2939 -23.25 -40.44 11.30
N ARG A 2940 -22.37 -40.73 12.25
CA ARG A 2940 -22.53 -41.97 13.00
C ARG A 2940 -23.74 -41.90 13.92
N GLY A 2941 -24.14 -40.71 14.33
CA GLY A 2941 -25.38 -40.60 15.09
C GLY A 2941 -26.61 -40.81 14.24
N ILE A 2942 -26.51 -40.55 12.94
CA ILE A 2942 -27.63 -40.79 12.04
C ILE A 2942 -27.84 -42.29 11.83
N PHE A 2943 -26.77 -43.03 11.59
CA PHE A 2943 -26.87 -44.44 11.30
C PHE A 2943 -27.25 -45.28 12.52
N THR A 2944 -27.14 -44.75 13.73
CA THR A 2944 -27.54 -45.50 14.91
C THR A 2944 -29.02 -45.35 15.23
N SER A 2945 -29.68 -44.35 14.68
CA SER A 2945 -31.06 -44.11 15.02
C SER A 2945 -32.04 -44.29 13.89
N GLU A 2946 -31.86 -43.61 12.79
CA GLU A 2946 -32.95 -43.59 11.83
C GLU A 2946 -32.70 -44.45 10.61
N ILE A 2947 -31.45 -44.72 10.27
CA ILE A 2947 -31.22 -45.51 9.06
C ILE A 2947 -31.02 -46.98 9.41
N GLY A 2948 -30.22 -47.27 10.42
CA GLY A 2948 -29.97 -48.65 10.78
C GLY A 2948 -31.16 -49.28 11.49
N THR A 2949 -31.60 -50.42 10.95
CA THR A 2949 -32.68 -51.20 11.55
C THR A 2949 -32.15 -52.37 12.34
N LYS A 2950 -31.23 -53.14 11.77
CA LYS A 2950 -30.76 -54.36 12.37
C LYS A 2950 -29.87 -54.06 13.57
N GLN A 2951 -29.47 -55.10 14.29
CA GLN A 2951 -28.64 -55.00 15.48
C GLN A 2951 -27.17 -55.03 15.17
N ILE A 2952 -26.81 -55.67 14.05
CA ILE A 2952 -25.40 -55.84 13.72
C ILE A 2952 -24.83 -54.51 13.22
N THR A 2953 -25.70 -53.64 12.75
CA THR A 2953 -25.30 -52.28 12.39
C THR A 2953 -24.89 -51.48 13.62
N GLN A 2954 -25.63 -51.63 14.72
CA GLN A 2954 -25.25 -50.90 15.94
C GLN A 2954 -24.03 -51.52 16.57
N SER A 2955 -23.92 -52.85 16.53
CA SER A 2955 -22.75 -53.50 17.09
C SER A 2955 -21.50 -53.26 16.25
N ALA A 2956 -21.64 -52.87 14.99
CA ALA A 2956 -20.49 -52.45 14.24
C ALA A 2956 -20.21 -50.96 14.38
N LEU A 2957 -21.25 -50.17 14.63
CA LEU A 2957 -21.05 -48.74 14.89
C LEU A 2957 -20.28 -48.52 16.19
N LEU A 2958 -20.54 -49.34 17.21
CA LEU A 2958 -19.80 -49.24 18.46
C LEU A 2958 -18.32 -49.55 18.25
N ALA A 2959 -18.04 -50.67 17.59
CA ALA A 2959 -16.67 -51.10 17.40
C ALA A 2959 -15.95 -50.23 16.38
N GLU A 2960 -16.70 -49.52 15.54
CA GLU A 2960 -16.06 -48.55 14.66
C GLU A 2960 -15.74 -47.29 15.43
N ALA A 2961 -16.58 -46.91 16.38
CA ALA A 2961 -16.35 -45.68 17.13
C ALA A 2961 -15.20 -45.83 18.10
N ARG A 2962 -14.99 -47.03 18.65
CA ARG A 2962 -13.86 -47.22 19.55
C ARG A 2962 -12.59 -47.64 18.84
N SER A 2963 -12.51 -47.39 17.52
CA SER A 2963 -11.34 -47.66 16.67
C SER A 2963 -10.90 -49.11 16.74
N ASP A 2964 -11.79 -49.98 16.29
CA ASP A 2964 -11.56 -51.41 16.22
C ASP A 2964 -11.92 -51.93 14.85
N TYR A 2965 -11.33 -51.31 13.82
CA TYR A 2965 -11.81 -51.42 12.45
C TYR A 2965 -11.76 -52.82 11.88
N SER A 2966 -11.01 -53.75 12.48
CA SER A 2966 -11.10 -55.13 12.01
C SER A 2966 -12.39 -55.78 12.46
N GLU A 2967 -12.75 -55.58 13.72
CA GLU A 2967 -13.99 -56.12 14.26
C GLU A 2967 -15.21 -55.32 13.87
N ALA A 2968 -15.09 -54.37 12.95
CA ALA A 2968 -16.23 -53.74 12.32
C ALA A 2968 -16.39 -54.22 10.88
N ALA A 2969 -15.28 -54.30 10.15
CA ALA A 2969 -15.30 -54.86 8.80
C ALA A 2969 -15.69 -56.32 8.81
N LYS A 2970 -15.34 -57.06 9.86
CA LYS A 2970 -15.77 -58.45 9.96
C LYS A 2970 -17.28 -58.55 10.11
N GLN A 2971 -17.88 -57.62 10.85
CA GLN A 2971 -19.33 -57.67 11.00
C GLN A 2971 -20.05 -57.17 9.77
N TYR A 2972 -19.44 -56.24 9.03
CA TYR A 2972 -20.06 -55.79 7.79
C TYR A 2972 -20.00 -56.88 6.74
N ASP A 2973 -18.91 -57.63 6.69
CA ASP A 2973 -18.85 -58.79 5.82
C ASP A 2973 -19.82 -59.86 6.27
N GLU A 2974 -20.01 -60.00 7.59
CA GLU A 2974 -20.94 -60.99 8.11
C GLU A 2974 -22.39 -60.57 7.93
N ALA A 2975 -22.65 -59.29 7.68
CA ALA A 2975 -23.99 -58.85 7.37
C ALA A 2975 -24.28 -58.75 5.88
N LEU A 2976 -23.26 -58.58 5.05
CA LEU A 2976 -23.48 -58.50 3.61
C LEU A 2976 -23.43 -59.84 2.92
N ASN A 2977 -23.69 -60.92 3.63
CA ASN A 2977 -23.84 -62.22 3.01
C ASN A 2977 -24.95 -63.03 3.65
N LYS A 2978 -25.69 -62.44 4.58
CA LYS A 2978 -26.67 -63.18 5.36
C LYS A 2978 -27.92 -63.37 4.52
N GLN A 2979 -28.35 -64.61 4.36
CA GLN A 2979 -29.57 -64.88 3.63
C GLN A 2979 -30.70 -65.32 4.56
N ASP A 2980 -30.35 -65.94 5.67
CA ASP A 2980 -31.33 -66.41 6.65
C ASP A 2980 -31.67 -65.29 7.63
N TRP A 2981 -32.12 -64.17 7.08
CA TRP A 2981 -32.55 -63.08 7.92
C TRP A 2981 -33.88 -63.45 8.56
N VAL A 2982 -33.93 -63.49 9.89
CA VAL A 2982 -35.11 -64.00 10.55
C VAL A 2982 -36.20 -62.93 10.59
N ASP A 2983 -35.85 -61.69 10.89
CA ASP A 2983 -36.83 -60.68 11.25
C ASP A 2983 -37.11 -59.69 10.14
N GLY A 2984 -37.00 -60.09 8.89
CA GLY A 2984 -37.25 -59.16 7.82
C GLY A 2984 -35.98 -58.82 7.08
N GLU A 2985 -36.05 -57.92 6.13
CA GLU A 2985 -34.86 -57.64 5.36
C GLU A 2985 -34.34 -56.25 5.66
N PRO A 2986 -33.06 -56.00 5.41
CA PRO A 2986 -32.57 -54.63 5.36
C PRO A 2986 -33.13 -53.88 4.18
N THR A 2987 -33.10 -52.56 4.28
CA THR A 2987 -33.49 -51.74 3.17
C THR A 2987 -32.32 -51.61 2.19
N GLU A 2988 -32.54 -50.89 1.11
CA GLU A 2988 -31.42 -50.59 0.22
C GLU A 2988 -30.49 -49.58 0.86
N ALA A 2989 -31.02 -48.69 1.70
CA ALA A 2989 -30.19 -47.73 2.42
C ALA A 2989 -29.32 -48.43 3.44
N GLU A 2990 -29.89 -49.35 4.19
CA GLU A 2990 -29.16 -50.08 5.22
C GLU A 2990 -28.10 -51.00 4.65
N LYS A 2991 -28.27 -51.47 3.42
CA LYS A 2991 -27.24 -52.30 2.80
C LYS A 2991 -26.17 -51.46 2.12
N ASP A 2992 -26.57 -50.32 1.51
CA ASP A 2992 -25.59 -49.44 0.91
C ASP A 2992 -24.69 -48.81 1.95
N PHE A 2993 -25.21 -48.60 3.16
CA PHE A 2993 -24.34 -48.15 4.24
C PHE A 2993 -23.33 -49.22 4.60
N TRP A 2994 -23.74 -50.48 4.64
CA TRP A 2994 -22.80 -51.53 5.04
C TRP A 2994 -21.70 -51.70 4.02
N GLU A 2995 -22.04 -51.56 2.74
CA GLU A 2995 -21.00 -51.58 1.70
C GLU A 2995 -20.02 -50.42 1.84
N LEU A 2996 -20.55 -49.21 2.02
CA LEU A 2996 -19.67 -48.04 2.06
C LEU A 2996 -18.83 -48.01 3.33
N ALA A 2997 -19.39 -48.45 4.44
CA ALA A 2997 -18.62 -48.47 5.67
C ALA A 2997 -17.63 -49.62 5.69
N SER A 2998 -17.91 -50.70 4.97
CA SER A 2998 -16.89 -51.73 4.83
C SER A 2998 -15.71 -51.23 4.01
N LEU A 2999 -15.99 -50.39 3.01
CA LEU A 2999 -14.90 -49.74 2.28
C LEU A 2999 -14.10 -48.81 3.18
N ASP A 3000 -14.78 -48.08 4.07
CA ASP A 3000 -14.07 -47.19 4.99
C ASP A 3000 -13.22 -47.98 5.98
N CYS A 3001 -13.71 -49.12 6.45
CA CYS A 3001 -12.92 -49.92 7.39
C CYS A 3001 -11.71 -50.55 6.71
N TYR A 3002 -11.88 -51.01 5.47
CA TYR A 3002 -10.74 -51.59 4.77
C TYR A 3002 -9.72 -50.53 4.40
N ASN A 3003 -10.18 -49.30 4.17
CA ASN A 3003 -9.24 -48.21 3.91
C ASN A 3003 -8.55 -47.79 5.19
N HIS A 3004 -9.29 -47.83 6.30
CA HIS A 3004 -8.74 -47.42 7.57
C HIS A 3004 -7.74 -48.42 8.11
N LEU A 3005 -7.85 -49.69 7.72
CA LEU A 3005 -6.88 -50.57 8.34
C LEU A 3005 -5.58 -50.46 7.60
N ALA A 3006 -5.37 -51.29 6.59
CA ALA A 3006 -4.54 -50.95 5.43
C ALA A 3006 -4.88 -51.88 4.29
N GLU A 3007 -5.89 -52.73 4.45
CA GLU A 3007 -5.93 -53.98 3.68
C GLU A 3007 -6.22 -53.76 2.21
N TRP A 3008 -5.15 -53.76 1.39
CA TRP A 3008 -5.28 -53.27 0.03
C TRP A 3008 -5.75 -54.31 -0.96
N LYS A 3009 -5.47 -55.58 -0.72
CA LYS A 3009 -6.00 -56.60 -1.62
C LYS A 3009 -7.47 -56.87 -1.40
N SER A 3010 -8.02 -56.44 -0.27
CA SER A 3010 -9.44 -56.51 0.00
C SER A 3010 -10.17 -55.25 -0.40
N LEU A 3011 -9.54 -54.09 -0.23
CA LEU A 3011 -10.18 -52.83 -0.57
C LEU A 3011 -10.43 -52.71 -2.06
N GLU A 3012 -9.44 -53.09 -2.89
CA GLU A 3012 -9.61 -52.94 -4.33
C GLU A 3012 -10.67 -53.90 -4.87
N TYR A 3013 -10.74 -55.11 -4.32
CA TYR A 3013 -11.74 -56.08 -4.76
C TYR A 3013 -13.14 -55.67 -4.33
N CYS A 3014 -13.30 -55.20 -3.08
CA CYS A 3014 -14.61 -54.73 -2.66
C CYS A 3014 -14.99 -53.42 -3.33
N SER A 3015 -14.03 -52.65 -3.83
CA SER A 3015 -14.38 -51.37 -4.45
C SER A 3015 -14.72 -51.49 -5.92
N THR A 3016 -14.49 -52.65 -6.52
CA THR A 3016 -14.94 -52.90 -7.88
C THR A 3016 -15.97 -54.00 -7.99
N ALA A 3017 -16.20 -54.79 -6.94
CA ALA A 3017 -17.17 -55.85 -7.11
C ALA A 3017 -18.55 -55.41 -6.68
N SER A 3018 -18.97 -54.24 -7.13
CA SER A 3018 -20.38 -53.89 -7.06
C SER A 3018 -20.85 -53.02 -8.22
N ILE A 3019 -20.12 -52.92 -9.32
CA ILE A 3019 -20.54 -52.01 -10.39
C ILE A 3019 -21.25 -52.77 -11.50
N ASP A 3020 -20.52 -53.57 -12.28
CA ASP A 3020 -21.13 -54.61 -13.11
C ASP A 3020 -20.21 -55.81 -13.16
N SER A 3021 -19.15 -55.81 -12.38
CA SER A 3021 -18.07 -56.81 -12.47
C SER A 3021 -18.48 -58.02 -11.65
N GLU A 3022 -18.81 -59.12 -12.32
CA GLU A 3022 -19.06 -60.35 -11.57
C GLU A 3022 -17.83 -61.26 -11.55
N ASN A 3023 -17.52 -61.90 -12.69
CA ASN A 3023 -16.32 -62.73 -12.79
C ASN A 3023 -15.09 -61.95 -13.27
N PRO A 3024 -15.14 -61.12 -14.33
CA PRO A 3024 -13.99 -60.26 -14.58
C PRO A 3024 -14.17 -58.89 -13.96
N PRO A 3025 -13.09 -58.25 -13.54
CA PRO A 3025 -13.21 -56.88 -13.07
C PRO A 3025 -13.26 -55.91 -14.24
N ASP A 3026 -14.45 -55.41 -14.52
CA ASP A 3026 -14.69 -54.54 -15.67
C ASP A 3026 -14.77 -53.10 -15.16
N LEU A 3027 -13.62 -52.43 -15.19
CA LEU A 3027 -13.44 -51.11 -14.63
C LEU A 3027 -14.17 -50.02 -15.41
N ASN A 3028 -14.65 -50.34 -16.62
CA ASN A 3028 -15.21 -49.34 -17.51
C ASN A 3028 -16.51 -48.76 -17.01
N LYS A 3029 -17.25 -49.51 -16.20
CA LYS A 3029 -18.61 -49.11 -15.86
C LYS A 3029 -18.68 -47.99 -14.85
N ILE A 3030 -17.53 -47.46 -14.41
CA ILE A 3030 -17.52 -46.40 -13.40
C ILE A 3030 -17.88 -45.07 -14.04
N TRP A 3031 -17.73 -44.95 -15.35
CA TRP A 3031 -18.15 -43.74 -16.03
C TRP A 3031 -19.65 -43.73 -16.28
N SER A 3032 -20.23 -44.89 -16.56
CA SER A 3032 -21.66 -45.07 -16.41
C SER A 3032 -22.03 -44.98 -14.94
N GLU A 3033 -23.31 -44.62 -14.67
CA GLU A 3033 -23.88 -44.46 -13.33
C GLU A 3033 -23.04 -43.48 -12.51
N PRO A 3034 -23.21 -42.18 -12.71
CA PRO A 3034 -22.31 -41.17 -12.12
C PRO A 3034 -22.12 -41.19 -10.60
N PHE A 3035 -23.00 -41.87 -9.86
CA PHE A 3035 -22.79 -42.10 -8.43
C PHE A 3035 -21.55 -42.94 -8.17
N TYR A 3036 -21.21 -43.81 -9.13
CA TYR A 3036 -20.07 -44.69 -8.98
C TYR A 3036 -18.78 -43.89 -8.95
N GLN A 3037 -18.66 -42.87 -9.79
CA GLN A 3037 -17.43 -42.12 -9.79
C GLN A 3037 -17.33 -41.16 -8.62
N GLU A 3038 -18.39 -40.96 -7.84
CA GLU A 3038 -18.31 -40.21 -6.60
C GLU A 3038 -18.17 -41.09 -5.38
N THR A 3039 -18.51 -42.35 -5.47
CA THR A 3039 -18.47 -43.20 -4.29
C THR A 3039 -17.40 -44.28 -4.35
N TYR A 3040 -17.22 -44.93 -5.50
CA TYR A 3040 -16.31 -46.06 -5.59
C TYR A 3040 -15.00 -45.71 -6.25
N LEU A 3041 -14.95 -44.63 -7.01
CA LEU A 3041 -13.73 -44.24 -7.73
C LEU A 3041 -12.52 -43.95 -6.85
N PRO A 3042 -12.59 -43.11 -5.79
CA PRO A 3042 -11.35 -42.80 -5.06
C PRO A 3042 -10.79 -43.99 -4.32
N TYR A 3043 -11.65 -44.86 -3.84
CA TYR A 3043 -11.17 -46.06 -3.17
C TYR A 3043 -10.53 -47.02 -4.15
N MET A 3044 -11.07 -47.09 -5.37
CA MET A 3044 -10.50 -47.91 -6.42
C MET A 3044 -9.09 -47.47 -6.76
N ILE A 3045 -8.94 -46.16 -7.02
CA ILE A 3045 -7.65 -45.63 -7.46
C ILE A 3045 -6.64 -45.66 -6.32
N ARG A 3046 -7.06 -45.30 -5.10
CA ARG A 3046 -6.16 -45.32 -3.95
C ARG A 3046 -5.71 -46.73 -3.62
N SER A 3047 -6.62 -47.70 -3.67
CA SER A 3047 -6.27 -49.08 -3.37
C SER A 3047 -5.33 -49.67 -4.40
N LYS A 3048 -5.62 -49.47 -5.68
CA LYS A 3048 -4.73 -50.02 -6.70
C LYS A 3048 -3.39 -49.31 -6.71
N LEU A 3049 -3.38 -48.03 -6.36
CA LEU A 3049 -2.12 -47.29 -6.32
C LEU A 3049 -1.26 -47.72 -5.16
N LYS A 3050 -1.84 -47.92 -3.98
CA LYS A 3050 -1.07 -48.38 -2.83
C LYS A 3050 -0.58 -49.80 -3.05
N LEU A 3051 -1.32 -50.59 -3.82
CA LEU A 3051 -0.81 -51.90 -4.22
C LEU A 3051 0.38 -51.75 -5.16
N LEU A 3052 0.32 -50.78 -6.05
CA LEU A 3052 1.30 -50.67 -7.12
C LEU A 3052 2.60 -50.05 -6.63
N LEU A 3053 2.52 -49.16 -5.64
CA LEU A 3053 3.72 -48.51 -5.10
C LEU A 3053 4.56 -49.40 -4.21
N GLN A 3054 4.12 -50.62 -3.95
CA GLN A 3054 4.94 -51.52 -3.17
C GLN A 3054 5.11 -52.83 -3.91
N GLY A 3055 5.12 -52.75 -5.23
CA GLY A 3055 5.42 -53.89 -6.08
C GLY A 3055 4.24 -54.46 -6.84
N GLU A 3056 4.17 -55.79 -6.87
CA GLU A 3056 3.08 -56.66 -7.33
C GLU A 3056 2.93 -56.72 -8.86
N ALA A 3057 3.54 -55.77 -9.56
CA ALA A 3057 3.66 -55.73 -11.04
C ALA A 3057 2.33 -55.95 -11.76
N ASP A 3058 1.40 -55.01 -11.60
CA ASP A 3058 0.13 -55.07 -12.32
C ASP A 3058 0.02 -53.89 -13.26
N GLN A 3059 -0.33 -54.17 -14.52
CA GLN A 3059 -0.62 -53.13 -15.49
C GLN A 3059 -2.13 -53.00 -15.67
N SER A 3060 -2.79 -52.57 -14.60
CA SER A 3060 -4.22 -52.36 -14.66
C SER A 3060 -4.61 -50.90 -14.47
N LEU A 3061 -4.08 -50.26 -13.41
CA LEU A 3061 -4.39 -48.85 -13.17
C LEU A 3061 -3.81 -47.97 -14.26
N LEU A 3062 -2.62 -48.33 -14.77
CA LEU A 3062 -2.02 -47.57 -15.85
C LEU A 3062 -2.87 -47.61 -17.11
N THR A 3063 -3.42 -48.78 -17.45
CA THR A 3063 -4.21 -48.88 -18.66
C THR A 3063 -5.58 -48.24 -18.49
N PHE A 3064 -6.17 -48.38 -17.31
CA PHE A 3064 -7.42 -47.70 -16.98
C PHE A 3064 -7.26 -46.18 -17.12
N ILE A 3065 -6.20 -45.65 -16.53
CA ILE A 3065 -5.94 -44.21 -16.61
C ILE A 3065 -5.62 -43.79 -18.04
N ASP A 3066 -4.88 -44.65 -18.76
CA ASP A 3066 -4.47 -44.44 -20.13
C ASP A 3066 -5.65 -44.22 -21.05
N LYS A 3067 -6.49 -45.25 -21.18
CA LYS A 3067 -7.66 -45.09 -22.03
C LYS A 3067 -8.80 -44.33 -21.37
N ALA A 3068 -8.61 -43.87 -20.13
CA ALA A 3068 -9.47 -42.83 -19.60
C ALA A 3068 -9.06 -41.45 -20.05
N MET A 3069 -7.77 -41.22 -20.24
CA MET A 3069 -7.26 -39.92 -20.64
C MET A 3069 -7.42 -39.63 -22.14
N HIS A 3070 -8.13 -40.49 -22.87
CA HIS A 3070 -8.32 -40.28 -24.29
C HIS A 3070 -9.61 -39.53 -24.56
N GLY A 3071 -10.63 -39.74 -23.74
CA GLY A 3071 -11.85 -38.96 -23.86
C GLY A 3071 -11.72 -37.59 -23.22
N GLU A 3072 -12.83 -37.06 -22.71
CA GLU A 3072 -12.74 -35.81 -21.99
C GLU A 3072 -13.49 -35.92 -20.68
N LEU A 3073 -14.48 -36.82 -20.65
CA LEU A 3073 -15.25 -37.08 -19.43
C LEU A 3073 -14.36 -37.55 -18.29
N GLN A 3074 -13.31 -38.27 -18.63
CA GLN A 3074 -12.42 -38.85 -17.65
C GLN A 3074 -11.10 -38.07 -17.53
N LYS A 3075 -10.54 -37.65 -18.67
CA LYS A 3075 -9.35 -36.81 -18.64
C LYS A 3075 -9.61 -35.47 -17.99
N ALA A 3076 -10.85 -35.00 -17.98
CA ALA A 3076 -11.18 -33.81 -17.23
C ALA A 3076 -11.35 -34.09 -15.75
N ILE A 3077 -11.88 -35.27 -15.39
CA ILE A 3077 -12.23 -35.50 -13.99
C ILE A 3077 -11.01 -35.90 -13.19
N LEU A 3078 -9.98 -36.40 -13.87
CA LEU A 3078 -8.77 -36.78 -13.15
C LEU A 3078 -7.99 -35.56 -12.74
N GLU A 3079 -7.53 -34.74 -13.67
CA GLU A 3079 -6.62 -33.66 -13.31
C GLU A 3079 -7.33 -32.42 -12.75
N LEU A 3080 -8.22 -32.60 -11.81
CA LEU A 3080 -8.74 -31.54 -10.97
C LEU A 3080 -8.62 -31.90 -9.51
N HIS A 3081 -8.83 -33.16 -9.18
CA HIS A 3081 -8.83 -33.64 -7.81
C HIS A 3081 -7.74 -34.64 -7.54
N TYR A 3082 -7.49 -35.58 -8.45
CA TYR A 3082 -6.60 -36.68 -8.09
C TYR A 3082 -5.14 -36.25 -8.29
N SER A 3083 -4.67 -36.25 -9.53
CA SER A 3083 -3.41 -35.63 -10.01
C SER A 3083 -2.12 -36.04 -9.29
N GLN A 3084 -2.22 -36.57 -8.08
CA GLN A 3084 -1.14 -37.00 -7.23
C GLN A 3084 -0.92 -38.48 -7.36
N GLU A 3085 -2.02 -39.22 -7.48
CA GLU A 3085 -1.96 -40.57 -7.99
C GLU A 3085 -1.43 -40.58 -9.41
N LEU A 3086 -1.78 -39.56 -10.19
CA LEU A 3086 -1.22 -39.42 -11.53
C LEU A 3086 0.27 -39.18 -11.48
N SER A 3087 0.71 -38.31 -10.56
CA SER A 3087 2.15 -38.08 -10.38
C SER A 3087 2.87 -39.35 -9.98
N LEU A 3088 2.29 -40.11 -9.05
CA LEU A 3088 2.98 -41.29 -8.55
C LEU A 3088 2.86 -42.46 -9.50
N LEU A 3089 1.97 -42.37 -10.50
CA LEU A 3089 1.96 -43.38 -11.55
C LEU A 3089 2.96 -43.05 -12.63
N TYR A 3090 3.00 -41.79 -13.06
CA TYR A 3090 3.92 -41.40 -14.13
C TYR A 3090 5.36 -41.37 -13.64
N LEU A 3091 5.57 -41.25 -12.33
CA LEU A 3091 6.89 -41.51 -11.77
C LEU A 3091 7.24 -42.98 -11.88
N LEU A 3092 6.27 -43.86 -11.67
CA LEU A 3092 6.55 -45.28 -11.67
C LEU A 3092 6.73 -45.82 -13.08
N GLN A 3093 6.21 -45.08 -14.07
CA GLN A 3093 6.47 -45.42 -15.45
C GLN A 3093 7.70 -44.70 -16.01
N ASP A 3094 8.42 -43.94 -15.17
CA ASP A 3094 9.57 -43.13 -15.55
C ASP A 3094 9.26 -42.13 -16.65
N ASP A 3095 8.06 -41.56 -16.62
CA ASP A 3095 7.74 -40.41 -17.47
C ASP A 3095 7.79 -39.15 -16.61
N VAL A 3096 9.02 -38.74 -16.29
CA VAL A 3096 9.27 -37.95 -15.10
C VAL A 3096 8.79 -36.51 -15.28
N ASP A 3097 8.83 -36.01 -16.50
CA ASP A 3097 8.42 -34.63 -16.75
C ASP A 3097 6.91 -34.47 -16.61
N ARG A 3098 6.16 -35.51 -16.97
CA ARG A 3098 4.72 -35.44 -16.82
C ARG A 3098 4.34 -35.49 -15.35
N ALA A 3099 5.12 -36.24 -14.55
CA ALA A 3099 4.94 -36.22 -13.11
C ALA A 3099 5.19 -34.84 -12.54
N LYS A 3100 6.17 -34.12 -13.08
CA LYS A 3100 6.45 -32.77 -12.61
C LYS A 3100 5.34 -31.82 -12.97
N TYR A 3101 4.79 -31.96 -14.18
CA TYR A 3101 3.67 -31.13 -14.59
C TYR A 3101 2.43 -31.41 -13.75
N TYR A 3102 2.21 -32.68 -13.42
CA TYR A 3102 1.02 -33.05 -12.67
C TYR A 3102 1.17 -32.68 -11.20
N ILE A 3103 2.39 -32.69 -10.66
CA ILE A 3103 2.54 -32.27 -9.27
C ILE A 3103 2.49 -30.75 -9.16
N GLN A 3104 2.87 -30.04 -10.21
CA GLN A 3104 2.67 -28.59 -10.19
C GLN A 3104 1.20 -28.25 -10.30
N ASN A 3105 0.46 -29.01 -11.11
CA ASN A 3105 -0.99 -28.84 -11.15
C ASN A 3105 -1.64 -29.25 -9.84
N GLY A 3106 -1.05 -30.22 -9.15
CA GLY A 3106 -1.58 -30.62 -7.86
C GLY A 3106 -1.43 -29.54 -6.81
N ILE A 3107 -0.25 -28.91 -6.77
CA ILE A 3107 -0.01 -27.78 -5.88
C ILE A 3107 -0.96 -26.62 -6.23
N GLN A 3108 -1.24 -26.42 -7.52
CA GLN A 3108 -2.19 -25.38 -7.90
C GLN A 3108 -3.61 -25.73 -7.48
N SER A 3109 -4.00 -27.00 -7.62
CA SER A 3109 -5.36 -27.41 -7.29
C SER A 3109 -5.60 -27.37 -5.79
N PHE A 3110 -4.53 -27.53 -5.00
CA PHE A 3110 -4.66 -27.42 -3.54
C PHE A 3110 -5.12 -26.02 -3.15
N MET A 3111 -4.49 -25.00 -3.70
CA MET A 3111 -4.90 -23.64 -3.40
C MET A 3111 -6.26 -23.34 -4.01
N GLN A 3112 -6.53 -23.90 -5.19
CA GLN A 3112 -7.82 -23.81 -5.86
C GLN A 3112 -8.98 -24.24 -4.97
N ASN A 3113 -8.93 -25.48 -4.47
CA ASN A 3113 -10.05 -26.00 -3.69
C ASN A 3113 -9.82 -25.88 -2.20
N TYR A 3114 -8.74 -25.21 -1.79
CA TYR A 3114 -8.58 -24.80 -0.40
C TYR A 3114 -9.19 -23.43 -0.14
N SER A 3115 -9.01 -22.48 -1.07
CA SER A 3115 -9.59 -21.18 -0.86
C SER A 3115 -11.10 -21.18 -0.98
N SER A 3116 -11.68 -22.19 -1.62
CA SER A 3116 -13.11 -22.24 -1.82
C SER A 3116 -13.86 -22.67 -0.57
N ILE A 3117 -13.25 -23.47 0.29
CA ILE A 3117 -13.90 -23.89 1.53
C ILE A 3117 -13.99 -22.72 2.47
N ASP A 3118 -15.11 -22.63 3.18
CA ASP A 3118 -15.40 -21.46 4.00
C ASP A 3118 -14.51 -21.44 5.23
N VAL A 3119 -14.55 -20.30 5.93
CA VAL A 3119 -13.73 -20.13 7.13
C VAL A 3119 -14.29 -20.98 8.25
N LEU A 3120 -15.61 -21.17 8.26
CA LEU A 3120 -16.26 -21.81 9.39
C LEU A 3120 -16.13 -23.32 9.34
N LEU A 3121 -16.04 -23.89 8.14
CA LEU A 3121 -15.86 -25.33 8.00
C LEU A 3121 -14.43 -25.71 8.37
N HIS A 3122 -14.15 -25.74 9.67
CA HIS A 3122 -12.78 -25.88 10.15
C HIS A 3122 -12.24 -27.27 9.85
N GLN A 3123 -13.09 -28.28 9.93
CA GLN A 3123 -12.62 -29.65 9.76
C GLN A 3123 -12.28 -29.94 8.31
N SER A 3124 -12.96 -29.31 7.36
CA SER A 3124 -12.74 -29.64 5.95
C SER A 3124 -11.45 -29.02 5.44
N ARG A 3125 -11.17 -27.78 5.82
CA ARG A 3125 -9.92 -27.19 5.39
C ARG A 3125 -8.75 -27.75 6.18
N LEU A 3126 -8.99 -28.27 7.38
CA LEU A 3126 -7.99 -29.08 8.05
C LEU A 3126 -7.70 -30.35 7.27
N THR A 3127 -8.74 -30.96 6.70
CA THR A 3127 -8.54 -32.17 5.92
C THR A 3127 -7.81 -31.87 4.62
N LYS A 3128 -7.99 -30.67 4.07
CA LYS A 3128 -7.17 -30.28 2.92
C LYS A 3128 -5.74 -30.05 3.33
N LEU A 3129 -5.53 -29.33 4.44
CA LEU A 3129 -4.21 -28.97 4.91
C LEU A 3129 -3.39 -30.18 5.31
N GLN A 3130 -4.05 -31.27 5.68
CA GLN A 3130 -3.31 -32.48 6.00
C GLN A 3130 -2.70 -33.16 4.79
N SER A 3131 -3.01 -32.73 3.57
CA SER A 3131 -2.47 -33.37 2.38
C SER A 3131 -1.22 -32.71 1.84
N VAL A 3132 -0.87 -31.52 2.35
CA VAL A 3132 0.13 -30.72 1.67
C VAL A 3132 1.54 -31.24 1.91
N GLN A 3133 1.75 -32.04 2.97
CA GLN A 3133 3.10 -32.54 3.21
C GLN A 3133 3.45 -33.63 2.19
N ALA A 3134 2.57 -34.61 2.02
CA ALA A 3134 2.76 -35.58 0.95
C ALA A 3134 2.63 -34.96 -0.42
N LEU A 3135 1.93 -33.82 -0.52
CA LEU A 3135 1.84 -33.16 -1.81
C LEU A 3135 3.15 -32.50 -2.19
N THR A 3136 3.96 -32.08 -1.21
CA THR A 3136 5.24 -31.47 -1.55
C THR A 3136 6.41 -32.43 -1.47
N GLU A 3137 6.30 -33.56 -0.78
CA GLU A 3137 7.43 -34.49 -0.70
C GLU A 3137 7.75 -35.07 -2.07
N ILE A 3138 6.73 -35.28 -2.90
CA ILE A 3138 6.95 -35.73 -4.28
C ILE A 3138 7.70 -34.68 -5.06
N GLN A 3139 7.34 -33.41 -4.85
CA GLN A 3139 8.02 -32.30 -5.50
C GLN A 3139 9.48 -32.25 -5.10
N GLU A 3140 9.75 -32.48 -3.81
CA GLU A 3140 11.12 -32.52 -3.33
C GLU A 3140 11.88 -33.71 -3.92
N PHE A 3141 11.20 -34.83 -4.10
CA PHE A 3141 11.86 -36.01 -4.67
C PHE A 3141 12.18 -35.80 -6.14
N ILE A 3142 11.27 -35.15 -6.87
CA ILE A 3142 11.51 -34.86 -8.28
C ILE A 3142 12.65 -33.85 -8.42
N SER A 3143 12.69 -32.86 -7.53
CA SER A 3143 13.76 -31.87 -7.55
C SER A 3143 15.09 -32.49 -7.17
N PHE A 3144 15.07 -33.47 -6.26
CA PHE A 3144 16.28 -34.19 -5.90
C PHE A 3144 16.77 -35.03 -7.07
N ILE A 3145 15.88 -35.83 -7.66
CA ILE A 3145 16.29 -36.78 -8.69
C ILE A 3145 16.60 -36.10 -10.01
N SER A 3146 16.21 -34.84 -10.21
CA SER A 3146 16.56 -34.16 -11.45
C SER A 3146 18.02 -33.72 -11.45
N LYS A 3147 18.54 -33.36 -10.28
CA LYS A 3147 19.93 -32.92 -10.19
C LYS A 3147 20.87 -34.10 -10.40
N GLN A 3148 22.08 -33.78 -10.86
CA GLN A 3148 22.96 -34.81 -11.41
C GLN A 3148 24.03 -35.28 -10.42
N GLY A 3149 24.61 -34.37 -9.65
CA GLY A 3149 25.68 -34.75 -8.74
C GLY A 3149 25.17 -35.31 -7.44
N ASN A 3150 23.85 -35.26 -7.23
CA ASN A 3150 23.24 -35.98 -6.12
C ASN A 3150 23.29 -37.48 -6.35
N LEU A 3151 23.42 -37.91 -7.60
CA LEU A 3151 23.50 -39.30 -7.97
C LEU A 3151 24.93 -39.78 -8.16
N SER A 3152 25.89 -39.11 -7.55
CA SER A 3152 27.27 -39.60 -7.50
C SER A 3152 27.82 -39.61 -6.09
N SER A 3153 27.27 -38.79 -5.22
CA SER A 3153 27.77 -38.56 -3.88
C SER A 3153 26.94 -39.35 -2.88
N GLN A 3154 27.14 -39.04 -1.61
CA GLN A 3154 26.37 -39.59 -0.52
C GLN A 3154 25.78 -38.51 0.36
N VAL A 3155 26.41 -37.35 0.47
CA VAL A 3155 25.93 -36.31 1.38
C VAL A 3155 24.57 -35.69 1.00
N PRO A 3156 24.19 -35.56 -0.30
CA PRO A 3156 22.83 -35.03 -0.51
C PRO A 3156 21.76 -36.04 -0.16
N LEU A 3157 22.04 -37.33 -0.37
CA LEU A 3157 21.10 -38.36 0.06
C LEU A 3157 20.99 -38.42 1.58
N LYS A 3158 22.12 -38.29 2.28
CA LYS A 3158 22.05 -38.27 3.74
C LYS A 3158 21.36 -37.02 4.26
N ARG A 3159 21.50 -35.90 3.54
CA ARG A 3159 20.77 -34.70 3.90
C ARG A 3159 19.28 -34.88 3.71
N LEU A 3160 18.88 -35.52 2.61
CA LEU A 3160 17.47 -35.74 2.34
C LEU A 3160 16.86 -36.69 3.35
N LEU A 3161 17.59 -37.75 3.71
CA LEU A 3161 17.12 -38.67 4.73
C LEU A 3161 16.99 -38.00 6.09
N ASN A 3162 17.90 -37.08 6.40
CA ASN A 3162 17.80 -36.40 7.69
C ASN A 3162 16.62 -35.44 7.73
N THR A 3163 16.35 -34.75 6.61
CA THR A 3163 15.17 -33.90 6.56
C THR A 3163 13.90 -34.71 6.66
N TRP A 3164 13.87 -35.88 6.01
CA TRP A 3164 12.69 -36.73 6.05
C TRP A 3164 12.49 -37.32 7.43
N THR A 3165 13.56 -37.60 8.16
CA THR A 3165 13.36 -38.23 9.46
C THR A 3165 13.15 -37.20 10.57
N ASN A 3166 13.47 -35.94 10.33
CA ASN A 3166 13.01 -34.96 11.31
C ASN A 3166 11.61 -34.47 11.01
N ARG A 3167 11.08 -34.72 9.82
CA ARG A 3167 9.76 -34.25 9.44
C ARG A 3167 8.89 -35.49 9.27
N TYR A 3168 8.34 -35.92 10.36
CA TYR A 3168 7.28 -36.90 10.44
C TYR A 3168 5.96 -36.18 10.56
N PRO A 3169 4.84 -36.85 10.32
CA PRO A 3169 3.55 -36.23 10.64
C PRO A 3169 3.35 -36.16 12.14
N ASP A 3170 2.27 -35.50 12.54
CA ASP A 3170 1.97 -35.36 13.95
C ASP A 3170 1.38 -36.65 14.45
N ALA A 3171 2.08 -37.31 15.35
CA ALA A 3171 1.46 -38.37 16.12
C ALA A 3171 0.38 -37.77 16.99
N LYS A 3172 -0.72 -38.50 17.13
CA LYS A 3172 -1.93 -38.09 17.86
C LYS A 3172 -2.54 -36.80 17.35
N MET A 3173 -2.30 -36.42 16.10
CA MET A 3173 -3.19 -35.47 15.45
C MET A 3173 -3.45 -35.80 13.99
N ASP A 3174 -2.55 -36.51 13.33
CA ASP A 3174 -2.74 -36.89 11.94
C ASP A 3174 -3.25 -38.30 11.90
N PRO A 3175 -4.38 -38.56 11.25
CA PRO A 3175 -4.92 -39.92 11.21
C PRO A 3175 -4.08 -40.81 10.32
N MET A 3176 -4.36 -42.10 10.41
CA MET A 3176 -3.48 -43.10 9.86
C MET A 3176 -3.53 -43.19 8.35
N ASN A 3177 -4.49 -42.55 7.69
CA ASN A 3177 -4.42 -42.48 6.25
C ASN A 3177 -3.33 -41.53 5.80
N ILE A 3178 -3.16 -40.40 6.51
CA ILE A 3178 -2.08 -39.48 6.22
C ILE A 3178 -0.73 -40.14 6.44
N TRP A 3179 -0.59 -40.84 7.56
CA TRP A 3179 0.63 -41.55 7.89
C TRP A 3179 0.95 -42.61 6.85
N ASP A 3180 -0.08 -43.30 6.38
CA ASP A 3180 0.10 -44.33 5.37
C ASP A 3180 0.60 -43.73 4.07
N ASP A 3181 0.05 -42.57 3.70
CA ASP A 3181 0.50 -41.84 2.51
C ASP A 3181 1.97 -41.48 2.60
N ILE A 3182 2.35 -40.82 3.70
CA ILE A 3182 3.72 -40.33 3.86
C ILE A 3182 4.72 -41.47 3.82
N ILE A 3183 4.48 -42.50 4.63
CA ILE A 3183 5.50 -43.55 4.78
C ILE A 3183 5.55 -44.44 3.54
N THR A 3184 4.41 -44.70 2.90
CA THR A 3184 4.43 -45.52 1.69
C THR A 3184 5.09 -44.80 0.53
N ASN A 3185 4.86 -43.49 0.42
CA ASN A 3185 5.53 -42.72 -0.62
C ASN A 3185 7.03 -42.64 -0.37
N ARG A 3186 7.45 -42.48 0.89
CA ARG A 3186 8.87 -42.40 1.18
C ARG A 3186 9.57 -43.73 0.94
N CYS A 3187 8.89 -44.83 1.23
CA CYS A 3187 9.47 -46.15 0.95
C CYS A 3187 9.56 -46.39 -0.54
N PHE A 3188 8.58 -45.92 -1.30
CA PHE A 3188 8.64 -45.99 -2.76
C PHE A 3188 9.79 -45.17 -3.31
N PHE A 3189 10.02 -43.99 -2.73
CA PHE A 3189 11.12 -43.14 -3.18
C PHE A 3189 12.46 -43.77 -2.88
N LEU A 3190 12.58 -44.43 -1.73
CA LEU A 3190 13.86 -45.05 -1.40
C LEU A 3190 14.14 -46.26 -2.27
N SER A 3191 13.09 -47.01 -2.62
CA SER A 3191 13.24 -48.09 -3.58
C SER A 3191 13.68 -47.55 -4.95
N LYS A 3192 13.11 -46.43 -5.36
CA LYS A 3192 13.43 -45.86 -6.67
C LYS A 3192 14.85 -45.29 -6.71
N ILE A 3193 15.30 -44.72 -5.61
CA ILE A 3193 16.65 -44.17 -5.54
C ILE A 3193 17.68 -45.28 -5.49
N GLU A 3194 17.37 -46.36 -4.74
CA GLU A 3194 18.27 -47.51 -4.72
C GLU A 3194 18.35 -48.19 -6.07
N GLU A 3195 17.28 -48.13 -6.85
CA GLU A 3195 17.37 -48.55 -8.24
C GLU A 3195 18.31 -47.64 -9.03
N LYS A 3196 18.03 -46.34 -9.06
CA LYS A 3196 18.78 -45.43 -9.93
C LYS A 3196 20.06 -44.89 -9.30
N LEU A 3197 20.62 -45.57 -8.31
CA LEU A 3197 21.89 -45.12 -7.74
C LEU A 3197 22.78 -46.33 -7.49
N THR A 3198 24.00 -46.25 -8.00
CA THR A 3198 24.93 -47.37 -7.99
C THR A 3198 26.11 -47.14 -7.05
N ASP A 3226 27.42 -47.43 3.91
CA ASP A 3226 27.20 -47.37 2.48
C ASP A 3226 25.79 -46.92 2.14
N ILE A 3227 25.32 -47.29 0.95
CA ILE A 3227 24.09 -46.70 0.43
C ILE A 3227 22.89 -47.54 0.84
N SER A 3228 22.94 -48.83 0.54
CA SER A 3228 21.82 -49.72 0.80
C SER A 3228 21.52 -49.85 2.28
N SER A 3229 22.57 -49.83 3.11
CA SER A 3229 22.36 -49.91 4.55
C SER A 3229 21.79 -48.61 5.09
N LEU A 3230 22.22 -47.47 4.56
CA LEU A 3230 21.66 -46.22 5.06
C LEU A 3230 20.26 -45.98 4.58
N ILE A 3231 19.81 -46.62 3.50
CA ILE A 3231 18.39 -46.48 3.21
C ILE A 3231 17.57 -47.59 3.89
N ARG A 3232 18.16 -48.76 4.15
CA ARG A 3232 17.37 -49.81 4.76
C ARG A 3232 17.29 -49.66 6.25
N SER A 3233 18.15 -48.83 6.84
CA SER A 3233 17.93 -48.44 8.22
C SER A 3233 16.85 -47.36 8.29
N CYS A 3234 16.78 -46.53 7.25
CA CYS A 3234 15.82 -45.44 7.22
C CYS A 3234 14.41 -45.97 7.04
N LYS A 3235 14.23 -46.96 6.17
CA LYS A 3235 12.91 -47.52 5.93
C LYS A 3235 12.40 -48.26 7.17
N PHE A 3236 13.31 -48.93 7.88
CA PHE A 3236 12.90 -49.62 9.09
C PHE A 3236 12.55 -48.65 10.21
N SER A 3237 13.34 -47.58 10.36
CA SER A 3237 13.02 -46.58 11.37
C SER A 3237 11.73 -45.84 11.03
N MET A 3238 11.43 -45.68 9.74
CA MET A 3238 10.17 -45.05 9.35
C MET A 3238 8.99 -45.95 9.67
N LYS A 3239 9.11 -47.24 9.40
CA LYS A 3239 8.01 -48.13 9.70
C LYS A 3239 7.82 -48.29 11.21
N MET A 3240 8.91 -48.24 11.96
CA MET A 3240 8.78 -48.32 13.42
C MET A 3240 8.19 -47.05 14.00
N LYS A 3241 8.47 -45.90 13.40
CA LYS A 3241 7.85 -44.66 13.85
C LYS A 3241 6.37 -44.65 13.53
N MET A 3242 5.98 -45.24 12.40
CA MET A 3242 4.56 -45.32 12.09
C MET A 3242 3.84 -46.29 13.02
N ILE A 3243 4.49 -47.41 13.37
CA ILE A 3243 3.91 -48.36 14.32
C ILE A 3243 3.76 -47.72 15.69
N ASP A 3244 4.72 -46.89 16.06
CA ASP A 3244 4.66 -46.16 17.32
C ASP A 3244 3.49 -45.18 17.32
N SER A 3245 3.35 -44.39 16.26
CA SER A 3245 2.27 -43.42 16.22
C SER A 3245 0.93 -44.04 15.89
N ALA A 3246 0.88 -45.33 15.57
CA ALA A 3246 -0.40 -45.99 15.42
C ALA A 3246 -0.82 -46.66 16.71
N ARG A 3247 0.16 -47.13 17.49
CA ARG A 3247 -0.15 -47.62 18.81
C ARG A 3247 -0.61 -46.48 19.70
N LYS A 3248 -0.04 -45.29 19.50
CA LYS A 3248 -0.37 -44.15 20.33
C LYS A 3248 -1.78 -43.62 20.14
N GLN A 3249 -2.53 -44.08 19.14
CA GLN A 3249 -3.89 -43.60 18.96
C GLN A 3249 -4.92 -44.70 18.78
N ASN A 3250 -4.79 -45.77 19.58
CA ASN A 3250 -5.79 -46.83 19.74
C ASN A 3250 -6.14 -47.51 18.41
N ASN A 3251 -5.15 -47.65 17.54
CA ASN A 3251 -5.37 -48.25 16.24
C ASN A 3251 -4.66 -49.59 16.19
N PHE A 3252 -4.85 -50.39 17.24
CA PHE A 3252 -4.01 -51.54 17.53
C PHE A 3252 -4.02 -52.61 16.44
N SER A 3253 -5.05 -52.62 15.59
CA SER A 3253 -5.11 -53.64 14.54
C SER A 3253 -4.11 -53.35 13.43
N LEU A 3254 -4.05 -52.09 12.98
CA LEU A 3254 -3.08 -51.72 11.96
C LEU A 3254 -1.66 -51.77 12.49
N ALA A 3255 -1.48 -51.40 13.76
CA ALA A 3255 -0.17 -51.49 14.39
C ALA A 3255 0.28 -52.93 14.49
N MET A 3256 -0.65 -53.83 14.83
CA MET A 3256 -0.36 -55.25 14.85
C MET A 3256 0.01 -55.77 13.48
N LYS A 3257 -0.68 -55.29 12.44
CA LYS A 3257 -0.42 -55.77 11.09
C LYS A 3257 0.93 -55.31 10.58
N LEU A 3258 1.26 -54.04 10.80
CA LEU A 3258 2.56 -53.53 10.38
C LEU A 3258 3.68 -54.10 11.22
N LEU A 3259 3.38 -54.51 12.43
CA LEU A 3259 4.41 -55.08 13.28
C LEU A 3259 4.72 -56.51 12.87
N LYS A 3260 3.70 -57.28 12.51
CA LYS A 3260 3.97 -58.63 12.04
C LYS A 3260 4.29 -58.67 10.55
N GLU A 3261 4.21 -57.55 9.86
CA GLU A 3261 4.71 -57.45 8.50
C GLU A 3261 6.23 -57.35 8.45
N LEU A 3262 6.85 -56.82 9.49
CA LEU A 3262 8.29 -56.59 9.52
C LEU A 3262 9.07 -57.71 10.18
N HIS A 3263 8.40 -58.79 10.61
CA HIS A 3263 9.04 -59.78 11.47
C HIS A 3263 10.09 -60.58 10.72
N LYS A 3264 9.96 -60.68 9.39
CA LYS A 3264 10.90 -61.48 8.61
C LYS A 3264 12.25 -60.78 8.51
N GLU A 3265 12.26 -59.50 8.19
CA GLU A 3265 13.51 -58.78 7.95
C GLU A 3265 14.03 -58.06 9.18
N SER A 3266 13.29 -58.07 10.29
CA SER A 3266 13.83 -57.50 11.52
C SER A 3266 14.79 -58.46 12.20
N LYS A 3267 14.86 -59.69 11.71
CA LYS A 3267 15.71 -60.70 12.33
C LYS A 3267 17.18 -60.54 11.99
N THR A 3268 17.51 -59.97 10.83
CA THR A 3268 18.85 -60.03 10.28
C THR A 3268 19.88 -59.25 11.10
N ARG A 3269 19.45 -58.36 11.97
CA ARG A 3269 20.38 -57.65 12.84
C ARG A 3269 19.68 -57.43 14.16
N ASP A 3270 20.28 -57.97 15.24
CA ASP A 3270 19.65 -58.03 16.55
C ASP A 3270 19.38 -56.66 17.16
N ASP A 3271 20.07 -55.61 16.68
CA ASP A 3271 19.74 -54.23 16.98
C ASP A 3271 18.29 -53.93 16.63
N TRP A 3272 17.84 -54.43 15.49
CA TRP A 3272 16.46 -54.28 15.09
C TRP A 3272 15.52 -55.21 15.83
N LEU A 3273 16.01 -56.41 16.17
CA LEU A 3273 15.18 -57.40 16.84
C LEU A 3273 14.79 -56.94 18.24
N VAL A 3274 15.70 -56.21 18.90
CA VAL A 3274 15.39 -55.64 20.20
C VAL A 3274 14.28 -54.61 20.09
N SER A 3275 14.36 -53.72 19.10
CA SER A 3275 13.33 -52.70 18.93
C SER A 3275 12.01 -53.32 18.51
N TRP A 3276 12.06 -54.43 17.77
CA TRP A 3276 10.84 -55.08 17.33
C TRP A 3276 10.11 -55.73 18.49
N VAL A 3277 10.83 -56.47 19.34
CA VAL A 3277 10.14 -57.06 20.49
C VAL A 3277 9.77 -55.99 21.52
N GLN A 3278 10.49 -54.87 21.54
CA GLN A 3278 10.14 -53.81 22.48
C GLN A 3278 8.86 -53.11 22.06
N SER A 3279 8.69 -52.81 20.78
CA SER A 3279 7.45 -52.24 20.31
C SER A 3279 6.30 -53.23 20.38
N TYR A 3280 6.59 -54.53 20.25
CA TYR A 3280 5.57 -55.53 20.48
C TYR A 3280 5.14 -55.58 21.94
N CYS A 3281 6.08 -55.36 22.86
CA CYS A 3281 5.74 -55.30 24.27
C CYS A 3281 4.91 -54.07 24.59
N ARG A 3282 5.24 -52.93 23.99
CA ARG A 3282 4.45 -51.72 24.23
C ARG A 3282 3.06 -51.86 23.64
N LEU A 3283 2.95 -52.53 22.50
CA LEU A 3283 1.64 -52.72 21.89
C LEU A 3283 0.79 -53.67 22.71
N SER A 3284 1.39 -54.71 23.29
CA SER A 3284 0.59 -55.59 24.11
C SER A 3284 0.27 -54.99 25.47
N HIS A 3285 1.09 -54.04 25.95
CA HIS A 3285 0.75 -53.35 27.18
C HIS A 3285 -0.40 -52.38 26.97
N CYS A 3286 -0.22 -51.45 26.03
CA CYS A 3286 -1.23 -50.42 25.78
C CYS A 3286 -2.49 -51.01 25.16
N ARG A 3287 -2.38 -52.18 24.52
CA ARG A 3287 -3.56 -52.85 23.99
C ARG A 3287 -4.38 -53.46 25.12
N SER A 3288 -3.72 -53.80 26.23
CA SER A 3288 -4.37 -54.40 27.38
C SER A 3288 -4.61 -53.42 28.50
N ARG A 3289 -4.87 -52.17 28.18
CA ARG A 3289 -5.40 -51.28 29.19
C ARG A 3289 -6.91 -51.38 29.26
N SER A 3290 -7.52 -52.06 28.30
CA SER A 3290 -8.97 -52.07 28.16
C SER A 3290 -9.58 -53.45 28.25
N GLN A 3291 -8.91 -54.49 27.77
CA GLN A 3291 -9.55 -55.80 27.63
C GLN A 3291 -9.65 -56.49 28.99
N GLY A 3292 -10.87 -56.46 29.53
CA GLY A 3292 -11.29 -57.22 30.70
C GLY A 3292 -10.41 -57.12 31.91
N CYS A 3293 -10.41 -58.16 32.72
CA CYS A 3293 -9.31 -58.43 33.62
C CYS A 3293 -8.91 -59.90 33.62
N SER A 3294 -9.79 -60.80 33.18
CA SER A 3294 -9.41 -62.19 33.01
C SER A 3294 -8.60 -62.39 31.74
N GLU A 3295 -8.94 -61.67 30.68
CA GLU A 3295 -8.19 -61.75 29.43
C GLU A 3295 -6.87 -61.00 29.50
N GLN A 3296 -6.83 -59.95 30.31
CA GLN A 3296 -5.68 -59.08 30.38
C GLN A 3296 -4.46 -59.80 30.90
N VAL A 3297 -4.62 -60.56 32.00
CA VAL A 3297 -3.54 -61.31 32.60
C VAL A 3297 -3.07 -62.44 31.69
N LEU A 3298 -3.90 -62.91 30.78
CA LEU A 3298 -3.47 -63.95 29.87
C LEU A 3298 -2.74 -63.39 28.67
N THR A 3299 -3.12 -62.20 28.20
CA THR A 3299 -2.56 -61.73 26.94
C THR A 3299 -1.45 -60.71 27.15
N VAL A 3300 -1.20 -60.30 28.39
CA VAL A 3300 0.05 -59.60 28.62
C VAL A 3300 1.12 -60.62 28.97
N LEU A 3301 0.70 -61.85 29.31
CA LEU A 3301 1.64 -62.88 29.69
C LEU A 3301 2.38 -63.44 28.50
N LYS A 3302 1.92 -63.13 27.28
CA LYS A 3302 2.59 -63.67 26.09
C LYS A 3302 3.95 -63.06 25.85
N THR A 3303 4.23 -61.90 26.46
CA THR A 3303 5.45 -61.19 26.12
C THR A 3303 6.66 -61.75 26.87
N VAL A 3304 6.45 -62.43 27.98
CA VAL A 3304 7.59 -62.75 28.85
C VAL A 3304 8.35 -63.96 28.34
N SER A 3305 7.64 -64.89 27.68
CA SER A 3305 8.34 -66.01 27.05
C SER A 3305 8.78 -65.65 25.64
N LEU A 3306 8.17 -64.62 25.04
CA LEU A 3306 8.63 -64.12 23.75
C LEU A 3306 9.80 -63.17 23.91
N LEU A 3307 10.04 -62.72 25.14
CA LEU A 3307 10.91 -61.60 25.41
C LEU A 3307 12.39 -61.97 25.40
N ASP A 3308 12.74 -63.19 25.82
CA ASP A 3308 14.14 -63.51 26.02
C ASP A 3308 14.80 -64.29 24.91
N GLU A 3309 14.24 -64.31 23.69
CA GLU A 3309 14.65 -65.31 22.69
C GLU A 3309 16.04 -65.01 22.13
N ASN A 3310 16.52 -63.78 22.26
CA ASN A 3310 17.79 -63.40 21.67
C ASN A 3310 18.92 -63.76 22.61
N ASN A 3311 20.16 -63.51 22.16
CA ASN A 3311 21.32 -63.57 23.03
C ASN A 3311 21.25 -62.31 23.87
N VAL A 3312 20.55 -62.41 25.00
CA VAL A 3312 20.11 -61.25 25.77
C VAL A 3312 21.29 -60.49 26.36
N SER A 3313 22.26 -61.22 26.91
CA SER A 3313 23.41 -60.56 27.50
C SER A 3313 24.44 -60.14 26.47
N SER A 3314 24.16 -60.29 25.17
CA SER A 3314 25.05 -59.70 24.18
C SER A 3314 24.65 -58.25 23.94
N TYR A 3315 23.47 -58.06 23.36
CA TYR A 3315 23.14 -56.73 22.86
C TYR A 3315 22.66 -55.83 23.97
N LEU A 3316 21.95 -56.37 24.96
CA LEU A 3316 21.48 -55.53 26.05
C LEU A 3316 22.57 -55.25 27.07
N SER A 3317 23.69 -55.96 26.99
CA SER A 3317 24.85 -55.54 27.76
C SER A 3317 25.71 -54.57 26.96
N LYS A 3318 25.65 -54.65 25.63
CA LYS A 3318 26.36 -53.67 24.82
C LYS A 3318 25.68 -52.31 24.89
N ASN A 3319 24.45 -52.21 24.41
CA ASN A 3319 23.68 -50.99 24.53
C ASN A 3319 23.05 -50.94 25.91
N ILE A 3320 22.96 -49.75 26.48
CA ILE A 3320 22.39 -49.60 27.82
C ILE A 3320 21.01 -48.97 27.73
N LEU A 3321 20.74 -48.25 26.63
CA LEU A 3321 19.43 -47.63 26.46
C LEU A 3321 18.37 -48.69 26.24
N ALA A 3322 18.67 -49.66 25.37
CA ALA A 3322 17.74 -50.75 25.13
C ALA A 3322 17.61 -51.63 26.36
N PHE A 3323 18.63 -51.67 27.21
CA PHE A 3323 18.56 -52.42 28.45
C PHE A 3323 17.63 -51.75 29.44
N ARG A 3324 17.75 -50.43 29.55
CA ARG A 3324 16.89 -49.66 30.43
C ARG A 3324 15.43 -49.74 29.99
N ASP A 3325 15.19 -49.68 28.68
CA ASP A 3325 13.81 -49.77 28.22
C ASP A 3325 13.28 -51.19 28.29
N GLN A 3326 14.16 -52.19 28.08
CA GLN A 3326 13.80 -53.59 28.29
C GLN A 3326 13.35 -53.83 29.72
N ASN A 3327 14.03 -53.21 30.68
CA ASN A 3327 13.66 -53.44 32.07
C ASN A 3327 12.43 -52.64 32.47
N ILE A 3328 12.24 -51.45 31.88
CA ILE A 3328 11.00 -50.71 32.07
C ILE A 3328 9.81 -51.54 31.58
N LEU A 3329 9.95 -52.14 30.40
CA LEU A 3329 8.84 -52.90 29.83
C LEU A 3329 8.59 -54.19 30.60
N LEU A 3330 9.64 -54.87 31.05
CA LEU A 3330 9.40 -56.12 31.76
C LEU A 3330 8.84 -55.85 33.16
N GLY A 3331 9.27 -54.75 33.78
CA GLY A 3331 8.69 -54.37 35.05
C GLY A 3331 7.24 -53.93 34.93
N THR A 3332 6.91 -53.27 33.81
CA THR A 3332 5.53 -52.89 33.58
C THR A 3332 4.65 -54.11 33.35
N THR A 3333 5.20 -55.14 32.69
CA THR A 3333 4.48 -56.39 32.50
C THR A 3333 4.15 -57.05 33.82
N TYR A 3334 5.14 -57.11 34.72
CA TYR A 3334 4.90 -57.72 36.02
C TYR A 3334 3.92 -56.91 36.85
N ARG A 3335 3.97 -55.58 36.73
CA ARG A 3335 3.04 -54.73 37.46
C ARG A 3335 1.62 -54.89 36.94
N ILE A 3336 1.47 -55.11 35.63
CA ILE A 3336 0.15 -55.28 35.05
C ILE A 3336 -0.45 -56.61 35.49
N ILE A 3337 0.36 -57.67 35.53
CA ILE A 3337 -0.12 -58.98 36.00
C ILE A 3337 -0.49 -58.91 37.47
N ALA A 3338 0.36 -58.27 38.28
CA ALA A 3338 0.11 -58.20 39.72
C ALA A 3338 -1.12 -57.36 40.03
N ASN A 3339 -1.33 -56.28 39.27
CA ASN A 3339 -2.55 -55.51 39.45
C ASN A 3339 -3.77 -56.21 38.89
N ALA A 3340 -3.58 -57.13 37.94
CA ALA A 3340 -4.71 -57.87 37.40
C ALA A 3340 -5.20 -58.92 38.38
N LEU A 3341 -4.28 -59.65 39.01
CA LEU A 3341 -4.70 -60.68 39.96
C LEU A 3341 -5.28 -60.06 41.23
N SER A 3342 -4.86 -58.85 41.60
CA SER A 3342 -5.35 -58.26 42.82
C SER A 3342 -6.74 -57.67 42.67
N SER A 3343 -7.17 -57.33 41.46
CA SER A 3343 -8.47 -56.69 41.26
C SER A 3343 -9.61 -57.69 41.45
N GLU A 3344 -9.40 -58.92 41.01
CA GLU A 3344 -10.29 -60.03 41.30
C GLU A 3344 -9.46 -61.31 41.43
N PRO A 3345 -9.10 -61.72 42.64
CA PRO A 3345 -8.30 -62.94 42.81
C PRO A 3345 -9.12 -64.22 42.79
N ALA A 3346 -9.91 -64.37 41.73
CA ALA A 3346 -10.56 -65.62 41.39
C ALA A 3346 -10.45 -65.94 39.92
N CYS A 3347 -10.02 -64.98 39.09
CA CYS A 3347 -9.69 -65.28 37.71
C CYS A 3347 -8.39 -66.07 37.60
N LEU A 3348 -7.56 -66.04 38.64
CA LEU A 3348 -6.37 -66.87 38.67
C LEU A 3348 -6.72 -68.34 38.67
N ALA A 3349 -7.77 -68.73 39.39
CA ALA A 3349 -8.30 -70.08 39.31
C ALA A 3349 -9.46 -70.15 38.33
N GLU A 3350 -9.31 -69.54 37.16
CA GLU A 3350 -10.35 -69.61 36.14
C GLU A 3350 -9.83 -69.83 34.73
N ILE A 3351 -8.54 -69.67 34.46
CA ILE A 3351 -8.04 -69.51 33.11
C ILE A 3351 -7.56 -70.83 32.51
N GLU A 3352 -6.50 -71.42 33.08
CA GLU A 3352 -5.90 -72.62 32.52
C GLU A 3352 -4.96 -73.21 33.56
N GLU A 3353 -4.85 -74.54 33.57
CA GLU A 3353 -3.88 -75.18 34.44
C GLU A 3353 -2.45 -74.89 34.03
N ASP A 3354 -2.19 -74.67 32.74
CA ASP A 3354 -0.86 -74.25 32.33
C ASP A 3354 -0.60 -72.78 32.62
N LYS A 3355 -1.62 -71.93 32.47
CA LYS A 3355 -1.42 -70.50 32.68
C LYS A 3355 -1.23 -70.18 34.16
N ALA A 3356 -2.01 -70.83 35.02
CA ALA A 3356 -1.86 -70.59 36.45
C ALA A 3356 -0.52 -71.10 36.97
N ARG A 3357 -0.09 -72.25 36.46
CA ARG A 3357 1.21 -72.80 36.86
C ARG A 3357 2.34 -71.97 36.29
N ARG A 3358 2.13 -71.36 35.13
CA ARG A 3358 3.15 -70.51 34.53
C ARG A 3358 3.27 -69.19 35.28
N ILE A 3359 2.16 -68.67 35.82
CA ILE A 3359 2.24 -67.48 36.66
C ILE A 3359 2.88 -67.81 38.00
N LEU A 3360 2.48 -68.94 38.60
CA LEU A 3360 3.01 -69.35 39.89
C LEU A 3360 4.49 -69.69 39.82
N GLU A 3361 4.94 -70.20 38.67
CA GLU A 3361 6.36 -70.41 38.46
C GLU A 3361 7.09 -69.08 38.34
N LEU A 3362 6.48 -68.13 37.63
CA LEU A 3362 7.18 -66.91 37.23
C LEU A 3362 7.43 -65.95 38.37
N SER A 3363 6.54 -65.90 39.37
CA SER A 3363 6.86 -65.10 40.53
C SER A 3363 7.96 -65.74 41.37
N GLY A 3364 8.08 -67.05 41.32
CA GLY A 3364 9.10 -67.75 42.09
C GLY A 3364 8.65 -68.20 43.45
N SER A 3365 7.74 -67.46 44.07
CA SER A 3365 7.20 -67.88 45.34
C SER A 3365 6.31 -69.08 45.15
N SER A 3366 6.30 -69.98 46.12
CA SER A 3366 5.49 -71.21 46.03
C SER A 3366 4.69 -71.31 47.32
N SER A 3367 3.47 -70.80 47.28
CA SER A 3367 2.53 -70.99 48.39
C SER A 3367 1.15 -71.46 47.97
N GLU A 3368 0.69 -71.11 46.77
CA GLU A 3368 -0.71 -71.24 46.34
C GLU A 3368 -1.66 -70.67 47.41
N ASP A 3369 -1.49 -69.37 47.64
CA ASP A 3369 -2.29 -68.60 48.58
C ASP A 3369 -2.82 -67.35 47.93
N SER A 3370 -2.25 -66.98 46.78
CA SER A 3370 -2.45 -65.85 45.86
C SER A 3370 -1.93 -64.54 46.42
N GLU A 3371 -1.80 -64.42 47.73
CA GLU A 3371 -1.33 -63.17 48.30
C GLU A 3371 0.18 -63.09 48.20
N LYS A 3372 0.85 -64.21 48.49
CA LYS A 3372 2.30 -64.26 48.38
C LYS A 3372 2.74 -64.21 46.93
N VAL A 3373 1.97 -64.81 46.01
CA VAL A 3373 2.37 -64.75 44.61
C VAL A 3373 2.14 -63.35 44.05
N ILE A 3374 1.16 -62.62 44.59
CA ILE A 3374 0.97 -61.22 44.20
C ILE A 3374 2.14 -60.38 44.70
N ALA A 3375 2.56 -60.58 45.96
CA ALA A 3375 3.66 -59.80 46.49
C ALA A 3375 4.98 -60.16 45.81
N GLY A 3376 5.13 -61.41 45.40
CA GLY A 3376 6.34 -61.80 44.68
C GLY A 3376 6.39 -61.20 43.29
N LEU A 3377 5.24 -61.10 42.63
CA LEU A 3377 5.17 -60.43 41.34
C LEU A 3377 5.53 -58.96 41.47
N TYR A 3378 5.07 -58.34 42.55
CA TYR A 3378 5.42 -56.94 42.81
C TYR A 3378 6.91 -56.79 43.10
N GLN A 3379 7.49 -57.77 43.78
CA GLN A 3379 8.92 -57.71 44.08
C GLN A 3379 9.76 -57.83 42.83
N ARG A 3380 9.36 -58.70 41.91
CA ARG A 3380 10.07 -58.80 40.63
C ARG A 3380 9.91 -57.53 39.80
N ALA A 3381 8.71 -56.93 39.86
CA ALA A 3381 8.47 -55.68 39.14
C ALA A 3381 9.35 -54.57 39.69
N PHE A 3382 9.44 -54.47 41.02
CA PHE A 3382 10.28 -53.45 41.64
C PHE A 3382 11.75 -53.70 41.36
N GLN A 3383 12.16 -54.97 41.28
CA GLN A 3383 13.54 -55.30 40.95
C GLN A 3383 13.89 -54.85 39.54
N HIS A 3384 13.00 -55.14 38.59
CA HIS A 3384 13.26 -54.75 37.21
C HIS A 3384 13.23 -53.24 37.03
N LEU A 3385 12.31 -52.56 37.71
CA LEU A 3385 12.21 -51.12 37.54
C LEU A 3385 13.37 -50.41 38.22
N SER A 3386 13.86 -50.94 39.35
CA SER A 3386 15.01 -50.33 39.97
C SER A 3386 16.27 -50.57 39.15
N GLU A 3387 16.34 -51.72 38.47
CA GLU A 3387 17.42 -51.96 37.52
C GLU A 3387 17.34 -51.00 36.34
N ALA A 3388 16.12 -50.63 35.94
CA ALA A 3388 15.96 -49.63 34.88
C ALA A 3388 16.41 -48.25 35.33
N VAL A 3389 16.12 -47.90 36.59
CA VAL A 3389 16.57 -46.61 37.11
C VAL A 3389 18.07 -46.58 37.23
N GLN A 3390 18.67 -47.68 37.68
CA GLN A 3390 20.12 -47.77 37.79
C GLN A 3390 20.77 -47.71 36.41
N ALA A 3391 20.17 -48.35 35.41
CA ALA A 3391 20.70 -48.27 34.06
C ALA A 3391 20.46 -46.91 33.42
N ALA A 3392 19.55 -46.10 33.97
CA ALA A 3392 19.26 -44.78 33.46
C ALA A 3392 20.21 -43.71 33.95
N GLU A 3393 21.30 -44.08 34.61
CA GLU A 3393 22.20 -43.07 35.14
C GLU A 3393 23.56 -43.18 34.47
N GLU A 3394 23.56 -43.30 33.15
CA GLU A 3394 24.77 -43.28 32.36
C GLU A 3394 24.55 -42.43 31.11
N ALA A 3406 16.19 -36.19 28.98
CA ALA A 3406 15.19 -35.75 28.01
C ALA A 3406 14.62 -36.94 27.25
N ALA A 3407 13.41 -37.33 27.63
CA ALA A 3407 12.64 -38.40 26.99
C ALA A 3407 13.36 -39.74 27.03
N GLY A 3408 13.44 -40.30 28.22
CA GLY A 3408 13.93 -41.65 28.35
C GLY A 3408 14.69 -41.92 29.63
N VAL A 3409 15.20 -40.87 30.27
CA VAL A 3409 15.67 -40.99 31.64
C VAL A 3409 14.57 -40.56 32.63
N ILE A 3410 13.76 -39.57 32.28
CA ILE A 3410 12.70 -39.19 33.18
C ILE A 3410 11.54 -40.18 33.09
N ASP A 3411 11.43 -40.93 31.98
CA ASP A 3411 10.45 -42.01 31.93
C ASP A 3411 10.86 -43.13 32.87
N ALA A 3412 12.17 -43.43 32.92
CA ALA A 3412 12.68 -44.44 33.84
C ALA A 3412 12.50 -44.01 35.28
N TYR A 3413 12.69 -42.73 35.56
CA TYR A 3413 12.47 -42.23 36.91
C TYR A 3413 10.99 -42.26 37.28
N MET A 3414 10.12 -41.88 36.35
CA MET A 3414 8.71 -41.76 36.69
C MET A 3414 8.02 -43.09 36.78
N THR A 3415 8.48 -44.12 36.06
CA THR A 3415 7.86 -45.44 36.18
C THR A 3415 8.10 -46.03 37.57
N LEU A 3416 9.33 -45.94 38.05
CA LEU A 3416 9.62 -46.41 39.41
C LEU A 3416 8.94 -45.52 40.45
N ALA A 3417 8.91 -44.21 40.20
CA ALA A 3417 8.31 -43.29 41.16
C ALA A 3417 6.82 -43.54 41.33
N ASP A 3418 6.08 -43.62 40.23
CA ASP A 3418 4.63 -43.78 40.39
C ASP A 3418 4.29 -45.23 40.75
N PHE A 3419 5.18 -46.18 40.45
CA PHE A 3419 4.93 -47.53 40.93
C PHE A 3419 5.03 -47.62 42.44
N CYS A 3420 6.10 -47.06 43.02
CA CYS A 3420 6.25 -47.10 44.47
C CYS A 3420 5.20 -46.23 45.14
N ASP A 3421 4.76 -45.17 44.47
CA ASP A 3421 3.68 -44.36 45.01
C ASP A 3421 2.35 -45.10 45.02
N GLN A 3422 2.08 -45.87 43.97
CA GLN A 3422 0.84 -46.64 43.93
C GLN A 3422 0.84 -47.75 44.97
N GLN A 3423 2.00 -48.38 45.18
CA GLN A 3423 2.13 -49.37 46.25
C GLN A 3423 1.93 -48.74 47.61
N LEU A 3424 2.48 -47.54 47.82
CA LEU A 3424 2.33 -46.85 49.09
C LEU A 3424 0.89 -46.47 49.35
N ARG A 3425 0.16 -46.09 48.30
CA ARG A 3425 -1.27 -45.83 48.48
C ARG A 3425 -2.02 -47.11 48.80
N LYS A 3426 -1.63 -48.21 48.16
CA LYS A 3426 -2.31 -49.49 48.41
C LYS A 3426 -1.99 -50.04 49.79
N GLU A 3427 -0.95 -49.54 50.43
CA GLU A 3427 -0.76 -49.81 51.86
C GLU A 3427 -1.51 -48.83 52.74
N GLU A 3428 -1.45 -47.53 52.43
CA GLU A 3428 -2.01 -46.54 53.32
C GLU A 3428 -3.52 -46.49 53.27
N GLU A 3429 -4.16 -47.14 52.29
CA GLU A 3429 -5.60 -47.27 52.36
C GLU A 3429 -6.00 -48.19 53.50
N ASN A 3430 -5.33 -49.32 53.63
CA ASN A 3430 -5.64 -50.26 54.71
C ASN A 3430 -4.39 -50.66 55.47
N ALA A 3437 6.21 -53.91 56.16
CA ALA A 3437 7.67 -53.92 56.26
C ALA A 3437 8.28 -54.16 54.89
N GLU A 3438 7.43 -54.57 53.95
CA GLU A 3438 7.83 -54.70 52.56
C GLU A 3438 8.00 -53.34 51.89
N LEU A 3439 7.22 -52.36 52.30
CA LEU A 3439 7.22 -51.05 51.68
C LEU A 3439 8.13 -50.07 52.41
N GLN A 3440 9.23 -50.55 52.95
CA GLN A 3440 10.06 -49.73 53.82
C GLN A 3440 10.84 -48.66 53.06
N ALA A 3441 11.58 -49.04 52.02
CA ALA A 3441 12.42 -48.11 51.30
C ALA A 3441 11.70 -47.34 50.23
N TYR A 3442 10.39 -47.41 50.17
CA TYR A 3442 9.58 -46.73 49.16
C TYR A 3442 9.45 -45.21 49.35
N PRO A 3443 9.11 -44.65 50.53
CA PRO A 3443 8.91 -43.19 50.59
C PRO A 3443 10.19 -42.41 50.45
N ALA A 3444 11.35 -43.02 50.61
CA ALA A 3444 12.58 -42.36 50.21
C ALA A 3444 12.69 -42.34 48.70
N LEU A 3445 12.26 -43.43 48.07
CA LEU A 3445 12.53 -43.64 46.66
C LEU A 3445 11.64 -42.76 45.80
N VAL A 3446 10.37 -42.63 46.19
CA VAL A 3446 9.43 -41.77 45.47
C VAL A 3446 9.93 -40.34 45.46
N VAL A 3447 10.33 -39.85 46.64
CA VAL A 3447 10.78 -38.47 46.80
C VAL A 3447 12.02 -38.21 45.98
N GLU A 3448 12.99 -39.14 46.06
CA GLU A 3448 14.25 -38.94 45.36
C GLU A 3448 14.07 -38.94 43.85
N LYS A 3449 13.43 -39.99 43.30
CA LYS A 3449 13.33 -40.08 41.84
C LYS A 3449 12.38 -39.04 41.28
N MET A 3450 11.35 -38.65 42.04
CA MET A 3450 10.42 -37.66 41.53
C MET A 3450 11.04 -36.27 41.52
N LEU A 3451 11.85 -35.94 42.53
CA LEU A 3451 12.53 -34.66 42.51
C LEU A 3451 13.62 -34.64 41.45
N LYS A 3452 14.25 -35.79 41.20
CA LYS A 3452 15.24 -35.84 40.13
C LYS A 3452 14.59 -35.64 38.77
N ALA A 3453 13.38 -36.16 38.58
CA ALA A 3453 12.66 -35.94 37.34
C ALA A 3453 12.23 -34.49 37.19
N LEU A 3454 11.79 -33.87 38.29
CA LEU A 3454 11.42 -32.46 38.27
C LEU A 3454 12.63 -31.56 38.01
N LYS A 3455 13.81 -32.04 38.36
CA LYS A 3455 15.03 -31.33 38.02
C LYS A 3455 15.28 -31.32 36.51
N LEU A 3456 14.81 -32.35 35.81
CA LEU A 3456 15.04 -32.49 34.38
C LEU A 3456 13.88 -32.03 33.53
N ASN A 3457 13.12 -31.03 33.97
CA ASN A 3457 12.02 -30.39 33.23
C ASN A 3457 10.96 -31.41 32.84
N SER A 3458 10.27 -31.90 33.84
CA SER A 3458 9.16 -32.80 33.58
C SER A 3458 7.85 -32.08 33.80
N ASN A 3459 6.80 -32.61 33.19
CA ASN A 3459 5.45 -32.13 33.40
C ASN A 3459 4.70 -33.06 34.34
N GLU A 3460 4.77 -34.36 34.08
CA GLU A 3460 4.10 -35.35 34.92
C GLU A 3460 4.71 -35.44 36.29
N ALA A 3461 5.95 -34.98 36.46
CA ALA A 3461 6.51 -34.91 37.80
C ALA A 3461 6.25 -33.56 38.44
N ARG A 3462 6.03 -32.53 37.62
CA ARG A 3462 5.65 -31.24 38.20
C ARG A 3462 4.23 -31.28 38.74
N LEU A 3463 3.32 -31.91 38.03
CA LEU A 3463 1.95 -32.00 38.50
C LEU A 3463 1.78 -32.97 39.66
N LYS A 3464 2.67 -33.96 39.79
CA LYS A 3464 2.62 -34.91 40.88
C LYS A 3464 3.51 -34.50 42.04
N PHE A 3465 3.81 -33.22 42.15
CA PHE A 3465 4.64 -32.71 43.24
C PHE A 3465 3.97 -32.60 44.61
N PRO A 3466 2.71 -32.17 44.77
CA PRO A 3466 2.17 -32.10 46.14
C PRO A 3466 1.98 -33.44 46.82
N ARG A 3467 2.08 -34.55 46.09
CA ARG A 3467 2.23 -35.85 46.71
C ARG A 3467 3.49 -35.94 47.56
N LEU A 3468 4.54 -35.20 47.20
CA LEU A 3468 5.74 -35.22 48.03
C LEU A 3468 5.50 -34.49 49.34
N LEU A 3469 4.81 -33.36 49.30
CA LEU A 3469 4.54 -32.63 50.54
C LEU A 3469 3.45 -33.30 51.35
N GLN A 3470 2.71 -34.21 50.74
CA GLN A 3470 1.79 -35.07 51.46
C GLN A 3470 2.49 -36.29 52.05
N ILE A 3471 3.57 -36.75 51.43
CA ILE A 3471 4.26 -37.95 51.89
C ILE A 3471 5.34 -37.60 52.90
N ILE A 3472 5.75 -36.33 52.97
CA ILE A 3472 6.72 -35.86 53.95
C ILE A 3472 6.16 -36.01 55.36
N GLU A 3473 4.92 -35.57 55.56
CA GLU A 3473 4.29 -35.68 56.87
C GLU A 3473 4.04 -37.12 57.26
N ARG A 3474 3.61 -37.95 56.34
CA ARG A 3474 3.27 -39.30 56.68
C ARG A 3474 4.47 -40.24 56.72
N TYR A 3475 5.63 -39.81 56.24
CA TYR A 3475 6.85 -40.57 56.49
C TYR A 3475 8.02 -39.65 56.81
N PRO A 3476 8.01 -38.97 57.95
CA PRO A 3476 9.03 -37.94 58.20
C PRO A 3476 10.39 -38.47 58.57
N GLU A 3477 10.51 -39.74 58.92
CA GLU A 3477 11.81 -40.28 59.28
C GLU A 3477 12.68 -40.49 58.05
N GLU A 3478 12.13 -41.12 57.02
CA GLU A 3478 12.92 -41.45 55.85
C GLU A 3478 13.25 -40.21 55.03
N THR A 3479 12.35 -39.22 55.02
CA THR A 3479 12.42 -38.06 54.13
C THR A 3479 12.11 -36.78 54.87
N LEU A 3480 13.11 -36.15 55.47
CA LEU A 3480 12.90 -34.77 55.84
C LEU A 3480 14.15 -33.96 55.51
N SER A 3481 15.30 -34.62 55.54
CA SER A 3481 16.54 -33.98 55.16
C SER A 3481 16.99 -34.40 53.77
N LEU A 3482 16.62 -35.61 53.36
CA LEU A 3482 16.77 -36.01 51.97
C LEU A 3482 16.00 -35.10 51.04
N MET A 3483 14.73 -34.84 51.40
CA MET A 3483 13.88 -33.88 50.70
C MET A 3483 14.52 -32.52 50.59
N THR A 3484 15.14 -32.07 51.69
CA THR A 3484 15.71 -30.73 51.74
C THR A 3484 16.94 -30.62 50.86
N LYS A 3485 17.88 -31.56 51.01
CA LYS A 3485 19.09 -31.55 50.22
C LYS A 3485 18.88 -31.92 48.76
N GLU A 3486 17.71 -32.44 48.38
CA GLU A 3486 17.45 -32.60 46.97
C GLU A 3486 16.63 -31.48 46.36
N ILE A 3487 15.68 -30.90 47.10
CA ILE A 3487 14.90 -29.78 46.59
C ILE A 3487 15.66 -28.48 46.62
N SER A 3488 16.83 -28.45 47.29
CA SER A 3488 17.72 -27.30 47.19
C SER A 3488 18.11 -27.02 45.75
N SER A 3489 18.61 -28.03 45.05
CA SER A 3489 19.11 -27.84 43.69
C SER A 3489 18.04 -28.21 42.67
N VAL A 3490 16.92 -27.52 42.71
CA VAL A 3490 15.82 -27.69 41.75
C VAL A 3490 15.46 -26.29 41.31
N PRO A 3491 15.20 -26.03 40.03
CA PRO A 3491 14.91 -24.66 39.58
C PRO A 3491 13.66 -24.09 40.21
N CYS A 3492 13.82 -22.93 40.83
CA CYS A 3492 12.89 -22.31 41.77
C CYS A 3492 11.52 -22.01 41.18
N TRP A 3493 11.42 -21.88 39.86
CA TRP A 3493 10.16 -21.55 39.22
C TRP A 3493 9.37 -22.78 38.83
N GLN A 3494 9.76 -23.96 39.30
CA GLN A 3494 8.99 -25.16 39.07
C GLN A 3494 7.87 -25.33 40.08
N PHE A 3495 7.77 -24.44 41.06
CA PHE A 3495 6.82 -24.59 42.15
C PHE A 3495 5.70 -23.57 42.12
N ILE A 3496 5.70 -22.68 41.12
CA ILE A 3496 4.80 -21.53 41.11
C ILE A 3496 3.34 -21.96 41.02
N SER A 3497 3.08 -23.08 40.35
CA SER A 3497 1.71 -23.57 40.26
C SER A 3497 1.27 -24.16 41.58
N TRP A 3498 2.20 -24.65 42.39
CA TRP A 3498 1.89 -25.17 43.70
C TRP A 3498 2.39 -24.29 44.81
N ILE A 3499 2.50 -22.98 44.58
CA ILE A 3499 3.06 -22.09 45.57
C ILE A 3499 2.09 -21.83 46.70
N SER A 3500 0.82 -22.14 46.52
CA SER A 3500 -0.13 -21.92 47.59
C SER A 3500 -0.15 -23.07 48.60
N HIS A 3501 0.58 -24.14 48.33
CA HIS A 3501 0.72 -25.22 49.29
C HIS A 3501 1.91 -25.02 50.21
N MET A 3502 2.97 -24.42 49.68
CA MET A 3502 4.20 -24.26 50.42
C MET A 3502 4.03 -23.27 51.56
N VAL A 3503 3.39 -22.14 51.29
CA VAL A 3503 3.14 -21.15 52.33
C VAL A 3503 2.16 -21.63 53.39
N ALA A 3504 1.33 -22.62 53.08
CA ALA A 3504 0.52 -23.28 54.08
C ALA A 3504 1.30 -24.34 54.85
N LEU A 3505 2.34 -24.89 54.23
CA LEU A 3505 3.24 -25.81 54.90
C LEU A 3505 4.23 -25.10 55.80
N LEU A 3506 4.42 -23.80 55.61
CA LEU A 3506 5.49 -23.03 56.25
C LEU A 3506 5.32 -22.85 57.76
N ASP A 3507 4.27 -23.37 58.37
CA ASP A 3507 4.08 -23.29 59.82
C ASP A 3507 4.15 -24.66 60.48
N LYS A 3508 4.75 -25.64 59.82
CA LYS A 3508 4.68 -27.02 60.24
C LYS A 3508 6.01 -27.50 60.81
N ASP A 3509 6.06 -28.79 61.09
CA ASP A 3509 7.27 -29.44 61.59
C ASP A 3509 8.25 -29.65 60.45
N GLN A 3510 7.76 -29.55 59.21
CA GLN A 3510 8.56 -29.84 58.04
C GLN A 3510 8.78 -28.63 57.17
N ALA A 3511 8.97 -27.45 57.75
CA ALA A 3511 9.08 -26.24 56.95
C ALA A 3511 10.44 -26.14 56.27
N VAL A 3512 11.49 -26.70 56.89
CA VAL A 3512 12.85 -26.59 56.36
C VAL A 3512 13.00 -27.28 55.00
N ALA A 3513 12.14 -28.26 54.72
CA ALA A 3513 12.11 -28.90 53.40
C ALA A 3513 11.54 -28.02 52.31
N VAL A 3514 11.08 -26.80 52.58
CA VAL A 3514 10.51 -25.97 51.54
C VAL A 3514 11.06 -24.55 51.62
N GLN A 3515 11.71 -24.24 52.76
CA GLN A 3515 12.11 -22.88 53.08
C GLN A 3515 13.12 -22.30 52.10
N HIS A 3516 13.92 -23.13 51.46
CA HIS A 3516 14.90 -22.60 50.52
C HIS A 3516 14.23 -22.13 49.24
N SER A 3517 13.31 -22.94 48.70
CA SER A 3517 12.65 -22.60 47.45
C SER A 3517 11.70 -21.42 47.63
N VAL A 3518 11.09 -21.29 48.82
CA VAL A 3518 10.23 -20.12 49.06
C VAL A 3518 11.01 -18.82 48.98
N GLU A 3519 12.20 -18.79 49.60
CA GLU A 3519 12.95 -17.56 49.55
C GLU A 3519 13.63 -17.37 48.21
N GLU A 3520 13.91 -18.45 47.47
CA GLU A 3520 14.45 -18.27 46.12
C GLU A 3520 13.39 -17.68 45.21
N ILE A 3521 12.13 -18.05 45.43
CA ILE A 3521 11.02 -17.43 44.70
C ILE A 3521 10.87 -15.97 45.08
N THR A 3522 11.05 -15.65 46.36
CA THR A 3522 10.96 -14.25 46.78
C THR A 3522 12.10 -13.41 46.20
N ASP A 3523 13.28 -14.01 46.03
CA ASP A 3523 14.36 -13.29 45.35
C ASP A 3523 14.03 -13.07 43.88
N ASN A 3524 13.77 -14.16 43.15
CA ASN A 3524 13.70 -14.06 41.70
C ASN A 3524 12.40 -13.42 41.24
N TYR A 3525 11.26 -14.00 41.63
CA TYR A 3525 9.95 -13.58 41.16
C TYR A 3525 9.08 -13.28 42.36
N PRO A 3526 9.11 -12.04 42.86
CA PRO A 3526 8.39 -11.75 44.10
C PRO A 3526 6.89 -11.70 43.92
N GLN A 3527 6.40 -11.22 42.79
CA GLN A 3527 4.96 -11.04 42.57
C GLN A 3527 4.23 -12.35 42.36
N ALA A 3528 4.93 -13.47 42.28
CA ALA A 3528 4.29 -14.78 42.17
C ALA A 3528 3.94 -15.36 43.52
N ILE A 3529 4.26 -14.70 44.62
CA ILE A 3529 4.10 -15.30 45.94
C ILE A 3529 3.33 -14.33 46.84
N VAL A 3530 3.08 -13.11 46.35
CA VAL A 3530 2.60 -12.02 47.21
C VAL A 3530 1.23 -12.35 47.80
N TYR A 3531 0.26 -12.64 46.94
CA TYR A 3531 -1.09 -12.90 47.42
C TYR A 3531 -1.24 -14.25 48.13
N PRO A 3532 -0.61 -15.36 47.70
CA PRO A 3532 -0.66 -16.55 48.56
C PRO A 3532 0.10 -16.42 49.86
N PHE A 3533 1.04 -15.49 49.97
CA PHE A 3533 1.64 -15.24 51.27
C PHE A 3533 0.71 -14.44 52.15
N ILE A 3534 0.01 -13.46 51.56
CA ILE A 3534 -0.89 -12.61 52.33
C ILE A 3534 -2.07 -13.43 52.83
N ILE A 3535 -2.56 -14.34 52.00
CA ILE A 3535 -3.73 -15.12 52.39
C ILE A 3535 -3.38 -16.22 53.38
N SER A 3536 -2.10 -16.56 53.55
CA SER A 3536 -1.74 -17.57 54.53
C SER A 3536 -1.09 -16.98 55.76
N SER A 3537 -0.75 -15.69 55.74
CA SER A 3537 -0.37 -15.06 56.99
C SER A 3537 -1.55 -14.88 57.93
N GLU A 3538 -2.78 -14.99 57.45
CA GLU A 3538 -3.95 -14.93 58.31
C GLU A 3538 -4.07 -16.14 59.22
N SER A 3539 -3.44 -17.25 58.88
CA SER A 3539 -3.63 -18.46 59.65
C SER A 3539 -2.27 -19.13 59.77
N TYR A 3540 -1.56 -18.85 60.84
CA TYR A 3540 -0.31 -19.55 61.11
C TYR A 3540 -0.27 -20.33 62.41
N SER A 3541 -0.47 -19.68 63.55
CA SER A 3541 -0.41 -20.29 64.89
C SER A 3541 0.91 -21.03 65.12
N PHE A 3542 1.98 -20.25 65.15
CA PHE A 3542 3.33 -20.76 65.36
C PHE A 3542 3.49 -21.42 66.73
N LYS A 3543 3.87 -22.71 66.72
CA LYS A 3543 4.03 -23.43 67.96
C LYS A 3543 5.31 -23.03 68.68
N ASP A 3544 5.50 -23.58 69.88
CA ASP A 3544 6.50 -23.08 70.82
C ASP A 3544 7.60 -24.10 71.00
N THR A 3545 8.56 -24.11 70.07
CA THR A 3545 9.69 -25.03 70.13
C THR A 3545 10.94 -24.25 69.72
N SER A 3546 12.04 -24.96 69.49
CA SER A 3546 13.15 -24.34 68.80
C SER A 3546 12.93 -24.31 67.29
N THR A 3547 12.08 -25.19 66.78
CA THR A 3547 11.74 -25.22 65.36
C THR A 3547 10.73 -24.13 65.00
N GLY A 3548 9.66 -23.99 65.80
CA GLY A 3548 8.62 -23.03 65.49
C GLY A 3548 9.08 -21.59 65.59
N HIS A 3549 10.05 -21.31 66.45
CA HIS A 3549 10.56 -19.96 66.57
C HIS A 3549 11.41 -19.59 65.38
N LYS A 3550 12.16 -20.55 64.84
CA LYS A 3550 12.88 -20.30 63.59
C LYS A 3550 11.92 -20.13 62.44
N ASN A 3551 10.80 -20.86 62.47
CA ASN A 3551 9.75 -20.66 61.46
C ASN A 3551 9.20 -19.25 61.54
N LYS A 3552 9.01 -18.75 62.76
CA LYS A 3552 8.50 -17.39 62.94
C LYS A 3552 9.51 -16.36 62.48
N GLU A 3553 10.80 -16.62 62.70
CA GLU A 3553 11.86 -15.75 62.20
C GLU A 3553 11.90 -15.74 60.67
N PHE A 3554 11.73 -16.92 60.06
CA PHE A 3554 11.75 -17.01 58.60
C PHE A 3554 10.56 -16.30 57.99
N VAL A 3555 9.38 -16.48 58.56
CA VAL A 3555 8.16 -15.86 58.05
C VAL A 3555 8.23 -14.34 58.21
N ALA A 3556 8.77 -13.87 59.33
CA ALA A 3556 8.96 -12.43 59.50
C ALA A 3556 9.95 -11.88 58.49
N ARG A 3557 10.97 -12.66 58.15
CA ARG A 3557 11.94 -12.24 57.14
C ARG A 3557 11.30 -12.13 55.77
N ILE A 3558 10.43 -13.09 55.42
CA ILE A 3558 9.79 -13.07 54.11
C ILE A 3558 8.76 -11.95 54.04
N LYS A 3559 8.07 -11.68 55.17
CA LYS A 3559 7.14 -10.57 55.21
C LYS A 3559 7.85 -9.22 55.11
N SER A 3560 9.07 -9.14 55.64
CA SER A 3560 9.88 -7.94 55.44
C SER A 3560 10.30 -7.81 53.98
N LYS A 3561 10.58 -8.93 53.33
CA LYS A 3561 11.03 -8.86 51.95
C LYS A 3561 9.91 -8.60 50.95
N LEU A 3562 8.68 -8.96 51.27
CA LEU A 3562 7.58 -8.84 50.31
C LEU A 3562 6.87 -7.49 50.35
N ASP A 3563 7.12 -6.69 51.36
CA ASP A 3563 6.52 -5.36 51.38
C ASP A 3563 7.47 -4.44 50.64
N GLN A 3564 7.45 -4.52 49.31
CA GLN A 3564 8.22 -3.56 48.51
C GLN A 3564 7.46 -2.23 48.48
N GLY A 3565 7.77 -1.41 49.47
CA GLY A 3565 7.11 -0.14 49.63
C GLY A 3565 5.70 -0.20 50.16
N GLY A 3566 5.21 -1.39 50.49
CA GLY A 3566 3.84 -1.58 50.90
C GLY A 3566 2.81 -1.24 49.85
N VAL A 3567 3.12 -1.44 48.57
CA VAL A 3567 2.22 -1.01 47.50
C VAL A 3567 1.03 -1.98 47.38
N ILE A 3568 1.27 -3.26 47.66
CA ILE A 3568 0.24 -4.26 47.45
C ILE A 3568 -0.84 -4.13 48.51
N GLN A 3569 -0.47 -3.72 49.71
CA GLN A 3569 -1.50 -3.60 50.74
C GLN A 3569 -2.37 -2.38 50.49
N ASP A 3570 -1.82 -1.36 49.83
CA ASP A 3570 -2.65 -0.26 49.34
C ASP A 3570 -3.58 -0.72 48.22
N PHE A 3571 -3.07 -1.56 47.31
CA PHE A 3571 -3.89 -2.04 46.21
C PHE A 3571 -5.02 -2.93 46.70
N ILE A 3572 -4.72 -3.79 47.67
CA ILE A 3572 -5.71 -4.66 48.29
C ILE A 3572 -6.73 -3.83 49.06
N ASN A 3573 -6.29 -2.79 49.77
CA ASN A 3573 -7.22 -2.00 50.54
C ASN A 3573 -8.12 -1.16 49.64
N ALA A 3574 -7.57 -0.63 48.55
CA ALA A 3574 -8.37 0.19 47.66
C ALA A 3574 -9.33 -0.67 46.84
N LEU A 3575 -8.96 -1.92 46.59
CA LEU A 3575 -9.92 -2.85 46.00
C LEU A 3575 -10.99 -3.23 46.99
N ASP A 3576 -10.62 -3.35 48.26
CA ASP A 3576 -11.57 -3.69 49.31
C ASP A 3576 -12.56 -2.57 49.57
N GLN A 3577 -12.23 -1.36 49.14
CA GLN A 3577 -13.23 -0.29 49.13
C GLN A 3577 -14.38 -0.60 48.20
N LEU A 3578 -14.15 -1.36 47.13
CA LEU A 3578 -15.20 -1.69 46.17
C LEU A 3578 -15.98 -2.90 46.66
N SER A 3579 -16.74 -2.69 47.73
CA SER A 3579 -17.57 -3.76 48.27
C SER A 3579 -18.68 -3.10 49.06
N ASN A 3580 -19.88 -3.67 49.00
CA ASN A 3580 -21.02 -3.07 49.67
C ASN A 3580 -20.90 -3.19 51.18
N PRO A 3581 -21.06 -2.11 51.92
CA PRO A 3581 -20.83 -2.17 53.36
C PRO A 3581 -21.91 -2.89 54.12
N GLU A 3582 -23.17 -2.83 53.67
CA GLU A 3582 -24.21 -3.60 54.34
C GLU A 3582 -23.99 -5.09 54.14
N LEU A 3583 -23.33 -5.45 53.04
CA LEU A 3583 -23.02 -6.84 52.78
C LEU A 3583 -21.88 -7.32 53.68
N LEU A 3584 -20.87 -6.47 53.90
CA LEU A 3584 -19.82 -6.81 54.85
C LEU A 3584 -20.37 -6.89 56.26
N PHE A 3585 -21.35 -6.05 56.58
CA PHE A 3585 -21.96 -6.08 57.90
C PHE A 3585 -22.77 -7.36 58.08
N LYS A 3586 -23.48 -7.78 57.05
CA LYS A 3586 -24.28 -8.99 57.15
C LYS A 3586 -23.38 -10.22 57.24
N ASP A 3587 -22.22 -10.18 56.58
CA ASP A 3587 -21.26 -11.27 56.71
C ASP A 3587 -20.63 -11.30 58.09
N TRP A 3588 -20.41 -10.12 58.67
CA TRP A 3588 -19.92 -10.07 60.05
C TRP A 3588 -20.98 -10.56 61.03
N SER A 3589 -22.24 -10.28 60.76
CA SER A 3589 -23.33 -10.81 61.57
C SER A 3589 -23.39 -12.33 61.49
N ASN A 3590 -23.14 -12.87 60.29
CA ASN A 3590 -23.01 -14.31 60.14
C ASN A 3590 -21.85 -14.90 60.93
N ASP A 3591 -20.65 -14.34 60.80
CA ASP A 3591 -19.49 -14.91 61.49
C ASP A 3591 -19.35 -14.43 62.93
N VAL A 3592 -20.33 -13.70 63.45
CA VAL A 3592 -20.43 -13.45 64.88
C VAL A 3592 -21.56 -14.24 65.52
N ARG A 3593 -22.68 -14.43 64.81
CA ARG A 3593 -23.85 -15.09 65.39
C ARG A 3593 -23.60 -16.58 65.63
N ALA A 3594 -23.03 -17.26 64.63
CA ALA A 3594 -22.73 -18.67 64.78
C ALA A 3594 -21.67 -18.91 65.83
N GLU A 3595 -20.71 -17.99 65.95
CA GLU A 3595 -19.69 -18.12 66.97
C GLU A 3595 -20.27 -17.90 68.36
N LEU A 3596 -21.13 -16.88 68.50
CA LEU A 3596 -21.69 -16.55 69.80
C LEU A 3596 -22.73 -17.57 70.24
N ALA A 3597 -23.25 -18.38 69.32
CA ALA A 3597 -24.16 -19.44 69.73
C ALA A 3597 -23.46 -20.59 70.44
N LYS A 3598 -22.13 -20.60 70.46
CA LYS A 3598 -21.37 -21.64 71.14
C LYS A 3598 -20.94 -21.13 72.51
N THR A 3599 -21.84 -21.26 73.49
CA THR A 3599 -21.49 -20.91 74.86
C THR A 3599 -20.54 -21.97 75.41
N PRO A 3600 -19.56 -21.60 76.27
CA PRO A 3600 -19.23 -20.51 77.20
C PRO A 3600 -18.46 -19.31 76.59
N VAL A 3601 -19.12 -18.55 75.71
CA VAL A 3601 -18.67 -17.98 74.43
C VAL A 3601 -17.23 -17.51 74.24
N ASN A 3602 -16.48 -17.27 75.33
CA ASN A 3602 -15.02 -17.09 75.29
C ASN A 3602 -14.62 -15.87 74.44
N LYS A 3603 -14.88 -14.70 75.02
CA LYS A 3603 -14.87 -13.39 74.38
C LYS A 3603 -13.61 -12.96 73.62
N LYS A 3604 -12.52 -13.72 73.74
CA LYS A 3604 -11.23 -13.39 73.13
C LYS A 3604 -11.29 -13.20 71.61
N ASN A 3605 -11.92 -14.15 70.92
CA ASN A 3605 -12.05 -14.02 69.47
C ASN A 3605 -13.19 -13.09 69.09
N ILE A 3606 -14.15 -12.90 69.98
CA ILE A 3606 -15.28 -12.02 69.71
C ILE A 3606 -14.81 -10.57 69.61
N GLU A 3607 -13.88 -10.18 70.47
CA GLU A 3607 -13.34 -8.82 70.41
C GLU A 3607 -12.51 -8.61 69.16
N LYS A 3608 -11.80 -9.66 68.71
CA LYS A 3608 -11.06 -9.58 67.46
C LYS A 3608 -11.99 -9.44 66.27
N MET A 3609 -13.11 -10.16 66.29
CA MET A 3609 -14.12 -10.03 65.24
C MET A 3609 -14.72 -8.63 65.24
N TYR A 3610 -14.95 -8.07 66.43
CA TYR A 3610 -15.55 -6.75 66.48
C TYR A 3610 -14.59 -5.66 66.02
N GLU A 3611 -13.31 -5.76 66.40
CA GLU A 3611 -12.39 -4.73 65.95
C GLU A 3611 -12.14 -4.84 64.46
N ARG A 3612 -12.23 -6.05 63.90
CA ARG A 3612 -12.13 -6.16 62.46
C ARG A 3612 -13.38 -5.64 61.77
N MET A 3613 -14.52 -5.62 62.47
CA MET A 3613 -15.67 -4.92 61.92
C MET A 3613 -15.51 -3.41 62.01
N TYR A 3614 -15.07 -2.91 63.16
CA TYR A 3614 -15.04 -1.48 63.40
C TYR A 3614 -13.90 -0.81 62.66
N ALA A 3615 -12.86 -1.55 62.29
CA ALA A 3615 -11.77 -0.95 61.56
C ALA A 3615 -12.16 -0.59 60.13
N ALA A 3616 -13.19 -1.23 59.59
CA ALA A 3616 -13.61 -0.98 58.22
C ALA A 3616 -14.97 -0.33 58.11
N LEU A 3617 -15.87 -0.55 59.06
CA LEU A 3617 -17.23 -0.05 58.96
C LEU A 3617 -17.55 0.90 60.10
N GLY A 3618 -16.60 1.16 60.97
CA GLY A 3618 -16.79 1.95 62.17
C GLY A 3618 -16.06 3.27 62.12
N ASP A 3619 -14.82 3.28 62.65
CA ASP A 3619 -13.87 4.39 62.70
C ASP A 3619 -13.77 5.14 61.37
N PRO A 3620 -14.24 6.37 61.31
CA PRO A 3620 -14.28 7.10 60.03
C PRO A 3620 -12.93 7.63 59.58
N LYS A 3621 -12.08 8.06 60.52
CA LYS A 3621 -10.74 8.51 60.19
C LYS A 3621 -9.92 7.25 59.89
N ALA A 3622 -9.97 6.84 58.62
CA ALA A 3622 -9.59 5.50 58.19
C ALA A 3622 -8.44 5.58 57.19
N PRO A 3623 -7.83 4.43 56.77
CA PRO A 3623 -6.76 4.46 55.77
C PRO A 3623 -7.03 5.04 54.38
N GLY A 3624 -8.17 5.66 54.11
CA GLY A 3624 -8.38 6.19 52.77
C GLY A 3624 -9.64 5.80 52.05
N LEU A 3625 -10.72 5.60 52.80
CA LEU A 3625 -12.06 5.37 52.27
C LEU A 3625 -12.56 6.39 51.25
N GLY A 3626 -13.48 5.97 50.38
CA GLY A 3626 -14.13 6.85 49.43
C GLY A 3626 -15.51 7.26 49.93
N ALA A 3627 -16.19 8.04 49.10
CA ALA A 3627 -17.40 8.74 49.56
C ALA A 3627 -18.56 7.77 49.76
N PHE A 3628 -18.53 6.61 49.12
CA PHE A 3628 -19.54 5.59 49.31
C PHE A 3628 -19.48 5.04 50.74
N ARG A 3629 -18.32 4.51 51.13
CA ARG A 3629 -18.13 4.01 52.48
C ARG A 3629 -18.21 5.13 53.50
N ARG A 3630 -17.82 6.35 53.11
CA ARG A 3630 -17.90 7.48 54.01
C ARG A 3630 -19.34 7.84 54.34
N LYS A 3631 -20.20 7.85 53.30
CA LYS A 3631 -21.63 8.06 53.49
C LYS A 3631 -22.24 6.97 54.36
N PHE A 3632 -21.80 5.73 54.16
CA PHE A 3632 -22.27 4.62 54.99
C PHE A 3632 -21.90 4.82 56.45
N ILE A 3633 -20.65 5.20 56.72
CA ILE A 3633 -20.18 5.36 58.09
C ILE A 3633 -20.89 6.52 58.76
N GLN A 3634 -21.11 7.60 58.03
CA GLN A 3634 -21.81 8.74 58.60
C GLN A 3634 -23.27 8.43 58.88
N THR A 3635 -23.85 7.47 58.16
CA THR A 3635 -25.18 7.05 58.55
C THR A 3635 -25.19 6.06 59.70
N PHE A 3636 -24.23 5.14 59.78
CA PHE A 3636 -24.40 4.04 60.75
C PHE A 3636 -23.10 3.69 61.46
N GLY A 3637 -22.37 4.67 61.94
CA GLY A 3637 -21.22 4.39 62.79
C GLY A 3637 -21.46 4.73 64.24
N LYS A 3638 -22.41 5.63 64.50
CA LYS A 3638 -22.73 6.00 65.87
C LYS A 3638 -23.49 4.88 66.59
N GLU A 3639 -24.30 4.14 65.84
CA GLU A 3639 -25.07 3.06 66.43
C GLU A 3639 -24.23 1.85 66.76
N PHE A 3640 -22.97 1.81 66.31
CA PHE A 3640 -22.15 0.63 66.53
C PHE A 3640 -21.51 0.63 67.89
N ASP A 3641 -21.61 1.72 68.63
CA ASP A 3641 -21.23 1.74 70.03
C ASP A 3641 -22.40 2.04 70.94
N LYS A 3642 -23.50 2.54 70.38
CA LYS A 3642 -24.79 2.61 71.04
C LYS A 3642 -25.26 1.20 71.42
N HIS A 3643 -24.92 0.22 70.59
CA HIS A 3643 -25.31 -1.16 70.86
C HIS A 3643 -24.16 -2.06 71.26
N PHE A 3644 -23.02 -2.02 70.56
CA PHE A 3644 -21.94 -2.95 70.82
C PHE A 3644 -20.87 -2.37 71.71
N GLY A 3645 -20.87 -1.06 71.93
CA GLY A 3645 -19.93 -0.45 72.85
C GLY A 3645 -18.58 -0.15 72.26
N LYS A 3646 -18.10 1.05 72.58
CA LYS A 3646 -16.69 1.39 72.48
C LYS A 3646 -15.86 0.33 73.17
N GLY A 3647 -14.82 -0.15 72.49
CA GLY A 3647 -14.26 -1.41 72.93
C GLY A 3647 -15.00 -2.50 72.20
N GLY A 3648 -16.08 -2.98 72.81
CA GLY A 3648 -16.89 -4.02 72.22
C GLY A 3648 -17.43 -4.97 73.26
N SER A 3649 -17.04 -4.76 74.50
CA SER A 3649 -17.48 -5.54 75.65
C SER A 3649 -18.91 -5.23 76.09
N LYS A 3650 -19.65 -4.41 75.36
CA LYS A 3650 -21.06 -4.20 75.64
C LYS A 3650 -21.96 -5.20 74.94
N LEU A 3651 -21.53 -5.77 73.81
CA LEU A 3651 -22.33 -6.84 73.22
C LEU A 3651 -22.13 -8.16 73.96
N LEU A 3652 -21.25 -8.21 74.95
CA LEU A 3652 -20.92 -9.46 75.65
C LEU A 3652 -21.97 -9.79 76.70
N ARG A 3653 -23.23 -9.73 76.30
CA ARG A 3653 -24.41 -10.09 77.08
C ARG A 3653 -25.28 -10.93 76.16
N MET A 3654 -24.66 -11.99 75.64
CA MET A 3654 -24.78 -12.58 74.31
C MET A 3654 -26.13 -12.50 73.61
N LYS A 3655 -27.24 -12.74 74.34
CA LYS A 3655 -28.65 -12.56 73.93
C LYS A 3655 -28.98 -13.09 72.54
N LEU A 3656 -28.61 -14.34 72.24
CA LEU A 3656 -28.53 -14.89 70.88
C LEU A 3656 -29.77 -14.75 70.00
N SER A 3657 -30.93 -14.48 70.61
CA SER A 3657 -32.08 -14.02 69.86
C SER A 3657 -32.01 -12.51 69.63
N ASP A 3658 -31.67 -11.75 70.68
CA ASP A 3658 -31.77 -10.30 70.61
C ASP A 3658 -30.62 -9.69 69.81
N PHE A 3659 -29.53 -10.44 69.64
CA PHE A 3659 -28.49 -10.00 68.72
C PHE A 3659 -29.01 -10.00 67.29
N ASN A 3660 -29.79 -11.01 66.96
CA ASN A 3660 -30.43 -11.06 65.66
C ASN A 3660 -31.46 -9.95 65.52
N ASP A 3661 -32.08 -9.56 66.63
CA ASP A 3661 -33.01 -8.43 66.62
C ASP A 3661 -32.28 -7.13 66.32
N ILE A 3662 -31.08 -6.97 66.89
CA ILE A 3662 -30.25 -5.80 66.61
C ILE A 3662 -29.88 -5.76 65.14
N THR A 3663 -29.42 -6.90 64.61
CA THR A 3663 -28.96 -6.93 63.23
C THR A 3663 -30.11 -6.78 62.24
N ASN A 3664 -31.31 -7.26 62.59
CA ASN A 3664 -32.46 -7.05 61.72
C ASN A 3664 -32.92 -5.59 61.74
N MET A 3665 -32.84 -4.97 62.92
CA MET A 3665 -33.14 -3.54 63.05
C MET A 3665 -32.17 -2.70 62.23
N LEU A 3666 -30.93 -3.16 62.10
CA LEU A 3666 -30.00 -2.52 61.17
C LEU A 3666 -30.36 -2.82 59.72
N LEU A 3667 -30.56 -4.09 59.39
CA LEU A 3667 -30.64 -4.54 58.00
C LEU A 3667 -31.90 -4.06 57.29
N LEU A 3668 -32.98 -3.82 58.03
CA LEU A 3668 -34.22 -3.31 57.43
C LEU A 3668 -33.98 -1.96 56.78
N LYS A 3669 -33.21 -1.10 57.43
CA LYS A 3669 -32.83 0.15 56.81
C LYS A 3669 -31.68 -0.05 55.84
N MET A 3670 -30.79 -0.99 56.15
CA MET A 3670 -29.51 -1.08 55.43
C MET A 3670 -29.71 -1.56 54.01
N ASN A 3671 -30.71 -2.38 53.77
CA ASN A 3671 -30.95 -2.81 52.40
C ASN A 3671 -31.78 -1.81 51.61
N LYS A 3672 -31.96 -0.59 52.13
CA LYS A 3672 -32.65 0.47 51.42
C LYS A 3672 -31.80 1.73 51.27
N ASP A 3673 -31.07 2.11 52.32
CA ASP A 3673 -30.34 3.38 52.31
C ASP A 3673 -29.14 3.41 51.38
N SER A 3674 -28.49 2.29 51.14
CA SER A 3674 -27.30 2.26 50.30
C SER A 3674 -27.66 2.22 48.83
N LYS A 3675 -26.71 2.63 48.00
CA LYS A 3675 -26.86 2.61 46.55
C LYS A 3675 -25.47 2.60 45.95
N PRO A 3676 -25.18 1.65 45.08
CA PRO A 3676 -23.81 1.45 44.63
C PRO A 3676 -23.41 2.52 43.63
N PRO A 3677 -22.24 3.12 43.80
CA PRO A 3677 -21.82 4.23 42.95
C PRO A 3677 -21.12 3.72 41.71
N GLY A 3678 -21.09 4.57 40.69
CA GLY A 3678 -20.64 4.10 39.40
C GLY A 3678 -19.54 4.90 38.76
N ASN A 3679 -18.89 5.75 39.54
CA ASN A 3679 -17.63 6.34 39.15
C ASN A 3679 -16.60 5.83 40.14
N LEU A 3680 -15.39 5.59 39.65
CA LEU A 3680 -14.39 5.02 40.54
C LEU A 3680 -13.87 6.05 41.53
N LYS A 3681 -14.01 7.34 41.23
CA LYS A 3681 -13.64 8.37 42.18
C LYS A 3681 -14.62 8.45 43.35
N GLU A 3682 -15.84 7.96 43.18
CA GLU A 3682 -16.83 8.02 44.24
C GLU A 3682 -16.71 6.89 45.23
N CYS A 3683 -15.87 5.90 44.96
CA CYS A 3683 -15.73 4.79 45.89
C CYS A 3683 -14.30 4.36 46.17
N SER A 3684 -13.31 4.81 45.40
CA SER A 3684 -11.93 4.42 45.68
C SER A 3684 -10.96 5.48 45.16
N PRO A 3685 -10.56 6.45 45.98
CA PRO A 3685 -9.75 7.55 45.44
C PRO A 3685 -8.34 7.12 45.06
N TRP A 3686 -7.82 6.06 45.67
CA TRP A 3686 -6.49 5.57 45.32
C TRP A 3686 -6.47 5.01 43.90
N MET A 3687 -7.56 4.39 43.48
CA MET A 3687 -7.65 3.90 42.11
C MET A 3687 -8.03 5.02 41.16
N SER A 3688 -8.67 6.05 41.67
CA SER A 3688 -8.99 7.24 40.88
C SER A 3688 -7.78 8.08 40.60
N ASP A 3689 -6.76 8.01 41.45
CA ASP A 3689 -5.66 8.94 41.41
C ASP A 3689 -4.37 8.13 41.33
N PHE A 3690 -4.29 7.19 40.39
CA PHE A 3690 -3.27 6.13 40.47
C PHE A 3690 -1.85 6.64 40.33
N LYS A 3691 -1.48 7.15 39.16
CA LYS A 3691 -0.22 7.87 38.93
C LYS A 3691 1.00 7.01 39.27
N VAL A 3692 1.24 6.00 38.43
CA VAL A 3692 2.40 5.11 38.56
C VAL A 3692 3.69 5.93 38.65
N GLU A 3693 4.44 5.68 39.72
CA GLU A 3693 5.38 6.65 40.24
C GLU A 3693 6.77 6.49 39.66
N PHE A 3694 7.65 7.39 40.08
CA PHE A 3694 8.95 7.60 39.46
C PHE A 3694 9.93 6.69 40.21
N LEU A 3695 10.07 5.48 39.68
CA LEU A 3695 10.88 4.39 40.25
C LEU A 3695 10.41 4.07 41.67
N ARG A 3696 9.24 3.45 41.77
CA ARG A 3696 8.99 2.84 43.07
C ARG A 3696 8.94 1.31 42.98
N ASN A 3697 8.10 0.76 42.10
CA ASN A 3697 7.68 -0.62 42.12
C ASN A 3697 6.84 -0.85 40.87
N GLU A 3698 6.27 -2.03 40.79
CA GLU A 3698 5.37 -2.34 39.69
C GLU A 3698 4.18 -3.10 40.26
N LEU A 3699 2.98 -2.67 39.92
CA LEU A 3699 1.78 -3.43 40.18
C LEU A 3699 1.56 -4.30 38.96
N GLU A 3700 2.09 -5.50 38.99
CA GLU A 3700 1.82 -6.49 37.98
C GLU A 3700 0.35 -6.89 38.05
N ILE A 3701 -0.27 -7.04 36.88
CA ILE A 3701 -1.66 -7.49 36.87
C ILE A 3701 -1.71 -8.93 37.35
N PRO A 3702 -2.54 -9.26 38.34
CA PRO A 3702 -2.42 -10.53 39.05
C PRO A 3702 -2.78 -11.72 38.17
N GLY A 3703 -2.31 -12.89 38.61
CA GLY A 3703 -2.57 -14.12 37.90
C GLY A 3703 -1.83 -14.24 36.58
N GLN A 3704 -0.56 -13.90 36.57
CA GLN A 3704 0.22 -13.97 35.35
C GLN A 3704 1.37 -14.96 35.39
N TYR A 3705 1.66 -15.54 36.55
CA TYR A 3705 2.63 -16.62 36.64
C TYR A 3705 1.83 -17.92 36.65
N ASP A 3706 1.69 -18.53 35.48
CA ASP A 3706 0.93 -19.77 35.38
C ASP A 3706 1.69 -20.93 35.99
N GLY A 3707 2.99 -21.03 35.75
CA GLY A 3707 3.79 -22.01 36.45
C GLY A 3707 4.75 -22.80 35.60
N ARG A 3708 4.38 -23.12 34.37
CA ARG A 3708 5.21 -23.97 33.52
C ARG A 3708 6.19 -23.10 32.76
N GLY A 3709 7.42 -23.58 32.63
CA GLY A 3709 8.46 -22.89 31.91
C GLY A 3709 9.05 -21.76 32.73
N LYS A 3710 10.10 -21.18 32.16
CA LYS A 3710 10.73 -20.00 32.74
C LYS A 3710 9.73 -18.85 32.69
N PRO A 3711 9.64 -18.05 33.74
CA PRO A 3711 8.60 -17.01 33.78
C PRO A 3711 8.80 -15.87 32.80
N LEU A 3712 9.99 -15.28 32.75
CA LEU A 3712 10.30 -14.07 31.98
C LEU A 3712 9.34 -12.92 32.25
N PRO A 3713 9.39 -12.27 33.41
CA PRO A 3713 8.43 -11.20 33.69
C PRO A 3713 8.74 -9.87 33.03
N GLU A 3714 9.61 -9.81 32.03
CA GLU A 3714 9.81 -8.58 31.29
C GLU A 3714 8.59 -8.28 30.42
N TYR A 3715 7.86 -9.32 30.03
CA TYR A 3715 6.70 -9.16 29.18
C TYR A 3715 5.40 -9.22 29.95
N HIS A 3716 5.44 -9.28 31.27
CA HIS A 3716 4.23 -9.30 32.06
C HIS A 3716 3.60 -7.92 32.07
N VAL A 3717 2.28 -7.88 32.21
CA VAL A 3717 1.57 -6.61 32.12
C VAL A 3717 1.54 -5.94 33.47
N ARG A 3718 1.83 -4.64 33.49
CA ARG A 3718 1.79 -3.83 34.71
C ARG A 3718 0.64 -2.85 34.61
N ILE A 3719 0.17 -2.41 35.78
CA ILE A 3719 -0.99 -1.53 35.85
C ILE A 3719 -0.54 -0.10 35.61
N ALA A 3720 -1.20 0.57 34.66
CA ALA A 3720 -0.97 1.98 34.44
C ALA A 3720 -2.07 2.86 35.02
N GLY A 3721 -3.30 2.36 35.04
CA GLY A 3721 -4.40 3.14 35.60
C GLY A 3721 -5.68 2.37 35.44
N PHE A 3722 -6.70 2.83 36.15
CA PHE A 3722 -7.99 2.18 36.16
C PHE A 3722 -8.99 3.07 35.43
N ASP A 3723 -9.75 2.49 34.52
CA ASP A 3723 -10.80 3.24 33.83
C ASP A 3723 -11.90 3.60 34.82
N GLU A 3724 -12.42 4.81 34.68
CA GLU A 3724 -13.29 5.38 35.71
C GLU A 3724 -14.76 5.08 35.41
N ARG A 3725 -15.04 3.80 35.18
CA ARG A 3725 -16.41 3.37 34.92
C ARG A 3725 -16.58 2.00 35.56
N VAL A 3726 -17.17 1.96 36.73
CA VAL A 3726 -17.43 0.72 37.43
C VAL A 3726 -18.91 0.37 37.27
N THR A 3727 -19.16 -0.86 36.84
CA THR A 3727 -20.51 -1.36 36.59
C THR A 3727 -20.82 -2.42 37.63
N VAL A 3728 -21.97 -2.30 38.29
CA VAL A 3728 -22.36 -3.23 39.32
C VAL A 3728 -23.20 -4.32 38.67
N MET A 3729 -22.86 -5.57 38.94
CA MET A 3729 -23.74 -6.64 38.50
C MET A 3729 -24.98 -6.69 39.39
N ALA A 3730 -26.03 -7.30 38.86
CA ALA A 3730 -27.33 -7.27 39.49
C ALA A 3730 -27.61 -8.59 40.20
N SER A 3731 -26.94 -8.80 41.33
CA SER A 3731 -27.07 -10.03 42.10
C SER A 3731 -27.13 -9.64 43.57
N LEU A 3732 -27.43 -10.61 44.43
CA LEU A 3732 -27.53 -10.29 45.85
C LEU A 3732 -26.15 -9.99 46.43
N ARG A 3733 -25.11 -10.64 45.91
CA ARG A 3733 -23.74 -10.45 46.37
C ARG A 3733 -22.95 -9.65 45.36
N ARG A 3734 -23.59 -8.59 44.85
CA ARG A 3734 -23.27 -7.80 43.67
C ARG A 3734 -21.82 -7.38 43.54
N PRO A 3735 -21.10 -7.99 42.59
CA PRO A 3735 -19.69 -7.68 42.40
C PRO A 3735 -19.51 -6.59 41.37
N LYS A 3736 -18.44 -5.85 41.53
CA LYS A 3736 -18.21 -4.69 40.69
C LYS A 3736 -17.28 -5.07 39.55
N ARG A 3737 -17.42 -4.38 38.43
CA ARG A 3737 -16.57 -4.65 37.29
C ARG A 3737 -15.70 -3.44 37.00
N ILE A 3738 -14.39 -3.65 37.10
CA ILE A 3738 -13.39 -2.61 36.93
C ILE A 3738 -12.63 -2.93 35.64
N ILE A 3739 -12.06 -1.89 35.04
CA ILE A 3739 -11.26 -2.05 33.84
C ILE A 3739 -9.88 -1.49 34.12
N ILE A 3740 -8.90 -2.37 34.14
CA ILE A 3740 -7.52 -2.01 34.44
C ILE A 3740 -6.80 -1.76 33.14
N ARG A 3741 -6.29 -0.56 32.95
CA ARG A 3741 -5.55 -0.23 31.75
C ARG A 3741 -4.10 -0.63 31.93
N GLY A 3742 -3.73 -1.74 31.34
CA GLY A 3742 -2.37 -2.19 31.43
C GLY A 3742 -1.45 -1.38 30.56
N HIS A 3743 -0.17 -1.39 30.94
CA HIS A 3743 0.83 -0.56 30.28
C HIS A 3743 1.10 -0.97 28.84
N ASP A 3744 0.72 -2.19 28.45
CA ASP A 3744 1.02 -2.67 27.10
C ASP A 3744 -0.09 -2.34 26.12
N GLU A 3745 -0.53 -1.08 26.10
CA GLU A 3745 -1.43 -0.44 25.16
C GLU A 3745 -2.90 -0.89 25.34
N ARG A 3746 -3.20 -1.83 26.23
CA ARG A 3746 -4.46 -2.56 26.19
C ARG A 3746 -5.32 -2.27 27.41
N GLU A 3747 -6.49 -2.90 27.46
CA GLU A 3747 -7.46 -2.76 28.53
C GLU A 3747 -7.93 -4.14 28.97
N HIS A 3748 -7.93 -4.38 30.29
CA HIS A 3748 -8.29 -5.67 30.86
C HIS A 3748 -9.43 -5.48 31.86
N PRO A 3749 -10.59 -6.10 31.66
CA PRO A 3749 -11.65 -5.97 32.65
C PRO A 3749 -11.62 -7.12 33.65
N PHE A 3750 -11.98 -6.81 34.89
CA PHE A 3750 -11.99 -7.80 35.95
C PHE A 3750 -13.26 -7.67 36.76
N LEU A 3751 -13.55 -8.69 37.53
CA LEU A 3751 -14.75 -8.78 38.34
C LEU A 3751 -14.32 -8.86 39.78
N VAL A 3752 -14.28 -7.73 40.46
CA VAL A 3752 -13.87 -7.69 41.85
C VAL A 3752 -15.07 -8.02 42.73
N LYS A 3753 -14.92 -9.04 43.57
CA LYS A 3753 -15.97 -9.40 44.49
C LYS A 3753 -15.39 -9.59 45.87
N GLY A 3754 -16.04 -9.01 46.86
CA GLY A 3754 -15.53 -9.11 48.21
C GLY A 3754 -16.44 -9.93 49.08
N GLY A 3755 -15.91 -10.49 50.16
CA GLY A 3755 -16.71 -11.22 51.10
C GLY A 3755 -16.55 -12.72 51.07
N GLU A 3756 -16.20 -13.30 49.93
CA GLU A 3756 -16.18 -14.75 49.80
C GLU A 3756 -14.79 -15.27 49.47
N ASP A 3757 -14.57 -16.54 49.78
CA ASP A 3757 -13.29 -17.19 49.60
C ASP A 3757 -13.21 -17.80 48.21
N LEU A 3758 -12.24 -17.33 47.44
CA LEU A 3758 -12.08 -17.70 46.04
C LEU A 3758 -11.07 -18.80 45.85
N ARG A 3759 -10.61 -19.44 46.91
CA ARG A 3759 -9.58 -20.45 46.74
C ARG A 3759 -10.15 -21.72 46.16
N GLN A 3760 -11.42 -22.00 46.44
CA GLN A 3760 -12.05 -23.18 45.86
C GLN A 3760 -12.24 -23.00 44.36
N ASP A 3761 -12.68 -21.83 43.92
CA ASP A 3761 -12.82 -21.54 42.50
C ASP A 3761 -11.49 -21.62 41.78
N GLN A 3762 -10.43 -21.13 42.42
CA GLN A 3762 -9.11 -21.17 41.80
C GLN A 3762 -8.61 -22.60 41.66
N ARG A 3763 -8.86 -23.45 42.66
CA ARG A 3763 -8.36 -24.81 42.51
C ARG A 3763 -9.23 -25.65 41.61
N VAL A 3764 -10.51 -25.32 41.46
CA VAL A 3764 -11.31 -25.98 40.43
C VAL A 3764 -10.81 -25.59 39.04
N GLU A 3765 -10.40 -24.33 38.87
CA GLU A 3765 -9.85 -23.94 37.58
C GLU A 3765 -8.50 -24.59 37.33
N GLN A 3766 -7.74 -24.86 38.38
CA GLN A 3766 -6.49 -25.59 38.23
C GLN A 3766 -6.75 -27.04 37.84
N LEU A 3767 -7.82 -27.63 38.40
CA LEU A 3767 -8.23 -28.96 38.00
C LEU A 3767 -8.65 -29.00 36.55
N PHE A 3768 -9.31 -27.95 36.08
CA PHE A 3768 -9.68 -27.89 34.67
C PHE A 3768 -8.45 -27.77 33.78
N GLN A 3769 -7.41 -27.09 34.28
CA GLN A 3769 -6.16 -27.01 33.52
C GLN A 3769 -5.51 -28.38 33.37
N VAL A 3770 -5.44 -29.14 34.46
CA VAL A 3770 -4.96 -30.53 34.41
C VAL A 3770 -5.83 -31.37 33.48
N MET A 3771 -7.14 -31.11 33.52
CA MET A 3771 -8.11 -31.90 32.80
C MET A 3771 -7.99 -31.69 31.29
N ASN A 3772 -7.94 -30.45 30.84
CA ASN A 3772 -7.77 -30.25 29.42
C ASN A 3772 -6.31 -30.16 29.01
N GLY A 3773 -5.38 -30.50 29.91
CA GLY A 3773 -4.07 -30.90 29.48
C GLY A 3773 -4.07 -32.37 29.14
N ILE A 3774 -4.87 -33.14 29.88
CA ILE A 3774 -5.07 -34.55 29.56
C ILE A 3774 -5.83 -34.70 28.25
N LEU A 3775 -6.84 -33.84 28.05
CA LEU A 3775 -7.66 -33.89 26.84
C LEU A 3775 -6.86 -33.52 25.59
N ALA A 3776 -5.75 -32.82 25.75
CA ALA A 3776 -4.94 -32.49 24.59
C ALA A 3776 -3.97 -33.60 24.22
N GLN A 3777 -3.59 -34.44 25.15
CA GLN A 3777 -2.69 -35.55 24.88
C GLN A 3777 -3.43 -36.82 24.56
N ASP A 3778 -4.66 -36.69 24.09
CA ASP A 3778 -5.46 -37.81 23.61
C ASP A 3778 -5.77 -37.55 22.15
N SER A 3779 -5.68 -38.59 21.34
CA SER A 3779 -5.79 -38.41 19.90
C SER A 3779 -7.22 -38.05 19.50
N ALA A 3780 -8.18 -38.88 19.90
CA ALA A 3780 -9.56 -38.66 19.50
C ALA A 3780 -10.18 -37.43 20.13
N CYS A 3781 -9.58 -36.88 21.18
CA CYS A 3781 -10.07 -35.63 21.72
C CYS A 3781 -9.37 -34.41 21.14
N SER A 3782 -8.07 -34.51 20.84
CA SER A 3782 -7.40 -33.39 20.22
C SER A 3782 -7.82 -33.19 18.78
N GLN A 3783 -8.18 -34.26 18.07
CA GLN A 3783 -8.66 -34.11 16.70
C GLN A 3783 -10.02 -33.43 16.66
N ARG A 3784 -10.84 -33.63 17.68
CA ARG A 3784 -12.04 -32.85 17.83
C ARG A 3784 -11.76 -31.48 18.40
N ALA A 3785 -10.55 -31.27 18.92
CA ALA A 3785 -10.09 -30.03 19.55
C ALA A 3785 -10.98 -29.68 20.74
N LEU A 3786 -11.10 -30.64 21.64
CA LEU A 3786 -11.90 -30.49 22.84
C LEU A 3786 -11.04 -29.83 23.91
N GLN A 3787 -11.48 -28.68 24.38
CA GLN A 3787 -10.82 -27.94 25.43
C GLN A 3787 -11.88 -27.27 26.26
N LEU A 3788 -11.73 -27.33 27.57
CA LEU A 3788 -12.60 -26.61 28.49
C LEU A 3788 -12.19 -25.16 28.47
N ARG A 3789 -13.16 -24.27 28.49
CA ARG A 3789 -12.86 -22.84 28.56
C ARG A 3789 -12.57 -22.47 29.99
N THR A 3790 -11.34 -22.07 30.26
CA THR A 3790 -10.90 -21.72 31.59
C THR A 3790 -10.70 -20.22 31.67
N TYR A 3791 -10.98 -19.67 32.84
CA TYR A 3791 -10.77 -18.26 33.10
C TYR A 3791 -10.02 -18.15 34.41
N SER A 3792 -9.16 -17.14 34.54
CA SER A 3792 -8.29 -17.04 35.69
C SER A 3792 -9.02 -16.43 36.86
N VAL A 3793 -8.82 -17.01 38.03
CA VAL A 3793 -9.36 -16.52 39.29
C VAL A 3793 -8.21 -16.27 40.24
N VAL A 3794 -8.16 -15.07 40.80
CA VAL A 3794 -7.09 -14.70 41.73
C VAL A 3794 -7.66 -14.34 43.09
N PRO A 3795 -7.42 -15.12 44.12
CA PRO A 3795 -7.74 -14.64 45.46
C PRO A 3795 -6.65 -13.76 46.02
N MET A 3796 -6.90 -12.46 46.18
CA MET A 3796 -5.93 -11.57 46.80
C MET A 3796 -5.73 -11.96 48.25
N THR A 3797 -6.77 -11.79 49.05
CA THR A 3797 -6.82 -12.26 50.41
C THR A 3797 -8.16 -12.94 50.62
N SER A 3798 -8.45 -13.34 51.85
CA SER A 3798 -9.79 -13.80 52.13
C SER A 3798 -10.75 -12.63 52.08
N ARG A 3799 -11.98 -12.91 51.66
CA ARG A 3799 -13.07 -11.93 51.50
C ARG A 3799 -12.73 -10.83 50.48
N LEU A 3800 -11.81 -11.10 49.54
CA LEU A 3800 -11.53 -10.21 48.42
C LEU A 3800 -10.79 -10.93 47.31
N GLY A 3801 -11.30 -10.89 46.08
CA GLY A 3801 -10.58 -11.49 44.99
C GLY A 3801 -11.06 -11.02 43.64
N LEU A 3802 -10.20 -11.20 42.65
CA LEU A 3802 -10.45 -10.78 41.28
C LEU A 3802 -10.70 -11.97 40.38
N ILE A 3803 -11.77 -11.89 39.60
CA ILE A 3803 -12.06 -12.87 38.57
C ILE A 3803 -11.97 -12.16 37.23
N GLU A 3804 -11.25 -12.78 36.30
CA GLU A 3804 -11.17 -12.30 34.93
C GLU A 3804 -12.54 -12.20 34.30
N TRP A 3805 -12.79 -11.12 33.58
CA TRP A 3805 -14.06 -10.92 32.92
C TRP A 3805 -13.97 -11.49 31.50
N LEU A 3806 -14.97 -12.29 31.13
CA LEU A 3806 -15.02 -12.93 29.83
C LEU A 3806 -15.94 -12.12 28.92
N GLU A 3807 -15.36 -11.50 27.89
CA GLU A 3807 -16.07 -10.49 27.15
C GLU A 3807 -16.86 -11.04 25.98
N ASN A 3808 -17.89 -10.28 25.60
CA ASN A 3808 -18.93 -10.70 24.67
C ASN A 3808 -19.53 -12.04 25.05
N THR A 3809 -19.89 -12.17 26.31
CA THR A 3809 -20.63 -13.31 26.83
C THR A 3809 -21.90 -12.83 27.50
N VAL A 3810 -22.86 -13.74 27.60
CA VAL A 3810 -24.10 -13.48 28.31
C VAL A 3810 -24.49 -14.80 28.93
N THR A 3811 -25.22 -14.74 30.04
CA THR A 3811 -25.58 -15.98 30.70
C THR A 3811 -26.75 -16.64 30.01
N LEU A 3812 -26.94 -17.93 30.30
CA LEU A 3812 -27.82 -18.74 29.48
C LEU A 3812 -29.27 -18.39 29.71
N LYS A 3813 -29.64 -18.10 30.96
CA LYS A 3813 -31.02 -17.71 31.23
C LYS A 3813 -31.35 -16.37 30.60
N ASP A 3814 -30.36 -15.47 30.54
CA ASP A 3814 -30.59 -14.21 29.85
C ASP A 3814 -30.69 -14.41 28.35
N LEU A 3815 -29.98 -15.39 27.80
CA LEU A 3815 -30.11 -15.68 26.37
C LEU A 3815 -31.49 -16.22 26.04
N LEU A 3816 -31.97 -17.17 26.86
CA LEU A 3816 -33.29 -17.74 26.65
C LEU A 3816 -34.38 -16.71 26.86
N LEU A 3817 -34.22 -15.81 27.83
CA LEU A 3817 -35.25 -14.82 28.10
C LEU A 3817 -35.16 -13.63 27.15
N ASN A 3818 -34.02 -13.43 26.49
CA ASN A 3818 -33.94 -12.40 25.46
C ASN A 3818 -34.40 -12.93 24.12
N THR A 3819 -34.45 -14.24 23.94
CA THR A 3819 -35.05 -14.79 22.73
C THR A 3819 -36.56 -14.66 22.77
N MET A 3820 -37.16 -14.72 23.95
CA MET A 3820 -38.60 -14.74 24.10
C MET A 3820 -39.23 -13.44 23.63
N SER A 3821 -40.39 -13.56 22.99
CA SER A 3821 -41.20 -12.41 22.63
C SER A 3821 -41.92 -11.90 23.86
N GLN A 3822 -42.32 -10.62 23.81
CA GLN A 3822 -42.93 -9.94 24.95
C GLN A 3822 -44.24 -10.57 25.42
N GLU A 3823 -44.89 -11.36 24.56
CA GLU A 3823 -46.00 -12.17 25.01
C GLU A 3823 -45.51 -13.42 25.73
N GLU A 3824 -44.53 -14.11 25.13
CA GLU A 3824 -43.93 -15.28 25.77
C GLU A 3824 -43.20 -14.91 27.05
N LYS A 3825 -42.45 -13.81 27.01
CA LYS A 3825 -41.67 -13.36 28.16
C LYS A 3825 -42.57 -13.02 29.34
N ALA A 3826 -43.46 -12.04 29.16
CA ALA A 3826 -44.29 -11.61 30.28
C ALA A 3826 -45.34 -12.66 30.63
N ALA A 3827 -45.73 -13.50 29.68
CA ALA A 3827 -46.63 -14.60 30.00
C ALA A 3827 -45.92 -15.71 30.75
N TYR A 3828 -44.59 -15.78 30.66
CA TYR A 3828 -43.81 -16.72 31.45
C TYR A 3828 -43.49 -16.16 32.82
N LEU A 3829 -43.46 -14.84 32.95
CA LEU A 3829 -43.02 -14.22 34.19
C LEU A 3829 -44.18 -13.83 35.12
N SER A 3830 -45.26 -13.31 34.56
CA SER A 3830 -46.42 -12.94 35.38
C SER A 3830 -47.68 -13.60 34.81
N ASP A 3831 -47.90 -14.86 35.19
CA ASP A 3831 -49.08 -15.61 34.84
C ASP A 3831 -49.18 -16.82 35.74
N PRO A 3832 -50.33 -17.05 36.37
CA PRO A 3832 -50.42 -18.14 37.36
C PRO A 3832 -50.44 -19.53 36.75
N ARG A 3833 -50.51 -19.65 35.44
CA ARG A 3833 -50.42 -20.96 34.79
C ARG A 3833 -49.06 -21.18 34.15
N ALA A 3834 -48.10 -20.29 34.40
CA ALA A 3834 -46.73 -20.47 33.95
C ALA A 3834 -46.02 -21.47 34.86
N PRO A 3835 -45.00 -22.17 34.35
CA PRO A 3835 -44.27 -23.16 35.17
C PRO A 3835 -43.62 -22.62 36.44
N PRO A 3836 -43.08 -21.37 36.51
CA PRO A 3836 -42.55 -20.93 37.81
C PRO A 3836 -43.61 -20.65 38.85
N CYS A 3837 -44.87 -20.51 38.46
CA CYS A 3837 -45.96 -20.37 39.41
C CYS A 3837 -46.80 -21.62 39.55
N GLU A 3838 -46.89 -22.44 38.50
CA GLU A 3838 -47.60 -23.71 38.58
C GLU A 3838 -46.86 -24.71 39.45
N TYR A 3839 -45.53 -24.67 39.45
CA TYR A 3839 -44.75 -25.66 40.18
C TYR A 3839 -44.97 -25.53 41.67
N LYS A 3840 -45.12 -24.30 42.15
CA LYS A 3840 -45.32 -24.08 43.57
C LYS A 3840 -46.72 -24.51 43.99
N ASP A 3841 -47.70 -24.32 43.09
CA ASP A 3841 -49.05 -24.82 43.34
C ASP A 3841 -49.08 -26.33 43.34
N TRP A 3842 -48.29 -26.96 42.48
CA TRP A 3842 -48.28 -28.42 42.43
C TRP A 3842 -47.58 -29.00 43.66
N LEU A 3843 -46.63 -28.24 44.21
CA LEU A 3843 -45.96 -28.68 45.43
C LEU A 3843 -46.84 -28.48 46.66
N THR A 3844 -47.68 -27.45 46.63
CA THR A 3844 -48.69 -27.33 47.68
C THR A 3844 -49.78 -28.37 47.52
N LYS A 3845 -50.07 -28.72 46.27
CA LYS A 3845 -51.10 -29.72 45.99
C LYS A 3845 -50.66 -31.10 46.41
N MET A 3846 -49.35 -31.34 46.39
CA MET A 3846 -48.84 -32.61 46.90
C MET A 3846 -48.64 -32.58 48.42
N SER A 3847 -48.06 -31.51 48.96
CA SER A 3847 -47.79 -31.44 50.38
C SER A 3847 -48.87 -30.71 51.17
N GLY A 3848 -49.07 -29.44 50.89
CA GLY A 3848 -49.94 -28.62 51.71
C GLY A 3848 -49.31 -27.32 52.11
N LYS A 3849 -47.99 -27.30 52.24
CA LYS A 3849 -47.27 -26.17 52.78
C LYS A 3849 -46.74 -25.26 51.66
N HIS A 3850 -45.93 -24.28 52.03
CA HIS A 3850 -45.33 -23.36 51.07
C HIS A 3850 -43.83 -23.18 51.32
N ASP A 3851 -43.19 -24.08 52.04
CA ASP A 3851 -41.77 -23.96 52.29
C ASP A 3851 -41.06 -25.18 51.75
N VAL A 3852 -39.77 -25.29 52.06
CA VAL A 3852 -38.90 -26.31 51.51
C VAL A 3852 -39.15 -27.67 52.10
N GLY A 3853 -40.00 -27.77 53.12
CA GLY A 3853 -40.40 -29.07 53.62
C GLY A 3853 -41.39 -29.79 52.73
N ALA A 3854 -41.86 -29.14 51.67
CA ALA A 3854 -42.81 -29.75 50.75
C ALA A 3854 -42.20 -30.88 49.95
N TYR A 3855 -40.87 -30.89 49.82
CA TYR A 3855 -40.23 -31.94 49.05
C TYR A 3855 -40.14 -33.23 49.84
N MET A 3856 -39.95 -33.13 51.16
CA MET A 3856 -39.91 -34.34 51.98
C MET A 3856 -41.29 -34.98 52.17
N LEU A 3857 -42.35 -34.38 51.63
CA LEU A 3857 -43.65 -35.00 51.53
C LEU A 3857 -44.04 -35.32 50.09
N MET A 3858 -43.52 -34.57 49.12
CA MET A 3858 -43.85 -34.85 47.73
C MET A 3858 -43.03 -36.01 47.19
N TYR A 3859 -41.82 -36.22 47.71
CA TYR A 3859 -41.02 -37.35 47.28
C TYR A 3859 -41.64 -38.68 47.71
N LYS A 3860 -42.38 -38.68 48.81
CA LYS A 3860 -43.13 -39.86 49.23
C LYS A 3860 -44.56 -39.88 48.73
N GLY A 3861 -45.24 -38.74 48.67
CA GLY A 3861 -46.66 -38.76 48.40
C GLY A 3861 -46.99 -38.92 46.93
N ALA A 3862 -46.12 -38.43 46.06
CA ALA A 3862 -46.37 -38.46 44.63
C ALA A 3862 -45.66 -39.66 44.01
N ASN A 3863 -46.45 -40.53 43.37
CA ASN A 3863 -45.95 -41.71 42.69
C ASN A 3863 -45.35 -41.35 41.34
N ARG A 3864 -45.02 -42.36 40.53
CA ARG A 3864 -44.14 -42.10 39.40
C ARG A 3864 -44.89 -41.47 38.23
N THR A 3865 -46.15 -41.82 38.03
CA THR A 3865 -46.86 -41.33 36.86
C THR A 3865 -47.41 -39.92 37.05
N GLU A 3866 -47.79 -39.58 38.29
CA GLU A 3866 -48.23 -38.23 38.62
C GLU A 3866 -47.17 -37.20 38.32
N THR A 3867 -45.93 -37.47 38.74
CA THR A 3867 -44.84 -36.52 38.56
C THR A 3867 -44.47 -36.36 37.10
N VAL A 3868 -44.48 -37.45 36.34
CA VAL A 3868 -44.12 -37.38 34.93
C VAL A 3868 -45.18 -36.60 34.15
N THR A 3869 -46.46 -36.90 34.38
CA THR A 3869 -47.52 -36.23 33.64
C THR A 3869 -47.61 -34.75 34.01
N SER A 3870 -47.52 -34.44 35.30
CA SER A 3870 -47.52 -33.05 35.71
C SER A 3870 -46.29 -32.31 35.22
N PHE A 3871 -45.16 -33.02 35.08
CA PHE A 3871 -43.97 -32.39 34.56
C PHE A 3871 -44.13 -32.05 33.09
N ARG A 3872 -44.73 -32.94 32.29
CA ARG A 3872 -44.93 -32.61 30.89
C ARG A 3872 -45.97 -31.51 30.72
N LYS A 3873 -46.96 -31.47 31.61
CA LYS A 3873 -47.96 -30.41 31.55
C LYS A 3873 -47.36 -29.04 31.88
N ARG A 3874 -46.41 -28.99 32.81
CA ARG A 3874 -45.70 -27.73 33.02
C ARG A 3874 -44.45 -27.62 32.16
N GLU A 3875 -44.20 -28.60 31.31
CA GLU A 3875 -43.06 -28.49 30.41
C GLU A 3875 -43.49 -27.86 29.11
N SER A 3876 -44.63 -28.28 28.60
CA SER A 3876 -45.12 -27.76 27.33
C SER A 3876 -45.71 -26.36 27.45
N LYS A 3877 -45.48 -25.59 28.50
CA LYS A 3877 -45.90 -24.20 28.57
C LYS A 3877 -44.83 -23.23 28.12
N VAL A 3878 -43.56 -23.63 28.17
CA VAL A 3878 -42.47 -22.79 27.68
C VAL A 3878 -42.37 -23.10 26.18
N PRO A 3879 -41.97 -22.15 25.32
CA PRO A 3879 -41.81 -22.49 23.90
C PRO A 3879 -40.78 -23.56 23.67
N ALA A 3880 -41.01 -24.35 22.62
CA ALA A 3880 -40.28 -25.60 22.46
C ALA A 3880 -38.88 -25.38 21.94
N ASP A 3881 -38.64 -24.35 21.15
CA ASP A 3881 -37.33 -24.15 20.54
C ASP A 3881 -36.85 -22.72 20.81
N LEU A 3882 -36.28 -22.52 21.98
CA LEU A 3882 -35.75 -21.21 22.31
C LEU A 3882 -34.29 -21.07 21.91
N LEU A 3883 -33.51 -22.14 22.06
CA LEU A 3883 -32.11 -22.06 21.72
C LEU A 3883 -31.91 -22.01 20.21
N LYS A 3884 -32.73 -22.74 19.45
CA LYS A 3884 -32.62 -22.72 18.00
C LYS A 3884 -32.97 -21.33 17.47
N ARG A 3885 -33.98 -20.70 18.05
CA ARG A 3885 -34.32 -19.35 17.61
C ARG A 3885 -33.29 -18.34 18.07
N ALA A 3886 -32.66 -18.59 19.21
CA ALA A 3886 -31.56 -17.76 19.68
C ALA A 3886 -30.39 -17.80 18.70
N PHE A 3887 -30.04 -18.99 18.25
CA PHE A 3887 -28.92 -19.10 17.32
C PHE A 3887 -29.29 -18.64 15.92
N VAL A 3888 -30.57 -18.70 15.56
CA VAL A 3888 -30.97 -18.24 14.24
C VAL A 3888 -30.93 -16.72 14.19
N ARG A 3889 -31.52 -16.04 15.17
CA ARG A 3889 -31.44 -14.59 15.14
C ARG A 3889 -30.08 -14.08 15.58
N MET A 3890 -29.23 -14.96 16.11
CA MET A 3890 -27.88 -14.57 16.48
C MET A 3890 -26.93 -14.69 15.28
N SER A 3891 -27.25 -15.57 14.33
CA SER A 3891 -26.36 -15.77 13.20
C SER A 3891 -26.95 -15.15 11.93
N THR A 3892 -26.10 -14.98 10.92
CA THR A 3892 -26.48 -14.28 9.71
C THR A 3892 -26.40 -15.14 8.45
N SER A 3893 -26.11 -16.43 8.59
CA SER A 3893 -25.92 -17.31 7.45
C SER A 3893 -26.07 -18.74 7.94
N PRO A 3894 -26.45 -19.68 7.09
CA PRO A 3894 -26.57 -21.07 7.56
C PRO A 3894 -25.25 -21.71 7.97
N GLU A 3895 -24.11 -21.34 7.37
CA GLU A 3895 -22.85 -21.88 7.87
C GLU A 3895 -22.53 -21.31 9.24
N ALA A 3896 -22.90 -20.06 9.47
CA ALA A 3896 -22.72 -19.47 10.78
C ALA A 3896 -23.59 -20.16 11.82
N PHE A 3897 -24.84 -20.45 11.46
CA PHE A 3897 -25.73 -21.15 12.39
C PHE A 3897 -25.24 -22.54 12.68
N LEU A 3898 -24.75 -23.25 11.66
CA LEU A 3898 -24.25 -24.59 11.87
C LEU A 3898 -23.02 -24.60 12.76
N ALA A 3899 -22.12 -23.62 12.58
CA ALA A 3899 -20.93 -23.58 13.42
C ALA A 3899 -21.26 -23.18 14.85
N LEU A 3900 -22.18 -22.23 15.05
CA LEU A 3900 -22.62 -21.89 16.38
C LEU A 3900 -23.29 -23.06 17.09
N ARG A 3901 -24.15 -23.80 16.39
CA ARG A 3901 -24.82 -24.91 17.05
C ARG A 3901 -23.87 -26.07 17.33
N SER A 3902 -22.93 -26.32 16.42
CA SER A 3902 -21.96 -27.38 16.65
C SER A 3902 -21.02 -27.02 17.78
N HIS A 3903 -20.67 -25.74 17.91
CA HIS A 3903 -19.76 -25.37 18.98
C HIS A 3903 -20.45 -25.38 20.33
N PHE A 3904 -21.72 -24.95 20.38
CA PHE A 3904 -22.51 -25.08 21.60
C PHE A 3904 -22.63 -26.53 22.02
N ALA A 3905 -22.89 -27.42 21.07
CA ALA A 3905 -23.10 -28.83 21.39
C ALA A 3905 -21.84 -29.48 21.91
N SER A 3906 -20.71 -29.27 21.23
CA SER A 3906 -19.45 -29.88 21.66
C SER A 3906 -19.00 -29.32 23.00
N SER A 3907 -19.06 -27.99 23.18
CA SER A 3907 -18.60 -27.40 24.43
C SER A 3907 -19.49 -27.78 25.59
N HIS A 3908 -20.80 -27.84 25.37
CA HIS A 3908 -21.68 -28.19 26.48
C HIS A 3908 -21.56 -29.66 26.85
N ALA A 3909 -21.35 -30.53 25.87
CA ALA A 3909 -21.17 -31.94 26.20
C ALA A 3909 -19.86 -32.16 26.94
N LEU A 3910 -18.83 -31.39 26.60
CA LEU A 3910 -17.58 -31.50 27.31
C LEU A 3910 -17.69 -31.02 28.75
N ILE A 3911 -18.39 -29.90 28.98
CA ILE A 3911 -18.47 -29.47 30.37
C ILE A 3911 -19.49 -30.27 31.14
N CYS A 3912 -20.42 -30.95 30.46
CA CYS A 3912 -21.30 -31.89 31.16
C CYS A 3912 -20.52 -33.09 31.66
N ILE A 3913 -19.70 -33.71 30.82
CA ILE A 3913 -18.95 -34.87 31.27
C ILE A 3913 -17.80 -34.50 32.20
N SER A 3914 -17.34 -33.25 32.18
CA SER A 3914 -16.27 -32.87 33.09
C SER A 3914 -16.77 -32.25 34.38
N HIS A 3915 -18.03 -31.86 34.46
CA HIS A 3915 -18.55 -31.47 35.76
C HIS A 3915 -19.08 -32.65 36.54
N TRP A 3916 -19.13 -33.82 35.94
CA TRP A 3916 -19.60 -34.98 36.68
C TRP A 3916 -18.46 -35.72 37.33
N ILE A 3917 -17.31 -35.77 36.68
CA ILE A 3917 -16.13 -36.40 37.25
C ILE A 3917 -15.72 -35.71 38.53
N LEU A 3918 -15.70 -34.38 38.51
CA LEU A 3918 -15.55 -33.64 39.75
C LEU A 3918 -16.81 -33.67 40.60
N GLY A 3919 -17.97 -33.83 40.00
CA GLY A 3919 -19.19 -33.85 40.77
C GLY A 3919 -19.70 -32.49 41.14
N ILE A 3920 -19.59 -31.54 40.23
CA ILE A 3920 -20.05 -30.19 40.49
C ILE A 3920 -21.56 -30.13 40.35
N GLY A 3921 -22.23 -29.64 41.39
CA GLY A 3921 -23.67 -29.54 41.39
C GLY A 3921 -24.13 -28.10 41.37
N ASP A 3922 -25.45 -27.94 41.53
CA ASP A 3922 -26.16 -26.66 41.41
C ASP A 3922 -25.83 -25.99 40.08
N ARG A 3923 -26.13 -26.70 39.01
CA ARG A 3923 -25.93 -26.18 37.67
C ARG A 3923 -27.22 -25.58 37.14
N HIS A 3924 -27.70 -24.51 37.75
CA HIS A 3924 -28.89 -23.92 37.17
C HIS A 3924 -28.51 -23.05 35.99
N LEU A 3925 -29.48 -22.28 35.50
CA LEU A 3925 -29.31 -21.65 34.20
C LEU A 3925 -28.40 -20.46 34.26
N ASN A 3926 -28.24 -19.83 35.42
CA ASN A 3926 -27.34 -18.70 35.48
C ASN A 3926 -25.89 -19.12 35.63
N ASN A 3927 -25.62 -20.38 35.92
CA ASN A 3927 -24.27 -20.85 36.11
C ASN A 3927 -23.60 -21.24 34.81
N PHE A 3928 -24.25 -21.03 33.67
CA PHE A 3928 -23.65 -21.21 32.36
C PHE A 3928 -23.61 -19.87 31.66
N MET A 3929 -22.53 -19.60 30.94
CA MET A 3929 -22.39 -18.37 30.20
C MET A 3929 -21.93 -18.69 28.80
N VAL A 3930 -22.70 -18.24 27.80
CA VAL A 3930 -22.49 -18.59 26.41
C VAL A 3930 -21.87 -17.40 25.68
N ALA A 3931 -20.79 -17.66 24.94
CA ALA A 3931 -20.06 -16.62 24.24
C ALA A 3931 -20.79 -16.27 22.95
N MET A 3932 -21.26 -15.02 22.87
CA MET A 3932 -22.15 -14.58 21.81
C MET A 3932 -21.52 -14.57 20.43
N GLU A 3933 -20.20 -14.50 20.32
CA GLU A 3933 -19.58 -14.40 19.01
C GLU A 3933 -19.00 -15.72 18.55
N THR A 3934 -19.01 -16.73 19.40
CA THR A 3934 -18.50 -18.04 19.04
C THR A 3934 -19.51 -19.15 19.31
N GLY A 3935 -20.28 -19.05 20.38
CA GLY A 3935 -21.27 -20.05 20.66
C GLY A 3935 -20.94 -20.99 21.79
N GLY A 3936 -19.69 -21.01 22.25
CA GLY A 3936 -19.30 -21.95 23.26
C GLY A 3936 -19.82 -21.62 24.63
N VAL A 3937 -19.84 -22.62 25.49
CA VAL A 3937 -20.40 -22.51 26.82
C VAL A 3937 -19.24 -22.46 27.82
N ILE A 3938 -19.39 -21.60 28.82
CA ILE A 3938 -18.46 -21.46 29.92
C ILE A 3938 -19.21 -21.78 31.21
N GLY A 3939 -18.60 -22.55 32.08
CA GLY A 3939 -19.20 -22.87 33.37
C GLY A 3939 -18.57 -22.04 34.47
N ILE A 3940 -19.43 -21.43 35.30
CA ILE A 3940 -18.98 -20.53 36.34
C ILE A 3940 -19.52 -20.98 37.69
N ASP A 3941 -19.08 -20.31 38.74
CA ASP A 3941 -19.65 -20.32 40.11
C ASP A 3941 -19.61 -21.71 40.75
N PHE A 3942 -18.40 -22.17 41.02
CA PHE A 3942 -18.18 -23.54 41.49
C PHE A 3942 -18.27 -23.63 43.01
N GLY A 3943 -19.49 -23.53 43.51
CA GLY A 3943 -19.72 -23.73 44.92
C GLY A 3943 -19.60 -25.19 45.32
N HIS A 3944 -20.51 -26.02 44.82
CA HIS A 3944 -20.54 -27.43 45.22
C HIS A 3944 -19.46 -28.19 44.47
N ALA A 3945 -18.55 -28.81 45.22
CA ALA A 3945 -17.39 -29.40 44.57
C ALA A 3945 -17.59 -30.87 44.24
N PHE A 3946 -17.74 -31.71 45.26
CA PHE A 3946 -17.72 -33.15 45.05
C PHE A 3946 -19.05 -33.70 45.52
N GLY A 3947 -20.06 -33.59 44.67
CA GLY A 3947 -21.41 -34.05 44.94
C GLY A 3947 -22.05 -33.56 46.22
N SER A 3948 -21.61 -32.39 46.70
CA SER A 3948 -22.21 -31.85 47.90
C SER A 3948 -23.60 -31.31 47.64
N ALA A 3949 -23.94 -31.13 46.36
CA ALA A 3949 -25.33 -30.86 46.00
C ALA A 3949 -26.22 -32.03 46.36
N THR A 3950 -25.83 -33.24 45.95
CA THR A 3950 -26.61 -34.42 46.28
C THR A 3950 -26.22 -35.02 47.60
N GLN A 3951 -25.45 -34.31 48.41
CA GLN A 3951 -25.23 -34.74 49.77
C GLN A 3951 -25.85 -33.81 50.81
N PHE A 3952 -25.55 -32.50 50.76
CA PHE A 3952 -25.83 -31.59 51.86
C PHE A 3952 -27.10 -30.77 51.74
N LEU A 3953 -27.65 -30.58 50.53
CA LEU A 3953 -28.83 -29.74 50.36
C LEU A 3953 -30.07 -30.43 50.95
N PRO A 3954 -31.09 -29.65 51.36
CA PRO A 3954 -32.28 -30.27 51.96
C PRO A 3954 -33.09 -31.06 50.96
N VAL A 3955 -33.41 -30.42 49.84
CA VAL A 3955 -33.85 -31.11 48.64
C VAL A 3955 -32.61 -31.43 47.80
N PRO A 3956 -32.26 -32.69 47.64
CA PRO A 3956 -31.01 -33.03 46.95
C PRO A 3956 -31.19 -32.88 45.46
N GLU A 3957 -30.08 -32.89 44.74
CA GLU A 3957 -30.09 -32.75 43.30
C GLU A 3957 -29.55 -34.02 42.69
N LEU A 3958 -30.43 -34.83 42.13
CA LEU A 3958 -30.13 -36.23 41.87
C LEU A 3958 -29.73 -36.48 40.43
N MET A 3959 -29.13 -35.48 39.80
CA MET A 3959 -28.82 -35.50 38.38
C MET A 3959 -27.33 -35.22 38.20
N PRO A 3960 -26.72 -35.77 37.18
CA PRO A 3960 -25.30 -35.54 36.98
C PRO A 3960 -24.99 -34.18 36.39
N PHE A 3961 -25.82 -33.73 35.46
CA PHE A 3961 -25.60 -32.47 34.77
C PHE A 3961 -26.88 -31.96 34.15
N ARG A 3962 -26.76 -30.78 33.55
CA ARG A 3962 -27.90 -30.04 33.02
C ARG A 3962 -28.15 -30.47 31.58
N LEU A 3963 -29.21 -31.25 31.37
CA LEU A 3963 -29.60 -31.68 30.03
C LEU A 3963 -31.10 -31.57 29.87
N THR A 3964 -31.64 -30.40 30.14
CA THR A 3964 -33.08 -30.19 30.09
C THR A 3964 -33.56 -30.11 28.64
N ARG A 3965 -34.83 -29.74 28.43
CA ARG A 3965 -35.47 -29.98 27.14
C ARG A 3965 -34.94 -29.05 26.05
N GLN A 3966 -34.33 -27.93 26.43
CA GLN A 3966 -33.81 -27.01 25.41
C GLN A 3966 -32.58 -27.59 24.73
N PHE A 3967 -31.70 -28.21 25.52
CA PHE A 3967 -30.46 -28.74 24.99
C PHE A 3967 -30.67 -29.92 24.07
N ILE A 3968 -31.84 -30.55 24.13
CA ILE A 3968 -32.13 -31.67 23.26
C ILE A 3968 -33.13 -31.31 22.17
N ASN A 3969 -33.87 -30.20 22.32
CA ASN A 3969 -34.57 -29.68 21.17
C ASN A 3969 -33.67 -28.91 20.23
N LEU A 3970 -32.50 -28.48 20.69
CA LEU A 3970 -31.62 -27.74 19.80
C LEU A 3970 -31.00 -28.64 18.74
N MET A 3971 -30.79 -29.90 19.07
CA MET A 3971 -30.14 -30.82 18.15
C MET A 3971 -31.13 -31.57 17.26
N LEU A 3972 -32.40 -31.17 17.27
CA LEU A 3972 -33.40 -31.85 16.48
C LEU A 3972 -33.20 -31.54 14.99
N PRO A 3973 -33.43 -32.52 14.11
CA PRO A 3973 -34.02 -33.85 14.22
C PRO A 3973 -33.11 -34.92 14.77
N MET A 3974 -31.83 -34.65 14.92
CA MET A 3974 -30.90 -35.68 15.38
C MET A 3974 -31.14 -36.01 16.84
N LYS A 3975 -31.10 -37.30 17.15
CA LYS A 3975 -31.46 -37.81 18.45
C LYS A 3975 -30.28 -37.66 19.40
N GLU A 3976 -30.38 -38.24 20.60
CA GLU A 3976 -29.34 -38.02 21.60
C GLU A 3976 -28.17 -38.96 21.45
N THR A 3977 -28.13 -39.77 20.41
CA THR A 3977 -26.95 -40.54 20.05
C THR A 3977 -26.01 -39.78 19.13
N GLY A 3978 -26.20 -38.48 19.01
CA GLY A 3978 -25.55 -37.72 17.96
C GLY A 3978 -24.23 -37.13 18.39
N LEU A 3979 -24.18 -35.81 18.49
CA LEU A 3979 -22.91 -35.15 18.75
C LEU A 3979 -22.54 -35.23 20.23
N MET A 3980 -23.50 -34.95 21.11
CA MET A 3980 -23.20 -34.88 22.54
C MET A 3980 -22.79 -36.23 23.10
N TYR A 3981 -23.38 -37.30 22.58
CA TYR A 3981 -23.05 -38.63 23.07
C TYR A 3981 -21.63 -39.00 22.69
N SER A 3982 -21.21 -38.66 21.49
CA SER A 3982 -19.85 -39.02 21.08
C SER A 3982 -18.82 -38.15 21.77
N ILE A 3983 -19.15 -36.89 22.06
CA ILE A 3983 -18.23 -36.03 22.79
C ILE A 3983 -18.06 -36.52 24.22
N MET A 3984 -19.17 -36.85 24.88
CA MET A 3984 -19.12 -37.38 26.23
C MET A 3984 -18.35 -38.70 26.29
N VAL A 3985 -18.57 -39.58 25.31
CA VAL A 3985 -17.89 -40.87 25.29
C VAL A 3985 -16.39 -40.70 25.07
N HIS A 3986 -16.00 -39.81 24.15
CA HIS A 3986 -14.59 -39.62 23.84
C HIS A 3986 -13.85 -38.99 25.01
N ALA A 3987 -14.49 -38.02 25.67
CA ALA A 3987 -13.85 -37.38 26.81
C ALA A 3987 -13.75 -38.32 28.00
N LEU A 3988 -14.78 -39.12 28.23
CA LEU A 3988 -14.74 -40.06 29.34
C LEU A 3988 -13.69 -41.13 29.12
N ARG A 3989 -13.53 -41.58 27.87
CA ARG A 3989 -12.50 -42.56 27.59
C ARG A 3989 -11.12 -41.97 27.75
N ALA A 3990 -10.96 -40.69 27.37
CA ALA A 3990 -9.69 -40.01 27.53
C ALA A 3990 -9.30 -39.85 28.99
N PHE A 3991 -10.28 -39.58 29.85
CA PHE A 3991 -9.98 -39.52 31.28
C PHE A 3991 -9.64 -40.89 31.82
N ARG A 3992 -10.51 -41.87 31.59
CA ARG A 3992 -10.38 -43.17 32.21
C ARG A 3992 -9.24 -43.99 31.65
N SER A 3993 -8.58 -43.55 30.57
CA SER A 3993 -7.37 -44.22 30.10
C SER A 3993 -6.27 -44.18 31.15
N ASP A 3994 -5.81 -42.98 31.52
CA ASP A 3994 -4.90 -42.84 32.66
C ASP A 3994 -5.46 -41.85 33.67
N PRO A 3995 -5.96 -42.33 34.81
CA PRO A 3995 -6.42 -41.44 35.87
C PRO A 3995 -5.41 -41.17 36.96
N GLY A 3996 -4.14 -41.56 36.79
CA GLY A 3996 -3.15 -41.34 37.82
C GLY A 3996 -2.86 -39.87 38.03
N LEU A 3997 -2.90 -39.10 36.96
CA LEU A 3997 -2.69 -37.67 37.06
C LEU A 3997 -3.87 -36.95 37.66
N LEU A 3998 -5.08 -37.40 37.39
CA LEU A 3998 -6.29 -36.73 37.81
C LEU A 3998 -6.69 -37.04 39.22
N THR A 3999 -6.51 -38.29 39.64
CA THR A 3999 -6.93 -38.68 40.97
C THR A 3999 -6.03 -38.08 42.04
N ASN A 4000 -4.75 -37.91 41.72
CA ASN A 4000 -3.82 -37.25 42.65
C ASN A 4000 -4.18 -35.78 42.83
N THR A 4001 -4.59 -35.12 41.75
CA THR A 4001 -4.90 -33.70 41.83
C THR A 4001 -6.21 -33.47 42.55
N MET A 4002 -7.19 -34.35 42.32
CA MET A 4002 -8.42 -34.29 43.09
C MET A 4002 -8.17 -34.60 44.56
N ASP A 4003 -7.18 -35.45 44.84
CA ASP A 4003 -6.80 -35.75 46.21
C ASP A 4003 -6.24 -34.53 46.91
N VAL A 4004 -5.25 -33.88 46.32
CA VAL A 4004 -4.63 -32.74 47.00
C VAL A 4004 -5.56 -31.54 46.99
N PHE A 4005 -6.59 -31.52 46.14
CA PHE A 4005 -7.62 -30.51 46.31
C PHE A 4005 -8.52 -30.80 47.50
N VAL A 4006 -8.97 -32.05 47.66
CA VAL A 4006 -9.94 -32.33 48.71
C VAL A 4006 -9.26 -32.45 50.08
N LYS A 4007 -7.94 -32.63 50.13
CA LYS A 4007 -7.25 -32.73 51.40
C LYS A 4007 -6.79 -31.39 51.94
N GLU A 4008 -7.32 -30.30 51.46
CA GLU A 4008 -6.93 -28.98 51.95
C GLU A 4008 -7.76 -28.60 53.17
N PRO A 4009 -7.15 -27.94 54.16
CA PRO A 4009 -7.92 -27.60 55.36
C PRO A 4009 -8.91 -26.48 55.11
N SER A 4010 -8.64 -25.63 54.12
CA SER A 4010 -9.56 -24.56 53.75
C SER A 4010 -10.78 -25.09 53.02
N PHE A 4011 -10.74 -26.35 52.57
CA PHE A 4011 -11.91 -27.00 52.01
C PHE A 4011 -12.48 -27.92 53.08
N ASP A 4012 -13.26 -27.33 53.99
CA ASP A 4012 -13.79 -28.06 55.13
C ASP A 4012 -15.17 -27.51 55.46
N TRP A 4013 -15.75 -28.05 56.53
CA TRP A 4013 -17.15 -27.85 56.83
C TRP A 4013 -17.41 -26.44 57.32
N LYS A 4014 -16.44 -25.83 58.02
CA LYS A 4014 -16.58 -24.45 58.45
C LYS A 4014 -16.65 -23.52 57.25
N ASN A 4015 -15.82 -23.77 56.25
CA ASN A 4015 -15.81 -22.96 55.04
C ASN A 4015 -17.05 -23.16 54.20
N PHE A 4016 -17.53 -24.41 54.09
CA PHE A 4016 -18.73 -24.68 53.31
C PHE A 4016 -19.96 -24.11 54.00
N GLU A 4017 -20.01 -24.22 55.32
CA GLU A 4017 -21.10 -23.66 56.09
C GLU A 4017 -21.14 -22.14 55.99
N GLN A 4018 -19.99 -21.49 56.12
CA GLN A 4018 -19.97 -20.05 55.99
C GLN A 4018 -20.06 -19.59 54.55
N LYS A 4019 -19.83 -20.48 53.59
CA LYS A 4019 -19.96 -20.15 52.19
C LYS A 4019 -21.42 -20.14 51.78
N MET A 4020 -22.16 -21.19 52.11
CA MET A 4020 -23.56 -21.25 51.69
C MET A 4020 -24.44 -20.33 52.52
N LEU A 4021 -23.93 -19.76 53.61
CA LEU A 4021 -24.70 -18.83 54.40
C LEU A 4021 -24.93 -17.52 53.66
N LYS A 4022 -23.87 -16.93 53.10
CA LYS A 4022 -24.02 -15.70 52.33
C LYS A 4022 -24.42 -15.97 50.90
N LYS A 4023 -25.40 -16.83 50.67
CA LYS A 4023 -25.80 -17.18 49.32
C LYS A 4023 -27.30 -17.33 49.16
N GLY A 4024 -28.07 -17.43 50.24
CA GLY A 4024 -29.49 -17.61 50.15
C GLY A 4024 -29.82 -19.04 49.81
N GLY A 4025 -29.66 -19.38 48.53
CA GLY A 4025 -29.70 -20.66 47.86
C GLY A 4025 -30.82 -21.58 48.31
N SER A 4026 -30.49 -22.88 48.35
CA SER A 4026 -31.49 -23.88 48.68
C SER A 4026 -31.67 -24.03 50.20
N TRP A 4027 -30.58 -23.99 50.96
CA TRP A 4027 -30.75 -24.03 52.40
C TRP A 4027 -30.39 -22.71 53.07
N ILE A 4028 -31.17 -22.39 54.09
CA ILE A 4028 -31.05 -21.14 54.81
C ILE A 4028 -30.32 -21.31 56.13
N GLN A 4029 -30.56 -22.40 56.86
CA GLN A 4029 -29.85 -22.68 58.10
C GLN A 4029 -29.52 -24.17 58.22
N GLU A 4030 -28.96 -24.51 59.37
CA GLU A 4030 -28.40 -25.82 59.67
C GLU A 4030 -29.12 -26.36 60.89
N ILE A 4031 -29.90 -27.43 60.69
CA ILE A 4031 -30.71 -28.02 61.76
C ILE A 4031 -30.12 -29.42 61.92
N ASN A 4032 -28.80 -29.51 61.78
CA ASN A 4032 -28.15 -30.80 61.70
C ASN A 4032 -27.73 -31.30 63.08
N VAL A 4033 -27.38 -32.59 63.10
CA VAL A 4033 -26.59 -33.21 64.15
C VAL A 4033 -25.14 -32.92 63.77
N ALA A 4034 -24.18 -33.26 64.67
CA ALA A 4034 -22.86 -32.65 64.77
C ALA A 4034 -22.05 -32.54 63.49
N GLU A 4035 -21.91 -31.30 63.00
CA GLU A 4035 -21.15 -30.81 61.83
C GLU A 4035 -21.51 -31.48 60.51
N LYS A 4036 -22.59 -32.27 60.45
CA LYS A 4036 -23.11 -33.01 59.30
C LYS A 4036 -22.13 -34.04 58.72
N ASN A 4037 -21.03 -34.34 59.42
CA ASN A 4037 -20.07 -35.38 59.04
C ASN A 4037 -19.50 -35.19 57.63
N TRP A 4038 -18.73 -34.11 57.48
CA TRP A 4038 -17.86 -33.95 56.32
C TRP A 4038 -16.62 -34.79 56.57
N TYR A 4039 -16.50 -35.86 55.80
CA TYR A 4039 -15.24 -36.60 55.82
C TYR A 4039 -14.77 -36.84 54.42
N PRO A 4040 -13.64 -36.28 54.02
CA PRO A 4040 -13.19 -36.38 52.64
C PRO A 4040 -12.39 -37.65 52.37
N ARG A 4041 -12.48 -38.61 53.28
CA ARG A 4041 -11.92 -39.92 53.07
C ARG A 4041 -12.54 -40.61 51.87
N GLN A 4042 -13.82 -40.37 51.59
CA GLN A 4042 -14.47 -41.13 50.56
C GLN A 4042 -15.20 -40.33 49.49
N LYS A 4043 -15.13 -38.99 49.52
CA LYS A 4043 -15.44 -38.21 48.32
C LYS A 4043 -14.56 -38.65 47.15
N ILE A 4044 -13.27 -38.84 47.42
CA ILE A 4044 -12.43 -39.26 46.32
C ILE A 4044 -12.54 -40.76 46.11
N CYS A 4045 -13.04 -41.51 47.10
CA CYS A 4045 -13.35 -42.92 46.82
C CYS A 4045 -14.48 -43.02 45.84
N TYR A 4046 -15.44 -42.11 45.94
CA TYR A 4046 -16.53 -42.03 44.97
C TYR A 4046 -16.02 -41.60 43.62
N ALA A 4047 -15.11 -40.62 43.59
CA ALA A 4047 -14.59 -40.15 42.32
C ALA A 4047 -13.70 -41.17 41.62
N LYS A 4048 -12.89 -41.91 42.36
CA LYS A 4048 -12.13 -43.02 41.79
C LYS A 4048 -13.01 -44.16 41.35
N ARG A 4049 -14.13 -44.41 42.04
CA ARG A 4049 -15.07 -45.42 41.58
C ARG A 4049 -15.69 -45.02 40.27
N LYS A 4050 -16.08 -43.76 40.13
CA LYS A 4050 -16.75 -43.35 38.90
C LYS A 4050 -15.78 -43.15 37.75
N LEU A 4051 -14.50 -42.89 38.04
CA LEU A 4051 -13.49 -42.93 36.98
C LEU A 4051 -12.99 -44.32 36.71
N ALA A 4052 -13.32 -45.30 37.54
CA ALA A 4052 -12.89 -46.66 37.27
C ALA A 4052 -13.96 -47.48 36.59
N GLY A 4053 -15.16 -46.94 36.43
CA GLY A 4053 -16.27 -47.71 35.94
C GLY A 4053 -17.26 -47.99 37.06
N ALA A 4054 -18.34 -47.24 37.10
CA ALA A 4054 -19.39 -47.50 38.06
C ALA A 4054 -20.70 -47.09 37.44
N ASN A 4055 -21.78 -47.62 37.94
CA ASN A 4055 -23.06 -47.07 37.57
C ASN A 4055 -23.15 -45.70 38.21
N PRO A 4056 -23.66 -44.69 37.54
CA PRO A 4056 -23.69 -43.37 38.14
C PRO A 4056 -24.81 -43.22 39.14
N ALA A 4057 -25.92 -43.94 38.96
CA ALA A 4057 -27.00 -43.85 39.93
C ALA A 4057 -26.66 -44.60 41.20
N VAL A 4058 -25.74 -45.56 41.12
CA VAL A 4058 -25.20 -46.19 42.33
C VAL A 4058 -24.42 -45.16 43.14
N ILE A 4059 -23.71 -44.26 42.46
CA ILE A 4059 -22.95 -43.22 43.14
C ILE A 4059 -23.89 -42.22 43.80
N THR A 4060 -25.05 -41.99 43.22
CA THR A 4060 -25.98 -41.01 43.79
C THR A 4060 -26.62 -41.54 45.07
N CYS A 4061 -27.04 -42.82 45.07
CA CYS A 4061 -27.52 -43.43 46.30
C CYS A 4061 -26.42 -43.53 47.34
N ASP A 4062 -25.20 -43.90 46.92
CA ASP A 4062 -24.07 -43.94 47.82
C ASP A 4062 -23.69 -42.58 48.37
N GLU A 4063 -24.05 -41.51 47.70
CA GLU A 4063 -23.70 -40.20 48.20
C GLU A 4063 -24.78 -39.56 49.04
N LEU A 4064 -26.05 -39.77 48.72
CA LEU A 4064 -27.06 -39.28 49.63
C LEU A 4064 -27.27 -40.20 50.83
N LEU A 4065 -26.68 -41.41 50.81
CA LEU A 4065 -26.62 -42.22 52.01
C LEU A 4065 -25.75 -41.59 53.09
N LEU A 4066 -24.77 -40.80 52.69
CA LEU A 4066 -23.96 -40.04 53.65
C LEU A 4066 -24.66 -38.80 54.18
N GLY A 4067 -25.73 -38.35 53.55
CA GLY A 4067 -26.27 -37.08 53.99
C GLY A 4067 -27.74 -37.13 54.32
N HIS A 4068 -28.39 -38.25 54.04
CA HIS A 4068 -29.84 -38.27 54.16
C HIS A 4068 -30.35 -39.58 54.76
N GLU A 4069 -29.56 -40.22 55.61
CA GLU A 4069 -30.04 -41.47 56.19
C GLU A 4069 -31.05 -41.20 57.31
N LYS A 4070 -30.91 -40.07 58.00
CA LYS A 4070 -31.86 -39.66 59.02
C LYS A 4070 -32.93 -38.74 58.47
N ALA A 4071 -33.20 -38.81 57.23
CA ALA A 4071 -34.25 -38.09 56.54
C ALA A 4071 -35.52 -38.92 56.51
N PRO A 4072 -36.69 -38.29 56.52
CA PRO A 4072 -37.94 -39.06 56.47
C PRO A 4072 -38.24 -39.66 55.12
N ALA A 4073 -37.52 -39.28 54.06
CA ALA A 4073 -37.82 -39.74 52.72
C ALA A 4073 -36.60 -40.36 52.06
N PHE A 4074 -35.77 -41.06 52.83
CA PHE A 4074 -34.54 -41.64 52.30
C PHE A 4074 -34.83 -42.75 51.30
N ARG A 4075 -35.82 -43.57 51.62
CA ARG A 4075 -36.16 -44.69 50.75
C ARG A 4075 -36.69 -44.21 49.43
N ASP A 4076 -37.43 -43.11 49.44
CA ASP A 4076 -37.96 -42.60 48.20
C ASP A 4076 -36.93 -41.81 47.42
N TYR A 4077 -35.94 -41.23 48.08
CA TYR A 4077 -34.80 -40.65 47.39
C TYR A 4077 -34.03 -41.72 46.62
N VAL A 4078 -33.75 -42.84 47.28
CA VAL A 4078 -33.05 -43.93 46.60
C VAL A 4078 -33.94 -44.54 45.51
N ALA A 4079 -35.25 -44.55 45.73
CA ALA A 4079 -36.16 -45.10 44.74
C ALA A 4079 -36.28 -44.20 43.52
N VAL A 4080 -36.13 -42.88 43.70
CA VAL A 4080 -36.16 -41.98 42.57
C VAL A 4080 -34.86 -42.04 41.81
N ALA A 4081 -33.72 -41.99 42.51
CA ALA A 4081 -32.42 -41.98 41.84
C ALA A 4081 -32.11 -43.29 41.15
N ARG A 4082 -32.55 -44.41 41.74
CA ARG A 4082 -32.15 -45.70 41.22
C ARG A 4082 -32.83 -46.03 39.91
N GLY A 4083 -33.99 -45.43 39.65
CA GLY A 4083 -34.70 -45.73 38.43
C GLY A 4083 -35.83 -46.70 38.66
N SER A 4084 -36.09 -47.58 37.70
CA SER A 4084 -37.28 -48.42 37.75
C SER A 4084 -37.06 -49.90 37.54
N LYS A 4085 -36.07 -50.30 36.72
CA LYS A 4085 -35.92 -51.54 35.95
C LYS A 4085 -36.97 -51.66 34.85
N ASP A 4086 -37.77 -50.63 34.63
CA ASP A 4086 -38.83 -50.59 33.64
C ASP A 4086 -38.72 -49.43 32.68
N HIS A 4087 -38.41 -48.23 33.15
CA HIS A 4087 -38.41 -47.04 32.32
C HIS A 4087 -37.03 -46.46 32.08
N ASN A 4088 -35.98 -47.06 32.63
CA ASN A 4088 -34.69 -46.39 32.68
C ASN A 4088 -33.57 -47.38 32.40
N ILE A 4089 -32.51 -46.91 31.76
CA ILE A 4089 -31.39 -47.78 31.42
C ILE A 4089 -30.44 -47.90 32.61
N ARG A 4090 -30.53 -46.96 33.56
CA ARG A 4090 -29.57 -46.96 34.64
C ARG A 4090 -29.86 -48.06 35.65
N ALA A 4091 -31.12 -48.48 35.75
CA ALA A 4091 -31.42 -49.61 36.62
C ALA A 4091 -31.18 -50.94 35.94
N GLN A 4092 -31.14 -50.97 34.61
CA GLN A 4092 -30.98 -52.20 33.85
C GLN A 4092 -29.53 -52.55 33.64
N GLU A 4093 -28.62 -52.03 34.45
CA GLU A 4093 -27.20 -52.25 34.26
C GLU A 4093 -26.63 -52.74 35.58
N PRO A 4094 -25.45 -53.33 35.57
CA PRO A 4094 -24.80 -53.66 36.86
C PRO A 4094 -24.37 -52.42 37.62
N GLU A 4095 -23.90 -52.62 38.85
CA GLU A 4095 -23.48 -51.47 39.64
C GLU A 4095 -22.11 -50.96 39.22
N SER A 4096 -21.25 -51.84 38.72
CA SER A 4096 -19.89 -51.44 38.41
C SER A 4096 -19.36 -52.32 37.29
N GLY A 4097 -18.12 -52.06 36.90
CA GLY A 4097 -17.53 -52.77 35.78
C GLY A 4097 -18.10 -52.34 34.44
N LEU A 4098 -18.62 -51.11 34.38
CA LEU A 4098 -19.25 -50.61 33.17
C LEU A 4098 -18.18 -50.16 32.18
N SER A 4099 -18.59 -49.75 31.00
CA SER A 4099 -17.69 -49.21 30.01
C SER A 4099 -18.08 -47.77 29.73
N GLU A 4100 -17.44 -47.18 28.73
CA GLU A 4100 -17.62 -45.75 28.48
C GLU A 4100 -18.95 -45.48 27.80
N GLU A 4101 -19.25 -46.24 26.75
CA GLU A 4101 -20.52 -46.12 26.06
C GLU A 4101 -21.68 -46.42 26.99
N THR A 4102 -21.52 -47.45 27.81
CA THR A 4102 -22.57 -47.85 28.72
C THR A 4102 -22.77 -46.83 29.81
N GLN A 4103 -21.67 -46.25 30.29
CA GLN A 4103 -21.74 -45.31 31.40
C GLN A 4103 -22.35 -44.00 30.96
N VAL A 4104 -22.00 -43.54 29.76
CA VAL A 4104 -22.61 -42.32 29.24
C VAL A 4104 -24.06 -42.57 28.83
N LYS A 4105 -24.40 -43.80 28.46
CA LYS A 4105 -25.78 -44.17 28.18
C LYS A 4105 -26.63 -44.02 29.44
N CYS A 4106 -26.22 -44.66 30.53
CA CYS A 4106 -27.00 -44.53 31.75
C CYS A 4106 -26.75 -43.25 32.49
N LEU A 4107 -25.82 -42.42 32.02
CA LEU A 4107 -25.61 -41.08 32.52
C LEU A 4107 -26.53 -40.07 31.88
N MET A 4108 -26.72 -40.18 30.57
CA MET A 4108 -27.68 -39.32 29.89
C MET A 4108 -29.09 -39.76 30.17
N ASP A 4109 -29.30 -41.01 30.57
CA ASP A 4109 -30.64 -41.42 30.96
C ASP A 4109 -31.08 -40.77 32.26
N GLN A 4110 -30.15 -40.65 33.22
CA GLN A 4110 -30.52 -40.12 34.53
C GLN A 4110 -30.82 -38.64 34.45
N ALA A 4111 -30.04 -37.88 33.68
CA ALA A 4111 -30.18 -36.44 33.66
C ALA A 4111 -31.43 -35.99 32.94
N THR A 4112 -32.08 -36.88 32.18
CA THR A 4112 -33.25 -36.53 31.38
C THR A 4112 -34.51 -37.21 31.90
N ASP A 4113 -34.44 -37.82 33.07
CA ASP A 4113 -35.56 -38.57 33.63
C ASP A 4113 -36.64 -37.62 34.10
N PRO A 4114 -37.88 -37.73 33.63
CA PRO A 4114 -38.91 -36.79 34.08
C PRO A 4114 -39.33 -37.03 35.50
N ASN A 4115 -39.12 -38.23 36.01
CA ASN A 4115 -39.33 -38.46 37.43
C ASN A 4115 -38.29 -37.77 38.29
N ILE A 4116 -37.14 -37.45 37.72
CA ILE A 4116 -36.12 -36.70 38.46
C ILE A 4116 -36.29 -35.21 38.25
N LEU A 4117 -36.54 -34.81 37.01
CA LEU A 4117 -36.71 -33.39 36.73
C LEU A 4117 -38.01 -32.85 37.27
N GLY A 4118 -39.00 -33.69 37.45
CA GLY A 4118 -40.26 -33.21 37.94
C GLY A 4118 -40.33 -32.97 39.42
N ARG A 4119 -39.34 -33.45 40.18
CA ARG A 4119 -39.37 -33.29 41.61
C ARG A 4119 -38.03 -32.74 42.11
N THR A 4120 -37.44 -31.85 41.33
CA THR A 4120 -36.19 -31.21 41.71
C THR A 4120 -36.46 -29.75 42.04
N TRP A 4121 -35.41 -29.04 42.46
CA TRP A 4121 -35.53 -27.76 43.16
C TRP A 4121 -36.15 -26.67 42.29
N GLU A 4122 -36.99 -25.83 42.90
CA GLU A 4122 -37.83 -24.93 42.12
C GLU A 4122 -37.05 -23.75 41.55
N GLY A 4123 -35.93 -23.40 42.16
CA GLY A 4123 -35.12 -22.34 41.58
C GLY A 4123 -34.18 -22.83 40.51
N TRP A 4124 -34.06 -24.14 40.35
CA TRP A 4124 -33.21 -24.74 39.35
C TRP A 4124 -33.77 -24.59 37.95
N GLU A 4125 -35.10 -24.49 37.85
CA GLU A 4125 -35.88 -24.43 36.61
C GLU A 4125 -35.57 -25.61 35.70
N PRO A 4126 -36.07 -26.80 36.01
CA PRO A 4126 -35.81 -27.94 35.12
C PRO A 4126 -36.67 -27.95 33.88
N TRP A 4127 -37.69 -27.09 33.80
CA TRP A 4127 -38.56 -27.12 32.64
C TRP A 4127 -37.93 -26.42 31.45
N MET A 4128 -36.94 -25.57 31.69
CA MET A 4128 -36.20 -24.97 30.59
C MET A 4128 -35.30 -26.02 29.99
N ASP B 724 -30.26 74.56 -44.08
CA ASP B 724 -29.97 73.13 -44.07
C ASP B 724 -30.01 72.56 -42.64
N VAL B 725 -29.06 72.97 -41.82
CA VAL B 725 -28.94 72.46 -40.46
C VAL B 725 -29.44 73.48 -39.45
N ASP B 726 -29.87 74.64 -39.94
CA ASP B 726 -30.50 75.60 -39.04
C ASP B 726 -31.91 75.17 -38.68
N ASP B 727 -32.52 74.32 -39.52
CA ASP B 727 -33.70 73.55 -39.12
C ASP B 727 -33.39 72.60 -37.98
N LEU B 728 -32.15 72.17 -37.85
CA LEU B 728 -31.73 71.40 -36.68
C LEU B 728 -31.14 72.26 -35.58
N LEU B 729 -30.82 73.52 -35.88
CA LEU B 729 -30.39 74.46 -34.83
C LEU B 729 -31.56 74.97 -34.04
N ASP B 730 -32.63 75.42 -34.70
CA ASP B 730 -33.74 76.02 -33.98
C ASP B 730 -34.52 74.99 -33.18
N MET B 731 -34.44 73.71 -33.55
CA MET B 731 -35.02 72.64 -32.77
C MET B 731 -33.93 71.95 -31.97
N ILE B 732 -33.97 72.14 -30.65
CA ILE B 732 -32.84 71.84 -29.77
C ILE B 732 -33.30 71.13 -28.51
#